data_4YVW
#
_entry.id   4YVW
#
_cell.length_a   349.151
_cell.length_b   349.151
_cell.length_c   349.151
_cell.angle_alpha   90.000
_cell.angle_beta   90.000
_cell.angle_gamma   90.000
#
_symmetry.space_group_name_H-M   'P 42 3 2'
#
loop_
_entity.id
_entity.type
_entity.pdbx_description
1 polymer 'Capsid protein VP1'
2 polymer 'Capsid protein VP3'
3 polymer 'Capsid protein VP0'
#
loop_
_entity_poly.entity_id
_entity_poly.type
_entity_poly.pdbx_seq_one_letter_code
_entity_poly.pdbx_strand_id
1 'polypeptide(L)'
;GDRVADVIESSIGDSVSRALTHALPAPTGQNTQVSSHRLDTGKVPALQAAEIGASSNASDESMIETRCVLNSHSTAETTL
DSFFSRAGLVGEIDLPLEGTTNPNGYANWDIDITGYAQMRRKVELFTYMRFDAEFTFVACTPTGEVVPQLLQYMFVPPGA
PKPDSRESLAWQTATNPSVFVKLSDPPAQVSVPFMSPASAYQWFYDGYPTFGEHLQANDLDYGACPNNMMGTFSVRTVGT
SKSKYPLVVRIYMRMKHVRAWIPRPMRNQNYLFKANPNYAGNSIKPTGASRTAITTL
;
E,A,D,J,M
2 'polypeptide(L)'
;GFPTELKPGTNQFLTTDDGVSAPILPNFHPTPCIHIPGEVRNLLELCQVETILEVNNVPTNATSLMERLRFPVSAQAGKG
ELCAVFRADPGRSGPWQSTLLGQLCGYYTQWSGSLEVTFMFTGSFMATGKMLIAYTPPGGPLPKDRATAMLGTHVIWDFG
LQSSVTLVIPWISNTHYRAHARDGVFDYYTTGLVSIWYQTNYVVPIGAPNTAYIIALAAAQKNFTMQLCKDASDILQTGT
IQ
;
F,B,H,K,N
3 'polypeptide(L)'
;MGSQVSTQRSGSHENSNSATEGSTINYTTINYYKDSYAATAGKQSLKQDPDKFANPVKDIFTEMAAPLKSPSAEACGYSD
RVAQLTIGNSTITTQEAANIIVGYGEWPSYCSDSDATAVDKPTRPDVSVNRFYTLDTKLWEKSSKGWYWKFPDVLTETGV
FGQNAQFHYLYRSGFCIHVQCNASKFHQGALLVAVLPEYVIGTVAGGTGTEDSHPPYKQTQPGADGFELQHPYVLDAGIP
ISQLTVCPHQWINLRTNNCATIIVPYINALPFDSALNHCNFGLLVVPISPLDYDQGATPVIPITITLAPMCSEFAGLRQA
VTQ
;
G,C,I,L,O
#
# COMPACT_ATOMS: atom_id res chain seq x y z
N SER A 72 -5.92 -8.71 -36.08
CA SER A 72 -4.80 -8.88 -35.17
C SER A 72 -3.79 -7.73 -35.32
N HIS A 73 -4.30 -6.53 -35.56
CA HIS A 73 -3.44 -5.39 -35.86
C HIS A 73 -2.71 -4.86 -34.64
N SER A 74 -1.59 -5.50 -34.33
CA SER A 74 -0.68 -5.04 -33.29
C SER A 74 0.67 -5.73 -33.46
N THR A 75 1.73 -4.94 -33.43
CA THR A 75 3.07 -5.46 -33.65
C THR A 75 3.72 -5.65 -32.30
N ALA A 76 2.86 -5.65 -31.27
CA ALA A 76 3.32 -5.67 -29.89
C ALA A 76 3.92 -7.01 -29.51
N GLU A 77 3.38 -8.10 -30.06
CA GLU A 77 3.89 -9.42 -29.74
C GLU A 77 5.05 -9.78 -30.64
N THR A 78 5.47 -8.85 -31.48
CA THR A 78 6.64 -9.04 -32.30
C THR A 78 7.72 -8.10 -31.81
N THR A 79 7.44 -7.43 -30.69
CA THR A 79 8.45 -6.60 -30.04
C THR A 79 9.45 -7.52 -29.36
N LEU A 80 10.69 -7.05 -29.27
CA LEU A 80 11.75 -7.79 -28.59
C LEU A 80 11.37 -8.09 -27.15
N ASP A 81 10.65 -7.17 -26.54
CA ASP A 81 10.26 -7.31 -25.14
C ASP A 81 9.34 -8.52 -25.04
N SER A 82 8.26 -8.50 -25.82
CA SER A 82 7.30 -9.61 -25.84
C SER A 82 7.92 -10.93 -26.27
N PHE A 83 8.98 -10.86 -27.07
CA PHE A 83 9.64 -12.06 -27.56
C PHE A 83 10.48 -12.67 -26.45
N PHE A 84 10.77 -11.86 -25.43
CA PHE A 84 11.64 -12.27 -24.35
C PHE A 84 10.96 -12.16 -22.98
N SER A 85 9.96 -11.29 -22.88
CA SER A 85 9.31 -11.03 -21.59
C SER A 85 8.57 -12.25 -21.03
N ARG A 86 9.32 -13.06 -20.28
CA ARG A 86 8.77 -14.19 -19.55
C ARG A 86 9.84 -14.80 -18.65
N ALA A 87 9.55 -14.85 -17.35
CA ALA A 87 10.47 -15.44 -16.38
C ALA A 87 10.71 -16.92 -16.71
N GLY A 88 11.95 -17.26 -17.07
CA GLY A 88 12.26 -18.64 -17.39
C GLY A 88 13.18 -19.34 -16.41
N LEU A 89 12.92 -20.63 -16.18
CA LEU A 89 13.71 -21.45 -15.29
C LEU A 89 15.08 -21.78 -15.89
N VAL A 90 16.14 -21.39 -15.18
CA VAL A 90 17.50 -21.61 -15.67
C VAL A 90 18.39 -22.39 -14.71
N GLY A 91 17.88 -22.70 -13.52
CA GLY A 91 18.68 -23.36 -12.51
C GLY A 91 17.88 -24.24 -11.56
N GLU A 92 18.38 -25.45 -11.32
CA GLU A 92 17.71 -26.37 -10.40
C GLU A 92 18.71 -26.95 -9.41
N ILE A 93 18.79 -26.32 -8.24
CA ILE A 93 19.79 -26.67 -7.25
C ILE A 93 19.22 -27.50 -6.10
N ASP A 94 19.83 -28.65 -5.83
CA ASP A 94 19.38 -29.59 -4.82
C ASP A 94 20.29 -29.62 -3.59
N LEU A 95 19.71 -29.46 -2.41
CA LEU A 95 20.46 -29.65 -1.17
C LEU A 95 19.73 -30.62 -0.25
N PRO A 96 19.97 -31.92 -0.45
CA PRO A 96 19.33 -32.96 0.38
C PRO A 96 19.96 -32.97 1.77
N LEU A 97 19.36 -33.69 2.71
CA LEU A 97 19.95 -33.75 4.05
C LEU A 97 21.32 -34.43 3.98
N GLU A 98 21.41 -35.49 3.17
CA GLU A 98 22.70 -36.08 2.86
C GLU A 98 22.47 -37.08 1.73
N GLY A 99 23.50 -37.27 0.91
CA GLY A 99 23.41 -38.11 -0.27
C GLY A 99 24.77 -38.11 -0.95
N THR A 100 24.78 -37.92 -2.27
CA THR A 100 26.05 -37.88 -2.97
C THR A 100 26.10 -36.76 -4.00
N THR A 101 25.07 -35.92 -4.01
CA THR A 101 25.11 -34.76 -4.90
C THR A 101 25.99 -33.69 -4.29
N ASN A 102 25.50 -32.99 -3.27
CA ASN A 102 26.36 -32.06 -2.57
C ASN A 102 26.01 -31.95 -1.08
N PRO A 103 26.54 -32.90 -0.27
CA PRO A 103 26.40 -33.08 1.18
C PRO A 103 26.77 -31.93 2.11
N ASN A 104 27.21 -30.81 1.55
CA ASN A 104 27.78 -29.77 2.38
C ASN A 104 26.74 -28.81 2.90
N GLY A 105 25.81 -28.43 2.02
CA GLY A 105 24.78 -27.47 2.40
C GLY A 105 25.21 -26.12 1.84
N TYR A 106 25.60 -26.15 0.57
CA TYR A 106 26.38 -25.10 -0.03
C TYR A 106 26.44 -25.35 -1.53
N ALA A 107 26.17 -24.31 -2.32
CA ALA A 107 26.14 -24.48 -3.77
C ALA A 107 26.37 -23.15 -4.49
N ASN A 108 27.28 -23.18 -5.45
CA ASN A 108 27.52 -22.05 -6.32
C ASN A 108 26.93 -22.34 -7.70
N TRP A 109 26.20 -21.37 -8.24
CA TRP A 109 25.59 -21.55 -9.55
C TRP A 109 26.10 -20.52 -10.55
N ASP A 110 27.06 -20.91 -11.37
CA ASP A 110 27.53 -20.07 -12.46
C ASP A 110 26.34 -19.76 -13.35
N ILE A 111 26.22 -18.49 -13.71
CA ILE A 111 24.96 -17.98 -14.24
C ILE A 111 24.84 -18.13 -15.76
N ASP A 112 24.50 -19.34 -16.19
CA ASP A 112 24.29 -19.56 -17.62
C ASP A 112 22.82 -19.28 -17.98
N ILE A 113 22.64 -18.61 -19.12
CA ILE A 113 21.31 -18.34 -19.65
C ILE A 113 20.83 -19.56 -20.43
N THR A 114 21.80 -20.38 -20.83
CA THR A 114 21.54 -21.55 -21.67
C THR A 114 20.82 -22.63 -20.88
N GLY A 115 20.75 -22.44 -19.56
CA GLY A 115 20.05 -23.37 -18.68
C GLY A 115 18.63 -23.61 -19.13
N TYR A 116 17.94 -22.52 -19.46
CA TYR A 116 16.67 -22.64 -20.18
C TYR A 116 16.97 -23.08 -21.58
N ALA A 117 16.67 -24.34 -21.87
CA ALA A 117 17.14 -25.01 -23.08
C ALA A 117 16.94 -24.21 -24.37
N GLN A 118 15.69 -23.95 -24.74
CA GLN A 118 15.37 -23.33 -26.01
C GLN A 118 15.90 -21.90 -26.17
N MET A 119 16.23 -21.27 -25.06
CA MET A 119 16.64 -19.87 -25.07
C MET A 119 17.89 -19.59 -25.92
N ARG A 120 18.77 -20.57 -26.05
CA ARG A 120 20.05 -20.33 -26.72
C ARG A 120 19.85 -20.07 -28.21
N ARG A 121 19.03 -20.87 -28.87
CA ARG A 121 18.73 -20.66 -30.28
C ARG A 121 17.97 -19.35 -30.44
N LYS A 122 17.17 -19.03 -29.43
CA LYS A 122 16.26 -17.90 -29.46
C LYS A 122 16.98 -16.57 -29.37
N VAL A 123 18.21 -16.60 -28.86
CA VAL A 123 19.00 -15.38 -28.70
C VAL A 123 20.17 -15.33 -29.69
N GLU A 124 20.57 -16.48 -30.22
CA GLU A 124 21.61 -16.48 -31.26
C GLU A 124 20.99 -16.05 -32.59
N LEU A 125 19.77 -15.53 -32.52
CA LEU A 125 19.14 -14.86 -33.64
C LEU A 125 19.90 -13.58 -33.91
N PHE A 126 20.53 -13.05 -32.87
CA PHE A 126 21.26 -11.80 -32.97
C PHE A 126 22.73 -12.01 -32.63
N THR A 127 23.56 -11.01 -32.93
CA THR A 127 24.96 -11.05 -32.51
C THR A 127 25.10 -10.33 -31.18
N TYR A 128 24.71 -9.07 -31.18
CA TYR A 128 24.81 -8.22 -29.99
C TYR A 128 23.43 -7.86 -29.46
N MET A 129 23.30 -7.89 -28.14
CA MET A 129 22.08 -7.41 -27.49
C MET A 129 22.40 -6.86 -26.09
N ARG A 130 21.39 -6.32 -25.42
CA ARG A 130 21.61 -5.66 -24.14
C ARG A 130 20.32 -5.62 -23.33
N PHE A 131 20.43 -5.92 -22.03
CA PHE A 131 19.24 -6.01 -21.18
C PHE A 131 19.57 -6.13 -19.69
N ASP A 132 18.58 -5.81 -18.86
CA ASP A 132 18.63 -6.13 -17.44
C ASP A 132 18.01 -7.51 -17.25
N ALA A 133 18.19 -8.10 -16.07
CA ALA A 133 17.68 -9.45 -15.83
C ALA A 133 17.01 -9.54 -14.45
N GLU A 134 15.76 -9.96 -14.45
CA GLU A 134 15.00 -10.12 -13.22
C GLU A 134 14.94 -11.59 -12.80
N PHE A 135 15.58 -11.90 -11.68
CA PHE A 135 15.65 -13.27 -11.18
C PHE A 135 14.65 -13.55 -10.08
N THR A 136 14.06 -14.74 -10.11
CA THR A 136 13.15 -15.15 -9.05
C THR A 136 13.58 -16.48 -8.43
N PHE A 137 13.46 -16.56 -7.12
CA PHE A 137 13.93 -17.72 -6.38
C PHE A 137 12.78 -18.40 -5.67
N VAL A 138 12.20 -19.43 -6.28
CA VAL A 138 11.19 -20.22 -5.60
C VAL A 138 11.88 -21.48 -5.07
N ALA A 139 11.79 -21.67 -3.76
CA ALA A 139 12.46 -22.80 -3.12
C ALA A 139 11.45 -23.66 -2.39
N CYS A 140 11.61 -24.97 -2.48
CA CYS A 140 10.69 -25.89 -1.83
C CYS A 140 11.41 -27.18 -1.48
N THR A 141 10.70 -28.08 -0.81
CA THR A 141 11.18 -29.43 -0.61
C THR A 141 10.86 -30.26 -1.83
N PRO A 142 11.53 -31.41 -2.00
CA PRO A 142 11.09 -32.33 -3.06
C PRO A 142 9.66 -32.78 -2.80
N THR A 143 9.25 -32.72 -1.54
CA THR A 143 7.90 -33.00 -1.14
C THR A 143 6.97 -31.91 -1.64
N GLY A 144 7.48 -30.68 -1.60
CA GLY A 144 6.68 -29.51 -1.93
C GLY A 144 6.25 -28.85 -0.65
N GLU A 145 6.61 -29.49 0.47
CA GLU A 145 6.38 -28.93 1.79
C GLU A 145 7.08 -27.59 1.91
N VAL A 146 6.35 -26.56 2.29
CA VAL A 146 7.03 -25.31 2.59
C VAL A 146 7.52 -25.47 4.02
N VAL A 147 8.77 -25.11 4.25
CA VAL A 147 9.43 -25.45 5.49
C VAL A 147 10.08 -24.21 6.10
N PRO A 148 9.85 -24.02 7.40
CA PRO A 148 10.38 -22.86 8.15
C PRO A 148 11.90 -22.80 8.15
N GLN A 149 12.50 -22.66 6.98
CA GLN A 149 13.93 -22.54 6.90
C GLN A 149 14.34 -21.17 6.38
N LEU A 150 15.37 -20.60 7.00
CA LEU A 150 15.88 -19.31 6.59
C LEU A 150 17.14 -19.57 5.78
N LEU A 151 17.13 -19.15 4.52
CA LEU A 151 18.26 -19.42 3.64
C LEU A 151 18.87 -18.14 3.08
N GLN A 152 20.03 -18.27 2.45
CA GLN A 152 20.77 -17.12 1.95
C GLN A 152 21.09 -17.23 0.46
N TYR A 153 20.68 -16.23 -0.30
CA TYR A 153 21.09 -16.11 -1.69
C TYR A 153 22.19 -15.06 -1.77
N MET A 154 23.31 -15.38 -2.44
CA MET A 154 24.36 -14.39 -2.61
C MET A 154 24.75 -14.22 -4.06
N PHE A 155 24.71 -12.98 -4.53
CA PHE A 155 25.15 -12.64 -5.88
C PHE A 155 26.55 -12.08 -5.82
N VAL A 156 27.49 -12.73 -6.52
CA VAL A 156 28.86 -12.23 -6.58
C VAL A 156 29.21 -11.76 -7.99
N PRO A 157 29.73 -10.54 -8.11
CA PRO A 157 30.13 -9.94 -9.40
C PRO A 157 31.13 -10.80 -10.15
N PRO A 158 31.26 -10.58 -11.47
CA PRO A 158 32.21 -11.34 -12.30
C PRO A 158 33.64 -11.30 -11.75
N GLY A 159 34.05 -10.12 -11.27
CA GLY A 159 35.39 -9.96 -10.74
C GLY A 159 35.60 -10.73 -9.45
N ALA A 160 34.60 -10.69 -8.58
CA ALA A 160 34.72 -11.25 -7.24
C ALA A 160 34.97 -12.76 -7.28
N PRO A 161 35.74 -13.26 -6.31
CA PRO A 161 35.99 -14.70 -6.21
C PRO A 161 34.75 -15.42 -5.68
N LYS A 162 34.61 -16.69 -6.03
CA LYS A 162 33.47 -17.47 -5.55
C LYS A 162 33.83 -18.17 -4.24
N PRO A 163 32.85 -18.35 -3.35
CA PRO A 163 33.10 -19.04 -2.10
C PRO A 163 33.47 -20.50 -2.35
N ASP A 164 34.34 -21.06 -1.51
CA ASP A 164 34.82 -22.42 -1.71
C ASP A 164 34.22 -23.41 -0.70
N SER A 165 34.04 -22.96 0.54
CA SER A 165 33.52 -23.82 1.57
C SER A 165 32.28 -23.21 2.20
N ARG A 166 31.50 -24.03 2.89
CA ARG A 166 30.30 -23.57 3.57
C ARG A 166 30.65 -22.59 4.68
N GLU A 167 31.84 -22.74 5.24
CA GLU A 167 32.29 -21.90 6.34
C GLU A 167 33.26 -20.83 5.86
N SER A 168 33.28 -20.59 4.56
CA SER A 168 34.13 -19.58 3.95
C SER A 168 33.78 -18.16 4.41
N LEU A 169 34.65 -17.20 4.11
CA LEU A 169 34.44 -15.81 4.48
C LEU A 169 33.57 -15.07 3.46
N ALA A 170 33.54 -15.58 2.24
CA ALA A 170 32.86 -14.92 1.14
C ALA A 170 31.39 -14.66 1.45
N TRP A 171 30.84 -15.42 2.39
CA TRP A 171 29.45 -15.27 2.77
C TRP A 171 29.25 -13.94 3.49
N GLN A 172 30.35 -13.40 4.02
CA GLN A 172 30.31 -12.16 4.78
C GLN A 172 30.81 -10.99 3.94
N THR A 173 31.22 -11.26 2.71
CA THR A 173 31.68 -10.18 1.85
C THR A 173 30.48 -9.31 1.48
N ALA A 174 30.49 -8.07 1.97
CA ALA A 174 29.34 -7.19 1.83
C ALA A 174 29.09 -6.81 0.37
N THR A 175 30.18 -6.54 -0.36
CA THR A 175 30.08 -6.13 -1.75
C THR A 175 29.60 -7.27 -2.63
N ASN A 176 29.33 -8.40 -2.01
CA ASN A 176 28.64 -9.50 -2.65
C ASN A 176 27.25 -9.52 -2.05
N PRO A 177 26.32 -8.80 -2.69
CA PRO A 177 24.95 -8.60 -2.20
C PRO A 177 24.27 -9.90 -1.82
N SER A 178 23.59 -9.91 -0.67
CA SER A 178 22.99 -11.13 -0.18
C SER A 178 21.50 -10.93 0.08
N VAL A 179 20.75 -12.01 -0.06
CA VAL A 179 19.32 -11.99 0.17
C VAL A 179 18.97 -13.06 1.20
N PHE A 180 18.30 -12.64 2.26
CA PHE A 180 17.90 -13.57 3.31
C PHE A 180 16.38 -13.69 3.31
N VAL A 181 15.87 -14.86 2.96
CA VAL A 181 14.42 -15.08 3.04
C VAL A 181 14.13 -16.43 3.68
N LYS A 182 12.87 -16.60 4.05
CA LYS A 182 12.37 -17.87 4.54
C LYS A 182 11.58 -18.50 3.43
N LEU A 183 11.39 -19.82 3.48
CA LEU A 183 10.55 -20.48 2.49
C LEU A 183 9.12 -20.06 2.80
N SER A 184 8.88 -19.71 4.06
CA SER A 184 7.61 -19.18 4.50
C SER A 184 7.37 -17.86 3.79
N ASP A 185 8.45 -17.09 3.64
CA ASP A 185 8.41 -15.87 2.88
C ASP A 185 8.20 -16.22 1.41
N PRO A 186 7.27 -15.52 0.74
CA PRO A 186 7.03 -15.73 -0.70
C PRO A 186 8.31 -15.58 -1.51
N PRO A 187 8.41 -16.27 -2.66
CA PRO A 187 9.65 -16.29 -3.45
C PRO A 187 10.30 -14.93 -3.62
N ALA A 188 11.61 -14.87 -3.38
CA ALA A 188 12.37 -13.64 -3.51
C ALA A 188 12.42 -13.18 -4.96
N GLN A 189 12.58 -11.87 -5.16
CA GLN A 189 12.61 -11.31 -6.49
C GLN A 189 13.68 -10.22 -6.56
N VAL A 190 14.69 -10.41 -7.39
CA VAL A 190 15.73 -9.41 -7.53
C VAL A 190 15.95 -9.05 -8.99
N SER A 191 16.66 -7.95 -9.24
CA SER A 191 16.93 -7.50 -10.59
C SER A 191 18.43 -7.28 -10.79
N VAL A 192 18.98 -7.94 -11.81
CA VAL A 192 20.38 -7.75 -12.16
C VAL A 192 20.47 -6.95 -13.44
N PRO A 193 21.17 -5.80 -13.39
CA PRO A 193 21.28 -4.88 -14.53
C PRO A 193 22.30 -5.32 -15.57
N PHE A 194 22.53 -4.47 -16.56
CA PHE A 194 23.48 -4.75 -17.62
C PHE A 194 24.90 -4.65 -17.08
N MET A 195 25.60 -5.78 -17.01
CA MET A 195 26.87 -5.84 -16.29
C MET A 195 28.09 -5.63 -17.18
N SER A 196 27.94 -5.93 -18.46
CA SER A 196 29.08 -6.00 -19.37
C SER A 196 29.92 -4.72 -19.45
N PRO A 197 31.25 -4.88 -19.57
CA PRO A 197 32.21 -3.81 -19.79
C PRO A 197 32.17 -3.31 -21.23
N ALA A 198 31.51 -4.10 -22.08
CA ALA A 198 31.28 -3.70 -23.45
C ALA A 198 30.06 -2.79 -23.47
N SER A 199 29.80 -2.17 -24.62
CA SER A 199 28.63 -1.31 -24.75
C SER A 199 27.37 -2.17 -24.86
N ALA A 200 27.56 -3.45 -25.16
CA ALA A 200 26.47 -4.39 -25.35
C ALA A 200 26.96 -5.81 -25.15
N TYR A 201 26.05 -6.73 -24.80
CA TYR A 201 26.38 -8.15 -24.69
C TYR A 201 26.83 -8.69 -26.04
N GLN A 202 27.46 -9.85 -26.03
CA GLN A 202 28.01 -10.44 -27.23
C GLN A 202 27.98 -11.96 -27.17
N TRP A 203 27.40 -12.59 -28.18
CA TRP A 203 27.18 -14.03 -28.13
C TRP A 203 28.38 -14.87 -28.55
N PHE A 204 29.24 -14.31 -29.39
CA PHE A 204 30.45 -15.01 -29.81
C PHE A 204 31.51 -14.13 -30.45
N TYR A 205 32.73 -14.30 -29.95
CA TYR A 205 33.88 -13.48 -30.28
C TYR A 205 34.79 -14.21 -31.26
N ASP A 206 34.87 -13.72 -32.49
CA ASP A 206 35.67 -14.38 -33.53
C ASP A 206 37.15 -14.06 -33.33
N GLY A 207 37.66 -14.38 -32.15
CA GLY A 207 39.03 -14.09 -31.79
C GLY A 207 39.44 -14.74 -30.50
N TYR A 208 40.71 -14.63 -30.16
CA TYR A 208 41.20 -15.15 -28.87
C TYR A 208 40.96 -14.10 -27.80
N PRO A 209 40.32 -14.51 -26.69
CA PRO A 209 39.93 -13.57 -25.63
C PRO A 209 41.10 -12.96 -24.87
N THR A 210 42.33 -13.38 -25.18
CA THR A 210 43.54 -12.80 -24.61
C THR A 210 43.97 -11.51 -25.32
N PHE A 211 44.22 -10.47 -24.54
CA PHE A 211 44.89 -9.28 -25.07
C PHE A 211 46.39 -9.53 -25.01
N GLY A 212 47.06 -9.23 -26.12
CA GLY A 212 48.46 -9.55 -26.29
C GLY A 212 48.46 -10.82 -27.12
N GLU A 213 49.61 -11.27 -27.59
CA GLU A 213 49.64 -12.48 -28.40
C GLU A 213 49.36 -13.71 -27.53
N HIS A 214 48.75 -14.71 -28.14
CA HIS A 214 48.27 -15.89 -27.43
C HIS A 214 49.38 -16.84 -27.02
N LEU A 215 49.12 -17.55 -25.91
CA LEU A 215 50.00 -18.60 -25.41
C LEU A 215 49.39 -19.92 -25.88
N GLN A 216 50.26 -20.85 -26.28
CA GLN A 216 49.81 -22.05 -26.98
C GLN A 216 49.41 -23.19 -26.05
N ALA A 217 48.97 -22.83 -24.86
CA ALA A 217 48.34 -23.79 -23.96
C ALA A 217 46.99 -24.21 -24.55
N ASN A 218 46.28 -23.22 -25.11
CA ASN A 218 44.97 -23.44 -25.71
C ASN A 218 44.97 -24.15 -27.06
N ASP A 219 43.92 -24.94 -27.29
CA ASP A 219 43.71 -25.60 -28.58
C ASP A 219 42.22 -25.56 -28.92
N LEU A 220 41.39 -25.55 -27.88
CA LEU A 220 39.95 -25.49 -28.02
C LEU A 220 39.31 -24.16 -27.56
N ASP A 221 40.10 -23.28 -26.96
CA ASP A 221 39.58 -22.01 -26.44
C ASP A 221 39.30 -21.02 -27.56
N TYR A 222 38.16 -21.21 -28.21
CA TYR A 222 37.76 -20.38 -29.36
C TYR A 222 36.30 -19.96 -29.27
N GLY A 223 36.02 -18.66 -29.42
CA GLY A 223 34.65 -18.18 -29.45
C GLY A 223 34.02 -17.72 -28.15
N ALA A 224 34.47 -18.29 -27.03
CA ALA A 224 33.92 -17.95 -25.73
C ALA A 224 34.33 -16.55 -25.29
N CYS A 225 33.35 -15.75 -24.86
CA CYS A 225 33.63 -14.39 -24.42
C CYS A 225 33.62 -14.31 -22.89
N PRO A 226 34.79 -13.99 -22.30
CA PRO A 226 34.93 -14.05 -20.84
C PRO A 226 34.33 -12.84 -20.14
N ASN A 227 34.41 -11.67 -20.76
CA ASN A 227 33.82 -10.46 -20.20
C ASN A 227 32.33 -10.35 -20.52
N ASN A 228 31.74 -11.47 -20.92
CA ASN A 228 30.31 -11.55 -21.15
C ASN A 228 29.66 -12.23 -19.95
N MET A 229 30.50 -12.66 -19.02
CA MET A 229 30.05 -13.33 -17.81
C MET A 229 29.40 -12.33 -16.87
N MET A 230 28.17 -12.64 -16.43
CA MET A 230 27.43 -11.72 -15.59
C MET A 230 27.37 -12.15 -14.12
N GLY A 231 28.42 -12.84 -13.65
CA GLY A 231 28.49 -13.18 -12.24
C GLY A 231 28.22 -14.65 -11.94
N THR A 232 27.64 -14.90 -10.77
CA THR A 232 27.16 -16.22 -10.37
C THR A 232 26.44 -16.16 -9.03
N PHE A 233 25.49 -17.08 -8.82
CA PHE A 233 24.70 -17.08 -7.59
C PHE A 233 25.13 -18.21 -6.67
N SER A 234 25.14 -17.94 -5.37
CA SER A 234 25.51 -18.94 -4.39
C SER A 234 24.41 -19.04 -3.33
N VAL A 235 24.14 -20.25 -2.86
CA VAL A 235 23.05 -20.48 -1.91
C VAL A 235 23.51 -21.24 -0.65
N ARG A 236 22.98 -20.86 0.50
CA ARG A 236 23.22 -21.59 1.74
C ARG A 236 22.01 -21.77 2.61
N THR A 237 22.05 -22.83 3.41
CA THR A 237 21.18 -22.98 4.55
C THR A 237 21.82 -22.21 5.71
N VAL A 238 21.29 -21.04 6.01
CA VAL A 238 21.86 -20.16 7.03
C VAL A 238 21.97 -20.89 8.37
N GLY A 239 23.02 -20.59 9.12
CA GLY A 239 23.22 -21.20 10.41
C GLY A 239 24.62 -21.75 10.56
N THR A 240 25.06 -21.89 11.80
CA THR A 240 26.39 -22.44 12.08
C THR A 240 26.43 -23.92 11.78
N SER A 241 25.28 -24.58 11.94
CA SER A 241 25.16 -26.01 11.75
C SER A 241 24.47 -26.38 10.44
N LYS A 242 24.50 -27.67 10.12
CA LYS A 242 23.97 -28.20 8.87
C LYS A 242 22.46 -28.08 8.86
N SER A 243 21.86 -28.08 7.68
CA SER A 243 20.41 -27.95 7.56
C SER A 243 19.70 -29.15 8.18
N LYS A 244 18.43 -28.98 8.48
CA LYS A 244 17.60 -30.08 8.99
C LYS A 244 16.73 -30.68 7.89
N TYR A 245 16.37 -29.87 6.91
CA TYR A 245 15.35 -30.28 5.96
C TYR A 245 15.91 -30.38 4.54
N PRO A 246 15.42 -31.35 3.76
CA PRO A 246 15.81 -31.49 2.36
C PRO A 246 15.19 -30.40 1.49
N LEU A 247 16.03 -29.61 0.82
CA LEU A 247 15.54 -28.44 0.12
C LEU A 247 15.83 -28.47 -1.37
N VAL A 248 15.02 -27.71 -2.12
CA VAL A 248 15.20 -27.55 -3.56
C VAL A 248 14.94 -26.08 -3.91
N VAL A 249 15.97 -25.41 -4.43
CA VAL A 249 15.82 -24.02 -4.84
C VAL A 249 15.68 -23.96 -6.35
N ARG A 250 14.72 -23.19 -6.84
CA ARG A 250 14.55 -23.02 -8.29
C ARG A 250 14.72 -21.56 -8.70
N ILE A 251 15.46 -21.35 -9.79
CA ILE A 251 15.79 -20.00 -10.23
C ILE A 251 15.12 -19.70 -11.57
N TYR A 252 14.41 -18.57 -11.64
CA TYR A 252 13.71 -18.18 -12.85
C TYR A 252 14.23 -16.84 -13.37
N MET A 253 14.42 -16.72 -14.68
CA MET A 253 14.94 -15.48 -15.26
C MET A 253 13.99 -14.79 -16.23
N ARG A 254 13.82 -13.49 -16.01
CA ARG A 254 13.08 -12.63 -16.92
C ARG A 254 13.99 -11.51 -17.40
N MET A 255 13.97 -11.26 -18.70
CA MET A 255 14.81 -10.23 -19.31
C MET A 255 13.95 -8.98 -19.52
N LYS A 256 14.50 -7.82 -19.17
CA LYS A 256 13.72 -6.58 -19.15
C LYS A 256 13.98 -5.67 -20.35
N HIS A 257 14.68 -4.57 -20.09
CA HIS A 257 14.89 -3.54 -21.08
C HIS A 257 15.81 -4.07 -22.18
N VAL A 258 15.23 -4.80 -23.13
CA VAL A 258 16.01 -5.50 -24.15
C VAL A 258 16.21 -4.67 -25.41
N ARG A 259 17.47 -4.61 -25.86
CA ARG A 259 17.80 -4.06 -27.16
C ARG A 259 18.75 -5.01 -27.87
N ALA A 260 18.44 -5.35 -29.11
CA ALA A 260 19.28 -6.25 -29.89
C ALA A 260 19.75 -5.54 -31.15
N TRP A 261 20.62 -6.18 -31.91
CA TRP A 261 21.16 -5.52 -33.10
C TRP A 261 21.23 -6.39 -34.35
N ILE A 262 22.39 -7.00 -34.58
CA ILE A 262 22.66 -7.65 -35.86
C ILE A 262 22.00 -9.03 -35.95
N PRO A 263 21.08 -9.18 -36.92
CA PRO A 263 20.28 -10.39 -37.15
C PRO A 263 21.07 -11.54 -37.77
N ARG A 264 20.84 -12.75 -37.27
CA ARG A 264 21.51 -13.94 -37.78
C ARG A 264 20.49 -15.02 -38.13
N PRO A 265 20.85 -15.95 -39.01
CA PRO A 265 19.96 -17.09 -39.25
C PRO A 265 19.88 -17.98 -38.01
N MET A 266 18.73 -18.58 -37.76
CA MET A 266 18.52 -19.35 -36.55
C MET A 266 19.07 -20.77 -36.62
N ARG A 267 19.53 -21.27 -35.48
CA ARG A 267 20.09 -22.62 -35.37
C ARG A 267 19.19 -23.70 -35.97
N ASN A 268 19.81 -24.73 -36.54
CA ASN A 268 19.07 -25.87 -37.07
C ASN A 268 19.57 -27.22 -36.56
N GLN A 269 20.84 -27.27 -36.16
CA GLN A 269 21.39 -28.51 -35.62
C GLN A 269 21.39 -28.50 -34.10
N ASN A 270 21.54 -29.66 -33.49
CA ASN A 270 21.58 -29.75 -32.04
C ASN A 270 22.92 -29.23 -31.50
N TYR A 271 22.92 -28.74 -30.26
CA TYR A 271 24.14 -28.21 -29.68
C TYR A 271 24.93 -29.28 -28.95
N LEU A 272 26.25 -29.10 -28.90
CA LEU A 272 27.11 -30.00 -28.15
C LEU A 272 27.56 -29.30 -26.86
N PHE A 273 28.18 -28.13 -26.99
CA PHE A 273 28.60 -27.36 -25.83
C PHE A 273 27.90 -26.01 -25.74
N LYS A 274 28.17 -25.30 -24.65
CA LYS A 274 27.57 -23.99 -24.40
C LYS A 274 28.65 -22.93 -24.32
N ALA A 275 29.68 -23.11 -25.14
CA ALA A 275 30.79 -22.17 -25.23
C ALA A 275 31.20 -22.02 -26.69
N ASN A 276 30.56 -22.78 -27.56
CA ASN A 276 30.80 -22.69 -29.00
C ASN A 276 29.65 -23.32 -29.80
N PRO A 277 29.24 -22.65 -30.88
CA PRO A 277 28.18 -23.14 -31.77
C PRO A 277 28.64 -24.33 -32.60
N ASN A 278 29.15 -25.38 -31.95
CA ASN A 278 29.63 -26.55 -32.66
C ASN A 278 28.47 -27.39 -33.17
N TYR A 279 28.73 -28.26 -34.13
CA TYR A 279 27.70 -29.04 -34.78
C TYR A 279 28.17 -30.48 -34.97
N ALA A 280 27.31 -31.32 -35.53
CA ALA A 280 27.64 -32.75 -35.65
C ALA A 280 28.44 -33.04 -36.91
N GLY A 281 29.03 -34.23 -36.98
CA GLY A 281 29.75 -34.66 -38.16
C GLY A 281 28.81 -35.29 -39.16
N ASN A 282 27.51 -35.18 -38.86
CA ASN A 282 26.46 -35.63 -39.76
C ASN A 282 25.24 -34.71 -39.63
N SER A 283 24.93 -33.98 -40.70
CA SER A 283 23.91 -32.95 -40.64
C SER A 283 22.50 -33.52 -40.75
N ILE A 284 21.60 -33.00 -39.93
CA ILE A 284 20.19 -33.33 -40.02
C ILE A 284 19.53 -32.25 -40.87
N LYS A 285 18.23 -32.38 -41.14
CA LYS A 285 17.58 -31.45 -42.04
C LYS A 285 16.37 -30.79 -41.39
N PRO A 286 16.33 -29.44 -41.39
CA PRO A 286 15.27 -28.63 -40.78
C PRO A 286 13.85 -28.88 -41.30
N THR A 287 13.72 -29.61 -42.41
CA THR A 287 12.40 -30.10 -42.85
C THR A 287 12.54 -31.15 -43.95
N GLY A 288 11.88 -32.29 -43.76
CA GLY A 288 12.00 -33.40 -44.68
C GLY A 288 10.72 -34.14 -45.01
N ALA A 289 10.85 -35.45 -45.23
CA ALA A 289 9.72 -36.34 -45.52
C ALA A 289 8.77 -35.81 -46.59
N SER A 290 9.34 -35.32 -47.69
CA SER A 290 8.53 -34.70 -48.73
C SER A 290 8.40 -35.49 -50.03
N ARG A 291 8.93 -36.72 -50.06
CA ARG A 291 8.84 -37.54 -51.27
C ARG A 291 9.45 -36.81 -52.47
N THR A 292 8.63 -36.12 -53.24
CA THR A 292 9.15 -35.42 -54.42
C THR A 292 8.44 -34.07 -54.60
N ALA A 293 9.12 -33.16 -55.30
CA ALA A 293 8.68 -31.78 -55.45
C ALA A 293 7.29 -31.62 -56.07
N ILE A 294 6.81 -32.68 -56.71
CA ILE A 294 5.52 -32.65 -57.39
C ILE A 294 4.38 -33.06 -56.46
N THR A 295 4.64 -34.00 -55.58
CA THR A 295 3.58 -34.53 -54.71
C THR A 295 3.44 -33.75 -53.40
N THR A 296 2.24 -33.23 -53.16
CA THR A 296 1.93 -32.50 -51.92
C THR A 296 2.14 -33.35 -50.68
N GLY B 1 -1.75 3.59 9.86
CA GLY B 1 -1.35 4.34 8.68
C GLY B 1 -2.28 4.12 7.50
N PHE B 2 -1.71 4.00 6.30
CA PHE B 2 -2.47 3.84 5.08
C PHE B 2 -3.21 2.51 5.08
N PRO B 3 -4.55 2.54 5.05
CA PRO B 3 -5.34 1.31 5.10
C PRO B 3 -5.21 0.46 3.83
N THR B 4 -5.27 -0.85 3.98
CA THR B 4 -5.12 -1.77 2.85
C THR B 4 -5.84 -3.08 3.11
N GLU B 5 -6.50 -3.60 2.09
CA GLU B 5 -7.06 -4.95 2.15
C GLU B 5 -6.34 -5.81 1.11
N LEU B 6 -5.70 -6.89 1.55
CA LEU B 6 -5.06 -7.79 0.61
C LEU B 6 -6.11 -8.54 -0.17
N LYS B 7 -5.91 -8.63 -1.48
CA LYS B 7 -6.82 -9.35 -2.34
C LYS B 7 -6.06 -10.51 -2.98
N PRO B 8 -6.80 -11.56 -3.42
CA PRO B 8 -6.23 -12.76 -4.04
C PRO B 8 -5.14 -12.47 -5.07
N GLY B 9 -4.21 -13.41 -5.21
CA GLY B 9 -3.04 -13.19 -6.04
C GLY B 9 -1.86 -12.77 -5.18
N THR B 10 -2.15 -12.55 -3.90
CA THR B 10 -1.12 -12.21 -2.92
C THR B 10 -0.06 -13.31 -2.81
N ASN B 11 1.20 -12.89 -2.68
CA ASN B 11 2.33 -13.81 -2.50
C ASN B 11 2.46 -14.82 -3.63
N GLN B 12 1.88 -14.50 -4.79
CA GLN B 12 1.91 -15.42 -5.91
C GLN B 12 3.03 -15.04 -6.86
N PHE B 13 3.64 -16.04 -7.49
CA PHE B 13 4.62 -15.75 -8.51
C PHE B 13 4.06 -16.11 -9.86
N LEU B 14 3.76 -15.08 -10.65
CA LEU B 14 3.23 -15.29 -11.99
C LEU B 14 4.39 -15.10 -12.96
N THR B 15 4.61 -16.11 -13.79
CA THR B 15 5.74 -16.11 -14.72
C THR B 15 5.74 -14.93 -15.68
N THR B 16 4.54 -14.48 -16.08
CA THR B 16 4.45 -13.39 -17.04
C THR B 16 4.22 -12.05 -16.36
N ASP B 17 4.49 -11.99 -15.05
CA ASP B 17 4.32 -10.73 -14.33
C ASP B 17 5.37 -9.72 -14.74
N ASP B 18 4.92 -8.52 -15.10
CA ASP B 18 5.82 -7.44 -15.43
C ASP B 18 5.69 -6.44 -14.29
N GLY B 19 6.56 -6.56 -13.29
CA GLY B 19 6.52 -5.68 -12.14
C GLY B 19 7.87 -5.06 -11.88
N VAL B 20 7.92 -4.10 -10.97
CA VAL B 20 9.18 -3.51 -10.60
C VAL B 20 9.79 -4.31 -9.45
N SER B 21 11.00 -4.82 -9.67
CA SER B 21 11.66 -5.65 -8.68
C SER B 21 12.88 -4.95 -8.09
N ALA B 22 13.39 -5.50 -7.00
CA ALA B 22 14.56 -4.95 -6.32
C ALA B 22 15.83 -5.04 -7.17
N PRO B 23 16.50 -3.91 -7.38
CA PRO B 23 17.77 -3.88 -8.12
C PRO B 23 18.91 -4.44 -7.27
N ILE B 24 19.76 -5.28 -7.85
CA ILE B 24 20.79 -5.94 -7.05
C ILE B 24 21.96 -5.02 -6.72
N LEU B 25 22.28 -4.10 -7.63
CA LEU B 25 23.37 -3.15 -7.44
C LEU B 25 22.90 -1.77 -7.90
N PRO B 26 22.26 -1.01 -7.00
CA PRO B 26 21.59 0.23 -7.38
C PRO B 26 22.56 1.36 -7.69
N ASN B 27 23.81 1.19 -7.27
CA ASN B 27 24.80 2.24 -7.42
C ASN B 27 25.57 2.13 -8.73
N PHE B 28 25.38 1.01 -9.43
CA PHE B 28 26.18 0.75 -10.63
C PHE B 28 25.60 1.41 -11.87
N HIS B 29 26.44 2.17 -12.55
CA HIS B 29 26.07 2.73 -13.85
C HIS B 29 26.92 2.09 -14.93
N PRO B 30 26.28 1.24 -15.75
CA PRO B 30 26.91 0.42 -16.79
C PRO B 30 27.48 1.22 -17.95
N THR B 31 28.39 0.59 -18.69
CA THR B 31 28.98 1.17 -19.88
C THR B 31 27.92 1.75 -20.82
N PRO B 32 28.21 2.94 -21.39
CA PRO B 32 27.25 3.71 -22.18
C PRO B 32 26.80 3.02 -23.46
N CYS B 33 25.60 3.35 -23.91
CA CYS B 33 25.07 2.77 -25.14
C CYS B 33 25.61 3.47 -26.37
N ILE B 34 26.75 3.01 -26.88
CA ILE B 34 27.26 3.57 -28.12
C ILE B 34 26.46 2.87 -29.23
N HIS B 35 26.35 3.52 -30.38
CA HIS B 35 25.49 2.99 -31.43
C HIS B 35 26.16 1.92 -32.27
N ILE B 36 25.45 0.80 -32.44
CA ILE B 36 25.88 -0.26 -33.34
C ILE B 36 24.90 -0.25 -34.53
N PRO B 37 25.44 -0.18 -35.77
CA PRO B 37 24.70 0.12 -37.00
C PRO B 37 23.42 -0.66 -37.21
N GLY B 38 23.52 -1.96 -37.45
CA GLY B 38 22.35 -2.75 -37.75
C GLY B 38 21.61 -3.04 -36.46
N GLU B 39 20.38 -2.55 -36.37
CA GLU B 39 19.57 -2.74 -35.17
C GLU B 39 18.17 -3.19 -35.55
N VAL B 40 17.55 -3.94 -34.64
CA VAL B 40 16.19 -4.39 -34.81
C VAL B 40 15.41 -4.00 -33.57
N ARG B 41 14.21 -3.47 -33.76
CA ARG B 41 13.35 -3.10 -32.63
C ARG B 41 12.03 -3.86 -32.71
N ASN B 42 11.90 -4.67 -33.75
CA ASN B 42 10.70 -5.46 -33.96
C ASN B 42 10.99 -6.65 -34.87
N LEU B 43 10.43 -7.81 -34.50
CA LEU B 43 10.70 -9.06 -35.21
C LEU B 43 10.10 -9.06 -36.61
N LEU B 44 9.09 -8.22 -36.82
CA LEU B 44 8.44 -8.13 -38.13
C LEU B 44 9.43 -7.60 -39.16
N GLU B 45 10.39 -6.80 -38.70
CA GLU B 45 11.43 -6.28 -39.58
C GLU B 45 12.15 -7.42 -40.30
N LEU B 46 12.33 -8.52 -39.59
CA LEU B 46 12.98 -9.70 -40.15
C LEU B 46 12.01 -10.53 -41.00
N CYS B 47 10.75 -10.58 -40.59
CA CYS B 47 9.76 -11.39 -41.28
C CYS B 47 9.51 -10.88 -42.70
N GLN B 48 10.00 -9.68 -42.99
CA GLN B 48 9.78 -9.06 -44.29
C GLN B 48 10.99 -9.16 -45.22
N VAL B 49 12.07 -9.78 -44.75
CA VAL B 49 13.26 -9.88 -45.60
C VAL B 49 13.19 -11.14 -46.45
N GLU B 50 13.43 -10.97 -47.74
CA GLU B 50 13.41 -12.08 -48.69
C GLU B 50 14.44 -13.16 -48.33
N THR B 51 13.96 -14.39 -48.12
CA THR B 51 14.84 -15.51 -47.79
C THR B 51 14.42 -16.77 -48.54
N ILE B 52 15.38 -17.66 -48.75
CA ILE B 52 15.23 -18.81 -49.65
C ILE B 52 14.16 -19.82 -49.23
N LEU B 53 13.36 -20.24 -50.19
CA LEU B 53 12.32 -21.25 -49.95
C LEU B 53 12.74 -22.58 -50.55
N GLU B 54 13.03 -23.55 -49.68
CA GLU B 54 13.46 -24.87 -50.13
C GLU B 54 12.28 -25.67 -50.68
N VAL B 55 11.83 -25.32 -51.88
CA VAL B 55 10.78 -26.06 -52.55
C VAL B 55 11.17 -27.52 -52.75
N ASN B 56 12.40 -27.74 -53.18
CA ASN B 56 12.89 -29.09 -53.42
C ASN B 56 13.37 -29.69 -52.11
N ASN B 57 12.45 -29.83 -51.17
CA ASN B 57 12.79 -30.37 -49.86
C ASN B 57 12.83 -31.89 -49.90
N VAL B 58 13.61 -32.43 -50.83
CA VAL B 58 13.57 -33.86 -51.11
C VAL B 58 14.78 -34.66 -50.61
N PRO B 59 16.02 -34.20 -50.90
CA PRO B 59 17.12 -35.10 -50.52
C PRO B 59 17.65 -34.86 -49.11
N THR B 60 18.18 -35.93 -48.51
CA THR B 60 18.64 -35.90 -47.13
C THR B 60 20.15 -36.16 -47.03
N ASN B 61 20.80 -36.22 -48.19
CA ASN B 61 22.23 -36.48 -48.24
C ASN B 61 23.02 -35.18 -48.17
N ALA B 62 23.99 -35.11 -47.28
CA ALA B 62 24.70 -33.85 -47.00
C ALA B 62 25.35 -33.22 -48.23
N THR B 63 25.75 -34.05 -49.18
CA THR B 63 26.32 -33.57 -50.44
C THR B 63 25.25 -33.12 -51.42
N SER B 64 24.01 -33.54 -51.14
CA SER B 64 22.87 -33.23 -51.98
C SER B 64 21.86 -32.46 -51.14
N LEU B 65 22.30 -32.09 -49.94
CA LEU B 65 21.45 -31.40 -48.99
C LEU B 65 21.33 -29.95 -49.45
N MET B 66 22.28 -29.56 -50.29
CA MET B 66 22.32 -28.19 -50.83
C MET B 66 21.37 -28.03 -52.00
N GLU B 67 20.89 -29.16 -52.52
CA GLU B 67 20.05 -29.17 -53.71
C GLU B 67 18.62 -28.79 -53.36
N ARG B 68 18.41 -28.44 -52.09
CA ARG B 68 17.10 -28.17 -51.55
C ARG B 68 16.62 -26.76 -51.90
N LEU B 69 17.54 -25.80 -51.83
CA LEU B 69 17.28 -24.41 -52.20
C LEU B 69 16.89 -24.37 -53.67
N ARG B 70 17.60 -25.21 -54.41
CA ARG B 70 17.58 -25.28 -55.86
C ARG B 70 16.46 -26.19 -56.35
N PHE B 71 15.86 -25.88 -57.49
CA PHE B 71 14.96 -26.85 -58.13
C PHE B 71 15.06 -26.76 -59.65
N PRO B 72 15.11 -27.92 -60.31
CA PRO B 72 15.55 -28.02 -61.71
C PRO B 72 14.53 -27.71 -62.78
N VAL B 73 15.03 -27.26 -63.92
CA VAL B 73 14.28 -27.26 -65.17
C VAL B 73 15.22 -27.83 -66.23
N SER B 74 14.67 -28.57 -67.19
CA SER B 74 15.50 -29.21 -68.19
C SER B 74 14.85 -29.19 -69.57
N ALA B 75 15.64 -29.45 -70.60
CA ALA B 75 15.11 -29.48 -71.96
C ALA B 75 14.33 -30.76 -72.24
N GLN B 76 14.13 -31.58 -71.21
CA GLN B 76 13.53 -32.89 -71.38
C GLN B 76 12.00 -32.88 -71.47
N ALA B 77 11.33 -32.68 -70.34
CA ALA B 77 9.88 -32.66 -70.34
C ALA B 77 9.34 -31.37 -70.95
N GLY B 78 8.26 -31.49 -71.71
CA GLY B 78 7.69 -30.34 -72.39
C GLY B 78 6.22 -30.13 -72.13
N LYS B 79 5.86 -28.89 -71.81
CA LYS B 79 4.47 -28.45 -71.60
C LYS B 79 3.66 -29.30 -70.61
N GLY B 80 4.34 -30.20 -69.91
CA GLY B 80 3.67 -31.10 -68.99
C GLY B 80 3.60 -30.45 -67.63
N GLU B 81 4.17 -31.11 -66.63
CA GLU B 81 4.10 -30.60 -65.27
C GLU B 81 5.50 -30.59 -64.65
N LEU B 82 5.86 -29.48 -64.03
CA LEU B 82 7.16 -29.37 -63.37
C LEU B 82 7.07 -29.49 -61.87
N CYS B 83 6.45 -28.50 -61.23
CA CYS B 83 6.51 -28.42 -59.77
C CYS B 83 5.47 -27.49 -59.16
N ALA B 84 4.77 -27.99 -58.15
CA ALA B 84 4.02 -27.12 -57.26
C ALA B 84 4.96 -26.72 -56.15
N VAL B 85 5.01 -25.44 -55.79
CA VAL B 85 5.89 -24.98 -54.74
C VAL B 85 5.32 -25.40 -53.39
N PHE B 86 4.31 -26.27 -53.46
CA PHE B 86 3.59 -26.78 -52.29
C PHE B 86 2.74 -25.68 -51.70
N ARG B 87 2.33 -25.92 -50.47
CA ARG B 87 1.51 -25.04 -49.67
C ARG B 87 1.98 -23.59 -49.63
N ALA B 88 1.03 -22.66 -49.56
CA ALA B 88 1.37 -21.27 -49.31
C ALA B 88 1.14 -20.99 -47.82
N ASP B 89 1.73 -21.83 -46.96
CA ASP B 89 1.56 -21.68 -45.52
C ASP B 89 2.89 -21.89 -44.76
N PRO B 90 3.41 -20.82 -44.15
CA PRO B 90 4.75 -20.88 -43.56
C PRO B 90 4.87 -21.81 -42.35
N GLY B 91 3.99 -21.64 -41.36
CA GLY B 91 4.07 -22.37 -40.11
C GLY B 91 3.80 -23.87 -40.17
N ARG B 92 3.13 -24.34 -41.21
CA ARG B 92 2.89 -25.77 -41.37
C ARG B 92 4.24 -26.44 -41.60
N SER B 93 4.49 -27.58 -40.94
CA SER B 93 5.74 -28.31 -41.13
C SER B 93 6.04 -28.55 -42.60
N GLY B 94 7.18 -28.07 -43.09
CA GLY B 94 7.48 -28.19 -44.50
C GLY B 94 8.54 -27.23 -45.04
N PRO B 95 8.49 -26.97 -46.36
CA PRO B 95 9.50 -26.21 -47.11
C PRO B 95 9.76 -24.82 -46.53
N TRP B 96 8.73 -24.20 -45.98
CA TRP B 96 8.82 -22.86 -45.44
C TRP B 96 9.70 -22.80 -44.20
N GLN B 97 9.93 -23.94 -43.56
CA GLN B 97 10.74 -24.02 -42.36
C GLN B 97 12.18 -23.61 -42.66
N SER B 98 12.50 -23.52 -43.94
CA SER B 98 13.81 -23.06 -44.37
C SER B 98 13.89 -21.54 -44.28
N THR B 99 12.76 -20.88 -44.54
CA THR B 99 12.73 -19.42 -44.51
C THR B 99 12.92 -18.90 -43.10
N LEU B 100 13.43 -17.68 -42.97
CA LEU B 100 13.48 -17.03 -41.68
C LEU B 100 12.06 -16.84 -41.18
N LEU B 101 11.17 -16.45 -42.11
CA LEU B 101 9.76 -16.27 -41.82
C LEU B 101 9.16 -17.53 -41.21
N GLY B 102 9.32 -18.65 -41.91
CA GLY B 102 8.77 -19.93 -41.49
C GLY B 102 9.22 -20.39 -40.12
N GLN B 103 10.40 -19.95 -39.70
CA GLN B 103 10.94 -20.37 -38.42
C GLN B 103 10.37 -19.52 -37.28
N LEU B 104 10.27 -18.21 -37.50
CA LEU B 104 9.73 -17.32 -36.49
C LEU B 104 8.23 -17.55 -36.35
N CYS B 105 7.61 -18.12 -37.38
CA CYS B 105 6.20 -18.47 -37.32
C CYS B 105 6.02 -19.65 -36.39
N GLY B 106 7.09 -20.42 -36.24
CA GLY B 106 7.11 -21.56 -35.33
C GLY B 106 7.22 -21.05 -33.91
N TYR B 107 7.62 -19.80 -33.79
CA TYR B 107 7.73 -19.16 -32.48
C TYR B 107 6.45 -18.42 -32.11
N TYR B 108 5.42 -18.61 -32.93
CA TYR B 108 4.10 -18.06 -32.63
C TYR B 108 3.04 -19.09 -33.01
N THR B 109 1.76 -18.71 -32.91
CA THR B 109 0.67 -19.68 -33.08
C THR B 109 -0.13 -19.49 -34.36
N GLN B 110 -0.89 -18.39 -34.45
CA GLN B 110 -1.64 -18.13 -35.68
C GLN B 110 -1.50 -16.69 -36.21
N TRP B 111 -1.36 -16.58 -37.53
CA TRP B 111 -1.04 -15.32 -38.18
C TRP B 111 -1.99 -14.97 -39.31
N SER B 112 -1.88 -13.75 -39.80
CA SER B 112 -2.68 -13.29 -40.93
C SER B 112 -1.86 -12.29 -41.73
N GLY B 113 -1.87 -12.44 -43.05
CA GLY B 113 -1.11 -11.54 -43.90
C GLY B 113 -0.95 -11.99 -45.34
N SER B 114 -0.14 -11.23 -46.08
CA SER B 114 0.15 -11.51 -47.49
C SER B 114 1.63 -11.74 -47.69
N LEU B 115 1.96 -12.61 -48.65
CA LEU B 115 3.36 -12.92 -48.93
C LEU B 115 3.70 -12.67 -50.40
N GLU B 116 4.97 -12.41 -50.67
CA GLU B 116 5.46 -12.29 -52.03
C GLU B 116 6.61 -13.27 -52.25
N VAL B 117 6.50 -14.07 -53.30
CA VAL B 117 7.51 -15.09 -53.59
C VAL B 117 8.14 -14.88 -54.96
N THR B 118 9.35 -14.33 -54.98
CA THR B 118 10.09 -14.09 -56.21
C THR B 118 10.94 -15.29 -56.62
N PHE B 119 10.89 -15.65 -57.91
CA PHE B 119 11.71 -16.74 -58.43
C PHE B 119 12.90 -16.22 -59.20
N MET B 120 14.02 -16.94 -59.12
CA MET B 120 15.25 -16.47 -59.75
C MET B 120 15.82 -17.53 -60.67
N PHE B 121 16.15 -17.11 -61.89
CA PHE B 121 16.60 -18.03 -62.94
C PHE B 121 18.11 -18.02 -63.06
N THR B 122 18.71 -19.21 -63.11
CA THR B 122 20.16 -19.34 -63.10
C THR B 122 20.71 -19.86 -64.41
N GLY B 123 19.85 -20.02 -65.40
CA GLY B 123 20.28 -20.58 -66.68
C GLY B 123 21.19 -19.68 -67.49
N SER B 124 21.64 -20.17 -68.64
CA SER B 124 22.55 -19.40 -69.48
C SER B 124 21.86 -18.17 -70.08
N PHE B 125 22.66 -17.24 -70.60
CA PHE B 125 22.14 -16.00 -71.16
C PHE B 125 21.38 -16.30 -72.45
N MET B 126 21.85 -17.30 -73.18
CA MET B 126 21.31 -17.61 -74.50
C MET B 126 20.12 -18.53 -74.35
N ALA B 127 19.91 -19.05 -73.14
CA ALA B 127 18.79 -19.92 -72.85
C ALA B 127 17.49 -19.12 -72.82
N THR B 128 16.40 -19.74 -73.25
CA THR B 128 15.12 -19.06 -73.34
C THR B 128 13.99 -20.08 -73.18
N GLY B 129 12.77 -19.61 -72.90
CA GLY B 129 11.61 -20.47 -72.76
C GLY B 129 10.52 -19.75 -72.02
N LYS B 130 9.42 -20.45 -71.73
CA LYS B 130 8.31 -19.84 -70.99
C LYS B 130 7.80 -20.77 -69.90
N MET B 131 7.35 -20.17 -68.81
CA MET B 131 6.77 -20.90 -67.70
C MET B 131 5.57 -20.12 -67.23
N LEU B 132 4.50 -20.80 -66.84
CA LEU B 132 3.40 -20.09 -66.23
C LEU B 132 3.30 -20.53 -64.78
N ILE B 133 3.28 -19.56 -63.88
CA ILE B 133 3.14 -19.84 -62.47
C ILE B 133 1.72 -19.50 -62.06
N ALA B 134 1.07 -20.43 -61.38
CA ALA B 134 -0.34 -20.27 -61.06
C ALA B 134 -0.62 -20.56 -59.60
N TYR B 135 -1.21 -19.59 -58.91
CA TYR B 135 -1.64 -19.81 -57.55
C TYR B 135 -3.04 -20.39 -57.51
N THR B 136 -3.22 -21.42 -56.69
CA THR B 136 -4.53 -22.03 -56.49
C THR B 136 -4.95 -21.83 -55.04
N PRO B 137 -5.98 -21.01 -54.82
CA PRO B 137 -6.48 -20.70 -53.47
C PRO B 137 -6.92 -21.96 -52.70
N PRO B 138 -7.02 -21.86 -51.36
CA PRO B 138 -7.40 -22.99 -50.52
C PRO B 138 -8.73 -23.63 -50.92
N GLY B 139 -8.92 -24.89 -50.56
CA GLY B 139 -10.16 -25.58 -50.85
C GLY B 139 -10.11 -26.29 -52.18
N GLY B 140 -9.75 -25.57 -53.23
CA GLY B 140 -9.70 -26.13 -54.56
C GLY B 140 -8.54 -27.10 -54.71
N PRO B 141 -8.81 -28.29 -55.26
CA PRO B 141 -7.77 -29.31 -55.45
C PRO B 141 -6.75 -28.86 -56.50
N LEU B 142 -5.66 -29.61 -56.63
CA LEU B 142 -4.63 -29.28 -57.62
C LEU B 142 -5.23 -29.29 -59.02
N PRO B 143 -4.97 -28.23 -59.79
CA PRO B 143 -5.47 -28.10 -61.16
C PRO B 143 -5.05 -29.28 -62.04
N LYS B 144 -6.04 -29.82 -62.75
CA LYS B 144 -5.89 -31.01 -63.58
C LYS B 144 -4.72 -30.92 -64.56
N ASP B 145 -4.61 -29.79 -65.26
CA ASP B 145 -3.58 -29.64 -66.28
C ASP B 145 -3.00 -28.23 -66.28
N ARG B 146 -2.15 -27.95 -67.26
CA ARG B 146 -1.59 -26.62 -67.44
C ARG B 146 -2.67 -25.60 -67.75
N ALA B 147 -3.50 -25.94 -68.74
CA ALA B 147 -4.53 -25.04 -69.24
C ALA B 147 -5.52 -24.65 -68.15
N THR B 148 -5.66 -25.50 -67.14
CA THR B 148 -6.59 -25.24 -66.04
C THR B 148 -6.02 -24.14 -65.16
N ALA B 149 -4.71 -24.07 -65.12
CA ALA B 149 -4.04 -23.06 -64.31
C ALA B 149 -4.20 -21.68 -64.93
N MET B 150 -4.39 -21.66 -66.25
CA MET B 150 -4.53 -20.40 -66.99
C MET B 150 -5.85 -19.71 -66.66
N LEU B 151 -6.86 -20.49 -66.27
CA LEU B 151 -8.18 -19.92 -66.03
C LEU B 151 -8.31 -19.17 -64.72
N GLY B 152 -7.25 -19.11 -63.94
CA GLY B 152 -7.30 -18.39 -62.67
C GLY B 152 -6.23 -17.34 -62.58
N THR B 153 -5.91 -16.91 -61.36
CA THR B 153 -4.83 -15.96 -61.15
C THR B 153 -3.53 -16.70 -61.46
N HIS B 154 -2.78 -16.20 -62.43
CA HIS B 154 -1.58 -16.88 -62.88
C HIS B 154 -0.69 -15.92 -63.66
N VAL B 155 0.61 -16.22 -63.68
CA VAL B 155 1.54 -15.35 -64.40
C VAL B 155 2.47 -16.16 -65.30
N ILE B 156 2.42 -15.86 -66.59
CA ILE B 156 3.30 -16.50 -67.55
C ILE B 156 4.67 -15.86 -67.44
N TRP B 157 5.66 -16.65 -67.04
CA TRP B 157 7.03 -16.19 -66.86
C TRP B 157 7.87 -16.54 -68.08
N ASP B 158 8.40 -15.51 -68.74
CA ASP B 158 9.32 -15.72 -69.85
C ASP B 158 10.73 -15.39 -69.38
N PHE B 159 11.72 -15.99 -70.00
CA PHE B 159 13.10 -15.73 -69.62
C PHE B 159 13.68 -14.56 -70.42
N GLY B 160 12.80 -13.80 -71.07
CA GLY B 160 13.18 -12.51 -71.62
C GLY B 160 13.30 -11.49 -70.51
N LEU B 161 12.30 -11.48 -69.62
CA LEU B 161 12.39 -10.72 -68.38
C LEU B 161 13.13 -11.63 -67.40
N GLN B 162 14.43 -11.73 -67.67
CA GLN B 162 15.36 -12.63 -67.00
C GLN B 162 15.46 -12.49 -65.48
N SER B 163 15.57 -11.25 -65.00
CA SER B 163 15.97 -10.98 -63.62
C SER B 163 15.17 -11.82 -62.63
N SER B 164 13.87 -11.58 -62.55
CA SER B 164 13.00 -12.35 -61.68
C SER B 164 11.55 -12.04 -61.98
N VAL B 165 10.65 -12.69 -61.25
CA VAL B 165 9.22 -12.51 -61.44
C VAL B 165 8.58 -12.69 -60.07
N THR B 166 7.78 -11.72 -59.67
CA THR B 166 7.26 -11.69 -58.31
C THR B 166 5.83 -12.18 -58.23
N LEU B 167 5.60 -13.18 -57.39
CA LEU B 167 4.25 -13.69 -57.18
C LEU B 167 3.79 -13.30 -55.79
N VAL B 168 2.70 -12.55 -55.73
CA VAL B 168 2.17 -12.08 -54.46
C VAL B 168 0.91 -12.85 -54.09
N ILE B 169 1.01 -13.69 -53.07
CA ILE B 169 -0.17 -14.40 -52.57
C ILE B 169 -0.93 -13.51 -51.58
N PRO B 170 -2.20 -13.21 -51.91
CA PRO B 170 -3.08 -12.23 -51.26
C PRO B 170 -3.31 -12.44 -49.77
N TRP B 171 -3.76 -13.63 -49.39
CA TRP B 171 -4.11 -13.86 -48.00
C TRP B 171 -4.01 -15.31 -47.59
N ILE B 172 -3.34 -15.54 -46.47
CA ILE B 172 -3.26 -16.84 -45.83
C ILE B 172 -3.42 -16.62 -44.34
N SER B 173 -4.08 -17.55 -43.66
CA SER B 173 -4.31 -17.40 -42.23
C SER B 173 -4.25 -18.75 -41.54
N ASN B 174 -3.98 -18.71 -40.25
CA ASN B 174 -3.96 -19.90 -39.42
C ASN B 174 -5.13 -19.93 -38.46
N THR B 175 -6.08 -20.83 -38.70
CA THR B 175 -7.18 -20.98 -37.76
C THR B 175 -7.26 -22.44 -37.33
N HIS B 176 -6.23 -22.90 -36.63
CA HIS B 176 -6.20 -24.25 -36.09
C HIS B 176 -7.14 -24.40 -34.91
N TYR B 189 -4.36 -29.70 -42.90
CA TYR B 189 -5.56 -28.99 -43.36
C TYR B 189 -5.43 -28.66 -44.84
N THR B 190 -6.17 -27.66 -45.31
CA THR B 190 -6.02 -27.20 -46.68
C THR B 190 -5.72 -25.70 -46.76
N THR B 191 -4.73 -25.37 -47.57
CA THR B 191 -4.31 -23.98 -47.75
C THR B 191 -4.18 -23.67 -49.24
N GLY B 192 -3.66 -22.48 -49.55
CA GLY B 192 -3.42 -22.12 -50.94
C GLY B 192 -2.33 -22.99 -51.54
N LEU B 193 -2.34 -23.14 -52.86
CA LEU B 193 -1.30 -23.88 -53.57
C LEU B 193 -0.75 -23.03 -54.71
N VAL B 194 0.57 -23.00 -54.84
CA VAL B 194 1.19 -22.39 -56.01
C VAL B 194 1.82 -23.48 -56.86
N SER B 195 1.45 -23.51 -58.14
CA SER B 195 1.94 -24.51 -59.05
C SER B 195 2.68 -23.87 -60.22
N ILE B 196 3.82 -24.43 -60.58
CA ILE B 196 4.62 -23.90 -61.67
C ILE B 196 4.62 -24.89 -62.82
N TRP B 197 4.17 -24.43 -63.99
CA TRP B 197 3.96 -25.31 -65.12
C TRP B 197 4.85 -25.00 -66.30
N TYR B 198 5.18 -26.04 -67.05
CA TYR B 198 5.84 -25.87 -68.33
C TYR B 198 4.86 -25.25 -69.30
N GLN B 199 4.94 -23.94 -69.52
CA GLN B 199 4.18 -23.36 -70.61
C GLN B 199 4.83 -23.92 -71.86
N THR B 200 6.16 -23.88 -71.86
CA THR B 200 6.92 -24.60 -72.85
C THR B 200 8.25 -25.12 -72.32
N ASN B 201 8.85 -26.00 -73.10
CA ASN B 201 10.13 -26.61 -72.76
C ASN B 201 11.29 -25.62 -72.69
N TYR B 202 12.36 -26.06 -72.05
CA TYR B 202 13.57 -25.26 -71.91
C TYR B 202 14.44 -25.37 -73.15
N VAL B 203 14.31 -24.41 -74.06
CA VAL B 203 15.08 -24.48 -75.29
C VAL B 203 16.44 -23.80 -75.13
N VAL B 204 17.47 -24.48 -75.64
CA VAL B 204 18.83 -23.97 -75.57
C VAL B 204 19.54 -24.27 -76.87
N PRO B 205 20.47 -23.38 -77.26
CA PRO B 205 21.35 -23.64 -78.40
C PRO B 205 22.46 -24.58 -77.95
N ILE B 206 23.39 -24.89 -78.85
CA ILE B 206 24.49 -25.77 -78.49
C ILE B 206 25.38 -25.01 -77.50
N GLY B 207 25.94 -25.72 -76.54
CA GLY B 207 26.83 -25.10 -75.57
C GLY B 207 26.16 -24.71 -74.26
N ALA B 208 24.84 -24.79 -74.22
CA ALA B 208 24.11 -24.49 -73.00
C ALA B 208 23.68 -25.80 -72.36
N PRO B 209 23.78 -25.89 -71.03
CA PRO B 209 23.35 -27.10 -70.34
C PRO B 209 21.86 -27.37 -70.59
N ASN B 210 21.54 -28.61 -70.97
CA ASN B 210 20.16 -28.98 -71.26
C ASN B 210 19.29 -29.02 -70.01
N THR B 211 19.87 -28.67 -68.87
CA THR B 211 19.14 -28.63 -67.61
C THR B 211 19.60 -27.41 -66.82
N ALA B 212 18.64 -26.72 -66.21
CA ALA B 212 18.95 -25.50 -65.47
C ALA B 212 18.26 -25.49 -64.12
N TYR B 213 18.60 -24.51 -63.30
CA TYR B 213 18.16 -24.50 -61.91
C TYR B 213 17.53 -23.16 -61.53
N ILE B 214 16.54 -23.21 -60.63
CA ILE B 214 15.87 -22.00 -60.16
C ILE B 214 15.87 -21.91 -58.63
N ILE B 215 16.09 -20.71 -58.10
CA ILE B 215 15.99 -20.47 -56.67
C ILE B 215 14.74 -19.67 -56.34
N ALA B 216 13.96 -20.14 -55.38
CA ALA B 216 12.77 -19.45 -54.94
C ALA B 216 13.01 -18.91 -53.54
N LEU B 217 12.84 -17.61 -53.37
CA LEU B 217 12.99 -16.97 -52.06
C LEU B 217 11.79 -16.08 -51.74
N ALA B 218 11.38 -16.09 -50.47
CA ALA B 218 10.14 -15.44 -50.09
C ALA B 218 10.27 -14.56 -48.85
N ALA B 219 9.21 -13.79 -48.58
CA ALA B 219 9.14 -12.92 -47.43
C ALA B 219 7.70 -12.47 -47.22
N ALA B 220 7.49 -11.59 -46.25
CA ALA B 220 6.16 -11.11 -45.93
C ALA B 220 6.03 -9.60 -46.15
N GLN B 221 4.85 -9.16 -46.57
CA GLN B 221 4.58 -7.75 -46.79
C GLN B 221 4.21 -7.02 -45.50
N LYS B 222 3.66 -5.80 -45.63
CA LYS B 222 3.50 -4.90 -44.51
C LYS B 222 2.29 -5.30 -43.69
N ASN B 223 1.44 -6.12 -44.30
CA ASN B 223 0.22 -6.55 -43.65
C ASN B 223 0.45 -7.81 -42.83
N PHE B 224 1.66 -8.34 -42.88
CA PHE B 224 1.93 -9.55 -42.12
C PHE B 224 1.98 -9.23 -40.64
N THR B 225 1.16 -9.94 -39.88
CA THR B 225 1.09 -9.76 -38.44
C THR B 225 1.12 -11.14 -37.80
N MET B 226 1.48 -11.20 -36.53
CA MET B 226 1.57 -12.49 -35.84
C MET B 226 0.83 -12.45 -34.50
N GLN B 227 0.59 -13.63 -33.93
CA GLN B 227 -0.23 -13.75 -32.72
C GLN B 227 0.61 -13.84 -31.47
N LEU B 228 0.13 -14.68 -30.56
CA LEU B 228 0.73 -14.94 -29.26
C LEU B 228 2.01 -15.78 -29.37
N CYS B 229 2.92 -15.56 -28.42
CA CYS B 229 4.18 -16.28 -28.40
C CYS B 229 3.93 -17.77 -28.15
N LYS B 230 4.70 -18.60 -28.84
CA LYS B 230 4.58 -20.05 -28.82
C LYS B 230 5.96 -20.68 -28.96
N ASP B 231 6.28 -21.64 -28.10
CA ASP B 231 7.61 -22.23 -28.13
C ASP B 231 7.61 -23.71 -28.45
N ALA B 232 8.49 -24.09 -29.37
CA ALA B 232 8.70 -25.48 -29.80
C ALA B 232 9.99 -25.53 -30.59
N SER B 233 11.03 -26.13 -30.03
CA SER B 233 12.34 -26.05 -30.65
C SER B 233 12.88 -27.40 -31.16
N ASP B 234 14.19 -27.58 -31.00
CA ASP B 234 14.91 -28.66 -31.65
C ASP B 234 15.91 -29.29 -30.70
N ILE B 235 16.40 -28.47 -29.78
CA ILE B 235 17.56 -28.77 -28.98
C ILE B 235 17.26 -29.53 -27.69
N LEU B 236 18.27 -30.21 -27.17
CA LEU B 236 18.12 -31.03 -25.97
C LEU B 236 19.42 -31.02 -25.16
N LEU C 85 33.90 6.52 -57.40
CA LEU C 85 35.02 6.21 -56.51
C LEU C 85 36.35 6.29 -57.25
N THR C 86 37.04 7.42 -57.09
CA THR C 86 38.37 7.58 -57.67
C THR C 86 39.38 7.70 -56.52
N ILE C 87 39.36 6.73 -55.62
CA ILE C 87 40.24 6.73 -54.45
C ILE C 87 41.02 5.43 -54.36
N GLY C 88 42.29 5.49 -54.78
CA GLY C 88 43.18 4.35 -54.79
C GLY C 88 43.97 4.38 -56.07
N ASN C 89 44.55 3.25 -56.45
CA ASN C 89 45.31 3.16 -57.70
C ASN C 89 44.42 2.88 -58.89
N SER C 90 44.37 1.63 -59.33
CA SER C 90 43.56 1.33 -60.50
C SER C 90 42.25 0.64 -60.17
N THR C 91 41.18 1.11 -60.82
CA THR C 91 39.84 0.58 -60.64
C THR C 91 39.53 -0.36 -61.80
N ILE C 92 38.27 -0.80 -61.90
CA ILE C 92 37.81 -1.49 -63.09
C ILE C 92 36.50 -0.86 -63.55
N THR C 93 36.49 -0.33 -64.76
CA THR C 93 35.32 0.42 -65.21
C THR C 93 34.23 -0.57 -65.57
N THR C 94 33.00 -0.26 -65.19
CA THR C 94 31.87 -1.14 -65.44
C THR C 94 30.71 -0.28 -65.93
N GLN C 95 29.70 -0.89 -66.53
CA GLN C 95 28.47 -0.16 -66.84
C GLN C 95 27.60 -0.19 -65.58
N GLU C 96 28.25 -0.60 -64.49
CA GLU C 96 27.73 -0.71 -63.13
C GLU C 96 26.27 -0.36 -62.90
N ALA C 97 25.43 -1.39 -63.00
CA ALA C 97 24.04 -1.32 -62.56
C ALA C 97 24.04 -1.06 -61.06
N ALA C 98 22.90 -0.73 -60.50
CA ALA C 98 22.84 -0.35 -59.09
C ALA C 98 23.19 -1.52 -58.17
N ASN C 99 24.40 -2.04 -58.34
CA ASN C 99 24.92 -3.12 -57.52
C ASN C 99 25.47 -2.58 -56.21
N ILE C 100 25.28 -1.29 -55.99
CA ILE C 100 25.80 -0.64 -54.80
C ILE C 100 24.84 -0.96 -53.64
N ILE C 101 25.41 -1.35 -52.52
CA ILE C 101 24.60 -1.75 -51.37
C ILE C 101 25.39 -1.60 -50.09
N VAL C 102 24.85 -0.83 -49.15
CA VAL C 102 25.55 -0.48 -47.93
C VAL C 102 25.13 -1.39 -46.77
N GLY C 103 26.06 -1.67 -45.88
CA GLY C 103 25.79 -2.48 -44.70
C GLY C 103 24.73 -1.88 -43.81
N TYR C 104 23.56 -2.50 -43.77
CA TYR C 104 22.50 -2.16 -42.81
C TYR C 104 21.94 -0.76 -43.01
N GLY C 105 22.40 -0.07 -44.04
CA GLY C 105 21.82 1.20 -44.42
C GLY C 105 22.60 2.43 -44.04
N GLU C 106 23.78 2.25 -43.44
CA GLU C 106 24.62 3.41 -43.12
C GLU C 106 26.04 3.25 -43.63
N TRP C 107 26.50 4.29 -44.32
CA TRP C 107 27.83 4.39 -44.89
C TRP C 107 28.95 4.30 -43.86
N PRO C 108 30.16 3.88 -44.29
CA PRO C 108 31.28 3.85 -43.36
C PRO C 108 31.64 5.25 -42.84
N SER C 109 31.64 5.38 -41.52
CA SER C 109 31.95 6.66 -40.89
C SER C 109 33.29 6.60 -40.16
N TYR C 110 33.74 7.75 -39.65
CA TYR C 110 34.94 7.79 -38.82
C TYR C 110 34.62 7.64 -37.35
N CYS C 111 35.57 8.00 -36.51
CA CYS C 111 35.41 7.95 -35.07
C CYS C 111 35.08 9.33 -34.49
N SER C 112 34.09 9.38 -33.60
CA SER C 112 33.73 10.62 -32.92
C SER C 112 34.55 10.73 -31.63
N ASP C 113 35.56 11.59 -31.65
CA ASP C 113 36.51 11.68 -30.54
C ASP C 113 36.70 13.12 -30.07
N SER C 114 35.68 13.69 -29.43
CA SER C 114 35.84 14.93 -28.70
C SER C 114 35.47 14.77 -27.23
N ASP C 115 35.78 13.60 -26.67
CA ASP C 115 35.59 13.33 -25.25
C ASP C 115 36.93 12.84 -24.69
N ALA C 116 36.90 11.70 -24.02
CA ALA C 116 38.09 11.08 -23.47
C ALA C 116 38.06 9.58 -23.79
N THR C 117 37.91 9.29 -25.08
CA THR C 117 37.89 7.92 -25.58
C THR C 117 39.31 7.49 -25.88
N ALA C 118 40.13 8.47 -26.28
CA ALA C 118 41.54 8.28 -26.51
C ALA C 118 42.20 9.65 -26.37
N VAL C 119 43.17 9.77 -25.46
CA VAL C 119 43.82 11.07 -25.26
C VAL C 119 44.79 11.34 -26.41
N ASP C 120 45.42 10.30 -26.94
CA ASP C 120 46.15 10.42 -28.19
C ASP C 120 45.12 10.36 -29.32
N LYS C 121 45.28 11.21 -30.33
CA LYS C 121 44.34 11.22 -31.44
C LYS C 121 44.98 10.72 -32.72
N PRO C 122 44.65 9.48 -33.13
CA PRO C 122 45.14 8.94 -34.40
C PRO C 122 44.68 9.78 -35.60
N THR C 123 45.60 10.02 -36.54
CA THR C 123 45.31 10.82 -37.72
C THR C 123 45.65 10.03 -38.98
N ARG C 124 44.74 10.05 -39.95
CA ARG C 124 44.89 9.22 -41.14
C ARG C 124 44.04 9.73 -42.30
N PRO C 125 44.69 10.16 -43.39
CA PRO C 125 44.06 10.47 -44.68
C PRO C 125 43.49 9.25 -45.41
N ASP C 126 42.62 9.50 -46.39
CA ASP C 126 41.85 8.46 -47.07
C ASP C 126 42.50 7.63 -48.19
N VAL C 127 43.65 8.04 -48.72
CA VAL C 127 44.16 7.30 -49.88
C VAL C 127 45.58 6.74 -49.68
N SER C 128 46.16 7.02 -48.51
CA SER C 128 47.46 6.47 -48.14
C SER C 128 47.47 4.94 -48.19
N VAL C 129 46.54 4.31 -47.48
CA VAL C 129 46.55 2.87 -47.29
C VAL C 129 45.29 2.23 -47.90
N ASN C 130 44.42 3.05 -48.46
CA ASN C 130 43.21 2.53 -49.10
C ASN C 130 43.51 2.11 -50.52
N ARG C 131 44.62 1.41 -50.69
CA ARG C 131 44.99 0.85 -51.98
C ARG C 131 44.03 -0.30 -52.26
N PHE C 132 43.80 -0.61 -53.52
CA PHE C 132 42.92 -1.71 -53.86
C PHE C 132 43.60 -3.06 -53.66
N TYR C 133 43.47 -3.61 -52.46
CA TYR C 133 44.06 -4.90 -52.20
C TYR C 133 43.16 -5.98 -52.77
N THR C 134 43.62 -6.55 -53.88
CA THR C 134 42.90 -7.62 -54.55
C THR C 134 43.58 -8.93 -54.22
N LEU C 135 42.86 -9.83 -53.58
CA LEU C 135 43.45 -11.11 -53.20
C LEU C 135 43.74 -11.89 -54.47
N ASP C 136 44.31 -13.07 -54.35
CA ASP C 136 44.52 -13.87 -55.55
C ASP C 136 43.17 -14.37 -56.03
N THR C 137 43.02 -14.53 -57.34
CA THR C 137 41.74 -14.89 -57.91
C THR C 137 41.55 -16.38 -57.80
N LYS C 138 40.34 -16.77 -57.45
CA LYS C 138 40.04 -18.16 -57.18
C LYS C 138 39.11 -18.78 -58.21
N LEU C 139 39.14 -20.10 -58.26
CA LEU C 139 38.44 -20.84 -59.28
C LEU C 139 37.11 -21.31 -58.71
N TRP C 140 36.17 -21.61 -59.59
CA TRP C 140 34.84 -22.03 -59.17
C TRP C 140 34.47 -23.26 -59.99
N GLU C 141 34.61 -24.43 -59.38
CA GLU C 141 34.27 -25.66 -60.08
C GLU C 141 32.87 -26.11 -59.70
N LYS C 142 32.41 -27.18 -60.34
CA LYS C 142 31.08 -27.71 -60.05
C LYS C 142 30.97 -28.31 -58.66
N SER C 143 32.07 -28.87 -58.17
CA SER C 143 32.08 -29.53 -56.88
C SER C 143 32.48 -28.55 -55.78
N SER C 144 32.47 -27.27 -56.12
CA SER C 144 32.80 -26.23 -55.15
C SER C 144 31.65 -26.10 -54.17
N LYS C 145 31.98 -25.75 -52.94
CA LYS C 145 30.99 -25.72 -51.87
C LYS C 145 31.05 -24.41 -51.10
N GLY C 146 31.68 -23.41 -51.69
CA GLY C 146 31.67 -22.09 -51.10
C GLY C 146 32.94 -21.76 -50.35
N TRP C 147 33.23 -20.47 -50.26
CA TRP C 147 34.42 -20.03 -49.54
C TRP C 147 34.13 -18.84 -48.66
N TYR C 148 34.98 -18.61 -47.67
CA TYR C 148 34.80 -17.51 -46.75
C TYR C 148 36.11 -16.78 -46.51
N TRP C 149 36.02 -15.53 -46.08
CA TRP C 149 37.18 -14.79 -45.62
C TRP C 149 36.90 -14.07 -44.31
N LYS C 150 37.96 -13.71 -43.60
CA LYS C 150 37.86 -12.83 -42.44
C LYS C 150 38.65 -11.56 -42.76
N PHE C 151 38.17 -10.40 -42.35
CA PHE C 151 38.74 -9.16 -42.87
C PHE C 151 39.86 -8.55 -42.02
N PRO C 152 39.73 -8.53 -40.68
CA PRO C 152 40.90 -8.00 -39.98
C PRO C 152 42.10 -8.90 -40.23
N ASP C 153 41.84 -10.18 -40.40
CA ASP C 153 42.86 -11.15 -40.73
C ASP C 153 43.55 -10.97 -42.07
N VAL C 154 42.74 -10.88 -43.13
CA VAL C 154 43.21 -11.05 -44.52
C VAL C 154 44.50 -10.27 -44.83
N LEU C 155 44.74 -9.21 -44.07
CA LEU C 155 45.96 -8.45 -44.15
C LEU C 155 46.97 -8.88 -43.08
N THR C 156 48.03 -9.57 -43.50
CA THR C 156 49.07 -10.03 -42.58
C THR C 156 50.45 -9.67 -43.12
N GLU C 157 50.92 -10.42 -44.12
CA GLU C 157 52.04 -10.00 -44.95
C GLU C 157 51.37 -9.35 -46.16
N THR C 158 50.09 -9.03 -46.01
CA THR C 158 49.30 -8.52 -47.11
C THR C 158 49.22 -7.00 -47.04
N GLY C 159 49.89 -6.35 -47.98
CA GLY C 159 49.87 -4.91 -48.13
C GLY C 159 50.57 -4.12 -47.04
N VAL C 160 50.70 -2.82 -47.26
CA VAL C 160 51.28 -1.90 -46.29
C VAL C 160 50.32 -1.74 -45.12
N PHE C 161 49.10 -2.25 -45.29
CA PHE C 161 48.11 -2.26 -44.23
C PHE C 161 48.58 -3.23 -43.14
N GLY C 162 49.07 -4.40 -43.57
CA GLY C 162 49.51 -5.42 -42.64
C GLY C 162 50.81 -5.01 -41.97
N GLN C 163 51.61 -4.22 -42.68
CA GLN C 163 52.83 -3.66 -42.12
C GLN C 163 52.45 -2.56 -41.13
N ASN C 164 51.16 -2.23 -41.11
CA ASN C 164 50.64 -1.17 -40.28
C ASN C 164 49.74 -1.73 -39.17
N ALA C 165 48.95 -2.74 -39.49
CA ALA C 165 47.99 -3.28 -38.53
C ALA C 165 48.62 -4.24 -37.52
N GLN C 166 49.75 -4.85 -37.88
CA GLN C 166 50.42 -5.82 -37.01
C GLN C 166 51.22 -5.16 -35.89
N PHE C 167 51.81 -4.01 -36.19
CA PHE C 167 52.63 -3.28 -35.23
C PHE C 167 51.80 -2.33 -34.40
N HIS C 168 50.61 -2.00 -34.90
CA HIS C 168 49.75 -1.04 -34.25
C HIS C 168 49.02 -1.68 -33.06
N TYR C 169 48.74 -0.86 -32.06
CA TYR C 169 48.09 -1.33 -30.82
C TYR C 169 46.64 -1.79 -31.00
N LEU C 170 45.84 -0.98 -31.69
CA LEU C 170 44.42 -1.23 -31.84
C LEU C 170 43.97 -0.91 -33.25
N TYR C 171 42.87 -1.49 -33.71
CA TYR C 171 42.49 -1.36 -35.11
C TYR C 171 41.00 -1.05 -35.30
N ARG C 172 40.69 -0.34 -36.38
CA ARG C 172 39.31 -0.06 -36.79
C ARG C 172 39.26 0.47 -38.21
N SER C 173 38.32 -0.05 -39.01
CA SER C 173 38.18 0.37 -40.41
C SER C 173 36.89 -0.13 -41.04
N GLY C 174 36.42 0.58 -42.06
CA GLY C 174 35.30 0.12 -42.87
C GLY C 174 35.83 -0.43 -44.18
N PHE C 175 34.99 -1.08 -44.97
CA PHE C 175 35.46 -1.67 -46.22
C PHE C 175 34.52 -1.46 -47.41
N CYS C 176 35.10 -1.42 -48.61
CA CYS C 176 34.32 -1.46 -49.85
C CYS C 176 34.86 -2.59 -50.73
N ILE C 177 34.13 -3.69 -50.82
CA ILE C 177 34.62 -4.85 -51.55
C ILE C 177 33.77 -5.16 -52.78
N HIS C 178 34.46 -5.49 -53.87
CA HIS C 178 33.82 -5.70 -55.16
C HIS C 178 34.16 -7.11 -55.65
N VAL C 179 33.18 -7.99 -55.58
CA VAL C 179 33.37 -9.36 -56.04
C VAL C 179 32.96 -9.50 -57.51
N GLN C 180 33.94 -9.85 -58.34
CA GLN C 180 33.71 -9.93 -59.76
C GLN C 180 34.14 -11.30 -60.27
N CYS C 181 33.26 -11.92 -61.04
CA CYS C 181 33.60 -13.19 -61.65
C CYS C 181 33.49 -13.00 -63.16
N ASN C 182 34.47 -13.52 -63.88
CA ASN C 182 34.48 -13.38 -65.33
C ASN C 182 34.09 -14.70 -65.94
N ALA C 183 32.95 -14.71 -66.61
CA ALA C 183 32.46 -15.93 -67.23
C ALA C 183 31.81 -15.65 -68.56
N SER C 184 31.50 -16.72 -69.27
CA SER C 184 30.90 -16.62 -70.58
C SER C 184 29.40 -16.42 -70.47
N LYS C 185 28.78 -16.07 -71.59
CA LYS C 185 27.32 -15.97 -71.64
C LYS C 185 26.80 -17.39 -71.87
N PHE C 186 27.73 -18.35 -71.83
CA PHE C 186 27.42 -19.76 -71.96
C PHE C 186 27.53 -20.53 -70.65
N HIS C 187 28.16 -19.94 -69.64
CA HIS C 187 28.25 -20.59 -68.35
C HIS C 187 27.08 -20.13 -67.49
N GLN C 188 26.59 -21.01 -66.63
CA GLN C 188 25.49 -20.67 -65.74
C GLN C 188 25.77 -21.19 -64.34
N GLY C 189 25.29 -20.47 -63.34
CA GLY C 189 25.51 -20.84 -61.95
C GLY C 189 24.84 -19.78 -61.10
N ALA C 190 25.00 -19.88 -59.79
CA ALA C 190 24.35 -18.92 -58.91
C ALA C 190 25.18 -18.68 -57.66
N LEU C 191 25.60 -17.43 -57.48
CA LEU C 191 26.38 -17.07 -56.31
C LEU C 191 25.64 -16.15 -55.35
N LEU C 192 25.98 -16.28 -54.07
CA LEU C 192 25.51 -15.38 -53.04
C LEU C 192 26.69 -14.79 -52.30
N VAL C 193 27.10 -13.59 -52.70
CA VAL C 193 28.11 -12.88 -51.92
C VAL C 193 27.39 -12.28 -50.74
N ALA C 194 27.82 -12.67 -49.54
CA ALA C 194 27.15 -12.24 -48.33
C ALA C 194 28.16 -11.86 -47.28
N VAL C 195 27.72 -11.03 -46.36
CA VAL C 195 28.58 -10.46 -45.35
C VAL C 195 28.05 -10.83 -43.97
N LEU C 196 28.93 -11.31 -43.10
CA LEU C 196 28.50 -11.74 -41.78
C LEU C 196 29.49 -11.23 -40.74
N PRO C 197 28.96 -10.49 -39.75
CA PRO C 197 29.74 -9.87 -38.68
C PRO C 197 30.59 -10.86 -37.91
N GLU C 198 29.99 -11.54 -36.93
CA GLU C 198 30.76 -12.39 -36.06
C GLU C 198 30.77 -13.81 -36.61
N TYR C 199 31.89 -14.23 -37.18
CA TYR C 199 31.92 -15.51 -37.85
C TYR C 199 32.73 -16.55 -37.07
N VAL C 200 32.03 -17.29 -36.22
CA VAL C 200 32.63 -18.38 -35.46
C VAL C 200 32.25 -19.68 -36.17
N ILE C 201 33.20 -20.24 -36.91
CA ILE C 201 32.88 -21.24 -37.92
C ILE C 201 33.01 -22.70 -37.47
N GLY C 202 32.99 -22.96 -36.16
CA GLY C 202 32.94 -24.33 -35.69
C GLY C 202 34.15 -24.78 -34.88
N THR C 203 34.65 -25.98 -35.12
CA THR C 203 34.11 -26.94 -36.10
C THR C 203 34.06 -28.32 -35.46
N VAL C 204 33.66 -29.33 -36.21
CA VAL C 204 33.65 -30.69 -35.67
C VAL C 204 34.44 -31.69 -36.53
N ALA C 205 34.74 -32.85 -35.94
CA ALA C 205 35.49 -33.90 -36.61
C ALA C 205 34.62 -35.15 -36.70
N GLY C 206 35.21 -36.30 -36.37
CA GLY C 206 34.48 -37.55 -36.30
C GLY C 206 33.64 -37.68 -35.04
N GLY C 207 34.28 -38.19 -33.98
CA GLY C 207 33.60 -38.42 -32.72
C GLY C 207 34.53 -38.41 -31.52
N THR C 208 34.63 -39.56 -30.85
CA THR C 208 35.46 -39.70 -29.65
C THR C 208 36.45 -40.86 -29.87
N GLY C 209 36.82 -41.07 -31.13
CA GLY C 209 37.73 -42.14 -31.49
C GLY C 209 39.20 -41.90 -31.19
N THR C 210 39.72 -40.75 -31.61
CA THR C 210 41.12 -40.44 -31.37
C THR C 210 41.32 -39.19 -30.52
N GLU C 211 40.64 -38.10 -30.89
CA GLU C 211 40.66 -36.87 -30.11
C GLU C 211 39.24 -36.33 -30.03
N ASP C 212 38.95 -35.47 -29.05
CA ASP C 212 37.57 -35.05 -28.86
C ASP C 212 37.32 -33.68 -29.48
N SER C 213 38.35 -32.85 -29.55
CA SER C 213 38.21 -31.54 -30.16
C SER C 213 39.38 -31.15 -31.05
N HIS C 214 39.97 -30.00 -30.73
CA HIS C 214 41.02 -29.36 -31.53
C HIS C 214 40.51 -28.85 -32.88
N PRO C 215 39.81 -27.70 -32.86
CA PRO C 215 39.50 -26.97 -34.09
C PRO C 215 40.77 -26.27 -34.55
N PRO C 216 40.89 -26.05 -35.86
CA PRO C 216 42.22 -25.70 -36.35
C PRO C 216 42.74 -24.30 -36.05
N TYR C 217 44.06 -24.20 -35.96
CA TYR C 217 44.77 -22.94 -35.78
C TYR C 217 44.57 -22.11 -37.02
N LYS C 218 44.47 -22.80 -38.16
CA LYS C 218 44.43 -22.12 -39.44
C LYS C 218 42.98 -21.80 -39.75
N GLN C 219 42.11 -22.06 -38.78
CA GLN C 219 40.75 -21.55 -38.85
C GLN C 219 40.89 -20.03 -38.86
N THR C 220 41.70 -19.54 -37.93
CA THR C 220 42.08 -18.13 -37.94
C THR C 220 43.31 -18.00 -38.83
N GLN C 221 43.71 -16.77 -39.09
CA GLN C 221 44.73 -16.49 -40.09
C GLN C 221 44.49 -17.22 -41.42
N PRO C 222 43.27 -17.14 -41.98
CA PRO C 222 43.17 -17.72 -43.32
C PRO C 222 43.83 -16.83 -44.37
N GLY C 223 44.73 -17.39 -45.16
CA GLY C 223 45.40 -16.60 -46.17
C GLY C 223 44.47 -16.16 -47.27
N ALA C 224 44.96 -15.29 -48.15
CA ALA C 224 44.16 -14.78 -49.26
C ALA C 224 43.62 -15.92 -50.11
N ASP C 225 44.46 -16.94 -50.29
CA ASP C 225 44.13 -18.12 -51.07
C ASP C 225 42.92 -18.87 -50.49
N GLY C 226 42.96 -19.10 -49.19
CA GLY C 226 41.95 -19.86 -48.47
C GLY C 226 40.72 -19.07 -48.06
N PHE C 227 39.66 -19.77 -47.65
CA PHE C 227 39.65 -21.23 -47.56
C PHE C 227 38.31 -21.83 -47.97
N GLU C 228 38.32 -23.10 -48.36
CA GLU C 228 37.10 -23.83 -48.68
C GLU C 228 36.30 -24.13 -47.41
N LEU C 229 34.98 -24.15 -47.56
CA LEU C 229 34.10 -24.59 -46.48
C LEU C 229 34.12 -26.11 -46.40
N GLN C 230 33.30 -26.67 -45.51
CA GLN C 230 33.20 -28.12 -45.38
C GLN C 230 31.77 -28.57 -45.56
N HIS C 231 30.85 -27.85 -44.92
CA HIS C 231 29.43 -28.13 -45.05
C HIS C 231 28.70 -26.81 -45.29
N PRO C 232 28.55 -26.42 -46.57
CA PRO C 232 28.02 -25.11 -46.94
C PRO C 232 26.61 -24.86 -46.42
N TYR C 233 25.84 -25.93 -46.29
CA TYR C 233 24.47 -25.79 -45.83
C TYR C 233 24.43 -25.25 -44.42
N VAL C 234 25.47 -25.55 -43.64
CA VAL C 234 25.54 -25.09 -42.27
C VAL C 234 26.73 -24.16 -42.08
N LEU C 235 27.41 -23.83 -43.18
CA LEU C 235 28.56 -22.92 -43.16
C LEU C 235 29.63 -23.44 -42.22
N ASP C 236 29.61 -24.75 -41.99
CA ASP C 236 30.42 -25.35 -40.92
C ASP C 236 30.14 -24.66 -39.58
N ALA C 237 28.98 -24.01 -39.45
CA ALA C 237 28.72 -23.21 -38.26
C ALA C 237 27.38 -23.54 -37.61
N GLY C 238 26.70 -24.56 -38.11
CA GLY C 238 25.42 -24.99 -37.56
C GLY C 238 24.33 -23.97 -37.80
N ILE C 239 24.42 -23.26 -38.91
CA ILE C 239 23.50 -22.19 -39.24
C ILE C 239 23.23 -22.23 -40.75
N PRO C 240 21.94 -22.27 -41.15
CA PRO C 240 21.64 -22.48 -42.56
C PRO C 240 21.81 -21.24 -43.43
N ILE C 241 22.50 -21.36 -44.57
CA ILE C 241 22.55 -20.30 -45.57
C ILE C 241 21.17 -19.87 -46.05
N SER C 242 20.21 -20.77 -45.90
CA SER C 242 18.82 -20.51 -46.28
C SER C 242 18.31 -19.16 -45.80
N GLN C 243 18.90 -18.65 -44.72
CA GLN C 243 18.49 -17.39 -44.12
C GLN C 243 19.64 -16.39 -44.00
N LEU C 244 20.74 -16.64 -44.69
CA LEU C 244 21.90 -15.76 -44.64
C LEU C 244 21.58 -14.38 -45.20
N THR C 245 20.59 -14.33 -46.10
CA THR C 245 20.21 -13.09 -46.76
C THR C 245 19.72 -12.02 -45.80
N VAL C 246 19.50 -12.39 -44.54
CA VAL C 246 19.10 -11.42 -43.52
C VAL C 246 20.27 -10.49 -43.27
N CYS C 247 21.46 -10.94 -43.63
CA CYS C 247 22.65 -10.13 -43.55
C CYS C 247 22.82 -9.39 -44.87
N PRO C 248 23.59 -8.30 -44.87
CA PRO C 248 23.84 -7.60 -46.13
C PRO C 248 24.41 -8.56 -47.15
N HIS C 249 23.67 -8.76 -48.23
CA HIS C 249 24.02 -9.75 -49.23
C HIS C 249 23.89 -9.17 -50.62
N GLN C 250 24.29 -9.94 -51.62
CA GLN C 250 24.13 -9.52 -53.01
C GLN C 250 24.29 -10.71 -53.92
N TRP C 251 23.45 -10.80 -54.94
CA TRP C 251 23.44 -11.97 -55.81
C TRP C 251 24.30 -11.78 -57.04
N ILE C 252 24.93 -12.86 -57.49
CA ILE C 252 25.62 -12.89 -58.76
C ILE C 252 25.04 -13.99 -59.61
N ASN C 253 24.12 -13.62 -60.49
CA ASN C 253 23.55 -14.60 -61.41
C ASN C 253 24.20 -14.37 -62.76
N LEU C 254 24.86 -15.41 -63.27
CA LEU C 254 25.61 -15.33 -64.51
C LEU C 254 24.69 -15.13 -65.71
N ARG C 255 23.39 -15.19 -65.45
CA ARG C 255 22.37 -14.79 -66.41
C ARG C 255 22.44 -13.29 -66.61
N THR C 256 22.62 -12.57 -65.51
CA THR C 256 22.58 -11.11 -65.52
C THR C 256 23.91 -10.48 -65.11
N ASN C 257 24.15 -10.38 -63.81
CA ASN C 257 25.28 -9.63 -63.29
C ASN C 257 26.55 -10.47 -63.13
N ASN C 258 27.66 -9.92 -63.59
CA ASN C 258 28.97 -10.55 -63.39
C ASN C 258 29.71 -9.89 -62.25
N CYS C 259 29.14 -8.79 -61.75
CA CYS C 259 29.77 -8.02 -60.71
C CYS C 259 28.81 -7.77 -59.55
N ALA C 260 29.35 -7.81 -58.35
CA ALA C 260 28.60 -7.48 -57.15
C ALA C 260 29.54 -6.74 -56.23
N THR C 261 29.03 -5.71 -55.58
CA THR C 261 29.85 -4.87 -54.74
C THR C 261 29.12 -4.60 -53.44
N ILE C 262 29.76 -4.86 -52.31
CA ILE C 262 29.12 -4.65 -51.03
C ILE C 262 30.07 -3.89 -50.11
N ILE C 263 29.51 -2.89 -49.45
CA ILE C 263 30.28 -2.00 -48.59
C ILE C 263 29.87 -2.29 -47.16
N VAL C 264 30.85 -2.45 -46.29
CA VAL C 264 30.55 -2.73 -44.89
C VAL C 264 31.18 -1.71 -43.98
N PRO C 265 30.41 -1.26 -42.97
CA PRO C 265 30.96 -0.37 -41.95
C PRO C 265 31.61 -1.19 -40.85
N TYR C 266 32.07 -0.52 -39.81
CA TYR C 266 32.66 -1.22 -38.68
C TYR C 266 31.53 -1.71 -37.76
N ILE C 267 31.74 -2.87 -37.13
CA ILE C 267 30.68 -3.54 -36.37
C ILE C 267 31.25 -4.28 -35.16
N ASN C 268 31.22 -3.62 -34.00
CA ASN C 268 31.79 -4.22 -32.79
C ASN C 268 31.31 -3.55 -31.49
N ALA C 269 31.41 -4.28 -30.39
CA ALA C 269 30.99 -3.78 -29.08
C ALA C 269 31.85 -2.62 -28.61
N LEU C 270 33.15 -2.71 -28.85
CA LEU C 270 34.05 -1.62 -28.52
C LEU C 270 34.25 -0.76 -29.75
N PRO C 271 34.39 0.56 -29.56
CA PRO C 271 34.61 1.41 -30.73
C PRO C 271 36.01 1.20 -31.29
N PHE C 272 36.89 0.63 -30.47
CA PHE C 272 38.25 0.33 -30.93
C PHE C 272 38.73 -1.00 -30.34
N ASP C 273 38.94 -1.99 -31.22
CA ASP C 273 39.52 -3.26 -30.80
C ASP C 273 40.90 -3.50 -31.37
N SER C 274 41.47 -4.68 -31.09
CA SER C 274 42.76 -5.06 -31.64
C SER C 274 42.50 -5.79 -32.96
N ALA C 275 43.54 -5.97 -33.77
CA ALA C 275 43.32 -6.47 -35.12
C ALA C 275 43.43 -7.98 -35.29
N LEU C 276 44.66 -8.47 -35.44
CA LEU C 276 44.93 -9.85 -35.81
C LEU C 276 44.43 -10.90 -34.82
N ASN C 277 44.19 -10.49 -33.58
CA ASN C 277 43.72 -11.42 -32.56
C ASN C 277 42.21 -11.69 -32.66
N HIS C 278 41.46 -10.71 -33.19
CA HIS C 278 40.02 -10.90 -33.34
C HIS C 278 39.60 -10.51 -34.75
N CYS C 279 39.08 -11.50 -35.48
CA CYS C 279 38.57 -11.26 -36.82
C CYS C 279 37.13 -10.77 -36.71
N ASN C 280 36.98 -9.44 -36.71
CA ASN C 280 35.71 -8.77 -36.46
C ASN C 280 34.61 -9.12 -37.45
N PHE C 281 34.96 -9.82 -38.52
CA PHE C 281 34.14 -9.77 -39.71
C PHE C 281 34.42 -10.91 -40.68
N GLY C 282 33.37 -11.37 -41.37
CA GLY C 282 33.51 -12.47 -42.29
C GLY C 282 32.81 -12.22 -43.61
N LEU C 283 33.45 -12.67 -44.69
CA LEU C 283 32.93 -12.53 -46.04
C LEU C 283 32.61 -13.91 -46.61
N LEU C 284 31.43 -14.07 -47.20
CA LEU C 284 31.02 -15.37 -47.73
C LEU C 284 30.74 -15.35 -49.24
N VAL C 285 31.18 -16.42 -49.92
CA VAL C 285 30.90 -16.63 -51.33
C VAL C 285 30.32 -18.03 -51.50
N VAL C 286 29.00 -18.15 -51.47
CA VAL C 286 28.36 -19.47 -51.53
C VAL C 286 27.58 -19.65 -52.82
N PRO C 287 27.87 -20.75 -53.54
CA PRO C 287 27.15 -21.18 -54.73
C PRO C 287 25.83 -21.87 -54.36
N ILE C 288 24.77 -21.61 -55.11
CA ILE C 288 23.53 -22.35 -54.92
C ILE C 288 23.29 -23.25 -56.13
N SER C 289 23.42 -22.68 -57.32
CA SER C 289 23.44 -23.47 -58.54
C SER C 289 24.89 -23.75 -58.92
N PRO C 290 25.34 -24.99 -58.69
CA PRO C 290 26.76 -25.37 -58.64
C PRO C 290 27.48 -25.29 -59.98
N LEU C 291 27.06 -24.36 -60.85
CA LEU C 291 27.70 -24.07 -62.14
C LEU C 291 27.52 -25.21 -63.14
N ASP C 292 27.33 -24.86 -64.41
CA ASP C 292 27.24 -25.87 -65.45
C ASP C 292 27.65 -25.36 -66.81
N TYR C 293 28.56 -26.10 -67.43
CA TYR C 293 29.00 -25.86 -68.81
C TYR C 293 28.66 -27.09 -69.63
N ASP C 294 28.89 -27.04 -70.94
CA ASP C 294 28.54 -28.17 -71.79
C ASP C 294 29.80 -28.76 -72.44
N GLN C 295 30.95 -28.51 -71.82
CA GLN C 295 32.25 -29.06 -72.25
C GLN C 295 32.81 -28.44 -73.52
N GLY C 296 34.13 -28.25 -73.54
CA GLY C 296 34.78 -27.52 -74.61
C GLY C 296 34.94 -26.08 -74.16
N ALA C 297 34.41 -25.82 -72.97
CA ALA C 297 34.52 -24.52 -72.33
C ALA C 297 35.28 -24.66 -71.03
N THR C 298 36.09 -23.67 -70.70
CA THR C 298 36.93 -23.72 -69.51
C THR C 298 36.10 -24.02 -68.27
N PRO C 299 36.36 -25.17 -67.63
CA PRO C 299 35.55 -25.68 -66.51
C PRO C 299 35.81 -24.89 -65.24
N VAL C 300 36.80 -24.01 -65.30
CA VAL C 300 37.19 -23.15 -64.19
C VAL C 300 36.66 -21.73 -64.39
N ILE C 301 35.97 -21.22 -63.37
CA ILE C 301 35.48 -19.84 -63.40
C ILE C 301 36.11 -18.99 -62.31
N PRO C 302 36.76 -17.89 -62.71
CA PRO C 302 37.49 -16.93 -61.88
C PRO C 302 36.59 -16.05 -61.04
N ILE C 303 36.81 -16.03 -59.73
CA ILE C 303 36.15 -15.04 -58.88
C ILE C 303 37.20 -14.09 -58.31
N THR C 304 37.44 -12.98 -59.00
CA THR C 304 38.46 -12.04 -58.57
C THR C 304 37.90 -11.14 -57.48
N ILE C 305 38.58 -11.12 -56.35
CA ILE C 305 38.13 -10.30 -55.23
C ILE C 305 38.97 -9.03 -55.17
N THR C 306 38.31 -7.90 -54.96
CA THR C 306 38.98 -6.61 -54.87
C THR C 306 38.49 -5.89 -53.63
N LEU C 307 39.41 -5.44 -52.79
CA LEU C 307 39.05 -4.85 -51.51
C LEU C 307 39.47 -3.39 -51.44
N ALA C 308 38.69 -2.59 -50.73
CA ALA C 308 39.00 -1.19 -50.54
C ALA C 308 38.53 -0.77 -49.16
N PRO C 309 39.46 -0.73 -48.19
CA PRO C 309 39.18 -0.39 -46.80
C PRO C 309 39.03 1.11 -46.57
N MET C 310 37.84 1.55 -46.18
CA MET C 310 37.61 2.95 -45.84
C MET C 310 37.60 3.18 -44.33
N CYS C 311 37.78 4.44 -43.94
CA CYS C 311 37.72 4.85 -42.54
C CYS C 311 38.57 4.04 -41.58
N SER C 312 39.85 3.84 -41.93
CA SER C 312 40.81 3.18 -41.04
C SER C 312 41.11 4.04 -39.81
N GLU C 313 41.99 3.55 -38.95
CA GLU C 313 42.36 4.29 -37.75
C GLU C 313 43.77 3.99 -37.27
N PHE C 314 44.73 4.88 -37.56
CA PHE C 314 46.11 4.66 -37.13
C PHE C 314 46.90 5.95 -36.87
N ALA C 315 48.18 5.79 -36.54
CA ALA C 315 49.09 6.90 -36.29
C ALA C 315 50.56 6.47 -36.44
N GLY C 316 50.94 5.39 -35.76
CA GLY C 316 52.28 4.86 -35.83
C GLY C 316 52.84 4.39 -34.49
N LEU C 317 53.75 3.42 -34.51
CA LEU C 317 54.31 2.90 -33.27
C LEU C 317 55.77 2.43 -33.49
N ARG C 318 56.17 1.33 -32.87
CA ARG C 318 57.58 0.91 -32.90
C ARG C 318 57.82 -0.35 -33.72
N GLN C 319 59.04 -0.88 -33.63
CA GLN C 319 59.47 -1.98 -34.48
C GLN C 319 60.80 -2.58 -34.01
N SER D 72 24.85 21.76 19.26
CA SER D 72 23.50 21.26 19.46
C SER D 72 22.48 22.40 19.44
N HIS D 73 22.71 23.37 18.58
CA HIS D 73 21.89 24.58 18.58
C HIS D 73 20.50 24.28 18.01
N SER D 74 19.64 23.68 18.84
CA SER D 74 18.25 23.42 18.49
C SER D 74 17.47 23.05 19.76
N THR D 75 16.28 23.61 19.92
CA THR D 75 15.49 23.43 21.13
C THR D 75 14.44 22.32 20.99
N ALA D 76 14.61 21.46 19.99
CA ALA D 76 13.60 20.47 19.64
C ALA D 76 13.44 19.37 20.69
N GLU D 77 14.53 19.02 21.37
CA GLU D 77 14.49 17.96 22.36
C GLU D 77 14.04 18.50 23.72
N THR D 78 13.69 19.77 23.73
CA THR D 78 13.19 20.40 24.94
C THR D 78 11.71 20.72 24.79
N THR D 79 11.12 20.24 23.70
CA THR D 79 9.68 20.36 23.53
C THR D 79 9.03 19.38 24.49
N LEU D 80 7.83 19.70 24.97
CA LEU D 80 7.09 18.79 25.84
C LEU D 80 6.86 17.45 25.16
N ASP D 81 6.62 17.51 23.85
CA ASP D 81 6.28 16.34 23.08
C ASP D 81 7.48 15.40 23.07
N SER D 82 8.64 15.90 22.66
CA SER D 82 9.85 15.10 22.65
C SER D 82 10.20 14.60 24.05
N PHE D 83 9.83 15.37 25.07
CA PHE D 83 10.11 14.99 26.45
C PHE D 83 9.15 13.92 26.99
N PHE D 84 8.01 13.76 26.32
CA PHE D 84 6.98 12.86 26.84
C PHE D 84 6.65 11.72 25.87
N SER D 85 6.85 11.97 24.58
CA SER D 85 6.52 10.98 23.54
C SER D 85 7.43 9.75 23.57
N ARG D 86 6.98 8.71 24.26
CA ARG D 86 7.68 7.43 24.26
C ARG D 86 6.79 6.34 24.85
N ALA D 87 6.55 5.30 24.06
CA ALA D 87 5.75 4.19 24.54
C ALA D 87 6.47 3.53 25.72
N GLY D 88 5.87 3.65 26.90
CA GLY D 88 6.44 3.07 28.10
C GLY D 88 5.58 1.92 28.60
N LEU D 89 6.23 0.90 29.15
CA LEU D 89 5.50 -0.23 29.69
C LEU D 89 4.79 0.20 30.97
N VAL D 90 3.45 0.11 30.95
CA VAL D 90 2.66 0.52 32.10
C VAL D 90 1.75 -0.59 32.60
N GLY D 91 1.74 -1.71 31.89
CA GLY D 91 0.86 -2.80 32.25
C GLY D 91 1.45 -4.15 31.88
N GLU D 92 1.45 -5.05 32.85
CA GLU D 92 1.95 -6.39 32.66
C GLU D 92 0.95 -7.37 33.26
N ILE D 93 0.07 -7.90 32.42
CA ILE D 93 -1.01 -8.74 32.92
C ILE D 93 -0.69 -10.21 32.69
N ASP D 94 -0.80 -11.01 33.74
CA ASP D 94 -0.40 -12.41 33.71
C ASP D 94 -1.63 -13.31 33.66
N LEU D 95 -1.66 -14.22 32.68
CA LEU D 95 -2.71 -15.23 32.60
C LEU D 95 -2.16 -16.65 32.47
N PRO D 96 -1.90 -17.30 33.61
CA PRO D 96 -1.45 -18.69 33.56
C PRO D 96 -2.61 -19.59 33.14
N LEU D 97 -2.34 -20.86 32.81
CA LEU D 97 -3.39 -21.79 32.44
C LEU D 97 -4.33 -21.98 33.61
N GLU D 98 -3.72 -22.07 34.78
CA GLU D 98 -4.38 -22.06 36.08
C GLU D 98 -3.22 -21.87 37.05
N GLY D 99 -3.46 -21.24 38.19
CA GLY D 99 -2.34 -20.89 39.05
C GLY D 99 -2.71 -20.16 40.32
N THR D 100 -2.01 -19.05 40.57
CA THR D 100 -2.23 -18.29 41.79
C THR D 100 -2.37 -16.79 41.51
N THR D 101 -2.40 -16.42 40.23
CA THR D 101 -2.65 -15.02 39.86
C THR D 101 -4.15 -14.71 39.82
N ASN D 102 -4.81 -15.19 38.78
CA ASN D 102 -6.26 -15.07 38.62
C ASN D 102 -6.86 -16.31 37.95
N PRO D 103 -7.30 -17.29 38.76
CA PRO D 103 -7.87 -18.57 38.30
C PRO D 103 -9.10 -18.47 37.39
N ASN D 104 -9.56 -17.26 37.08
CA ASN D 104 -10.82 -17.10 36.35
C ASN D 104 -10.63 -17.10 34.84
N GLY D 105 -9.60 -16.40 34.38
CA GLY D 105 -9.34 -16.29 32.95
C GLY D 105 -9.88 -14.97 32.46
N TYR D 106 -9.57 -13.92 33.21
CA TYR D 106 -10.30 -12.67 33.17
C TYR D 106 -9.55 -11.60 33.94
N ALA D 107 -9.45 -10.40 33.38
CA ALA D 107 -8.66 -9.35 34.02
C ALA D 107 -9.09 -7.93 33.65
N ASN D 108 -9.22 -7.11 34.68
CA ASN D 108 -9.49 -5.68 34.51
C ASN D 108 -8.23 -4.87 34.73
N TRP D 109 -7.93 -3.94 33.84
CA TRP D 109 -6.77 -3.08 34.06
C TRP D 109 -7.20 -1.63 34.13
N ASP D 110 -7.39 -1.14 35.34
CA ASP D 110 -7.64 0.28 35.55
C ASP D 110 -6.43 1.03 35.01
N ILE D 111 -6.69 2.08 34.25
CA ILE D 111 -5.67 2.65 33.38
C ILE D 111 -4.84 3.75 34.08
N ASP D 112 -3.89 3.32 34.90
CA ASP D 112 -2.98 4.26 35.55
C ASP D 112 -1.76 4.52 34.68
N ILE D 113 -1.31 5.77 34.67
CA ILE D 113 -0.11 6.14 33.94
C ILE D 113 1.14 5.85 34.77
N THR D 114 0.96 5.73 36.07
CA THR D 114 2.06 5.55 37.02
C THR D 114 2.68 4.16 36.91
N GLY D 115 2.04 3.28 36.14
CA GLY D 115 2.54 1.93 35.92
C GLY D 115 3.97 1.98 35.43
N TYR D 116 4.22 2.86 34.46
CA TYR D 116 5.59 3.22 34.17
C TYR D 116 6.00 4.10 35.33
N ALA D 117 6.82 3.52 36.19
CA ALA D 117 7.12 4.09 37.50
C ALA D 117 7.45 5.58 37.49
N GLN D 118 8.53 5.94 36.79
CA GLN D 118 9.14 7.26 36.88
C GLN D 118 8.29 8.39 36.28
N MET D 119 7.31 7.98 35.51
CA MET D 119 6.46 8.88 34.79
C MET D 119 5.71 9.88 35.66
N ARG D 120 5.42 9.50 36.91
CA ARG D 120 4.60 10.34 37.78
C ARG D 120 5.31 11.63 38.10
N ARG D 121 6.57 11.51 38.51
CA ARG D 121 7.40 12.65 38.80
C ARG D 121 7.64 13.45 37.52
N LYS D 122 7.68 12.72 36.41
CA LYS D 122 8.01 13.29 35.11
C LYS D 122 6.86 14.16 34.62
N VAL D 123 5.66 13.90 35.14
CA VAL D 123 4.49 14.67 34.75
C VAL D 123 3.97 15.55 35.89
N GLU D 124 4.31 15.20 37.13
CA GLU D 124 3.95 16.04 38.27
C GLU D 124 4.84 17.26 38.36
N LEU D 125 5.62 17.48 37.30
CA LEU D 125 6.34 18.72 37.12
C LEU D 125 5.28 19.80 36.89
N PHE D 126 4.12 19.38 36.40
CA PHE D 126 3.05 20.31 36.07
C PHE D 126 1.78 20.05 36.89
N THR D 127 0.86 21.01 36.87
CA THR D 127 -0.45 20.83 37.50
C THR D 127 -1.44 20.31 36.49
N TYR D 128 -1.64 21.08 35.44
CA TYR D 128 -2.59 20.69 34.40
C TYR D 128 -1.82 20.36 33.13
N MET D 129 -2.24 19.27 32.49
CA MET D 129 -1.71 18.91 31.18
C MET D 129 -2.77 18.12 30.44
N ARG D 130 -2.49 17.80 29.17
CA ARG D 130 -3.51 17.20 28.33
C ARG D 130 -2.87 16.45 27.18
N PHE D 131 -3.40 15.27 26.86
CA PHE D 131 -2.79 14.42 25.85
C PHE D 131 -3.70 13.27 25.41
N ASP D 132 -3.42 12.76 24.21
CA ASP D 132 -4.01 11.51 23.75
C ASP D 132 -3.08 10.38 24.13
N ALA D 133 -3.54 9.13 24.01
CA ALA D 133 -2.71 8.01 24.39
C ALA D 133 -2.80 6.89 23.36
N GLU D 134 -1.65 6.51 22.82
CA GLU D 134 -1.59 5.42 21.86
C GLU D 134 -1.07 4.15 22.53
N PHE D 135 -1.94 3.14 22.63
CA PHE D 135 -1.60 1.91 23.31
C PHE D 135 -1.20 0.80 22.36
N THR D 136 -0.21 0.01 22.76
CA THR D 136 0.18 -1.14 21.97
C THR D 136 0.14 -2.39 22.83
N PHE D 137 -0.33 -3.49 22.26
CA PHE D 137 -0.55 -4.70 23.03
C PHE D 137 0.31 -5.85 22.56
N VAL D 138 1.43 -6.07 23.25
CA VAL D 138 2.27 -7.21 22.97
C VAL D 138 1.93 -8.32 23.98
N ALA D 139 1.50 -9.45 23.45
CA ALA D 139 1.10 -10.58 24.27
C ALA D 139 1.94 -11.78 23.89
N CYS D 140 2.38 -12.53 24.89
CA CYS D 140 3.21 -13.70 24.65
C CYS D 140 3.04 -14.72 25.77
N THR D 141 3.72 -15.84 25.63
CA THR D 141 3.82 -16.80 26.73
C THR D 141 4.89 -16.30 27.68
N PRO D 142 4.91 -16.83 28.91
CA PRO D 142 6.01 -16.48 29.81
C PRO D 142 7.37 -16.91 29.23
N THR D 143 7.34 -17.91 28.36
CA THR D 143 8.55 -18.33 27.65
C THR D 143 8.93 -17.31 26.59
N GLY D 144 7.93 -16.70 25.98
CA GLY D 144 8.12 -15.82 24.85
C GLY D 144 7.72 -16.51 23.56
N GLU D 145 7.33 -17.77 23.68
CA GLU D 145 6.78 -18.53 22.57
C GLU D 145 5.55 -17.79 22.04
N VAL D 146 5.53 -17.49 20.74
CA VAL D 146 4.33 -16.92 20.16
C VAL D 146 3.38 -18.06 19.82
N VAL D 147 2.12 -17.87 20.20
CA VAL D 147 1.14 -18.95 20.18
C VAL D 147 -0.15 -18.60 19.48
N PRO D 148 -0.64 -19.52 18.64
CA PRO D 148 -1.91 -19.29 17.93
C PRO D 148 -3.11 -19.13 18.86
N GLN D 149 -3.15 -18.09 19.70
CA GLN D 149 -4.30 -17.84 20.55
C GLN D 149 -4.99 -16.55 20.08
N LEU D 150 -6.31 -16.59 20.06
CA LEU D 150 -7.11 -15.44 19.71
C LEU D 150 -7.64 -14.85 21.02
N LEU D 151 -7.31 -13.60 21.31
CA LEU D 151 -7.73 -12.93 22.55
C LEU D 151 -8.51 -11.64 22.32
N GLN D 152 -9.07 -11.08 23.39
CA GLN D 152 -9.93 -9.90 23.31
C GLN D 152 -9.45 -8.74 24.19
N TYR D 153 -9.22 -7.59 23.56
CA TYR D 153 -8.98 -6.36 24.31
C TYR D 153 -10.23 -5.50 24.32
N MET D 154 -10.65 -5.06 25.50
CA MET D 154 -11.81 -4.20 25.58
C MET D 154 -11.51 -2.94 26.37
N PHE D 155 -11.74 -1.79 25.74
CA PHE D 155 -11.59 -0.52 26.43
C PHE D 155 -12.98 -0.05 26.82
N VAL D 156 -13.21 0.14 28.11
CA VAL D 156 -14.50 0.65 28.55
C VAL D 156 -14.36 2.06 29.11
N PRO D 157 -15.19 2.98 28.58
CA PRO D 157 -15.20 4.40 28.96
C PRO D 157 -15.39 4.63 30.46
N PRO D 158 -15.04 5.83 30.96
CA PRO D 158 -15.21 6.16 32.37
C PRO D 158 -16.64 5.93 32.86
N GLY D 159 -17.62 6.30 32.06
CA GLY D 159 -19.01 6.15 32.46
C GLY D 159 -19.43 4.69 32.54
N ALA D 160 -19.04 3.90 31.53
CA ALA D 160 -19.48 2.52 31.43
C ALA D 160 -18.94 1.68 32.59
N PRO D 161 -19.72 0.68 33.02
CA PRO D 161 -19.33 -0.26 34.09
C PRO D 161 -18.32 -1.31 33.63
N LYS D 162 -17.54 -1.85 34.56
CA LYS D 162 -16.56 -2.88 34.25
C LYS D 162 -17.16 -4.28 34.35
N PRO D 163 -16.66 -5.22 33.50
CA PRO D 163 -17.14 -6.60 33.56
C PRO D 163 -16.76 -7.27 34.89
N ASP D 164 -17.60 -8.19 35.37
CA ASP D 164 -17.36 -8.85 36.65
C ASP D 164 -16.93 -10.30 36.47
N SER D 165 -17.51 -10.96 35.47
CA SER D 165 -17.20 -12.36 35.22
C SER D 165 -16.73 -12.55 33.78
N ARG D 166 -16.11 -13.68 33.50
CA ARG D 166 -15.60 -13.99 32.17
C ARG D 166 -16.78 -14.09 31.20
N GLU D 167 -17.93 -14.47 31.73
CA GLU D 167 -19.13 -14.65 30.96
C GLU D 167 -20.09 -13.48 31.11
N SER D 168 -19.56 -12.35 31.58
CA SER D 168 -20.39 -11.15 31.76
C SER D 168 -20.95 -10.68 30.43
N LEU D 169 -21.95 -9.81 30.49
CA LEU D 169 -22.58 -9.32 29.27
C LEU D 169 -21.82 -8.12 28.71
N ALA D 170 -21.03 -7.49 29.57
CA ALA D 170 -20.31 -6.28 29.20
C ALA D 170 -19.39 -6.54 28.00
N TRP D 171 -19.04 -7.79 27.78
CA TRP D 171 -18.19 -8.15 26.66
C TRP D 171 -18.90 -8.00 25.31
N GLN D 172 -20.22 -8.07 25.33
CA GLN D 172 -20.99 -8.01 24.10
C GLN D 172 -21.63 -6.65 23.93
N THR D 173 -21.48 -5.80 24.95
CA THR D 173 -22.02 -4.45 24.92
C THR D 173 -21.22 -3.63 23.91
N ALA D 174 -21.89 -3.16 22.86
CA ALA D 174 -21.23 -2.49 21.73
C ALA D 174 -20.52 -1.20 22.10
N THR D 175 -21.12 -0.42 23.00
CA THR D 175 -20.55 0.87 23.38
C THR D 175 -19.23 0.76 24.13
N ASN D 176 -18.77 -0.48 24.30
CA ASN D 176 -17.45 -0.73 24.84
C ASN D 176 -16.55 -1.21 23.72
N PRO D 177 -15.82 -0.28 23.07
CA PRO D 177 -14.98 -0.62 21.93
C PRO D 177 -14.08 -1.81 22.23
N SER D 178 -14.03 -2.77 21.31
CA SER D 178 -13.30 -4.00 21.55
C SER D 178 -12.29 -4.25 20.44
N VAL D 179 -11.22 -4.94 20.79
CA VAL D 179 -10.18 -5.27 19.83
C VAL D 179 -9.93 -6.77 19.80
N PHE D 180 -10.07 -7.37 18.63
CA PHE D 180 -9.80 -8.79 18.48
C PHE D 180 -8.59 -9.02 17.58
N VAL D 181 -7.52 -9.57 18.16
CA VAL D 181 -6.34 -9.93 17.41
C VAL D 181 -5.85 -11.31 17.85
N LYS D 182 -4.94 -11.89 17.07
CA LYS D 182 -4.28 -13.12 17.45
C LYS D 182 -2.88 -12.75 17.91
N LEU D 183 -2.23 -13.61 18.69
CA LEU D 183 -0.85 -13.35 19.08
C LEU D 183 0.06 -13.50 17.86
N SER D 184 -0.37 -14.33 16.91
CA SER D 184 0.36 -14.49 15.66
C SER D 184 0.31 -13.18 14.89
N ASP D 185 -0.85 -12.53 14.95
CA ASP D 185 -0.99 -11.20 14.38
C ASP D 185 -0.17 -10.24 15.23
N PRO D 186 0.60 -9.36 14.56
CA PRO D 186 1.42 -8.36 15.27
C PRO D 186 0.57 -7.50 16.21
N PRO D 187 1.18 -6.99 17.28
CA PRO D 187 0.50 -6.25 18.36
C PRO D 187 -0.50 -5.22 17.86
N ALA D 188 -1.68 -5.20 18.46
CA ALA D 188 -2.69 -4.21 18.11
C ALA D 188 -2.19 -2.84 18.52
N GLN D 189 -2.68 -1.81 17.84
CA GLN D 189 -2.23 -0.46 18.10
C GLN D 189 -3.46 0.43 18.06
N VAL D 190 -3.79 1.03 19.19
CA VAL D 190 -4.96 1.91 19.27
C VAL D 190 -4.62 3.25 19.91
N SER D 191 -5.56 4.18 19.82
CA SER D 191 -5.39 5.52 20.38
C SER D 191 -6.55 5.86 21.32
N VAL D 192 -6.22 6.25 22.54
CA VAL D 192 -7.22 6.68 23.51
C VAL D 192 -7.15 8.19 23.63
N PRO D 193 -8.28 8.87 23.34
CA PRO D 193 -8.34 10.33 23.35
C PRO D 193 -8.49 10.94 24.74
N PHE D 194 -8.62 12.26 24.79
CA PHE D 194 -8.78 12.99 26.03
C PHE D 194 -10.19 12.81 26.58
N MET D 195 -10.31 12.12 27.72
CA MET D 195 -11.62 11.68 28.18
C MET D 195 -12.26 12.62 29.20
N SER D 196 -11.43 13.36 29.94
CA SER D 196 -11.91 14.17 31.06
C SER D 196 -12.92 15.22 30.60
N PRO D 197 -13.93 15.49 31.44
CA PRO D 197 -14.91 16.56 31.22
C PRO D 197 -14.30 17.94 31.51
N ALA D 198 -13.12 17.93 32.12
CA ALA D 198 -12.37 19.17 32.34
C ALA D 198 -11.60 19.55 31.07
N SER D 199 -11.03 20.75 31.07
CA SER D 199 -10.26 21.21 29.92
C SER D 199 -8.91 20.52 29.82
N ALA D 200 -8.46 19.96 30.94
CA ALA D 200 -7.15 19.31 31.02
C ALA D 200 -7.12 18.34 32.19
N TYR D 201 -6.21 17.37 32.13
CA TYR D 201 -6.00 16.46 33.24
C TYR D 201 -5.53 17.27 34.46
N GLN D 202 -5.60 16.66 35.64
CA GLN D 202 -5.23 17.37 36.85
C GLN D 202 -4.63 16.37 37.83
N TRP D 203 -3.41 16.64 38.28
CA TRP D 203 -2.67 15.65 39.05
C TRP D 203 -3.00 15.64 40.53
N PHE D 204 -3.47 16.78 41.03
CA PHE D 204 -3.87 16.88 42.43
C PHE D 204 -4.74 18.09 42.71
N TYR D 205 -5.83 17.80 43.42
CA TYR D 205 -6.92 18.73 43.67
C TYR D 205 -6.83 19.28 45.08
N ASP D 206 -6.56 20.58 45.21
CA ASP D 206 -6.43 21.17 46.55
C ASP D 206 -7.83 21.39 47.11
N GLY D 207 -8.59 20.30 47.14
CA GLY D 207 -9.96 20.35 47.61
C GLY D 207 -10.51 18.94 47.71
N TYR D 208 -11.70 18.83 48.29
CA TYR D 208 -12.41 17.56 48.36
C TYR D 208 -13.20 17.36 47.08
N PRO D 209 -13.05 16.19 46.45
CA PRO D 209 -13.69 15.94 45.15
C PRO D 209 -15.22 15.92 45.22
N THR D 210 -15.78 16.08 46.42
CA THR D 210 -17.21 16.22 46.59
C THR D 210 -17.66 17.64 46.26
N PHE D 211 -18.64 17.76 45.36
CA PHE D 211 -19.31 19.03 45.10
C PHE D 211 -20.47 19.25 46.06
N GLY D 212 -20.58 20.44 46.64
CA GLY D 212 -21.63 20.68 47.62
C GLY D 212 -21.12 20.55 49.05
N GLU D 213 -22.05 20.40 49.98
CA GLU D 213 -21.70 20.26 51.39
C GLU D 213 -20.97 18.94 51.66
N HIS D 214 -20.04 18.99 52.61
CA HIS D 214 -19.16 17.87 52.93
C HIS D 214 -19.79 16.80 53.82
N LEU D 215 -19.36 15.55 53.63
CA LEU D 215 -19.77 14.44 54.48
C LEU D 215 -18.67 14.02 55.45
N GLN D 216 -19.04 13.85 56.71
CA GLN D 216 -18.05 13.56 57.74
C GLN D 216 -17.97 12.07 58.02
N ALA D 217 -18.36 11.25 57.04
CA ALA D 217 -18.16 9.81 57.18
C ALA D 217 -16.67 9.45 57.09
N ASN D 218 -15.96 9.77 56.00
CA ASN D 218 -14.51 9.87 56.12
C ASN D 218 -14.03 11.14 55.39
N ASP D 219 -12.73 11.41 55.48
CA ASP D 219 -12.11 12.55 54.82
C ASP D 219 -10.77 12.17 54.20
N LEU D 220 -10.53 10.87 54.02
CA LEU D 220 -9.32 10.41 53.36
C LEU D 220 -9.50 10.59 51.86
N ASP D 221 -10.73 10.89 51.45
CA ASP D 221 -11.06 11.16 50.06
C ASP D 221 -10.59 12.57 49.77
N TYR D 222 -9.29 12.73 49.57
CA TYR D 222 -8.68 14.05 49.41
C TYR D 222 -7.65 14.16 48.28
N GLY D 223 -7.82 15.18 47.44
CA GLY D 223 -6.85 15.49 46.40
C GLY D 223 -7.10 14.82 45.06
N ALA D 224 -7.70 13.65 45.09
CA ALA D 224 -7.98 12.92 43.86
C ALA D 224 -9.16 13.55 43.11
N CYS D 225 -8.96 13.78 41.81
CA CYS D 225 -10.05 14.29 40.99
C CYS D 225 -10.54 13.07 40.24
N PRO D 226 -11.81 12.70 40.44
CA PRO D 226 -12.35 11.40 39.99
C PRO D 226 -12.56 11.33 38.48
N ASN D 227 -12.87 12.47 37.87
CA ASN D 227 -13.04 12.53 36.43
C ASN D 227 -11.69 12.61 35.70
N ASN D 228 -10.64 12.16 36.37
CA ASN D 228 -9.31 12.07 35.79
C ASN D 228 -9.05 10.66 35.26
N MET D 229 -10.00 9.77 35.52
CA MET D 229 -9.91 8.39 35.04
C MET D 229 -10.18 8.41 33.54
N MET D 230 -9.28 7.81 32.77
CA MET D 230 -9.41 7.83 31.33
C MET D 230 -9.91 6.49 30.80
N GLY D 231 -10.74 5.82 31.60
CA GLY D 231 -11.36 4.56 31.22
C GLY D 231 -10.75 3.39 31.95
N THR D 232 -10.72 2.23 31.30
CA THR D 232 -10.00 1.04 31.79
C THR D 232 -10.07 -0.09 30.77
N PHE D 233 -9.06 -0.94 30.77
CA PHE D 233 -8.94 -2.00 29.77
C PHE D 233 -9.23 -3.38 30.36
N SER D 234 -9.88 -4.23 29.57
CA SER D 234 -10.17 -5.60 29.98
C SER D 234 -9.70 -6.59 28.93
N VAL D 235 -9.23 -7.76 29.37
CA VAL D 235 -8.66 -8.75 28.45
C VAL D 235 -9.31 -10.13 28.59
N ARG D 236 -9.51 -10.82 27.46
CA ARG D 236 -10.03 -12.19 27.49
C ARG D 236 -9.35 -13.11 26.51
N THR D 237 -9.27 -14.40 26.87
CA THR D 237 -9.06 -15.43 25.88
C THR D 237 -10.47 -15.78 25.38
N VAL D 238 -10.83 -15.33 24.19
CA VAL D 238 -12.20 -15.49 23.69
C VAL D 238 -12.66 -16.95 23.69
N GLY D 239 -13.94 -17.18 23.98
CA GLY D 239 -14.49 -18.52 23.95
C GLY D 239 -15.31 -18.93 25.14
N THR D 240 -16.21 -19.89 24.91
CA THR D 240 -17.07 -20.44 25.95
C THR D 240 -16.27 -21.30 26.91
N SER D 241 -15.21 -21.91 26.39
CA SER D 241 -14.37 -22.78 27.21
C SER D 241 -13.09 -22.04 27.59
N LYS D 242 -12.38 -22.58 28.58
CA LYS D 242 -11.21 -21.91 29.13
C LYS D 242 -10.05 -21.97 28.14
N SER D 243 -9.06 -21.09 28.34
CA SER D 243 -7.91 -20.99 27.44
C SER D 243 -7.06 -22.26 27.39
N LYS D 244 -6.24 -22.37 26.35
CA LYS D 244 -5.35 -23.51 26.16
C LYS D 244 -3.93 -23.24 26.67
N TYR D 245 -3.49 -21.99 26.56
CA TYR D 245 -2.11 -21.63 26.86
C TYR D 245 -1.95 -20.61 27.97
N PRO D 246 -0.87 -20.72 28.76
CA PRO D 246 -0.55 -19.70 29.76
C PRO D 246 -0.04 -18.45 29.05
N LEU D 247 -0.73 -17.33 29.23
CA LEU D 247 -0.42 -16.14 28.45
C LEU D 247 -0.03 -14.95 29.33
N VAL D 248 0.69 -14.00 28.73
CA VAL D 248 1.09 -12.77 29.39
C VAL D 248 0.92 -11.59 28.44
N VAL D 249 0.06 -10.65 28.83
CA VAL D 249 -0.17 -9.46 28.02
C VAL D 249 0.59 -8.27 28.60
N ARG D 250 1.30 -7.53 27.76
CA ARG D 250 1.96 -6.31 28.20
C ARG D 250 1.43 -5.09 27.45
N ILE D 251 1.19 -4.02 28.19
CA ILE D 251 0.60 -2.80 27.65
C ILE D 251 1.59 -1.65 27.68
N TYR D 252 1.74 -0.96 26.55
CA TYR D 252 2.66 0.16 26.43
C TYR D 252 1.88 1.43 26.15
N MET D 253 2.25 2.52 26.81
CA MET D 253 1.55 3.77 26.64
C MET D 253 2.43 4.85 26.03
N ARG D 254 1.90 5.48 25.00
CA ARG D 254 2.57 6.57 24.33
C ARG D 254 1.68 7.82 24.39
N MET D 255 2.25 8.94 24.79
CA MET D 255 1.51 10.19 24.89
C MET D 255 1.80 11.07 23.69
N LYS D 256 0.75 11.65 23.11
CA LYS D 256 0.89 12.41 21.87
C LYS D 256 0.79 13.91 22.04
N HIS D 257 -0.34 14.47 21.65
CA HIS D 257 -0.52 15.91 21.57
C HIS D 257 -0.45 16.51 22.96
N VAL D 258 0.76 16.79 23.44
CA VAL D 258 0.94 17.24 24.81
C VAL D 258 0.92 18.75 24.91
N ARG D 259 0.10 19.23 25.85
CA ARG D 259 0.08 20.61 26.25
C ARG D 259 0.07 20.57 27.77
N ALA D 260 0.98 21.30 28.41
CA ALA D 260 1.02 21.32 29.86
C ALA D 260 0.82 22.74 30.31
N TRP D 261 0.71 22.94 31.62
CA TRP D 261 0.45 24.29 32.09
C TRP D 261 1.28 24.75 33.27
N ILE D 262 0.75 24.65 34.48
CA ILE D 262 1.43 25.28 35.61
C ILE D 262 2.59 24.44 36.13
N PRO D 263 3.81 24.98 36.03
CA PRO D 263 5.07 24.33 36.42
C PRO D 263 5.23 24.27 37.94
N ARG D 264 5.70 23.14 38.45
CA ARG D 264 5.89 22.97 39.88
C ARG D 264 7.30 22.50 40.18
N PRO D 265 7.77 22.72 41.42
CA PRO D 265 9.06 22.14 41.80
C PRO D 265 8.95 20.62 41.81
N MET D 266 10.03 19.93 41.44
CA MET D 266 9.99 18.47 41.29
C MET D 266 10.15 17.74 42.61
N ARG D 267 9.51 16.58 42.69
CA ARG D 267 9.57 15.73 43.87
C ARG D 267 10.99 15.48 44.36
N ASN D 268 11.13 15.37 45.68
CA ASN D 268 12.42 15.06 46.30
C ASN D 268 12.32 13.83 47.19
N GLN D 269 11.15 13.54 47.78
CA GLN D 269 11.03 12.25 48.50
C GLN D 269 10.34 11.13 47.73
N ASN D 270 10.47 9.96 48.34
CA ASN D 270 9.85 8.76 47.84
C ASN D 270 8.38 8.87 48.10
N TYR D 271 7.59 8.20 47.28
CA TYR D 271 6.16 8.25 47.43
C TYR D 271 5.73 7.14 48.38
N LEU D 272 4.66 7.37 49.12
CA LEU D 272 4.13 6.37 50.02
C LEU D 272 2.90 5.75 49.38
N PHE D 273 1.97 6.60 48.97
CA PHE D 273 0.75 6.13 48.34
C PHE D 273 0.74 6.62 46.89
N LYS D 274 -0.26 6.20 46.12
CA LYS D 274 -0.29 6.56 44.69
C LYS D 274 -1.52 7.39 44.33
N ALA D 275 -1.95 8.22 45.26
CA ALA D 275 -3.09 9.10 45.07
C ALA D 275 -2.87 10.44 45.75
N ASN D 276 -1.71 10.58 46.40
CA ASN D 276 -1.41 11.79 47.15
C ASN D 276 0.10 11.99 47.38
N PRO D 277 0.55 13.25 47.26
CA PRO D 277 1.96 13.63 47.46
C PRO D 277 2.41 13.52 48.91
N ASN D 278 2.19 12.37 49.53
CA ASN D 278 2.58 12.16 50.92
C ASN D 278 4.08 11.90 51.04
N TYR D 279 4.62 12.09 52.24
CA TYR D 279 6.05 11.95 52.44
C TYR D 279 6.37 11.25 53.76
N ALA D 280 7.65 11.02 54.01
CA ALA D 280 8.08 10.25 55.18
C ALA D 280 8.17 11.10 56.44
N GLY D 281 8.28 10.44 57.59
CA GLY D 281 8.45 11.13 58.86
C GLY D 281 9.92 11.40 59.12
N ASN D 282 10.73 11.17 58.10
CA ASN D 282 12.15 11.49 58.14
C ASN D 282 12.60 11.91 56.74
N SER D 283 12.99 13.17 56.60
CA SER D 283 13.27 13.74 55.28
C SER D 283 14.63 13.32 54.76
N ILE D 284 14.66 12.98 53.48
CA ILE D 284 15.92 12.68 52.81
C ILE D 284 16.39 14.00 52.19
N LYS D 285 17.62 14.00 51.67
CA LYS D 285 18.21 15.19 51.13
C LYS D 285 18.69 14.88 49.72
N PRO D 286 18.26 15.67 48.72
CA PRO D 286 18.65 15.35 47.34
C PRO D 286 20.16 15.34 47.08
N THR D 287 20.99 15.84 48.01
CA THR D 287 22.44 15.63 47.96
C THR D 287 23.15 16.06 49.24
N GLY D 288 24.01 15.20 49.76
CA GLY D 288 24.70 15.47 51.01
C GLY D 288 26.17 15.12 50.89
N ALA D 289 26.76 14.67 52.01
CA ALA D 289 28.14 14.20 52.05
C ALA D 289 29.12 15.16 51.38
N SER D 290 28.98 16.45 51.68
CA SER D 290 29.81 17.48 51.05
C SER D 290 30.81 17.98 52.08
N ARG D 291 30.83 17.31 53.24
CA ARG D 291 31.74 17.65 54.33
C ARG D 291 31.49 19.08 54.77
N THR D 292 32.22 20.03 54.20
CA THR D 292 32.10 21.42 54.60
C THR D 292 32.14 22.31 53.37
N ALA D 293 31.56 23.50 53.49
CA ALA D 293 31.37 24.43 52.38
C ALA D 293 32.66 24.84 51.68
N ILE D 294 33.79 24.61 52.33
CA ILE D 294 35.09 25.03 51.80
C ILE D 294 35.72 23.98 50.90
N THR D 295 35.56 22.71 51.25
CA THR D 295 36.20 21.62 50.53
C THR D 295 35.36 21.12 49.36
N THR D 296 35.95 21.13 48.17
CA THR D 296 35.30 20.64 46.96
C THR D 296 34.87 19.18 47.08
N SER E 72 -18.53 20.24 25.66
CA SER E 72 -18.89 19.14 24.77
C SER E 72 -19.57 19.67 23.51
N HIS E 73 -19.11 20.82 23.04
CA HIS E 73 -19.80 21.50 21.94
C HIS E 73 -19.60 20.84 20.59
N SER E 74 -20.37 19.79 20.34
CA SER E 74 -20.41 19.12 19.06
C SER E 74 -21.62 18.20 19.01
N THR E 75 -22.36 18.25 17.91
CA THR E 75 -23.58 17.48 17.79
C THR E 75 -23.29 16.20 17.03
N ALA E 76 -22.01 15.85 16.96
CA ALA E 76 -21.58 14.73 16.15
C ALA E 76 -22.01 13.39 16.73
N GLU E 77 -22.01 13.28 18.06
CA GLU E 77 -22.38 12.02 18.70
C GLU E 77 -23.88 11.91 18.90
N THR E 78 -24.62 12.90 18.41
CA THR E 78 -26.07 12.85 18.48
C THR E 78 -26.63 12.68 17.08
N THR E 79 -25.74 12.49 16.11
CA THR E 79 -26.14 12.15 14.75
C THR E 79 -26.59 10.70 14.72
N LEU E 80 -27.50 10.36 13.82
CA LEU E 80 -27.95 8.98 13.68
C LEU E 80 -26.80 8.02 13.40
N ASP E 81 -25.83 8.47 12.60
CA ASP E 81 -24.73 7.61 12.20
C ASP E 81 -23.90 7.27 13.43
N SER E 82 -23.45 8.31 14.12
CA SER E 82 -22.65 8.12 15.34
C SER E 82 -23.43 7.40 16.43
N PHE E 83 -24.75 7.51 16.43
CA PHE E 83 -25.56 6.85 17.44
C PHE E 83 -25.68 5.36 17.19
N PHE E 84 -25.40 4.94 15.96
CA PHE E 84 -25.58 3.55 15.58
C PHE E 84 -24.27 2.92 15.08
N SER E 85 -23.37 3.76 14.56
CA SER E 85 -22.12 3.23 14.00
C SER E 85 -21.22 2.63 15.06
N ARG E 86 -21.39 1.32 15.26
CA ARG E 86 -20.54 0.51 16.12
C ARG E 86 -20.91 -0.94 15.87
N ALA E 87 -19.91 -1.73 15.49
CA ALA E 87 -20.12 -3.14 15.20
C ALA E 87 -20.68 -3.87 16.41
N GLY E 88 -21.91 -4.36 16.29
CA GLY E 88 -22.52 -5.10 17.37
C GLY E 88 -22.67 -6.56 17.00
N LEU E 89 -22.44 -7.43 17.97
CA LEU E 89 -22.58 -8.87 17.79
C LEU E 89 -24.04 -9.32 17.72
N VAL E 90 -24.42 -9.95 16.61
CA VAL E 90 -25.79 -10.41 16.44
C VAL E 90 -25.86 -11.91 16.16
N GLY E 91 -24.70 -12.53 16.03
CA GLY E 91 -24.66 -13.93 15.67
C GLY E 91 -23.47 -14.70 16.23
N GLU E 92 -23.78 -15.85 16.82
CA GLU E 92 -22.76 -16.73 17.38
C GLU E 92 -23.04 -18.15 16.90
N ILE E 93 -22.34 -18.57 15.86
CA ILE E 93 -22.63 -19.85 15.22
C ILE E 93 -21.64 -20.93 15.65
N ASP E 94 -22.19 -22.04 16.12
CA ASP E 94 -21.41 -23.14 16.67
C ASP E 94 -21.38 -24.33 15.72
N LEU E 95 -20.18 -24.83 15.43
CA LEU E 95 -20.03 -26.06 14.67
C LEU E 95 -19.15 -27.02 15.45
N PRO E 96 -19.76 -27.82 16.34
CA PRO E 96 -18.96 -28.77 17.11
C PRO E 96 -18.47 -29.89 16.21
N LEU E 97 -17.51 -30.68 16.67
CA LEU E 97 -17.04 -31.82 15.88
C LEU E 97 -18.18 -32.81 15.76
N GLU E 98 -18.93 -32.97 16.85
CA GLU E 98 -20.17 -33.72 16.84
C GLU E 98 -20.87 -33.48 18.17
N GLY E 99 -22.20 -33.52 18.16
CA GLY E 99 -22.99 -33.23 19.33
C GLY E 99 -24.47 -33.35 19.01
N THR E 100 -25.26 -32.37 19.44
CA THR E 100 -26.70 -32.38 19.18
C THR E 100 -27.20 -31.02 18.72
N THR E 101 -26.27 -30.09 18.46
CA THR E 101 -26.66 -28.80 17.92
C THR E 101 -26.92 -28.98 16.44
N ASN E 102 -25.85 -29.13 15.68
CA ASN E 102 -25.94 -29.53 14.29
C ASN E 102 -24.76 -30.42 13.90
N PRO E 103 -24.89 -31.74 14.14
CA PRO E 103 -23.89 -32.75 13.79
C PRO E 103 -23.55 -32.78 12.30
N ASN E 104 -24.18 -31.90 11.54
CA ASN E 104 -24.15 -31.94 10.09
C ASN E 104 -22.95 -31.19 9.54
N GLY E 105 -22.66 -30.03 10.13
CA GLY E 105 -21.54 -29.23 9.67
C GLY E 105 -22.07 -28.12 8.80
N TYR E 106 -23.11 -27.46 9.30
CA TYR E 106 -23.96 -26.66 8.44
C TYR E 106 -24.89 -25.79 9.26
N ALA E 107 -24.99 -24.53 8.87
CA ALA E 107 -25.81 -23.60 9.61
C ALA E 107 -26.35 -22.51 8.70
N ASN E 108 -27.64 -22.32 8.82
CA ASN E 108 -28.39 -21.24 8.18
C ASN E 108 -28.68 -20.15 9.20
N TRP E 109 -28.28 -18.93 8.86
CA TRP E 109 -28.46 -17.81 9.78
C TRP E 109 -29.24 -16.68 9.18
N ASP E 110 -30.55 -16.70 9.44
CA ASP E 110 -31.40 -15.58 9.10
C ASP E 110 -30.93 -14.34 9.85
N ILE E 111 -30.91 -13.22 9.14
CA ILE E 111 -30.20 -12.03 9.57
C ILE E 111 -31.07 -11.10 10.44
N ASP E 112 -31.20 -11.44 11.71
CA ASP E 112 -31.94 -10.55 12.60
C ASP E 112 -30.97 -9.55 13.20
N ILE E 113 -31.40 -8.31 13.30
CA ILE E 113 -30.60 -7.26 13.93
C ILE E 113 -30.82 -7.32 15.43
N THR E 114 -31.94 -7.94 15.82
CA THR E 114 -32.34 -8.03 17.22
C THR E 114 -31.47 -9.04 17.96
N GLY E 115 -30.64 -9.77 17.20
CA GLY E 115 -29.72 -10.74 17.78
C GLY E 115 -28.88 -10.02 18.82
N TYR E 116 -28.37 -8.86 18.45
CA TYR E 116 -27.84 -7.94 19.44
C TYR E 116 -29.05 -7.38 20.16
N ALA E 117 -29.28 -7.88 21.38
CA ALA E 117 -30.53 -7.65 22.11
C ALA E 117 -30.99 -6.21 22.12
N GLN E 118 -30.17 -5.34 22.71
CA GLN E 118 -30.53 -3.95 22.96
C GLN E 118 -30.80 -3.14 21.69
N MET E 119 -30.36 -3.64 20.54
CA MET E 119 -30.51 -2.91 19.29
C MET E 119 -31.97 -2.63 18.93
N ARG E 120 -32.87 -3.50 19.34
CA ARG E 120 -34.27 -3.39 18.93
C ARG E 120 -34.96 -2.15 19.49
N ARG E 121 -34.81 -1.92 20.79
CA ARG E 121 -35.37 -0.74 21.42
C ARG E 121 -34.69 0.50 20.85
N LYS E 122 -33.42 0.32 20.52
CA LYS E 122 -32.57 1.41 20.09
C LYS E 122 -32.96 1.85 18.69
N VAL E 123 -33.64 0.98 17.95
CA VAL E 123 -34.09 1.29 16.60
C VAL E 123 -35.61 1.45 16.52
N GLU E 124 -36.32 0.91 17.52
CA GLU E 124 -37.77 1.09 17.57
C GLU E 124 -38.13 2.49 18.06
N LEU E 125 -37.11 3.35 18.12
CA LEU E 125 -37.32 4.77 18.34
C LEU E 125 -38.01 5.37 17.13
N PHE E 126 -37.79 4.76 15.97
CA PHE E 126 -38.37 5.25 14.72
C PHE E 126 -39.25 4.21 14.04
N THR E 127 -39.99 4.65 13.03
CA THR E 127 -40.80 3.73 12.22
C THR E 127 -40.03 3.25 11.00
N TYR E 128 -39.60 4.19 10.17
CA TYR E 128 -38.89 3.86 8.96
C TYR E 128 -37.43 4.27 9.07
N MET E 129 -36.53 3.42 8.61
CA MET E 129 -35.12 3.80 8.52
C MET E 129 -34.45 3.04 7.40
N ARG E 130 -33.20 3.36 7.12
CA ARG E 130 -32.52 2.81 5.97
C ARG E 130 -31.02 2.87 6.16
N PHE E 131 -30.32 1.80 5.79
CA PHE E 131 -28.89 1.70 6.04
C PHE E 131 -28.22 0.56 5.30
N ASP E 132 -26.90 0.67 5.14
CA ASP E 132 -26.08 -0.45 4.72
C ASP E 132 -25.59 -1.17 5.96
N ALA E 133 -25.03 -2.37 5.80
CA ALA E 133 -24.57 -3.13 6.96
C ALA E 133 -23.21 -3.75 6.69
N GLU E 134 -22.27 -3.45 7.57
CA GLU E 134 -20.92 -3.98 7.45
C GLU E 134 -20.72 -5.14 8.42
N PHE E 135 -20.56 -6.35 7.88
CA PHE E 135 -20.43 -7.56 8.67
C PHE E 135 -19.00 -8.04 8.85
N THR E 136 -18.68 -8.52 10.04
CA THR E 136 -17.38 -9.11 10.29
C THR E 136 -17.51 -10.50 10.88
N PHE E 137 -16.65 -11.40 10.43
CA PHE E 137 -16.74 -12.81 10.80
C PHE E 137 -15.52 -13.24 11.57
N VAL E 138 -15.62 -13.27 12.89
CA VAL E 138 -14.54 -13.78 13.70
C VAL E 138 -14.82 -15.24 14.04
N ALA E 139 -13.88 -16.11 13.67
CA ALA E 139 -14.08 -17.52 13.91
C ALA E 139 -12.95 -18.03 14.79
N CYS E 140 -13.32 -18.84 15.77
CA CYS E 140 -12.36 -19.41 16.69
C CYS E 140 -12.90 -20.71 17.25
N THR E 141 -12.08 -21.38 18.05
CA THR E 141 -12.54 -22.53 18.82
C THR E 141 -13.17 -22.03 20.11
N PRO E 142 -13.98 -22.88 20.77
CA PRO E 142 -14.43 -22.51 22.12
C PRO E 142 -13.21 -22.37 23.04
N THR E 143 -12.14 -23.05 22.65
CA THR E 143 -10.86 -22.97 23.34
C THR E 143 -10.23 -21.61 23.11
N GLY E 144 -10.43 -21.07 21.92
CA GLY E 144 -9.78 -19.83 21.52
C GLY E 144 -8.64 -20.09 20.56
N GLU E 145 -8.36 -21.37 20.31
CA GLU E 145 -7.36 -21.75 19.32
C GLU E 145 -7.71 -21.20 17.95
N VAL E 146 -6.78 -20.49 17.32
CA VAL E 146 -6.97 -20.13 15.92
C VAL E 146 -6.49 -21.34 15.14
N VAL E 147 -7.27 -21.76 14.16
CA VAL E 147 -7.04 -23.05 13.55
C VAL E 147 -7.01 -22.98 12.03
N PRO E 148 -5.99 -23.62 11.43
CA PRO E 148 -5.77 -23.69 9.97
C PRO E 148 -6.89 -24.40 9.21
N GLN E 149 -8.10 -23.87 9.29
CA GLN E 149 -9.21 -24.41 8.53
C GLN E 149 -9.72 -23.37 7.52
N LEU E 150 -10.03 -23.83 6.31
CA LEU E 150 -10.56 -22.95 5.28
C LEU E 150 -12.06 -23.14 5.18
N LEU E 151 -12.81 -22.07 5.40
CA LEU E 151 -14.26 -22.15 5.41
C LEU E 151 -14.93 -21.23 4.39
N GLN E 152 -16.24 -21.42 4.23
CA GLN E 152 -17.01 -20.66 3.25
C GLN E 152 -18.19 -19.97 3.92
N TYR E 153 -18.26 -18.67 3.76
CA TYR E 153 -19.44 -17.93 4.18
C TYR E 153 -20.30 -17.65 2.96
N MET E 154 -21.59 -17.95 3.05
CA MET E 154 -22.48 -17.69 1.94
C MET E 154 -23.65 -16.81 2.32
N PHE E 155 -23.80 -15.71 1.60
CA PHE E 155 -24.93 -14.84 1.76
C PHE E 155 -25.92 -15.16 0.66
N VAL E 156 -27.14 -15.52 1.05
CA VAL E 156 -28.17 -15.79 0.06
C VAL E 156 -29.23 -14.69 0.13
N PRO E 157 -29.54 -14.09 -1.02
CA PRO E 157 -30.51 -13.01 -1.19
C PRO E 157 -31.88 -13.39 -0.63
N PRO E 158 -32.74 -12.39 -0.37
CA PRO E 158 -34.08 -12.69 0.15
C PRO E 158 -34.84 -13.68 -0.72
N GLY E 159 -34.75 -13.50 -2.04
CA GLY E 159 -35.43 -14.37 -2.99
C GLY E 159 -34.87 -15.78 -3.08
N ALA E 160 -33.54 -15.88 -3.10
CA ALA E 160 -32.85 -17.14 -3.36
C ALA E 160 -33.16 -18.21 -2.32
N PRO E 161 -33.17 -19.48 -2.75
CA PRO E 161 -33.42 -20.59 -1.83
C PRO E 161 -32.25 -20.87 -0.88
N LYS E 162 -32.54 -21.41 0.30
CA LYS E 162 -31.50 -21.77 1.23
C LYS E 162 -31.07 -23.21 1.01
N PRO E 163 -29.78 -23.50 1.24
CA PRO E 163 -29.31 -24.89 1.14
C PRO E 163 -29.99 -25.72 2.23
N ASP E 164 -30.25 -26.99 1.96
CA ASP E 164 -30.95 -27.83 2.93
C ASP E 164 -29.97 -28.78 3.59
N SER E 165 -29.02 -29.27 2.80
CA SER E 165 -28.02 -30.20 3.30
C SER E 165 -26.64 -29.63 2.99
N ARG E 166 -25.63 -30.18 3.65
CA ARG E 166 -24.25 -29.76 3.47
C ARG E 166 -23.80 -30.00 2.03
N GLU E 167 -24.43 -31.00 1.41
CA GLU E 167 -24.09 -31.42 0.06
C GLU E 167 -25.07 -30.88 -0.98
N SER E 168 -25.84 -29.87 -0.58
CA SER E 168 -26.81 -29.23 -1.48
C SER E 168 -26.15 -28.52 -2.66
N LEU E 169 -26.96 -28.15 -3.65
CA LEU E 169 -26.46 -27.46 -4.84
C LEU E 169 -26.37 -25.96 -4.62
N ALA E 170 -27.13 -25.45 -3.66
CA ALA E 170 -27.22 -24.01 -3.42
C ALA E 170 -25.86 -23.38 -3.12
N TRP E 171 -24.91 -24.20 -2.69
CA TRP E 171 -23.58 -23.71 -2.39
C TRP E 171 -22.81 -23.28 -3.64
N GLN E 172 -23.23 -23.79 -4.79
CA GLN E 172 -22.55 -23.50 -6.05
C GLN E 172 -23.34 -22.47 -6.86
N THR E 173 -24.48 -22.06 -6.33
CA THR E 173 -25.34 -21.08 -6.99
C THR E 173 -24.65 -19.72 -7.00
N ALA E 174 -24.37 -19.20 -8.19
CA ALA E 174 -23.56 -17.99 -8.35
C ALA E 174 -24.21 -16.77 -7.71
N THR E 175 -25.53 -16.64 -7.85
CA THR E 175 -26.25 -15.50 -7.32
C THR E 175 -26.27 -15.49 -5.81
N ASN E 176 -25.59 -16.47 -5.21
CA ASN E 176 -25.37 -16.50 -3.78
C ASN E 176 -23.91 -16.17 -3.51
N PRO E 177 -23.62 -14.87 -3.33
CA PRO E 177 -22.25 -14.38 -3.10
C PRO E 177 -21.55 -15.15 -1.98
N SER E 178 -20.31 -15.56 -2.20
CA SER E 178 -19.61 -16.39 -1.24
C SER E 178 -18.27 -15.82 -0.82
N VAL E 179 -17.85 -16.17 0.39
CA VAL E 179 -16.57 -15.71 0.94
C VAL E 179 -15.71 -16.89 1.38
N PHE E 180 -14.48 -16.96 0.86
CA PHE E 180 -13.55 -18.01 1.26
C PHE E 180 -12.39 -17.40 2.04
N VAL E 181 -12.27 -17.72 3.32
CA VAL E 181 -11.13 -17.26 4.12
C VAL E 181 -10.57 -18.37 4.99
N LYS E 182 -9.38 -18.14 5.53
CA LYS E 182 -8.80 -19.03 6.54
C LYS E 182 -8.95 -18.33 7.88
N LEU E 183 -8.92 -19.10 8.98
CA LEU E 183 -8.98 -18.48 10.30
C LEU E 183 -7.66 -17.79 10.62
N SER E 184 -6.57 -18.26 10.03
CA SER E 184 -5.28 -17.61 10.19
C SER E 184 -5.35 -16.23 9.56
N ASP E 185 -6.03 -16.15 8.42
CA ASP E 185 -6.31 -14.87 7.78
C ASP E 185 -7.28 -14.10 8.65
N PRO E 186 -7.01 -12.80 8.85
CA PRO E 186 -7.87 -11.92 9.66
C PRO E 186 -9.33 -11.94 9.20
N PRO E 187 -10.26 -11.70 10.15
CA PRO E 187 -11.72 -11.79 9.93
C PRO E 187 -12.21 -11.12 8.66
N ALA E 188 -13.08 -11.83 7.93
CA ALA E 188 -13.65 -11.29 6.70
C ALA E 188 -14.55 -10.10 7.02
N GLN E 189 -14.69 -9.21 6.05
CA GLN E 189 -15.48 -8.01 6.25
C GLN E 189 -16.26 -7.72 4.97
N VAL E 190 -17.59 -7.74 5.04
CA VAL E 190 -18.40 -7.46 3.87
C VAL E 190 -19.43 -6.38 4.13
N SER E 191 -20.04 -5.87 3.07
CA SER E 191 -21.05 -4.82 3.20
C SER E 191 -22.32 -5.25 2.50
N VAL E 192 -23.43 -5.25 3.24
CA VAL E 192 -24.73 -5.56 2.66
C VAL E 192 -25.52 -4.27 2.55
N PRO E 193 -25.94 -3.92 1.33
CA PRO E 193 -26.68 -2.67 1.15
C PRO E 193 -28.14 -2.82 1.52
N PHE E 194 -28.92 -1.77 1.28
CA PHE E 194 -30.34 -1.77 1.57
C PHE E 194 -31.11 -2.65 0.57
N MET E 195 -31.70 -3.74 1.06
CA MET E 195 -32.22 -4.78 0.17
C MET E 195 -33.71 -4.69 -0.16
N SER E 196 -34.49 -4.08 0.72
CA SER E 196 -35.96 -4.10 0.62
C SER E 196 -36.50 -3.49 -0.67
N PRO E 197 -37.61 -4.05 -1.18
CA PRO E 197 -38.31 -3.49 -2.35
C PRO E 197 -39.09 -2.23 -1.98
N ALA E 198 -39.25 -1.98 -0.69
CA ALA E 198 -39.87 -0.74 -0.24
C ALA E 198 -38.80 0.35 -0.30
N SER E 199 -39.20 1.60 -0.14
CA SER E 199 -38.24 2.70 -0.19
C SER E 199 -37.42 2.76 1.08
N ALA E 200 -37.92 2.13 2.14
CA ALA E 200 -37.26 2.15 3.43
C ALA E 200 -37.73 0.97 4.26
N TYR E 201 -36.89 0.55 5.21
CA TYR E 201 -37.27 -0.49 6.14
C TYR E 201 -38.45 -0.03 6.97
N GLN E 202 -39.15 -0.98 7.59
CA GLN E 202 -40.32 -0.66 8.36
C GLN E 202 -40.45 -1.70 9.46
N TRP E 203 -40.58 -1.22 10.69
CA TRP E 203 -40.47 -2.09 11.85
C TRP E 203 -41.75 -2.84 12.18
N PHE E 204 -42.87 -2.32 11.71
CA PHE E 204 -44.17 -2.93 11.95
C PHE E 204 -45.26 -2.46 11.00
N TYR E 205 -46.00 -3.44 10.49
CA TYR E 205 -46.98 -3.24 9.44
C TYR E 205 -48.35 -3.19 10.12
N ASP E 206 -48.96 -2.01 10.18
CA ASP E 206 -50.23 -1.88 10.89
C ASP E 206 -51.36 -2.41 10.01
N GLY E 207 -51.19 -3.64 9.55
CA GLY E 207 -52.15 -4.30 8.69
C GLY E 207 -51.74 -5.74 8.51
N TYR E 208 -52.63 -6.52 7.90
CA TYR E 208 -52.29 -7.89 7.54
C TYR E 208 -51.63 -7.98 6.18
N PRO E 209 -50.48 -8.67 6.10
CA PRO E 209 -49.68 -8.85 4.88
C PRO E 209 -50.44 -9.69 3.86
N THR E 210 -51.70 -10.00 4.18
CA THR E 210 -52.54 -10.77 3.28
C THR E 210 -52.91 -9.99 2.03
N PHE E 211 -52.65 -10.64 0.91
CA PHE E 211 -53.08 -10.20 -0.39
C PHE E 211 -54.49 -10.74 -0.65
N GLY E 212 -55.42 -9.85 -0.98
CA GLY E 212 -56.78 -10.31 -1.16
C GLY E 212 -57.50 -10.21 0.18
N GLU E 213 -58.64 -10.90 0.27
CA GLU E 213 -59.38 -10.97 1.52
C GLU E 213 -58.53 -11.81 2.46
N HIS E 214 -58.56 -11.55 3.77
CA HIS E 214 -57.64 -12.27 4.65
C HIS E 214 -58.17 -13.69 4.87
N LEU E 215 -57.22 -14.62 4.97
CA LEU E 215 -57.53 -16.03 5.24
C LEU E 215 -57.20 -16.43 6.67
N GLN E 216 -58.11 -17.16 7.29
CA GLN E 216 -58.04 -17.48 8.71
C GLN E 216 -57.38 -18.85 8.95
N ALA E 217 -56.51 -19.23 8.01
CA ALA E 217 -55.67 -20.40 8.17
C ALA E 217 -54.68 -20.15 9.31
N ASN E 218 -54.29 -18.90 9.44
CA ASN E 218 -53.32 -18.45 10.43
C ASN E 218 -53.91 -17.47 11.45
N ASP E 219 -53.37 -17.46 12.66
CA ASP E 219 -53.84 -16.52 13.67
C ASP E 219 -52.64 -15.85 14.33
N LEU E 220 -51.46 -15.98 13.73
CA LEU E 220 -50.26 -15.33 14.25
C LEU E 220 -49.66 -14.25 13.33
N ASP E 221 -50.11 -14.22 12.08
CA ASP E 221 -49.54 -13.31 11.08
C ASP E 221 -50.07 -11.87 11.15
N TYR E 222 -49.55 -11.09 12.10
CA TYR E 222 -49.96 -9.69 12.23
C TYR E 222 -48.77 -8.78 12.47
N GLY E 223 -48.63 -7.74 11.65
CA GLY E 223 -47.59 -6.76 11.87
C GLY E 223 -46.31 -7.12 11.15
N ALA E 224 -46.08 -8.41 10.95
CA ALA E 224 -44.86 -8.87 10.33
C ALA E 224 -44.86 -8.51 8.85
N CYS E 225 -43.77 -7.87 8.43
CA CYS E 225 -43.62 -7.44 7.05
C CYS E 225 -42.63 -8.36 6.32
N PRO E 226 -43.11 -9.06 5.29
CA PRO E 226 -42.32 -10.10 4.61
C PRO E 226 -41.24 -9.54 3.70
N ASN E 227 -41.52 -8.40 3.06
CA ASN E 227 -40.54 -7.73 2.22
C ASN E 227 -39.56 -6.87 3.03
N ASN E 228 -39.46 -7.17 4.31
CA ASN E 228 -38.50 -6.50 5.20
C ASN E 228 -37.23 -7.31 5.45
N MET E 229 -37.19 -8.54 4.95
CA MET E 229 -36.05 -9.43 5.10
C MET E 229 -34.89 -9.04 4.17
N MET E 230 -33.69 -8.89 4.72
CA MET E 230 -32.55 -8.46 3.92
C MET E 230 -31.62 -9.63 3.59
N GLY E 231 -32.18 -10.83 3.48
CA GLY E 231 -31.43 -12.00 3.09
C GLY E 231 -31.17 -12.95 4.24
N THR E 232 -30.06 -13.70 4.17
CA THR E 232 -29.62 -14.57 5.26
C THR E 232 -28.27 -15.23 4.95
N PHE E 233 -27.53 -15.57 6.00
CA PHE E 233 -26.18 -16.11 5.86
C PHE E 233 -26.10 -17.61 6.16
N SER E 234 -25.26 -18.32 5.39
CA SER E 234 -25.03 -19.74 5.59
C SER E 234 -23.54 -20.01 5.74
N VAL E 235 -23.17 -20.97 6.57
CA VAL E 235 -21.77 -21.24 6.87
C VAL E 235 -21.39 -22.72 6.65
N ARG E 236 -20.19 -22.96 6.11
CA ARG E 236 -19.67 -24.33 5.97
C ARG E 236 -18.21 -24.48 6.32
N THR E 237 -17.87 -25.69 6.76
CA THR E 237 -16.49 -26.14 6.77
C THR E 237 -16.20 -26.71 5.39
N VAL E 238 -15.45 -25.98 4.56
CA VAL E 238 -15.21 -26.43 3.18
C VAL E 238 -14.62 -27.83 3.13
N GLY E 239 -15.06 -28.62 2.17
CA GLY E 239 -14.53 -29.97 1.98
C GLY E 239 -15.62 -31.01 1.87
N THR E 240 -15.28 -32.12 1.23
CA THR E 240 -16.22 -33.24 1.07
C THR E 240 -16.43 -33.96 2.39
N SER E 241 -15.38 -33.99 3.21
CA SER E 241 -15.46 -34.68 4.49
C SER E 241 -15.62 -33.65 5.62
N LYS E 242 -16.01 -34.14 6.78
CA LYS E 242 -16.33 -33.26 7.90
C LYS E 242 -15.03 -32.67 8.45
N SER E 243 -15.15 -31.62 9.27
CA SER E 243 -13.99 -30.90 9.78
C SER E 243 -13.04 -31.76 10.60
N LYS E 244 -11.82 -31.26 10.76
CA LYS E 244 -10.79 -31.93 11.55
C LYS E 244 -10.82 -31.30 12.93
N TYR E 245 -11.19 -30.02 12.95
CA TYR E 245 -11.16 -29.20 14.14
C TYR E 245 -12.55 -28.65 14.49
N PRO E 246 -12.84 -28.49 15.79
CA PRO E 246 -14.08 -27.89 16.29
C PRO E 246 -14.14 -26.37 16.08
N LEU E 247 -15.17 -25.88 15.37
CA LEU E 247 -15.19 -24.47 15.01
C LEU E 247 -16.40 -23.70 15.54
N VAL E 248 -16.23 -22.39 15.71
CA VAL E 248 -17.27 -21.47 16.13
C VAL E 248 -17.16 -20.15 15.37
N VAL E 249 -18.19 -19.79 14.62
CA VAL E 249 -18.20 -18.51 13.92
C VAL E 249 -19.06 -17.49 14.68
N ARG E 250 -18.55 -16.27 14.81
CA ARG E 250 -19.32 -15.18 15.44
C ARG E 250 -19.57 -14.07 14.43
N ILE E 251 -20.78 -13.52 14.46
CA ILE E 251 -21.19 -12.52 13.49
C ILE E 251 -21.36 -11.14 14.10
N TYR E 252 -20.72 -10.14 13.50
CA TYR E 252 -20.78 -8.75 13.96
C TYR E 252 -21.39 -7.84 12.92
N MET E 253 -22.25 -6.93 13.34
CA MET E 253 -22.87 -6.01 12.39
C MET E 253 -22.53 -4.56 12.65
N ARG E 254 -22.12 -3.88 11.58
CA ARG E 254 -21.83 -2.46 11.61
C ARG E 254 -22.73 -1.75 10.62
N MET E 255 -23.35 -0.67 11.06
CA MET E 255 -24.28 0.08 10.23
C MET E 255 -23.64 1.37 9.69
N LYS E 256 -23.83 1.63 8.40
CA LYS E 256 -23.18 2.77 7.74
C LYS E 256 -24.11 3.95 7.48
N HIS E 257 -24.44 4.11 6.20
CA HIS E 257 -25.18 5.28 5.73
C HIS E 257 -26.62 5.25 6.23
N VAL E 258 -26.82 5.72 7.46
CA VAL E 258 -28.12 5.61 8.12
C VAL E 258 -29.01 6.84 7.98
N ARG E 259 -30.26 6.60 7.59
CA ARG E 259 -31.32 7.61 7.64
C ARG E 259 -32.54 6.99 8.28
N ALA E 260 -33.10 7.70 9.26
CA ALA E 260 -34.31 7.23 9.95
C ALA E 260 -35.39 8.27 9.74
N TRP E 261 -36.61 7.97 10.19
CA TRP E 261 -37.70 8.92 9.94
C TRP E 261 -38.62 9.22 11.12
N ILE E 262 -39.75 8.53 11.21
CA ILE E 262 -40.78 8.94 12.17
C ILE E 262 -40.47 8.49 13.58
N PRO E 263 -40.26 9.47 14.49
CA PRO E 263 -39.90 9.22 15.88
C PRO E 263 -41.06 8.66 16.69
N ARG E 264 -40.75 7.67 17.52
CA ARG E 264 -41.75 7.04 18.35
C ARG E 264 -41.30 7.08 19.79
N PRO E 265 -42.25 6.99 20.73
CA PRO E 265 -41.82 6.86 22.11
C PRO E 265 -41.13 5.52 22.29
N MET E 266 -40.11 5.46 23.13
CA MET E 266 -39.32 4.26 23.28
C MET E 266 -39.97 3.22 24.18
N ARG E 267 -39.68 1.96 23.90
CA ARG E 267 -40.19 0.84 24.68
C ARG E 267 -39.99 1.07 26.17
N ASN E 268 -40.96 0.61 26.96
CA ASN E 268 -40.84 0.70 28.41
C ASN E 268 -41.02 -0.64 29.10
N GLN E 269 -41.74 -1.56 28.46
CA GLN E 269 -41.92 -2.87 29.06
C GLN E 269 -40.96 -3.86 28.44
N ASN E 270 -40.77 -5.01 29.07
CA ASN E 270 -39.87 -6.02 28.52
C ASN E 270 -40.50 -6.65 27.30
N TYR E 271 -39.68 -7.18 26.40
CA TYR E 271 -40.23 -7.80 25.21
C TYR E 271 -40.54 -9.25 25.52
N LEU E 272 -41.57 -9.76 24.86
CA LEU E 272 -41.94 -11.16 25.00
C LEU E 272 -41.48 -11.90 23.76
N PHE E 273 -41.88 -11.39 22.61
CA PHE E 273 -41.53 -12.02 21.35
C PHE E 273 -40.60 -11.10 20.58
N LYS E 274 -40.09 -11.57 19.45
CA LYS E 274 -39.18 -10.77 18.64
C LYS E 274 -39.78 -10.55 17.26
N ALA E 275 -41.11 -10.45 17.22
CA ALA E 275 -41.81 -10.23 15.95
C ALA E 275 -43.02 -9.30 16.12
N ASN E 276 -43.28 -8.88 17.36
CA ASN E 276 -44.38 -7.97 17.65
C ASN E 276 -44.18 -7.31 19.00
N PRO E 277 -44.48 -6.01 19.10
CA PRO E 277 -44.31 -5.31 20.38
C PRO E 277 -45.33 -5.75 21.43
N ASN E 278 -45.43 -7.05 21.66
CA ASN E 278 -46.37 -7.56 22.65
C ASN E 278 -45.76 -7.33 24.02
N TYR E 279 -46.61 -7.35 25.05
CA TYR E 279 -46.17 -7.04 26.40
C TYR E 279 -46.80 -7.99 27.41
N ALA E 280 -46.47 -7.82 28.68
CA ALA E 280 -46.87 -8.78 29.70
C ALA E 280 -48.30 -8.58 30.18
N GLY E 281 -48.80 -9.57 30.91
CA GLY E 281 -50.14 -9.51 31.48
C GLY E 281 -50.14 -8.75 32.80
N ASN E 282 -49.00 -8.13 33.08
CA ASN E 282 -48.86 -7.24 34.23
C ASN E 282 -47.92 -6.12 33.84
N SER E 283 -48.44 -4.89 33.79
CA SER E 283 -47.63 -3.80 33.29
C SER E 283 -46.70 -3.36 34.40
N ILE E 284 -45.44 -3.19 34.07
CA ILE E 284 -44.45 -2.67 34.99
C ILE E 284 -44.37 -1.18 34.72
N LYS E 285 -43.55 -0.46 35.47
CA LYS E 285 -43.49 0.99 35.38
C LYS E 285 -42.06 1.46 35.11
N PRO E 286 -41.86 2.30 34.06
CA PRO E 286 -40.52 2.75 33.68
C PRO E 286 -39.71 3.48 34.77
N THR E 287 -40.33 3.83 35.89
CA THR E 287 -39.58 4.30 37.07
C THR E 287 -40.43 4.33 38.34
N GLY E 288 -39.88 3.77 39.42
CA GLY E 288 -40.59 3.68 40.67
C GLY E 288 -39.67 4.07 41.82
N ALA E 289 -39.88 3.46 42.98
CA ALA E 289 -39.06 3.70 44.17
C ALA E 289 -38.82 5.20 44.43
N SER E 290 -39.88 5.98 44.24
CA SER E 290 -39.79 7.43 44.38
C SER E 290 -40.57 7.93 45.59
N ARG E 291 -41.11 6.97 46.34
CA ARG E 291 -41.88 7.23 47.54
C ARG E 291 -43.10 8.13 47.26
N THR E 292 -42.99 9.43 47.53
CA THR E 292 -44.13 10.33 47.36
C THR E 292 -43.71 11.72 46.87
N ALA E 293 -44.64 12.43 46.24
CA ALA E 293 -44.35 13.71 45.61
C ALA E 293 -43.80 14.79 46.55
N ILE E 294 -44.02 14.64 47.85
CA ILE E 294 -43.58 15.66 48.79
C ILE E 294 -42.17 15.40 49.31
N THR E 295 -41.86 14.15 49.62
CA THR E 295 -40.55 13.80 50.15
C THR E 295 -39.60 13.39 49.02
N THR E 296 -38.47 14.08 48.93
CA THR E 296 -37.46 13.76 47.92
C THR E 296 -36.94 12.32 48.06
N SER F 72 -38.96 1.23 -9.20
CA SER F 72 -37.72 0.46 -9.21
C SER F 72 -36.88 0.78 -10.44
N HIS F 73 -36.87 2.05 -10.84
CA HIS F 73 -36.20 2.45 -12.08
C HIS F 73 -34.69 2.40 -11.99
N SER F 74 -34.11 1.26 -12.33
CA SER F 74 -32.67 1.13 -12.43
C SER F 74 -32.34 -0.06 -13.33
N THR F 75 -31.54 0.21 -14.36
CA THR F 75 -31.24 -0.79 -15.37
C THR F 75 -29.85 -1.43 -15.30
N ALA F 76 -29.14 -1.25 -14.19
CA ALA F 76 -27.77 -1.72 -14.09
C ALA F 76 -27.69 -3.24 -13.97
N GLU F 77 -28.69 -3.82 -13.33
CA GLU F 77 -28.73 -5.25 -13.07
C GLU F 77 -29.29 -5.97 -14.27
N THR F 78 -29.54 -5.21 -15.32
CA THR F 78 -30.02 -5.77 -16.57
C THR F 78 -28.93 -5.66 -17.64
N THR F 79 -27.75 -5.22 -17.23
CA THR F 79 -26.59 -5.22 -18.12
C THR F 79 -26.09 -6.65 -18.28
N LEU F 80 -25.53 -6.95 -19.44
CA LEU F 80 -24.92 -8.26 -19.67
C LEU F 80 -23.81 -8.49 -18.66
N ASP F 81 -23.12 -7.42 -18.30
CA ASP F 81 -21.99 -7.50 -17.40
C ASP F 81 -22.46 -7.95 -16.02
N SER F 82 -23.44 -7.25 -15.47
CA SER F 82 -24.02 -7.60 -14.18
C SER F 82 -24.65 -8.99 -14.23
N PHE F 83 -25.11 -9.37 -15.43
CA PHE F 83 -25.74 -10.66 -15.64
C PHE F 83 -24.71 -11.79 -15.65
N PHE F 84 -23.45 -11.43 -15.87
CA PHE F 84 -22.39 -12.42 -16.03
C PHE F 84 -21.23 -12.26 -15.03
N SER F 85 -21.03 -11.05 -14.53
CA SER F 85 -19.92 -10.78 -13.61
C SER F 85 -20.14 -11.52 -12.29
N ARG F 86 -19.58 -12.73 -12.18
CA ARG F 86 -19.67 -13.50 -10.95
C ARG F 86 -18.71 -14.68 -10.95
N ALA F 87 -17.82 -14.73 -9.96
CA ALA F 87 -16.92 -15.87 -9.85
C ALA F 87 -17.75 -17.14 -9.62
N GLY F 88 -17.76 -18.02 -10.61
CA GLY F 88 -18.51 -19.27 -10.50
C GLY F 88 -17.63 -20.49 -10.46
N LEU F 89 -18.03 -21.49 -9.67
CA LEU F 89 -17.28 -22.74 -9.60
C LEU F 89 -17.47 -23.53 -10.89
N VAL F 90 -16.37 -23.77 -11.61
CA VAL F 90 -16.42 -24.52 -12.85
C VAL F 90 -15.47 -25.70 -12.84
N GLY F 91 -14.69 -25.81 -11.77
CA GLY F 91 -13.68 -26.84 -11.68
C GLY F 91 -13.38 -27.31 -10.28
N GLU F 92 -13.35 -28.63 -10.11
CA GLU F 92 -13.04 -29.25 -8.83
C GLU F 92 -12.02 -30.35 -9.11
N ILE F 93 -10.75 -30.06 -8.89
CA ILE F 93 -9.68 -30.95 -9.30
C ILE F 93 -9.20 -31.81 -8.14
N ASP F 94 -9.13 -33.12 -8.38
CA ASP F 94 -8.80 -34.08 -7.34
C ASP F 94 -7.37 -34.58 -7.50
N LEU F 95 -6.59 -34.47 -6.43
CA LEU F 95 -5.28 -35.08 -6.37
C LEU F 95 -5.21 -35.92 -5.11
N PRO F 96 -5.67 -37.17 -5.19
CA PRO F 96 -5.62 -38.00 -3.98
C PRO F 96 -4.19 -38.36 -3.65
N LEU F 97 -3.95 -38.85 -2.44
CA LEU F 97 -2.62 -39.29 -2.07
C LEU F 97 -2.29 -40.46 -2.96
N GLU F 98 -3.30 -41.31 -3.15
CA GLU F 98 -3.29 -42.42 -4.10
C GLU F 98 -4.71 -42.98 -4.17
N GLY F 99 -5.08 -43.53 -5.32
CA GLY F 99 -6.42 -44.02 -5.52
C GLY F 99 -6.63 -44.60 -6.92
N THR F 100 -7.74 -44.24 -7.55
CA THR F 100 -8.04 -44.72 -8.90
C THR F 100 -8.53 -43.59 -9.80
N THR F 101 -8.44 -42.37 -9.29
CA THR F 101 -8.77 -41.18 -10.07
C THR F 101 -7.59 -40.87 -10.98
N ASN F 102 -6.50 -40.39 -10.39
CA ASN F 102 -5.26 -40.20 -11.13
C ASN F 102 -4.02 -40.55 -10.31
N PRO F 103 -3.58 -41.82 -10.39
CA PRO F 103 -2.38 -42.33 -9.73
C PRO F 103 -1.11 -41.53 -10.07
N ASN F 104 -1.25 -40.50 -10.89
CA ASN F 104 -0.13 -39.78 -11.44
C ASN F 104 0.31 -38.63 -10.53
N GLY F 105 -0.68 -37.87 -10.04
CA GLY F 105 -0.42 -36.74 -9.15
C GLY F 105 -0.38 -35.47 -9.97
N TYR F 106 -1.32 -35.36 -10.90
CA TYR F 106 -1.20 -34.46 -12.04
C TYR F 106 -2.49 -34.43 -12.85
N ALA F 107 -2.95 -33.25 -13.25
CA ALA F 107 -4.23 -33.16 -13.95
C ALA F 107 -4.36 -31.96 -14.87
N ASN F 108 -4.86 -32.23 -16.09
CA ASN F 108 -5.17 -31.19 -17.06
C ASN F 108 -6.68 -30.94 -17.12
N TRP F 109 -7.04 -29.66 -17.11
CA TRP F 109 -8.44 -29.26 -17.17
C TRP F 109 -8.72 -28.38 -18.39
N ASP F 110 -9.25 -28.98 -19.45
CA ASP F 110 -9.69 -28.19 -20.59
C ASP F 110 -10.74 -27.21 -20.10
N ILE F 111 -10.60 -25.96 -20.53
CA ILE F 111 -11.29 -24.86 -19.88
C ILE F 111 -12.67 -24.60 -20.49
N ASP F 112 -13.60 -25.48 -20.16
CA ASP F 112 -14.98 -25.33 -20.61
C ASP F 112 -15.82 -24.59 -19.57
N ILE F 113 -16.71 -23.73 -20.05
CA ILE F 113 -17.64 -23.01 -19.18
C ILE F 113 -18.86 -23.87 -18.84
N THR F 114 -19.08 -24.92 -19.63
CA THR F 114 -20.27 -25.75 -19.47
C THR F 114 -20.19 -26.58 -18.18
N GLY F 115 -19.01 -26.60 -17.56
CA GLY F 115 -18.81 -27.28 -16.30
C GLY F 115 -19.76 -26.77 -15.24
N TYR F 116 -19.86 -25.44 -15.16
CA TYR F 116 -20.92 -24.80 -14.38
C TYR F 116 -22.23 -25.00 -15.13
N ALA F 117 -23.04 -25.91 -14.61
CA ALA F 117 -24.22 -26.43 -15.31
C ALA F 117 -25.14 -25.37 -15.92
N GLN F 118 -25.73 -24.54 -15.07
CA GLN F 118 -26.75 -23.58 -15.51
C GLN F 118 -26.22 -22.53 -16.48
N MET F 119 -24.90 -22.32 -16.49
CA MET F 119 -24.31 -21.27 -17.29
C MET F 119 -24.56 -21.45 -18.78
N ARG F 120 -24.72 -22.71 -19.22
CA ARG F 120 -24.84 -22.97 -20.65
C ARG F 120 -26.15 -22.42 -21.20
N ARG F 121 -27.25 -22.69 -20.51
CA ARG F 121 -28.54 -22.16 -20.93
C ARG F 121 -28.50 -20.64 -20.82
N LYS F 122 -27.75 -20.17 -19.83
CA LYS F 122 -27.69 -18.75 -19.48
C LYS F 122 -26.94 -17.96 -20.55
N VAL F 123 -26.12 -18.64 -21.33
CA VAL F 123 -25.33 -17.99 -22.37
C VAL F 123 -25.78 -18.36 -23.79
N GLU F 124 -26.52 -19.46 -23.92
CA GLU F 124 -27.05 -19.86 -25.24
C GLU F 124 -28.24 -18.99 -25.63
N LEU F 125 -28.44 -17.92 -24.87
CA LEU F 125 -29.38 -16.87 -25.21
C LEU F 125 -28.91 -16.12 -26.45
N PHE F 126 -27.60 -16.15 -26.69
CA PHE F 126 -26.99 -15.43 -27.80
C PHE F 126 -26.30 -16.39 -28.78
N THR F 127 -25.95 -15.89 -29.96
CA THR F 127 -25.14 -16.67 -30.90
C THR F 127 -23.67 -16.36 -30.69
N TYR F 128 -23.34 -15.09 -30.88
CA TYR F 128 -21.97 -14.64 -30.73
C TYR F 128 -21.86 -13.76 -29.50
N MET F 129 -20.79 -13.97 -28.75
CA MET F 129 -20.48 -13.10 -27.62
C MET F 129 -18.98 -13.08 -27.40
N ARG F 130 -18.55 -12.28 -26.43
CA ARG F 130 -17.14 -12.00 -26.23
C ARG F 130 -16.87 -11.59 -24.79
N PHE F 131 -15.77 -12.07 -24.22
CA PHE F 131 -15.48 -11.79 -22.82
C PHE F 131 -14.06 -12.12 -22.40
N ASP F 132 -13.60 -11.42 -21.36
CA ASP F 132 -12.39 -11.80 -20.64
C ASP F 132 -12.82 -12.65 -19.44
N ALA F 133 -11.86 -13.30 -18.80
CA ALA F 133 -12.18 -14.20 -17.69
C ALA F 133 -11.24 -14.04 -16.51
N GLU F 134 -11.82 -13.82 -15.33
CA GLU F 134 -11.02 -13.70 -14.10
C GLU F 134 -11.02 -15.01 -13.33
N PHE F 135 -9.87 -15.65 -13.26
CA PHE F 135 -9.78 -16.93 -12.57
C PHE F 135 -9.18 -16.80 -11.19
N THR F 136 -9.77 -17.50 -10.23
CA THR F 136 -9.23 -17.57 -8.89
C THR F 136 -9.12 -19.02 -8.48
N PHE F 137 -8.03 -19.36 -7.81
CA PHE F 137 -7.75 -20.76 -7.49
C PHE F 137 -7.70 -20.99 -5.99
N VAL F 138 -8.81 -21.45 -5.41
CA VAL F 138 -8.84 -21.82 -4.01
C VAL F 138 -8.64 -23.32 -3.89
N ALA F 139 -7.59 -23.70 -3.17
CA ALA F 139 -7.22 -25.09 -3.01
C ALA F 139 -7.18 -25.46 -1.54
N CYS F 140 -7.67 -26.66 -1.22
CA CYS F 140 -7.69 -27.13 0.16
C CYS F 140 -7.59 -28.65 0.20
N THR F 141 -7.55 -29.20 1.41
CA THR F 141 -7.67 -30.65 1.56
C THR F 141 -9.15 -30.99 1.49
N PRO F 142 -9.48 -32.28 1.26
CA PRO F 142 -10.90 -32.63 1.34
C PRO F 142 -11.46 -32.35 2.73
N THR F 143 -10.59 -32.37 3.74
CA THR F 143 -10.98 -31.97 5.09
C THR F 143 -11.18 -30.47 5.16
N GLY F 144 -10.34 -29.74 4.42
CA GLY F 144 -10.32 -28.30 4.50
C GLY F 144 -9.13 -27.79 5.27
N GLU F 145 -8.32 -28.71 5.80
CA GLU F 145 -7.07 -28.32 6.44
C GLU F 145 -6.24 -27.56 5.41
N VAL F 146 -5.79 -26.36 5.77
CA VAL F 146 -4.88 -25.65 4.89
C VAL F 146 -3.48 -26.21 5.18
N VAL F 147 -2.76 -26.51 4.11
CA VAL F 147 -1.55 -27.30 4.24
C VAL F 147 -0.34 -26.70 3.53
N PRO F 148 0.79 -26.67 4.26
CA PRO F 148 2.08 -26.17 3.76
C PRO F 148 2.61 -26.94 2.56
N GLN F 149 1.86 -26.96 1.47
CA GLN F 149 2.31 -27.58 0.23
C GLN F 149 2.46 -26.47 -0.81
N LEU F 150 3.54 -26.49 -1.57
CA LEU F 150 3.73 -25.47 -2.60
C LEU F 150 3.40 -26.10 -3.94
N LEU F 151 2.43 -25.54 -4.63
CA LEU F 151 1.95 -26.12 -5.88
C LEU F 151 2.06 -25.18 -7.08
N GLN F 152 1.82 -25.75 -8.26
CA GLN F 152 1.97 -25.04 -9.52
C GLN F 152 0.70 -25.06 -10.34
N TYR F 153 0.22 -23.88 -10.70
CA TYR F 153 -0.85 -23.76 -11.68
C TYR F 153 -0.22 -23.37 -13.01
N MET F 154 -0.56 -24.10 -14.06
CA MET F 154 -0.05 -23.77 -15.38
C MET F 154 -1.17 -23.59 -16.39
N PHE F 155 -1.19 -22.43 -17.02
CA PHE F 155 -2.12 -22.14 -18.10
C PHE F 155 -1.44 -22.29 -19.44
N VAL F 156 -1.96 -23.15 -20.29
CA VAL F 156 -1.40 -23.29 -21.63
C VAL F 156 -2.38 -22.78 -22.70
N PRO F 157 -1.89 -21.88 -23.56
CA PRO F 157 -2.61 -21.25 -24.68
C PRO F 157 -3.20 -22.28 -25.64
N PRO F 158 -4.15 -21.85 -26.50
CA PRO F 158 -4.75 -22.75 -27.49
C PRO F 158 -3.72 -23.47 -28.35
N GLY F 159 -2.68 -22.77 -28.75
CA GLY F 159 -1.63 -23.34 -29.59
C GLY F 159 -0.79 -24.38 -28.87
N ALA F 160 -0.44 -24.10 -27.63
CA ALA F 160 0.50 -24.93 -26.89
C ALA F 160 -0.01 -26.36 -26.69
N PRO F 161 0.92 -27.33 -26.68
CA PRO F 161 0.53 -28.71 -26.42
C PRO F 161 0.19 -28.89 -24.95
N LYS F 162 -0.66 -29.85 -24.62
CA LYS F 162 -0.96 -30.09 -23.22
C LYS F 162 0.03 -31.09 -22.66
N PRO F 163 0.41 -30.92 -21.39
CA PRO F 163 1.36 -31.85 -20.77
C PRO F 163 0.82 -33.26 -20.69
N ASP F 164 1.73 -34.24 -20.77
CA ASP F 164 1.34 -35.64 -20.76
C ASP F 164 1.71 -36.34 -19.45
N SER F 165 2.85 -35.99 -18.90
CA SER F 165 3.33 -36.62 -17.66
C SER F 165 3.65 -35.61 -16.57
N ARG F 166 3.77 -36.12 -15.34
CA ARG F 166 4.16 -35.29 -14.20
C ARG F 166 5.58 -34.77 -14.39
N GLU F 167 6.36 -35.55 -15.12
CA GLU F 167 7.77 -35.26 -15.39
C GLU F 167 7.93 -34.71 -16.79
N SER F 168 6.83 -34.23 -17.36
CA SER F 168 6.83 -33.71 -18.73
C SER F 168 7.75 -32.51 -18.95
N LEU F 169 7.96 -32.20 -20.22
CA LEU F 169 8.82 -31.09 -20.62
C LEU F 169 8.00 -29.80 -20.62
N ALA F 170 6.70 -29.95 -20.76
CA ALA F 170 5.79 -28.82 -20.86
C ALA F 170 5.79 -27.88 -19.65
N TRP F 171 6.25 -28.38 -18.51
CA TRP F 171 6.22 -27.60 -17.29
C TRP F 171 7.23 -26.45 -17.30
N GLN F 172 8.25 -26.58 -18.14
CA GLN F 172 9.31 -25.59 -18.22
C GLN F 172 9.14 -24.71 -19.46
N THR F 173 8.13 -25.00 -20.26
CA THR F 173 7.85 -24.24 -21.47
C THR F 173 7.38 -22.83 -21.10
N ALA F 174 8.17 -21.82 -21.49
CA ALA F 174 7.92 -20.44 -21.06
C ALA F 174 6.61 -19.88 -21.58
N THR F 175 6.30 -20.16 -22.85
CA THR F 175 5.07 -19.62 -23.45
C THR F 175 3.83 -20.28 -22.85
N ASN F 176 4.06 -21.16 -21.88
CA ASN F 176 2.99 -21.69 -21.08
C ASN F 176 3.11 -21.08 -19.69
N PRO F 177 2.46 -19.92 -19.48
CA PRO F 177 2.51 -19.16 -18.24
C PRO F 177 2.19 -19.99 -17.00
N SER F 178 2.97 -19.83 -15.94
CA SER F 178 2.81 -20.64 -14.74
C SER F 178 2.64 -19.75 -13.50
N VAL F 179 1.92 -20.27 -12.52
CA VAL F 179 1.68 -19.54 -11.28
C VAL F 179 2.09 -20.41 -10.09
N PHE F 180 2.95 -19.87 -9.22
CA PHE F 180 3.38 -20.60 -8.02
C PHE F 180 2.84 -19.95 -6.76
N VAL F 181 1.99 -20.68 -6.02
CA VAL F 181 1.48 -20.20 -4.75
C VAL F 181 1.51 -21.29 -3.67
N LYS F 182 1.34 -20.86 -2.43
CA LYS F 182 1.18 -21.78 -1.30
C LYS F 182 -0.29 -21.78 -0.91
N LEU F 183 -0.74 -22.83 -0.23
CA LEU F 183 -2.12 -22.87 0.25
C LEU F 183 -2.28 -21.92 1.43
N SER F 184 -1.19 -21.67 2.17
CA SER F 184 -1.21 -20.73 3.27
C SER F 184 -1.48 -19.34 2.72
N ASP F 185 -0.87 -19.08 1.56
CA ASP F 185 -1.11 -17.86 0.82
C ASP F 185 -2.54 -17.89 0.27
N PRO F 186 -3.25 -16.76 0.37
CA PRO F 186 -4.62 -16.66 -0.13
C PRO F 186 -4.69 -17.05 -1.61
N PRO F 187 -5.86 -17.57 -2.05
CA PRO F 187 -6.04 -18.10 -3.41
C PRO F 187 -5.48 -17.21 -4.50
N ALA F 188 -4.76 -17.83 -5.44
CA ALA F 188 -4.20 -17.09 -6.56
C ALA F 188 -5.30 -16.55 -7.46
N GLN F 189 -5.02 -15.47 -8.17
CA GLN F 189 -6.02 -14.85 -9.00
C GLN F 189 -5.41 -14.36 -10.31
N VAL F 190 -5.85 -14.92 -11.43
CA VAL F 190 -5.35 -14.47 -12.74
C VAL F 190 -6.50 -14.16 -13.68
N SER F 191 -6.20 -13.47 -14.78
CA SER F 191 -7.21 -13.10 -15.76
C SER F 191 -6.83 -13.55 -17.17
N VAL F 192 -7.72 -14.29 -17.82
CA VAL F 192 -7.50 -14.70 -19.20
C VAL F 192 -8.43 -13.90 -20.12
N PRO F 193 -7.84 -13.18 -21.07
CA PRO F 193 -8.64 -12.36 -22.00
C PRO F 193 -9.22 -13.18 -23.15
N PHE F 194 -9.84 -12.47 -24.08
CA PHE F 194 -10.48 -13.05 -25.25
C PHE F 194 -9.45 -13.56 -26.27
N MET F 195 -9.41 -14.87 -26.46
CA MET F 195 -8.32 -15.52 -27.21
C MET F 195 -8.60 -15.78 -28.69
N SER F 196 -9.88 -15.90 -29.04
CA SER F 196 -10.29 -16.36 -30.37
C SER F 196 -9.76 -15.52 -31.53
N PRO F 197 -9.43 -16.18 -32.65
CA PRO F 197 -9.01 -15.53 -33.90
C PRO F 197 -10.18 -14.90 -34.64
N ALA F 198 -11.39 -15.27 -34.25
CA ALA F 198 -12.60 -14.66 -34.79
C ALA F 198 -12.86 -13.35 -34.06
N SER F 199 -13.83 -12.57 -34.55
CA SER F 199 -14.16 -11.31 -33.90
C SER F 199 -14.91 -11.58 -32.60
N ALA F 200 -15.46 -12.78 -32.49
CA ALA F 200 -16.24 -13.14 -31.30
C ALA F 200 -16.32 -14.65 -31.12
N TYR F 201 -16.54 -15.07 -29.88
CA TYR F 201 -16.79 -16.47 -29.56
C TYR F 201 -18.08 -16.90 -30.22
N GLN F 202 -18.31 -18.20 -30.30
CA GLN F 202 -19.50 -18.70 -30.96
C GLN F 202 -19.92 -20.00 -30.32
N TRP F 203 -21.18 -20.08 -29.90
CA TRP F 203 -21.59 -21.21 -29.10
C TRP F 203 -21.90 -22.43 -29.96
N PHE F 204 -22.24 -22.18 -31.23
CA PHE F 204 -22.45 -23.27 -32.19
C PHE F 204 -22.42 -22.80 -33.64
N TYR F 205 -21.61 -23.48 -34.44
CA TYR F 205 -21.32 -23.13 -35.82
C TYR F 205 -22.07 -24.05 -36.78
N ASP F 206 -23.04 -23.52 -37.52
CA ASP F 206 -23.86 -24.36 -38.38
C ASP F 206 -23.11 -24.81 -39.63
N GLY F 207 -21.99 -25.50 -39.42
CA GLY F 207 -21.18 -25.97 -40.52
C GLY F 207 -20.10 -26.91 -40.03
N TYR F 208 -19.39 -27.53 -40.95
CA TYR F 208 -18.26 -28.38 -40.58
C TYR F 208 -17.02 -27.51 -40.42
N PRO F 209 -16.37 -27.61 -39.25
CA PRO F 209 -15.20 -26.78 -38.89
C PRO F 209 -13.96 -27.10 -39.73
N THR F 210 -14.09 -28.10 -40.59
CA THR F 210 -13.05 -28.43 -41.55
C THR F 210 -13.12 -27.48 -42.75
N PHE F 211 -11.97 -26.91 -43.10
CA PHE F 211 -11.87 -26.14 -44.33
C PHE F 211 -11.63 -27.05 -45.54
N GLY F 212 -12.37 -26.81 -46.61
CA GLY F 212 -12.27 -27.62 -47.81
C GLY F 212 -13.32 -28.70 -47.97
N GLU F 213 -13.06 -29.61 -48.91
CA GLU F 213 -13.94 -30.73 -49.20
C GLU F 213 -13.94 -31.73 -48.04
N HIS F 214 -15.06 -32.41 -47.84
CA HIS F 214 -15.21 -33.25 -46.65
C HIS F 214 -14.47 -34.58 -46.70
N LEU F 215 -13.90 -34.94 -45.56
CA LEU F 215 -13.30 -36.24 -45.31
C LEU F 215 -14.17 -37.00 -44.31
N GLN F 216 -14.39 -38.30 -44.54
CA GLN F 216 -15.32 -39.06 -43.70
C GLN F 216 -14.59 -39.73 -42.54
N ALA F 217 -13.46 -39.16 -42.13
CA ALA F 217 -12.79 -39.62 -40.92
C ALA F 217 -13.61 -39.25 -39.68
N ASN F 218 -14.09 -38.01 -39.65
CA ASN F 218 -14.92 -37.51 -38.55
C ASN F 218 -16.26 -36.95 -39.02
N ASP F 219 -17.32 -37.16 -38.24
CA ASP F 219 -18.62 -36.59 -38.59
C ASP F 219 -19.44 -36.17 -37.36
N LEU F 220 -18.82 -36.06 -36.19
CA LEU F 220 -19.56 -35.59 -35.02
C LEU F 220 -19.09 -34.19 -34.66
N ASP F 221 -17.99 -33.76 -35.26
CA ASP F 221 -17.53 -32.40 -35.03
C ASP F 221 -18.39 -31.48 -35.89
N TYR F 222 -19.59 -31.23 -35.38
CA TYR F 222 -20.60 -30.46 -36.09
C TYR F 222 -21.15 -29.46 -35.09
N GLY F 223 -21.10 -28.18 -35.44
CA GLY F 223 -21.59 -27.15 -34.55
C GLY F 223 -20.42 -26.68 -33.69
N ALA F 224 -19.48 -27.59 -33.46
CA ALA F 224 -18.32 -27.31 -32.64
C ALA F 224 -17.33 -26.40 -33.36
N CYS F 225 -16.93 -25.35 -32.67
CA CYS F 225 -15.96 -24.39 -33.20
C CYS F 225 -14.62 -24.61 -32.48
N PRO F 226 -13.58 -24.98 -33.23
CA PRO F 226 -12.33 -25.37 -32.55
C PRO F 226 -11.58 -24.16 -32.01
N ASN F 227 -11.67 -23.05 -32.73
CA ASN F 227 -11.07 -21.79 -32.27
C ASN F 227 -11.99 -21.06 -31.29
N ASN F 228 -12.90 -21.80 -30.70
CA ASN F 228 -13.78 -21.28 -29.65
C ASN F 228 -13.17 -21.71 -28.31
N MET F 229 -12.13 -22.51 -28.41
CA MET F 229 -11.39 -23.00 -27.25
C MET F 229 -10.48 -21.91 -26.71
N MET F 230 -10.57 -21.65 -25.41
CA MET F 230 -9.77 -20.58 -24.82
C MET F 230 -8.60 -21.14 -24.02
N GLY F 231 -8.08 -22.29 -24.43
CA GLY F 231 -6.90 -22.86 -23.80
C GLY F 231 -7.20 -24.07 -22.94
N THR F 232 -6.41 -24.23 -21.88
CA THR F 232 -6.64 -25.25 -20.85
C THR F 232 -5.65 -25.11 -19.68
N PHE F 233 -6.08 -25.53 -18.50
CA PHE F 233 -5.30 -25.38 -17.28
C PHE F 233 -4.70 -26.70 -16.78
N SER F 234 -3.50 -26.63 -16.22
CA SER F 234 -2.83 -27.80 -15.66
C SER F 234 -2.41 -27.54 -14.21
N VAL F 235 -2.48 -28.56 -13.37
CA VAL F 235 -2.16 -28.40 -11.95
C VAL F 235 -1.12 -29.40 -11.47
N ARG F 236 -0.17 -28.94 -10.65
CA ARG F 236 0.81 -29.83 -10.03
C ARG F 236 1.14 -29.48 -8.60
N THR F 237 1.48 -30.50 -7.82
CA THR F 237 2.21 -30.32 -6.57
C THR F 237 3.69 -30.26 -6.93
N VAL F 238 4.29 -29.08 -6.87
CA VAL F 238 5.66 -28.89 -7.32
C VAL F 238 6.63 -29.86 -6.64
N GLY F 239 7.62 -30.33 -7.39
CA GLY F 239 8.64 -31.19 -6.84
C GLY F 239 8.88 -32.44 -7.67
N THR F 240 10.10 -32.97 -7.55
CA THR F 240 10.50 -34.20 -8.23
C THR F 240 9.85 -35.41 -7.56
N SER F 241 9.59 -35.28 -6.26
CA SER F 241 9.02 -36.37 -5.50
C SER F 241 7.53 -36.15 -5.27
N LYS F 242 6.86 -37.19 -4.81
CA LYS F 242 5.42 -37.18 -4.69
C LYS F 242 4.96 -36.26 -3.57
N SER F 243 3.71 -35.82 -3.65
CA SER F 243 3.14 -34.92 -2.65
C SER F 243 3.04 -35.66 -1.31
N LYS F 244 2.91 -34.92 -0.23
CA LYS F 244 2.74 -35.53 1.09
C LYS F 244 1.27 -35.57 1.48
N TYR F 245 0.52 -34.59 0.98
CA TYR F 245 -0.84 -34.41 1.46
C TYR F 245 -1.88 -34.55 0.36
N PRO F 246 -3.05 -35.11 0.72
CA PRO F 246 -4.16 -35.19 -0.21
C PRO F 246 -4.78 -33.81 -0.40
N LEU F 247 -4.78 -33.33 -1.63
CA LEU F 247 -5.19 -31.96 -1.89
C LEU F 247 -6.39 -31.95 -2.84
N VAL F 248 -7.15 -30.86 -2.77
CA VAL F 248 -8.30 -30.68 -3.66
C VAL F 248 -8.29 -29.24 -4.14
N VAL F 249 -8.16 -29.08 -5.44
CA VAL F 249 -8.17 -27.75 -6.04
C VAL F 249 -9.54 -27.48 -6.62
N ARG F 250 -10.06 -26.29 -6.36
CA ARG F 250 -11.33 -25.88 -6.92
C ARG F 250 -11.09 -24.70 -7.85
N ILE F 251 -11.70 -24.73 -9.02
CA ILE F 251 -11.46 -23.72 -10.03
C ILE F 251 -12.69 -22.84 -10.21
N TYR F 252 -12.49 -21.54 -10.12
CA TYR F 252 -13.59 -20.58 -10.23
C TYR F 252 -13.43 -19.62 -11.40
N MET F 253 -14.53 -19.38 -12.09
CA MET F 253 -14.51 -18.49 -13.25
C MET F 253 -15.39 -17.26 -13.08
N ARG F 254 -14.82 -16.11 -13.39
CA ARG F 254 -15.54 -14.85 -13.40
C ARG F 254 -15.46 -14.22 -14.78
N MET F 255 -16.61 -13.79 -15.31
CA MET F 255 -16.65 -13.21 -16.66
C MET F 255 -16.74 -11.69 -16.58
N LYS F 256 -15.90 -10.99 -17.35
CA LYS F 256 -15.85 -9.53 -17.28
C LYS F 256 -16.42 -8.78 -18.48
N HIS F 257 -15.52 -8.22 -19.29
CA HIS F 257 -15.90 -7.31 -20.36
C HIS F 257 -16.68 -8.02 -21.46
N VAL F 258 -17.98 -8.18 -21.24
CA VAL F 258 -18.84 -8.96 -22.13
C VAL F 258 -19.56 -8.14 -23.19
N ARG F 259 -19.48 -8.59 -24.44
CA ARG F 259 -20.33 -8.08 -25.50
C ARG F 259 -20.90 -9.28 -26.23
N ALA F 260 -22.22 -9.28 -26.40
CA ALA F 260 -22.91 -10.35 -27.07
C ALA F 260 -23.61 -9.80 -28.28
N TRP F 261 -24.22 -10.67 -29.09
CA TRP F 261 -24.84 -10.16 -30.29
C TRP F 261 -26.23 -10.71 -30.57
N ILE F 262 -26.32 -11.76 -31.39
CA ILE F 262 -27.62 -12.19 -31.89
C ILE F 262 -28.39 -12.98 -30.85
N PRO F 263 -29.56 -12.45 -30.45
CA PRO F 263 -30.41 -13.04 -29.40
C PRO F 263 -31.11 -14.31 -29.87
N ARG F 264 -31.15 -15.32 -29.01
CA ARG F 264 -31.81 -16.58 -29.35
C ARG F 264 -32.80 -16.96 -28.26
N PRO F 265 -33.80 -17.78 -28.60
CA PRO F 265 -34.69 -18.27 -27.53
C PRO F 265 -33.94 -19.18 -26.55
N MET F 266 -34.33 -19.17 -25.28
CA MET F 266 -33.61 -19.93 -24.27
C MET F 266 -34.04 -21.39 -24.29
N ARG F 267 -33.08 -22.26 -23.96
CA ARG F 267 -33.29 -23.70 -23.91
C ARG F 267 -34.53 -24.10 -23.10
N ASN F 268 -35.21 -25.16 -23.51
CA ASN F 268 -36.34 -25.66 -22.74
C ASN F 268 -36.22 -27.15 -22.40
N GLN F 269 -35.46 -27.91 -23.18
CA GLN F 269 -35.29 -29.32 -22.89
C GLN F 269 -33.98 -29.59 -22.17
N ASN F 270 -33.87 -30.77 -21.57
CA ASN F 270 -32.65 -31.16 -20.88
C ASN F 270 -31.56 -31.49 -21.90
N TYR F 271 -30.31 -31.34 -21.49
CA TYR F 271 -29.19 -31.60 -22.40
C TYR F 271 -28.73 -33.05 -22.38
N LEU F 272 -28.21 -33.50 -23.51
CA LEU F 272 -27.64 -34.83 -23.62
C LEU F 272 -26.12 -34.72 -23.62
N PHE F 273 -25.60 -33.95 -24.57
CA PHE F 273 -24.18 -33.72 -24.72
C PHE F 273 -23.80 -32.26 -24.53
N LYS F 274 -22.51 -31.97 -24.60
CA LYS F 274 -22.00 -30.63 -24.41
C LYS F 274 -21.29 -30.15 -25.67
N ALA F 275 -21.78 -30.61 -26.82
CA ALA F 275 -21.22 -30.22 -28.11
C ALA F 275 -22.29 -30.05 -29.17
N ASN F 276 -23.54 -30.31 -28.81
CA ASN F 276 -24.65 -30.18 -29.75
C ASN F 276 -25.98 -30.05 -29.03
N PRO F 277 -26.87 -29.20 -29.54
CA PRO F 277 -28.18 -29.03 -28.92
C PRO F 277 -29.05 -30.26 -29.09
N ASN F 278 -28.54 -31.42 -28.71
CA ASN F 278 -29.30 -32.65 -28.84
C ASN F 278 -30.32 -32.70 -27.73
N TYR F 279 -31.40 -33.45 -27.97
CA TYR F 279 -32.49 -33.56 -27.02
C TYR F 279 -33.03 -34.97 -27.04
N ALA F 280 -34.05 -35.23 -26.23
CA ALA F 280 -34.54 -36.59 -26.09
C ALA F 280 -35.47 -36.94 -27.24
N GLY F 281 -35.77 -38.23 -27.38
CA GLY F 281 -36.68 -38.71 -28.41
C GLY F 281 -38.12 -38.61 -27.92
N ASN F 282 -38.29 -37.92 -26.80
CA ASN F 282 -39.61 -37.63 -26.25
C ASN F 282 -39.57 -36.24 -25.61
N SER F 283 -40.30 -35.31 -26.20
CA SER F 283 -40.22 -33.91 -25.79
C SER F 283 -41.06 -33.63 -24.55
N ILE F 284 -40.48 -32.88 -23.62
CA ILE F 284 -41.22 -32.42 -22.46
C ILE F 284 -41.71 -31.00 -22.77
N LYS F 285 -42.47 -30.43 -21.86
CA LYS F 285 -43.10 -29.14 -22.06
C LYS F 285 -42.75 -28.19 -20.91
N PRO F 286 -42.26 -26.99 -21.23
CA PRO F 286 -41.80 -26.07 -20.18
C PRO F 286 -42.84 -25.66 -19.10
N THR F 287 -44.13 -25.98 -19.27
CA THR F 287 -45.09 -25.83 -18.16
C THR F 287 -46.45 -26.50 -18.44
N GLY F 288 -46.93 -27.27 -17.45
CA GLY F 288 -48.14 -28.06 -17.57
C GLY F 288 -49.04 -27.98 -16.35
N ALA F 289 -49.68 -29.10 -16.01
CA ALA F 289 -50.56 -29.23 -14.85
C ALA F 289 -51.61 -28.12 -14.79
N SER F 290 -52.25 -27.88 -15.93
CA SER F 290 -53.20 -26.79 -16.05
C SER F 290 -54.67 -27.19 -16.19
N ARG F 291 -55.00 -28.47 -16.07
CA ARG F 291 -56.39 -28.91 -16.19
C ARG F 291 -56.95 -28.46 -17.54
N THR F 292 -57.63 -27.32 -17.55
CA THR F 292 -58.22 -26.78 -18.77
C THR F 292 -58.11 -25.26 -18.75
N ALA F 293 -58.11 -24.65 -19.94
CA ALA F 293 -57.85 -23.22 -20.11
C ALA F 293 -58.79 -22.26 -19.37
N ILE F 294 -59.95 -22.75 -18.94
CA ILE F 294 -60.94 -21.87 -18.33
C ILE F 294 -60.73 -21.74 -16.82
N THR F 295 -60.35 -22.84 -16.17
CA THR F 295 -60.18 -22.83 -14.72
C THR F 295 -58.76 -22.46 -14.34
N THR F 296 -58.61 -21.43 -13.50
CA THR F 296 -57.30 -21.00 -13.02
C THR F 296 -56.56 -22.13 -12.29
N SER G 72 33.03 2.86 -19.09
CA SER G 72 32.61 2.87 -17.69
C SER G 72 32.52 4.31 -17.18
N HIS G 73 32.08 5.21 -18.06
CA HIS G 73 32.09 6.63 -17.78
C HIS G 73 30.97 7.08 -16.83
N SER G 74 31.21 6.94 -15.53
CA SER G 74 30.27 7.41 -14.52
C SER G 74 30.96 7.49 -13.15
N THR G 75 30.73 8.58 -12.44
CA THR G 75 31.40 8.81 -11.16
C THR G 75 30.51 8.38 -10.01
N ALA G 76 29.48 7.61 -10.33
CA ALA G 76 28.49 7.22 -9.34
C ALA G 76 29.06 6.22 -8.36
N GLU G 77 29.93 5.34 -8.85
CA GLU G 77 30.52 4.33 -7.99
C GLU G 77 31.81 4.79 -7.33
N THR G 78 32.15 6.06 -7.53
CA THR G 78 33.34 6.61 -6.89
C THR G 78 32.99 7.63 -5.82
N THR G 79 31.69 7.78 -5.55
CA THR G 79 31.25 8.59 -4.42
C THR G 79 31.47 7.80 -3.15
N LEU G 80 31.66 8.50 -2.04
CA LEU G 80 31.80 7.84 -0.75
C LEU G 80 30.59 6.96 -0.44
N ASP G 81 29.41 7.40 -0.86
CA ASP G 81 28.17 6.69 -0.56
C ASP G 81 28.15 5.31 -1.21
N SER G 82 28.35 5.26 -2.52
CA SER G 82 28.38 3.99 -3.24
C SER G 82 29.53 3.13 -2.71
N PHE G 83 30.56 3.80 -2.21
CA PHE G 83 31.73 3.13 -1.67
C PHE G 83 31.40 2.54 -0.30
N PHE G 84 30.33 3.01 0.30
CA PHE G 84 29.97 2.61 1.65
C PHE G 84 28.58 2.00 1.77
N SER G 85 27.67 2.38 0.87
CA SER G 85 26.29 1.90 0.96
C SER G 85 26.20 0.40 0.68
N ARG G 86 26.33 -0.38 1.74
CA ARG G 86 26.16 -1.84 1.69
C ARG G 86 26.15 -2.42 3.08
N ALA G 87 25.05 -3.11 3.43
CA ALA G 87 24.92 -3.76 4.72
C ALA G 87 25.99 -4.81 4.94
N GLY G 88 26.84 -4.60 5.94
CA GLY G 88 27.87 -5.56 6.26
C GLY G 88 27.52 -6.22 7.59
N LEU G 89 27.82 -7.50 7.70
CA LEU G 89 27.55 -8.22 8.95
C LEU G 89 28.52 -7.75 10.03
N VAL G 90 27.97 -7.21 11.12
CA VAL G 90 28.81 -6.70 12.19
C VAL G 90 28.51 -7.34 13.54
N GLY G 91 27.53 -8.23 13.59
CA GLY G 91 27.16 -8.84 14.84
C GLY G 91 26.65 -10.26 14.70
N GLU G 92 27.22 -11.15 15.51
CA GLU G 92 26.81 -12.53 15.54
C GLU G 92 26.67 -12.95 17.00
N ILE G 93 25.47 -12.81 17.52
CA ILE G 93 25.23 -13.06 18.93
C ILE G 93 24.50 -14.38 19.11
N ASP G 94 25.02 -15.24 19.97
CA ASP G 94 24.43 -16.56 20.17
C ASP G 94 23.70 -16.58 21.50
N LEU G 95 22.45 -17.00 21.46
CA LEU G 95 21.70 -17.23 22.69
C LEU G 95 21.21 -18.67 22.63
N PRO G 96 22.07 -19.60 23.07
CA PRO G 96 21.74 -21.02 23.07
C PRO G 96 20.71 -21.32 24.14
N LEU G 97 20.15 -22.53 24.11
CA LEU G 97 19.19 -22.92 25.12
C LEU G 97 19.85 -22.89 26.49
N GLU G 98 21.10 -23.34 26.55
CA GLU G 98 21.95 -23.20 27.73
C GLU G 98 23.36 -23.63 27.35
N GLY G 99 24.36 -23.09 28.03
CA GLY G 99 25.75 -23.36 27.72
C GLY G 99 26.72 -22.65 28.64
N THR G 100 27.77 -22.05 28.10
CA THR G 100 28.76 -21.37 28.94
C THR G 100 29.26 -20.03 28.40
N THR G 101 28.62 -19.52 27.35
CA THR G 101 28.95 -18.20 26.82
C THR G 101 28.23 -17.17 27.70
N ASN G 102 26.92 -17.17 27.61
CA ASN G 102 25.97 -16.43 28.46
C ASN G 102 24.82 -17.35 28.75
N PRO G 103 24.93 -18.12 29.85
CA PRO G 103 23.85 -19.02 30.25
C PRO G 103 22.54 -18.29 30.54
N ASN G 104 22.52 -16.96 30.43
CA ASN G 104 21.39 -16.16 30.89
C ASN G 104 20.31 -15.94 29.84
N GLY G 105 20.70 -15.70 28.59
CA GLY G 105 19.74 -15.42 27.54
C GLY G 105 19.71 -13.92 27.37
N TYR G 106 20.91 -13.35 27.28
CA TYR G 106 21.14 -11.94 27.53
C TYR G 106 22.54 -11.56 27.05
N ALA G 107 22.62 -10.46 26.31
CA ALA G 107 23.88 -10.03 25.72
C ALA G 107 23.88 -8.54 25.44
N ASN G 108 24.99 -7.88 25.79
CA ASN G 108 25.16 -6.47 25.48
C ASN G 108 26.06 -6.37 24.26
N TRP G 109 25.67 -5.55 23.28
CA TRP G 109 26.50 -5.42 22.10
C TRP G 109 26.95 -3.97 21.93
N ASP G 110 28.14 -3.67 22.43
CA ASP G 110 28.75 -2.38 22.17
C ASP G 110 28.95 -2.24 20.66
N ILE G 111 28.62 -1.06 20.16
CA ILE G 111 28.40 -0.88 18.74
C ILE G 111 29.68 -0.55 17.97
N ASP G 112 30.47 -1.58 17.68
CA ASP G 112 31.68 -1.41 16.91
C ASP G 112 31.41 -1.56 15.40
N ILE G 113 32.03 -0.69 14.62
CA ILE G 113 31.98 -0.77 13.17
C ILE G 113 33.06 -1.73 12.71
N THR G 114 34.03 -1.97 13.59
CA THR G 114 35.17 -2.82 13.28
C THR G 114 34.73 -4.27 13.16
N GLY G 115 33.47 -4.53 13.54
CA GLY G 115 32.88 -5.85 13.43
C GLY G 115 32.98 -6.38 12.01
N TYR G 116 32.62 -5.54 11.04
CA TYR G 116 32.94 -5.83 9.66
C TYR G 116 34.44 -5.59 9.52
N ALA G 117 35.19 -6.69 9.46
CA ALA G 117 36.65 -6.67 9.59
C ALA G 117 37.31 -5.61 8.71
N GLN G 118 37.14 -5.78 7.41
CA GLN G 118 37.78 -4.95 6.41
C GLN G 118 37.33 -3.50 6.43
N MET G 119 36.18 -3.24 7.06
CA MET G 119 35.63 -1.89 7.12
C MET G 119 36.58 -0.92 7.81
N ARG G 120 37.38 -1.43 8.73
CA ARG G 120 38.24 -0.59 9.54
C ARG G 120 39.32 0.08 8.70
N ARG G 121 39.99 -0.70 7.87
CA ARG G 121 40.97 -0.14 6.95
C ARG G 121 40.22 0.73 5.95
N LYS G 122 38.99 0.30 5.68
CA LYS G 122 38.14 0.90 4.66
C LYS G 122 37.68 2.29 5.10
N VAL G 123 37.74 2.55 6.40
CA VAL G 123 37.35 3.85 6.93
C VAL G 123 38.57 4.63 7.42
N GLU G 124 39.67 3.93 7.66
CA GLU G 124 40.92 4.62 8.03
C GLU G 124 41.60 5.23 6.81
N LEU G 125 40.87 5.28 5.70
CA LEU G 125 41.30 6.03 4.53
C LEU G 125 41.25 7.52 4.86
N PHE G 126 40.38 7.86 5.80
CA PHE G 126 40.16 9.25 6.19
C PHE G 126 40.47 9.46 7.68
N THR G 127 40.53 10.70 8.12
CA THR G 127 40.67 10.98 9.55
C THR G 127 39.31 11.11 10.20
N TYR G 128 38.54 12.08 9.72
CA TYR G 128 37.21 12.33 10.25
C TYR G 128 36.18 12.04 9.18
N MET G 129 35.08 11.42 9.58
CA MET G 129 33.97 11.21 8.66
C MET G 129 32.66 11.18 9.44
N ARG G 130 31.54 11.11 8.74
CA ARG G 130 30.24 11.28 9.38
C ARG G 130 29.13 10.63 8.58
N PHE G 131 28.19 9.99 9.27
CA PHE G 131 27.16 9.21 8.61
C PHE G 131 26.01 8.84 9.53
N ASP G 132 24.86 8.54 8.96
CA ASP G 132 23.80 7.87 9.70
C ASP G 132 24.00 6.38 9.47
N ALA G 133 23.34 5.54 10.28
CA ALA G 133 23.54 4.09 10.17
C ALA G 133 22.22 3.33 10.28
N GLU G 134 21.95 2.49 9.28
CA GLU G 134 20.75 1.66 9.27
C GLU G 134 21.05 0.23 9.69
N PHE G 135 20.48 -0.20 10.80
CA PHE G 135 20.76 -1.52 11.34
C PHE G 135 19.69 -2.54 10.98
N THR G 136 20.12 -3.76 10.66
CA THR G 136 19.18 -4.84 10.37
C THR G 136 19.47 -6.06 11.23
N PHE G 137 18.41 -6.72 11.72
CA PHE G 137 18.55 -7.80 12.67
C PHE G 137 17.94 -9.10 12.15
N VAL G 138 18.76 -9.99 11.59
CA VAL G 138 18.25 -11.31 11.18
C VAL G 138 18.54 -12.35 12.25
N ALA G 139 17.49 -13.01 12.71
CA ALA G 139 17.62 -13.99 13.78
C ALA G 139 17.17 -15.37 13.31
N CYS G 140 17.91 -16.38 13.72
CA CYS G 140 17.61 -17.76 13.37
C CYS G 140 18.14 -18.70 14.44
N THR G 141 17.90 -19.99 14.27
CA THR G 141 18.54 -21.01 15.09
C THR G 141 19.92 -21.29 14.51
N PRO G 142 20.80 -21.96 15.29
CA PRO G 142 22.05 -22.38 14.66
C PRO G 142 21.79 -23.32 13.49
N THR G 143 20.66 -24.01 13.52
CA THR G 143 20.21 -24.83 12.41
C THR G 143 19.75 -23.95 11.25
N GLY G 144 19.15 -22.82 11.60
CA GLY G 144 18.53 -21.96 10.61
C GLY G 144 17.03 -22.09 10.65
N GLU G 145 16.54 -22.94 11.54
CA GLU G 145 15.09 -23.05 11.76
C GLU G 145 14.57 -21.68 12.15
N VAL G 146 13.57 -21.18 11.43
CA VAL G 146 12.90 -19.99 11.90
C VAL G 146 11.88 -20.51 12.90
N VAL G 147 11.84 -19.86 14.05
CA VAL G 147 11.13 -20.40 15.20
C VAL G 147 10.21 -19.37 15.82
N PRO G 148 8.98 -19.79 16.15
CA PRO G 148 7.97 -18.91 16.76
C PRO G 148 8.39 -18.28 18.08
N GLN G 149 9.45 -17.48 18.07
CA GLN G 149 9.88 -16.76 19.24
C GLN G 149 9.79 -15.24 19.08
N LEU G 150 9.31 -14.58 20.11
CA LEU G 150 9.20 -13.12 20.13
C LEU G 150 10.33 -12.57 21.00
N LEU G 151 11.19 -11.75 20.42
CA LEU G 151 12.34 -11.22 21.15
C LEU G 151 12.34 -9.70 21.20
N GLN G 152 13.24 -9.15 22.00
CA GLN G 152 13.31 -7.71 22.22
C GLN G 152 14.69 -7.15 21.87
N TYR G 153 14.71 -6.16 20.99
CA TYR G 153 15.92 -5.40 20.74
C TYR G 153 15.84 -4.08 21.47
N MET G 154 16.89 -3.76 22.23
CA MET G 154 16.93 -2.49 22.93
C MET G 154 18.21 -1.75 22.59
N PHE G 155 18.06 -0.52 22.10
CA PHE G 155 19.19 0.34 21.84
C PHE G 155 19.34 1.32 22.98
N VAL G 156 20.49 1.30 23.63
CA VAL G 156 20.77 2.24 24.69
C VAL G 156 21.88 3.22 24.29
N PRO G 157 21.61 4.53 24.41
CA PRO G 157 22.53 5.62 24.09
C PRO G 157 23.86 5.49 24.83
N PRO G 158 24.91 6.19 24.36
CA PRO G 158 26.24 6.15 25.00
C PRO G 158 26.22 6.49 26.48
N GLY G 159 25.43 7.49 26.85
CA GLY G 159 25.34 7.93 28.23
C GLY G 159 24.69 6.87 29.11
N ALA G 160 23.62 6.27 28.59
CA ALA G 160 22.80 5.34 29.36
C ALA G 160 23.59 4.12 29.83
N PRO G 161 23.24 3.58 31.01
CA PRO G 161 23.87 2.38 31.55
C PRO G 161 23.42 1.11 30.84
N LYS G 162 24.28 0.10 30.83
CA LYS G 162 23.95 -1.19 30.23
C LYS G 162 23.34 -2.12 31.27
N PRO G 163 22.41 -2.98 30.84
CA PRO G 163 21.83 -3.95 31.77
C PRO G 163 22.88 -4.93 32.28
N ASP G 164 22.73 -5.37 33.53
CA ASP G 164 23.69 -6.28 34.13
C ASP G 164 23.10 -7.69 34.22
N SER G 165 21.80 -7.75 34.50
CA SER G 165 21.12 -9.03 34.61
C SER G 165 19.94 -9.07 33.64
N ARG G 166 19.45 -10.28 33.37
CA ARG G 166 18.31 -10.47 32.47
C ARG G 166 17.04 -9.85 33.02
N GLU G 167 16.99 -9.78 34.34
CA GLU G 167 15.83 -9.29 35.07
C GLU G 167 16.05 -7.86 35.50
N SER G 168 16.97 -7.19 34.82
CA SER G 168 17.29 -5.79 35.11
C SER G 168 16.07 -4.90 34.92
N LEU G 169 16.15 -3.70 35.49
CA LEU G 169 15.05 -2.75 35.40
C LEU G 169 15.22 -1.90 34.14
N ALA G 170 16.45 -1.82 33.65
CA ALA G 170 16.82 -0.98 32.51
C ALA G 170 16.04 -1.31 31.24
N TRP G 171 15.51 -2.53 31.16
CA TRP G 171 14.74 -2.97 30.00
C TRP G 171 13.41 -2.23 29.88
N GLN G 172 12.97 -1.67 31.00
CA GLN G 172 11.68 -1.01 31.04
C GLN G 172 11.86 0.52 31.01
N THR G 173 13.12 0.95 30.95
CA THR G 173 13.48 2.37 30.88
C THR G 173 13.08 2.96 29.51
N ALA G 174 12.20 3.96 29.53
CA ALA G 174 11.60 4.50 28.31
C ALA G 174 12.59 5.14 27.34
N THR G 175 13.57 5.88 27.87
CA THR G 175 14.54 6.58 27.02
C THR G 175 15.46 5.63 26.27
N ASN G 176 15.23 4.33 26.44
CA ASN G 176 15.92 3.32 25.68
C ASN G 176 15.00 2.71 24.64
N PRO G 177 15.01 3.27 23.41
CA PRO G 177 14.13 2.81 22.33
C PRO G 177 14.21 1.30 22.17
N SER G 178 13.07 0.63 22.09
CA SER G 178 13.07 -0.82 22.04
C SER G 178 12.29 -1.35 20.85
N VAL G 179 12.68 -2.53 20.39
CA VAL G 179 12.03 -3.16 19.25
C VAL G 179 11.53 -4.56 19.60
N PHE G 180 10.26 -4.82 19.38
CA PHE G 180 9.71 -6.15 19.60
C PHE G 180 9.33 -6.78 18.27
N VAL G 181 10.03 -7.84 17.90
CA VAL G 181 9.67 -8.60 16.71
C VAL G 181 9.70 -10.09 16.97
N LYS G 182 9.09 -10.82 16.05
CA LYS G 182 9.14 -12.28 16.05
C LYS G 182 10.07 -12.71 14.93
N LEU G 183 10.59 -13.93 15.02
CA LEU G 183 11.40 -14.46 13.92
C LEU G 183 10.50 -14.76 12.73
N SER G 184 9.23 -15.03 13.01
CA SER G 184 8.25 -15.24 11.95
C SER G 184 8.11 -13.96 11.16
N ASP G 185 8.10 -12.85 11.90
CA ASP G 185 8.12 -11.52 11.31
C ASP G 185 9.49 -11.27 10.69
N PRO G 186 9.51 -10.69 9.49
CA PRO G 186 10.78 -10.35 8.81
C PRO G 186 11.67 -9.48 9.69
N PRO G 187 13.01 -9.58 9.52
CA PRO G 187 14.00 -8.91 10.35
C PRO G 187 13.68 -7.45 10.61
N ALA G 188 13.81 -7.02 11.87
CA ALA G 188 13.54 -5.62 12.20
C ALA G 188 14.56 -4.72 11.55
N GLN G 189 14.16 -3.49 11.28
CA GLN G 189 15.03 -2.54 10.62
C GLN G 189 14.82 -1.16 11.21
N VAL G 190 15.88 -0.61 11.80
CA VAL G 190 15.82 0.72 12.37
C VAL G 190 16.95 1.57 11.82
N SER G 191 16.88 2.88 12.03
CA SER G 191 17.90 3.78 11.54
C SER G 191 18.43 4.59 12.72
N VAL G 192 19.75 4.56 12.89
CA VAL G 192 20.38 5.33 13.94
C VAL G 192 21.07 6.55 13.36
N PRO G 193 20.70 7.74 13.85
CA PRO G 193 21.27 8.99 13.33
C PRO G 193 22.66 9.26 13.89
N PHE G 194 23.19 10.42 13.55
CA PHE G 194 24.52 10.83 13.96
C PHE G 194 24.53 11.20 15.44
N MET G 195 25.24 10.42 16.26
CA MET G 195 25.11 10.51 17.71
C MET G 195 26.12 11.42 18.42
N SER G 196 27.29 11.59 17.82
CA SER G 196 28.41 12.26 18.49
C SER G 196 28.11 13.69 18.93
N PRO G 197 28.67 14.10 20.08
CA PRO G 197 28.59 15.49 20.55
C PRO G 197 29.53 16.38 19.76
N ALA G 198 30.44 15.75 19.02
CA ALA G 198 31.31 16.48 18.11
C ALA G 198 30.55 16.76 16.81
N SER G 199 31.12 17.60 15.95
CA SER G 199 30.48 17.90 14.67
C SER G 199 30.64 16.73 13.71
N ALA G 200 31.62 15.88 14.00
CA ALA G 200 31.93 14.74 13.15
C ALA G 200 32.68 13.69 13.94
N TYR G 201 32.60 12.44 13.50
CA TYR G 201 33.31 11.34 14.13
C TYR G 201 34.83 11.52 14.01
N GLN G 202 35.56 10.74 14.79
CA GLN G 202 37.03 10.81 14.82
C GLN G 202 37.58 9.42 15.11
N TRP G 203 38.45 8.94 14.24
CA TRP G 203 38.90 7.55 14.33
C TRP G 203 40.07 7.39 15.28
N PHE G 204 40.81 8.48 15.51
CA PHE G 204 41.96 8.45 16.41
C PHE G 204 42.38 9.84 16.88
N TYR G 205 42.55 9.93 18.19
CA TYR G 205 42.75 11.20 18.88
C TYR G 205 44.24 11.31 19.24
N ASP G 206 44.96 12.25 18.62
CA ASP G 206 46.40 12.36 18.86
C ASP G 206 46.68 13.04 20.19
N GLY G 207 46.10 12.48 21.25
CA GLY G 207 46.26 13.02 22.58
C GLY G 207 45.64 12.07 23.57
N TYR G 208 45.81 12.36 24.84
CA TYR G 208 45.12 11.61 25.88
C TYR G 208 43.76 12.27 26.00
N PRO G 209 42.69 11.48 25.92
CA PRO G 209 41.32 11.99 25.80
C PRO G 209 40.80 12.79 27.00
N THR G 210 41.62 12.91 28.04
CA THR G 210 41.26 13.77 29.17
C THR G 210 41.55 15.24 28.83
N PHE G 211 40.57 16.10 29.07
CA PHE G 211 40.76 17.54 29.01
C PHE G 211 41.32 17.97 30.36
N GLY G 212 42.37 18.79 30.37
CA GLY G 212 42.97 19.11 31.65
C GLY G 212 44.22 18.32 31.96
N GLU G 213 44.54 18.21 33.25
CA GLU G 213 45.74 17.52 33.70
C GLU G 213 45.69 16.03 33.38
N HIS G 214 46.86 15.46 33.09
CA HIS G 214 46.97 14.07 32.66
C HIS G 214 46.92 13.12 33.87
N LEU G 215 46.29 11.96 33.68
CA LEU G 215 46.31 10.92 34.69
C LEU G 215 47.22 9.76 34.28
N GLN G 216 48.33 9.59 34.99
CA GLN G 216 49.33 8.60 34.61
C GLN G 216 49.14 7.32 35.43
N ALA G 217 47.94 7.11 35.95
CA ALA G 217 47.66 5.83 36.60
C ALA G 217 47.62 4.76 35.53
N ASN G 218 46.91 5.06 34.44
CA ASN G 218 46.82 4.17 33.29
C ASN G 218 47.19 4.92 32.01
N ASP G 219 47.84 4.24 31.07
CA ASP G 219 48.14 4.82 29.77
C ASP G 219 47.93 3.83 28.64
N LEU G 220 46.81 3.13 28.70
CA LEU G 220 46.41 2.24 27.63
C LEU G 220 45.27 2.99 26.99
N ASP G 221 44.85 4.04 27.70
CA ASP G 221 43.82 4.96 27.26
C ASP G 221 44.48 5.95 26.30
N TYR G 222 44.78 5.50 25.08
CA TYR G 222 45.47 6.35 24.11
C TYR G 222 44.93 6.24 22.69
N GLY G 223 44.60 7.39 22.11
CA GLY G 223 44.19 7.44 20.72
C GLY G 223 42.70 7.25 20.53
N ALA G 224 42.12 6.44 21.42
CA ALA G 224 40.69 6.15 21.35
C ALA G 224 39.91 7.36 21.82
N CYS G 225 38.95 7.78 21.00
CA CYS G 225 38.10 8.89 21.37
C CYS G 225 36.74 8.33 21.79
N PRO G 226 36.36 8.57 23.05
CA PRO G 226 35.20 7.90 23.65
C PRO G 226 33.86 8.44 23.14
N ASN G 227 33.80 9.72 22.79
CA ASN G 227 32.56 10.25 22.23
C ASN G 227 32.41 9.91 20.75
N ASN G 228 33.18 8.92 20.31
CA ASN G 228 33.06 8.38 18.97
C ASN G 228 32.20 7.13 19.09
N MET G 229 31.92 6.77 20.33
CA MET G 229 31.07 5.65 20.66
C MET G 229 29.63 6.08 20.41
N MET G 230 28.91 5.31 19.61
CA MET G 230 27.55 5.67 19.24
C MET G 230 26.49 4.80 19.93
N GLY G 231 26.78 4.37 21.16
CA GLY G 231 25.82 3.62 21.95
C GLY G 231 26.11 2.15 22.14
N THR G 232 25.05 1.33 22.26
CA THR G 232 25.18 -0.13 22.30
C THR G 232 23.82 -0.84 22.29
N PHE G 233 23.80 -2.07 21.77
CA PHE G 233 22.58 -2.84 21.62
C PHE G 233 22.46 -3.98 22.62
N SER G 234 21.26 -4.25 23.09
CA SER G 234 21.01 -5.36 24.00
C SER G 234 19.88 -6.24 23.48
N VAL G 235 19.98 -7.55 23.70
CA VAL G 235 19.00 -8.50 23.18
C VAL G 235 18.44 -9.43 24.26
N ARG G 236 17.14 -9.72 24.19
CA ARG G 236 16.52 -10.69 25.10
C ARG G 236 15.55 -11.61 24.40
N THR G 237 15.42 -12.81 24.93
CA THR G 237 14.28 -13.66 24.64
C THR G 237 13.18 -13.21 25.59
N VAL G 238 12.19 -12.49 25.09
CA VAL G 238 11.16 -11.90 25.95
C VAL G 238 10.49 -12.96 26.82
N GLY G 239 10.17 -12.60 28.05
CA GLY G 239 9.48 -13.49 28.96
C GLY G 239 10.14 -13.60 30.32
N THR G 240 9.35 -13.96 31.32
CA THR G 240 9.84 -14.14 32.68
C THR G 240 10.67 -15.41 32.78
N SER G 241 10.32 -16.40 31.96
CA SER G 241 11.03 -17.67 32.00
C SER G 241 12.01 -17.75 30.84
N LYS G 242 12.93 -18.70 30.93
CA LYS G 242 14.00 -18.81 29.96
C LYS G 242 13.43 -19.32 28.65
N SER G 243 14.17 -19.13 27.55
CA SER G 243 13.68 -19.52 26.24
C SER G 243 13.45 -21.02 26.11
N LYS G 244 12.67 -21.40 25.11
CA LYS G 244 12.40 -22.81 24.83
C LYS G 244 13.34 -23.27 23.73
N TYR G 245 13.70 -22.33 22.87
CA TYR G 245 14.51 -22.61 21.69
C TYR G 245 15.85 -21.89 21.68
N PRO G 246 16.89 -22.55 21.15
CA PRO G 246 18.21 -21.95 20.95
C PRO G 246 18.24 -20.94 19.80
N LEU G 247 18.61 -19.69 20.08
CA LEU G 247 18.52 -18.64 19.08
C LEU G 247 19.86 -17.95 18.79
N VAL G 248 19.96 -17.36 17.60
CA VAL G 248 21.14 -16.60 17.19
C VAL G 248 20.70 -15.36 16.41
N VAL G 249 21.08 -14.18 16.90
CA VAL G 249 20.76 -12.93 16.23
C VAL G 249 21.97 -12.43 15.44
N ARG G 250 21.73 -11.98 14.20
CA ARG G 250 22.80 -11.42 13.38
C ARG G 250 22.49 -9.96 13.03
N ILE G 251 23.50 -9.10 13.13
CA ILE G 251 23.31 -7.66 12.93
C ILE G 251 24.06 -7.14 11.69
N TYR G 252 23.35 -6.41 10.84
CA TYR G 252 23.93 -5.85 9.62
C TYR G 252 23.86 -4.32 9.67
N MET G 253 24.94 -3.66 9.27
CA MET G 253 24.98 -2.21 9.29
C MET G 253 25.17 -1.60 7.92
N ARG G 254 24.35 -0.61 7.61
CA ARG G 254 24.48 0.13 6.37
C ARG G 254 24.69 1.60 6.72
N MET G 255 25.66 2.23 6.08
CA MET G 255 25.99 3.63 6.33
C MET G 255 25.32 4.47 5.25
N LYS G 256 24.68 5.55 5.65
CA LYS G 256 23.89 6.34 4.71
C LYS G 256 24.56 7.63 4.28
N HIS G 257 24.05 8.75 4.78
CA HIS G 257 24.54 10.05 4.33
C HIS G 257 25.97 10.25 4.81
N VAL G 258 26.91 9.70 4.06
CA VAL G 258 28.31 9.71 4.47
C VAL G 258 29.04 10.91 3.90
N ARG G 259 29.73 11.64 4.76
CA ARG G 259 30.66 12.67 4.31
C ARG G 259 31.94 12.51 5.13
N ALA G 260 33.07 12.49 4.43
CA ALA G 260 34.36 12.31 5.06
C ALA G 260 35.23 13.53 4.81
N TRP G 261 36.43 13.55 5.39
CA TRP G 261 37.26 14.73 5.24
C TRP G 261 38.71 14.47 4.88
N ILE G 262 39.58 14.44 5.88
CA ILE G 262 41.03 14.45 5.63
C ILE G 262 41.54 13.07 5.22
N PRO G 263 42.10 12.98 4.00
CA PRO G 263 42.59 11.74 3.39
C PRO G 263 43.90 11.26 4.01
N ARG G 264 44.01 9.96 4.24
CA ARG G 264 45.21 9.37 4.82
C ARG G 264 45.72 8.23 3.98
N PRO G 265 47.01 7.89 4.10
CA PRO G 265 47.48 6.69 3.42
C PRO G 265 46.82 5.47 4.05
N MET G 266 46.53 4.45 3.24
CA MET G 266 45.80 3.29 3.73
C MET G 266 46.72 2.31 4.47
N ARG G 267 46.16 1.61 5.44
CA ARG G 267 46.88 0.62 6.23
C ARG G 267 47.65 -0.37 5.36
N ASN G 268 48.81 -0.79 5.84
CA ASN G 268 49.61 -1.78 5.12
C ASN G 268 49.98 -3.01 5.94
N GLN G 269 50.07 -2.84 7.26
CA GLN G 269 50.35 -3.97 8.14
C GLN G 269 49.09 -4.48 8.83
N ASN G 270 49.20 -5.67 9.42
CA ASN G 270 48.08 -6.30 10.11
C ASN G 270 47.78 -5.62 11.44
N TYR G 271 46.53 -5.72 11.90
CA TYR G 271 46.15 -5.14 13.18
C TYR G 271 46.37 -6.11 14.34
N LEU G 272 46.73 -5.56 15.48
CA LEU G 272 46.86 -6.34 16.70
C LEU G 272 45.74 -6.01 17.67
N PHE G 273 45.59 -4.72 17.96
CA PHE G 273 44.56 -4.27 18.90
C PHE G 273 43.53 -3.44 18.16
N LYS G 274 42.46 -3.04 18.85
CA LYS G 274 41.42 -2.25 18.20
C LYS G 274 41.23 -0.89 18.88
N ALA G 275 42.33 -0.32 19.36
CA ALA G 275 42.27 0.98 20.02
C ALA G 275 43.48 1.83 19.64
N ASN G 276 44.38 1.25 18.86
CA ASN G 276 45.56 1.95 18.39
C ASN G 276 46.16 1.25 17.17
N PRO G 277 46.57 2.05 16.17
CA PRO G 277 47.16 1.53 14.92
C PRO G 277 48.55 0.95 15.14
N ASN G 278 48.67 0.04 16.08
CA ASN G 278 49.96 -0.55 16.41
C ASN G 278 50.31 -1.59 15.35
N TYR G 279 51.58 -1.94 15.25
CA TYR G 279 52.03 -2.87 14.22
C TYR G 279 53.06 -3.83 14.81
N ALA G 280 53.56 -4.74 13.98
CA ALA G 280 54.43 -5.79 14.47
C ALA G 280 55.87 -5.32 14.65
N GLY G 281 56.67 -6.12 15.35
CA GLY G 281 58.07 -5.83 15.57
C GLY G 281 58.92 -6.29 14.40
N ASN G 282 58.24 -6.69 13.33
CA ASN G 282 58.89 -7.06 12.08
C ASN G 282 58.01 -6.63 10.91
N SER G 283 58.50 -5.69 10.10
CA SER G 283 57.67 -5.09 9.07
C SER G 283 57.57 -5.98 7.84
N ILE G 284 56.35 -6.11 7.34
CA ILE G 284 56.09 -6.81 6.09
C ILE G 284 56.03 -5.72 5.01
N LYS G 285 55.87 -6.12 3.75
CA LYS G 285 55.93 -5.21 2.64
C LYS G 285 54.65 -5.32 1.81
N PRO G 286 53.99 -4.18 1.54
CA PRO G 286 52.70 -4.20 0.82
C PRO G 286 52.74 -4.84 -0.57
N THR G 287 53.93 -5.11 -1.11
CA THR G 287 54.07 -5.95 -2.30
C THR G 287 55.53 -6.36 -2.55
N GLY G 288 55.76 -7.65 -2.74
CA GLY G 288 57.11 -8.16 -2.89
C GLY G 288 57.28 -9.16 -4.01
N ALA G 289 58.16 -10.13 -3.81
CA ALA G 289 58.41 -11.21 -4.77
C ALA G 289 58.61 -10.71 -6.20
N SER G 290 59.47 -9.71 -6.35
CA SER G 290 59.66 -9.07 -7.65
C SER G 290 60.99 -9.44 -8.30
N ARG G 291 61.72 -10.38 -7.68
CA ARG G 291 62.99 -10.85 -8.21
C ARG G 291 63.96 -9.67 -8.35
N THR G 292 64.01 -9.09 -9.54
CA THR G 292 64.92 -7.97 -9.81
C THR G 292 64.26 -6.93 -10.73
N ALA G 293 64.73 -5.70 -10.64
CA ALA G 293 64.13 -4.55 -11.33
C ALA G 293 64.09 -4.66 -12.87
N ILE G 294 64.90 -5.56 -13.43
CA ILE G 294 64.99 -5.66 -14.89
C ILE G 294 63.97 -6.66 -15.44
N THR G 295 63.76 -7.75 -14.71
CA THR G 295 62.90 -8.82 -15.22
C THR G 295 61.43 -8.60 -14.87
N THR G 296 60.59 -8.58 -15.89
CA THR G 296 59.14 -8.44 -15.73
C THR G 296 58.54 -9.54 -14.88
N GLY H 1 -4.93 -5.64 -8.06
CA GLY H 1 -4.92 -4.20 -7.83
C GLY H 1 -3.52 -3.64 -7.65
N PHE H 2 -3.38 -2.71 -6.71
CA PHE H 2 -2.12 -2.01 -6.46
C PHE H 2 -1.04 -2.92 -5.90
N PRO H 3 0.07 -3.07 -6.65
CA PRO H 3 1.21 -3.92 -6.25
C PRO H 3 2.00 -3.38 -5.06
N THR H 4 2.58 -4.27 -4.26
CA THR H 4 3.33 -3.89 -3.07
C THR H 4 4.40 -4.90 -2.71
N GLU H 5 5.58 -4.41 -2.31
CA GLU H 5 6.60 -5.28 -1.71
C GLU H 5 6.80 -4.86 -0.28
N LEU H 6 6.55 -5.78 0.65
CA LEU H 6 6.78 -5.52 2.06
C LEU H 6 8.28 -5.48 2.33
N LYS H 7 8.71 -4.51 3.12
CA LYS H 7 10.12 -4.37 3.46
C LYS H 7 10.36 -4.57 4.95
N PRO H 8 11.58 -4.98 5.32
CA PRO H 8 12.00 -5.19 6.70
C PRO H 8 11.56 -4.06 7.62
N GLY H 9 11.32 -4.39 8.88
CA GLY H 9 10.75 -3.45 9.82
C GLY H 9 9.25 -3.71 9.86
N THR H 10 8.82 -4.56 8.94
CA THR H 10 7.44 -5.02 8.87
C THR H 10 7.06 -5.73 10.16
N ASN H 11 5.83 -5.50 10.62
CA ASN H 11 5.30 -6.16 11.81
C ASN H 11 6.14 -5.93 13.06
N GLN H 12 6.92 -4.86 13.06
CA GLN H 12 7.80 -4.57 14.19
C GLN H 12 7.16 -3.57 15.15
N PHE H 13 7.45 -3.72 16.44
CA PHE H 13 6.99 -2.75 17.41
C PHE H 13 8.16 -1.95 17.94
N LEU H 14 8.21 -0.68 17.53
CA LEU H 14 9.26 0.24 17.96
C LEU H 14 8.67 1.18 19.01
N THR H 15 9.30 1.26 20.18
CA THR H 15 8.79 2.07 21.27
C THR H 15 8.68 3.55 20.92
N THR H 16 9.64 4.03 20.13
CA THR H 16 9.65 5.44 19.76
C THR H 16 9.07 5.62 18.36
N ASP H 17 8.35 4.62 17.86
CA ASP H 17 7.76 4.73 16.54
C ASP H 17 6.64 5.76 16.65
N ASP H 18 6.69 6.76 15.77
CA ASP H 18 5.70 7.83 15.79
C ASP H 18 4.78 7.76 14.58
N GLY H 19 3.64 7.11 14.75
CA GLY H 19 2.68 7.01 13.67
C GLY H 19 1.29 7.42 14.12
N VAL H 20 0.38 7.57 13.17
CA VAL H 20 -1.01 7.83 13.50
C VAL H 20 -1.66 6.45 13.61
N SER H 21 -2.27 6.19 14.76
CA SER H 21 -2.83 4.88 15.04
C SER H 21 -4.35 4.91 15.00
N ALA H 22 -4.95 3.72 15.05
CA ALA H 22 -6.40 3.62 15.00
C ALA H 22 -7.03 4.31 16.20
N PRO H 23 -7.95 5.25 15.93
CA PRO H 23 -8.66 5.96 17.00
C PRO H 23 -9.73 5.05 17.61
N ILE H 24 -9.82 5.00 18.93
CA ILE H 24 -10.74 4.06 19.57
C ILE H 24 -12.19 4.56 19.53
N LEU H 25 -12.36 5.88 19.57
CA LEU H 25 -13.69 6.49 19.54
C LEU H 25 -13.69 7.68 18.59
N PRO H 26 -13.93 7.40 17.29
CA PRO H 26 -13.76 8.40 16.22
C PRO H 26 -14.88 9.42 16.16
N ASN H 27 -16.01 9.13 16.80
CA ASN H 27 -17.17 10.00 16.76
C ASN H 27 -17.12 10.98 17.93
N PHE H 28 -16.14 10.75 18.81
CA PHE H 28 -16.04 11.48 20.07
C PHE H 28 -15.40 12.85 19.90
N HIS H 29 -16.07 13.87 20.42
CA HIS H 29 -15.52 15.22 20.47
C HIS H 29 -15.16 15.57 21.90
N PRO H 30 -13.86 15.63 22.20
CA PRO H 30 -13.37 15.85 23.55
C PRO H 30 -13.68 17.26 24.06
N THR H 31 -13.69 17.41 25.39
CA THR H 31 -13.88 18.70 26.05
C THR H 31 -12.98 19.76 25.44
N PRO H 32 -13.52 20.97 25.19
CA PRO H 32 -12.74 22.00 24.50
C PRO H 32 -11.53 22.50 25.28
N CYS H 33 -10.51 22.92 24.54
CA CYS H 33 -9.29 23.48 25.12
C CYS H 33 -9.42 24.97 25.43
N ILE H 34 -9.88 25.30 26.63
CA ILE H 34 -9.97 26.69 27.06
C ILE H 34 -8.61 27.21 27.49
N HIS H 35 -8.46 28.52 27.51
CA HIS H 35 -7.19 29.15 27.81
C HIS H 35 -6.89 29.17 29.31
N ILE H 36 -5.77 28.57 29.69
CA ILE H 36 -5.26 28.63 31.05
C ILE H 36 -3.91 29.35 31.07
N PRO H 37 -3.78 30.37 31.94
CA PRO H 37 -2.67 31.34 31.94
C PRO H 37 -1.25 30.77 31.88
N GLY H 38 -0.79 30.13 32.94
CA GLY H 38 0.58 29.67 32.96
C GLY H 38 0.68 28.41 32.12
N GLU H 39 1.44 28.49 31.04
CA GLU H 39 1.60 27.36 30.13
C GLU H 39 3.07 27.21 29.73
N VAL H 40 3.46 25.99 29.42
CA VAL H 40 4.81 25.72 28.96
C VAL H 40 4.77 24.94 27.66
N ARG H 41 5.61 25.31 26.70
CA ARG H 41 5.72 24.58 25.44
C ARG H 41 7.16 24.14 25.24
N ASN H 42 8.00 24.50 26.20
CA ASN H 42 9.41 24.16 26.15
C ASN H 42 10.03 24.18 27.53
N LEU H 43 10.82 23.15 27.83
CA LEU H 43 11.41 22.97 29.16
C LEU H 43 12.49 23.99 29.43
N LEU H 44 13.04 24.59 28.37
CA LEU H 44 14.09 25.58 28.54
C LEU H 44 13.54 26.78 29.29
N GLU H 45 12.24 27.05 29.14
CA GLU H 45 11.58 28.13 29.87
C GLU H 45 11.81 27.90 31.36
N LEU H 46 11.83 26.62 31.76
CA LEU H 46 12.12 26.25 33.13
C LEU H 46 13.62 26.28 33.39
N CYS H 47 14.42 25.92 32.39
CA CYS H 47 15.87 25.91 32.54
C CYS H 47 16.42 27.32 32.71
N GLN H 48 15.58 28.31 32.42
CA GLN H 48 15.98 29.71 32.48
C GLN H 48 15.46 30.44 33.71
N VAL H 49 14.72 29.75 34.57
CA VAL H 49 14.19 30.42 35.75
C VAL H 49 15.16 30.33 36.93
N GLU H 50 15.42 31.48 37.52
CA GLU H 50 16.30 31.60 38.66
C GLU H 50 15.78 30.79 39.85
N THR H 51 16.59 29.84 40.33
CA THR H 51 16.17 29.01 41.46
C THR H 51 17.31 28.80 42.46
N ILE H 52 16.95 28.53 43.71
CA ILE H 52 17.91 28.55 44.82
C ILE H 52 19.01 27.49 44.67
N LEU H 53 20.25 27.90 44.89
CA LEU H 53 21.41 27.02 44.80
C LEU H 53 21.96 26.69 46.19
N GLU H 54 21.86 25.42 46.56
CA GLU H 54 22.34 24.97 47.86
C GLU H 54 23.86 24.91 47.97
N VAL H 55 24.51 26.06 48.08
CA VAL H 55 25.95 26.07 48.26
C VAL H 55 26.36 25.36 49.54
N ASN H 56 25.63 25.62 50.62
CA ASN H 56 25.92 25.01 51.91
C ASN H 56 25.27 23.63 52.05
N ASN H 57 25.64 22.70 51.19
CA ASN H 57 25.07 21.37 51.24
C ASN H 57 25.75 20.53 52.32
N VAL H 58 25.73 21.03 53.56
CA VAL H 58 26.53 20.44 54.62
C VAL H 58 25.72 19.63 55.66
N PRO H 59 24.64 20.21 56.22
CA PRO H 59 24.01 19.42 57.28
C PRO H 59 22.90 18.50 56.77
N THR H 60 22.68 17.38 57.45
CA THR H 60 21.73 16.36 56.99
C THR H 60 20.54 16.16 57.93
N ASN H 61 20.45 16.96 58.97
CA ASN H 61 19.33 16.86 59.92
C ASN H 61 18.20 17.77 59.48
N ALA H 62 16.99 17.23 59.46
CA ALA H 62 15.82 17.96 58.96
C ALA H 62 15.63 19.29 59.67
N THR H 63 16.14 19.36 60.90
CA THR H 63 16.07 20.59 61.70
C THR H 63 17.13 21.58 61.21
N SER H 64 18.11 21.06 60.47
CA SER H 64 19.20 21.87 59.94
C SER H 64 19.22 21.71 58.43
N LEU H 65 18.19 21.08 57.88
CA LEU H 65 18.11 20.79 56.46
C LEU H 65 17.83 22.07 55.69
N MET H 66 17.34 23.07 56.41
CA MET H 66 17.00 24.35 55.82
C MET H 66 18.24 25.22 55.63
N GLU H 67 19.36 24.79 56.21
CA GLU H 67 20.58 25.58 56.20
C GLU H 67 21.34 25.51 54.89
N ARG H 68 20.79 24.78 53.92
CA ARG H 68 21.53 24.53 52.68
C ARG H 68 21.43 25.68 51.68
N LEU H 69 20.25 26.27 51.56
CA LEU H 69 20.02 27.42 50.69
C LEU H 69 20.94 28.54 51.13
N ARG H 70 21.04 28.65 52.45
CA ARG H 70 21.73 29.71 53.14
C ARG H 70 23.21 29.39 53.30
N PHE H 71 24.08 30.40 53.23
CA PHE H 71 25.46 30.20 53.67
C PHE H 71 25.99 31.51 54.26
N PRO H 72 26.67 31.41 55.41
CA PRO H 72 26.95 32.51 56.34
C PRO H 72 28.17 33.37 56.03
N VAL H 73 28.17 34.58 56.58
CA VAL H 73 29.38 35.39 56.70
C VAL H 73 29.48 35.86 58.15
N SER H 74 30.71 35.95 58.67
CA SER H 74 30.90 36.32 60.07
C SER H 74 32.12 37.21 60.28
N ALA H 75 32.18 37.87 61.43
CA ALA H 75 33.28 38.77 61.75
C ALA H 75 34.55 38.04 62.19
N GLN H 76 34.55 36.72 62.10
CA GLN H 76 35.68 35.92 62.57
C GLN H 76 36.83 35.91 61.59
N ALA H 77 36.65 35.25 60.46
CA ALA H 77 37.72 35.20 59.47
C ALA H 77 37.87 36.55 58.80
N GLY H 78 39.11 36.93 58.52
CA GLY H 78 39.38 38.22 57.92
C GLY H 78 40.21 38.07 56.68
N LYS H 79 39.78 38.73 55.61
CA LYS H 79 40.45 38.75 54.30
C LYS H 79 40.78 37.36 53.74
N GLY H 80 40.31 36.31 54.41
CA GLY H 80 40.69 34.97 54.05
C GLY H 80 39.80 34.31 53.02
N GLU H 81 39.25 33.16 53.39
CA GLU H 81 38.46 32.36 52.46
C GLU H 81 37.15 31.98 53.11
N LEU H 82 36.05 32.16 52.37
CA LEU H 82 34.74 31.78 52.89
C LEU H 82 34.24 30.49 52.26
N CYS H 83 33.99 30.51 50.95
CA CYS H 83 33.30 29.40 50.31
C CYS H 83 33.48 29.36 48.80
N ALA H 84 33.85 28.19 48.29
CA ALA H 84 33.76 27.90 46.87
C ALA H 84 32.40 27.28 46.60
N VAL H 85 31.73 27.71 45.53
CA VAL H 85 30.40 27.20 45.24
C VAL H 85 30.50 25.77 44.67
N PHE H 86 31.70 25.21 44.76
CA PHE H 86 32.00 23.87 44.26
C PHE H 86 31.97 23.87 42.74
N ARG H 87 31.94 22.69 42.12
CA ARG H 87 31.95 22.58 40.67
C ARG H 87 30.87 23.43 39.98
N ALA H 88 31.24 24.00 38.84
CA ALA H 88 30.29 24.75 38.04
C ALA H 88 29.69 23.89 36.93
N ASP H 89 29.14 22.75 37.32
CA ASP H 89 28.49 21.84 36.40
C ASP H 89 27.18 21.41 37.05
N PRO H 90 26.05 21.84 36.48
CA PRO H 90 24.74 21.70 37.12
C PRO H 90 24.27 20.25 37.26
N GLY H 91 24.27 19.49 36.18
CA GLY H 91 23.76 18.14 36.25
C GLY H 91 24.62 17.22 37.08
N ARG H 92 25.88 17.60 37.28
CA ARG H 92 26.80 16.80 38.10
C ARG H 92 26.37 16.83 39.56
N SER H 93 26.46 15.68 40.23
CA SER H 93 26.14 15.57 41.65
C SER H 93 26.80 16.63 42.52
N GLY H 94 25.97 17.37 43.26
CA GLY H 94 26.45 18.45 44.09
C GLY H 94 25.35 19.44 44.40
N PRO H 95 25.73 20.67 44.78
CA PRO H 95 24.83 21.75 45.20
C PRO H 95 23.77 22.05 44.16
N TRP H 96 24.12 21.86 42.89
CA TRP H 96 23.25 22.18 41.78
C TRP H 96 22.02 21.28 41.69
N GLN H 97 22.06 20.12 42.34
CA GLN H 97 20.92 19.20 42.33
C GLN H 97 19.72 19.83 43.02
N SER H 98 19.96 20.92 43.73
CA SER H 98 18.90 21.67 44.37
C SER H 98 18.16 22.52 43.35
N THR H 99 18.89 23.02 42.36
CA THR H 99 18.30 23.87 41.34
C THR H 99 17.36 23.06 40.47
N LEU H 100 16.38 23.71 39.86
CA LEU H 100 15.53 23.03 38.89
C LEU H 100 16.36 22.60 37.69
N LEU H 101 17.25 23.49 37.26
CA LEU H 101 18.13 23.23 36.12
C LEU H 101 18.86 21.90 36.30
N GLY H 102 19.53 21.76 37.44
CA GLY H 102 20.31 20.57 37.72
C GLY H 102 19.48 19.30 37.67
N GLN H 103 18.17 19.43 37.90
CA GLN H 103 17.28 18.27 37.90
C GLN H 103 16.83 17.87 36.50
N LEU H 104 16.48 18.84 35.67
CA LEU H 104 16.03 18.53 34.32
C LEU H 104 17.22 18.06 33.48
N CYS H 105 18.42 18.43 33.90
CA CYS H 105 19.63 17.97 33.24
C CYS H 105 19.86 16.50 33.54
N GLY H 106 19.26 16.04 34.65
CA GLY H 106 19.34 14.65 35.04
C GLY H 106 18.44 13.83 34.15
N TYR H 107 17.54 14.53 33.45
CA TYR H 107 16.64 13.89 32.49
C TYR H 107 17.25 13.91 31.09
N TYR H 108 18.51 14.32 31.00
CA TYR H 108 19.21 14.32 29.72
C TYR H 108 20.65 13.82 29.87
N THR H 109 21.43 13.91 28.79
CA THR H 109 22.76 13.32 28.77
C THR H 109 23.90 14.34 28.77
N GLN H 110 24.07 15.08 27.67
CA GLN H 110 25.13 16.09 27.65
C GLN H 110 24.67 17.46 27.14
N TRP H 111 25.10 18.52 27.79
CA TRP H 111 24.59 19.85 27.47
C TRP H 111 25.68 20.85 27.18
N SER H 112 25.27 21.99 26.65
CA SER H 112 26.17 23.11 26.36
C SER H 112 25.37 24.39 26.52
N GLY H 113 25.96 25.39 27.17
CA GLY H 113 25.27 26.65 27.39
C GLY H 113 25.96 27.56 28.38
N SER H 114 25.29 28.66 28.71
CA SER H 114 25.83 29.63 29.66
C SER H 114 24.94 29.75 30.88
N LEU H 115 25.55 29.99 32.04
CA LEU H 115 24.78 30.11 33.27
C LEU H 115 25.08 31.45 33.94
N GLU H 116 24.10 31.97 34.68
CA GLU H 116 24.32 33.14 35.52
C GLU H 116 23.84 32.84 36.94
N VAL H 117 24.67 33.15 37.92
CA VAL H 117 24.35 32.89 39.31
C VAL H 117 24.21 34.19 40.08
N THR H 118 22.99 34.60 40.37
CA THR H 118 22.76 35.83 41.10
C THR H 118 22.85 35.55 42.60
N PHE H 119 23.60 36.38 43.31
CA PHE H 119 23.73 36.22 44.75
C PHE H 119 22.94 37.28 45.50
N MET H 120 22.38 36.88 46.64
CA MET H 120 21.53 37.79 47.42
C MET H 120 22.00 37.88 48.86
N PHE H 121 22.15 39.09 49.35
CA PHE H 121 22.65 39.30 50.72
C PHE H 121 21.49 39.58 51.65
N THR H 122 21.49 38.92 52.82
CA THR H 122 20.35 38.99 53.72
C THR H 122 20.65 39.72 55.02
N GLY H 123 21.85 40.29 55.12
CA GLY H 123 22.26 40.97 56.34
C GLY H 123 21.53 42.28 56.59
N SER H 124 21.87 42.93 57.70
CA SER H 124 21.20 44.16 58.10
C SER H 124 21.48 45.31 57.13
N PHE H 125 20.67 46.36 57.24
CA PHE H 125 20.76 47.50 56.34
C PHE H 125 22.06 48.27 56.58
N MET H 126 22.51 48.26 57.83
CA MET H 126 23.65 49.07 58.26
C MET H 126 25.00 48.40 58.04
N ALA H 127 24.98 47.12 57.69
CA ALA H 127 26.20 46.38 57.48
C ALA H 127 26.90 46.77 56.18
N THR H 128 28.21 46.64 56.17
CA THR H 128 29.01 47.01 55.02
C THR H 128 30.21 46.09 54.99
N GLY H 129 30.85 45.96 53.83
CA GLY H 129 32.01 45.12 53.68
C GLY H 129 32.20 44.81 52.21
N LYS H 130 33.17 43.97 51.89
CA LYS H 130 33.41 43.59 50.50
C LYS H 130 33.66 42.12 50.32
N MET H 131 33.27 41.62 49.16
CA MET H 131 33.51 40.24 48.79
C MET H 131 33.96 40.25 47.34
N LEU H 132 34.93 39.43 47.00
CA LEU H 132 35.27 39.27 45.60
C LEU H 132 34.93 37.85 45.24
N ILE H 133 34.18 37.70 44.16
CA ILE H 133 33.80 36.38 43.68
C ILE H 133 34.70 36.10 42.50
N ALA H 134 35.32 34.93 42.50
CA ALA H 134 36.29 34.63 41.47
C ALA H 134 35.96 33.31 40.83
N TYR H 135 35.75 33.34 39.52
CA TYR H 135 35.54 32.15 38.75
C TYR H 135 36.86 31.57 38.29
N THR H 136 37.02 30.26 38.44
CA THR H 136 38.19 29.59 37.93
C THR H 136 37.78 28.56 36.88
N PRO H 137 38.12 28.84 35.62
CA PRO H 137 37.81 28.01 34.46
C PRO H 137 38.38 26.59 34.58
N PRO H 138 37.84 25.64 33.80
CA PRO H 138 38.32 24.26 33.85
C PRO H 138 39.82 24.15 33.57
N GLY H 139 40.44 23.11 34.06
CA GLY H 139 41.86 22.88 33.82
C GLY H 139 42.67 23.56 34.91
N GLY H 140 42.44 24.87 35.08
CA GLY H 140 43.13 25.63 36.09
C GLY H 140 42.59 25.27 37.45
N PRO H 141 43.49 24.97 38.40
CA PRO H 141 43.09 24.59 39.76
C PRO H 141 42.50 25.77 40.54
N LEU H 142 41.94 25.47 41.70
CA LEU H 142 41.40 26.51 42.59
C LEU H 142 42.51 27.47 42.98
N PRO H 143 42.25 28.78 42.86
CA PRO H 143 43.26 29.78 43.20
C PRO H 143 43.72 29.60 44.64
N LYS H 144 45.03 29.53 44.85
CA LYS H 144 45.61 29.32 46.15
C LYS H 144 45.09 30.34 47.17
N ASP H 145 45.07 31.60 46.75
CA ASP H 145 44.70 32.70 47.65
C ASP H 145 43.87 33.75 46.93
N ARG H 146 43.59 34.85 47.64
CA ARG H 146 42.87 35.98 47.05
C ARG H 146 43.70 36.58 45.92
N ALA H 147 44.96 36.84 46.22
CA ALA H 147 45.87 37.49 45.29
C ALA H 147 46.01 36.68 44.01
N THR H 148 45.83 35.36 44.10
CA THR H 148 45.91 34.51 42.92
C THR H 148 44.63 34.58 42.09
N ALA H 149 43.50 34.73 42.78
CA ALA H 149 42.20 34.78 42.12
C ALA H 149 41.88 36.08 41.40
N MET H 150 42.51 37.16 41.85
CA MET H 150 42.24 38.49 41.30
C MET H 150 42.69 38.65 39.85
N LEU H 151 43.70 37.88 39.45
CA LEU H 151 44.28 38.03 38.11
C LEU H 151 43.40 37.43 37.02
N GLY H 152 42.25 36.88 37.41
CA GLY H 152 41.35 36.27 36.46
C GLY H 152 39.98 36.90 36.49
N THR H 153 38.99 36.16 36.02
CA THR H 153 37.61 36.64 36.06
C THR H 153 37.16 36.73 37.51
N HIS H 154 36.80 37.94 37.95
CA HIS H 154 36.43 38.16 39.33
C HIS H 154 35.68 39.49 39.45
N VAL H 155 34.82 39.59 40.46
CA VAL H 155 34.09 40.82 40.69
C VAL H 155 34.08 41.20 42.16
N ILE H 156 34.58 42.40 42.46
CA ILE H 156 34.58 42.88 43.83
C ILE H 156 33.16 43.33 44.17
N TRP H 157 32.54 42.61 45.09
CA TRP H 157 31.17 42.88 45.49
C TRP H 157 31.15 43.66 46.78
N ASP H 158 30.59 44.86 46.73
CA ASP H 158 30.41 45.68 47.93
C ASP H 158 28.94 45.65 48.29
N PHE H 159 28.64 45.88 49.56
CA PHE H 159 27.26 45.90 50.00
C PHE H 159 26.68 47.30 49.83
N GLY H 160 27.39 48.13 49.04
CA GLY H 160 26.82 49.35 48.53
C GLY H 160 25.87 48.92 47.44
N LEU H 161 26.33 48.00 46.60
CA LEU H 161 25.45 47.30 45.68
C LEU H 161 24.88 46.13 46.48
N GLN H 162 24.07 46.47 47.47
CA GLN H 162 23.49 45.52 48.42
C GLN H 162 22.60 44.49 47.76
N SER H 163 21.70 44.96 46.91
CA SER H 163 20.60 44.16 46.39
C SER H 163 21.10 42.81 45.89
N SER H 164 21.98 42.84 44.90
CA SER H 164 22.53 41.60 44.38
C SER H 164 23.74 41.81 43.47
N VAL H 165 24.27 40.69 43.01
CA VAL H 165 25.42 40.64 42.12
C VAL H 165 25.22 39.40 41.27
N THR H 166 25.23 39.56 39.96
CA THR H 166 24.96 38.43 39.09
C THR H 166 26.28 38.00 38.47
N LEU H 167 26.64 36.73 38.66
CA LEU H 167 27.88 36.26 38.07
C LEU H 167 27.53 35.33 36.93
N VAL H 168 28.00 35.68 35.73
CA VAL H 168 27.70 34.92 34.54
C VAL H 168 28.89 34.11 34.07
N ILE H 169 28.78 32.78 34.19
CA ILE H 169 29.81 31.90 33.67
C ILE H 169 29.55 31.66 32.18
N PRO H 170 30.55 31.99 31.35
CA PRO H 170 30.47 32.07 29.88
C PRO H 170 30.00 30.80 29.19
N TRP H 171 30.66 29.67 29.45
CA TRP H 171 30.35 28.45 28.72
C TRP H 171 30.70 27.20 29.51
N ILE H 172 29.77 26.24 29.53
CA ILE H 172 29.99 24.94 30.13
C ILE H 172 29.47 23.84 29.22
N SER H 173 30.15 22.69 29.20
CA SER H 173 29.72 21.61 28.33
C SER H 173 30.00 20.21 28.89
N ASN H 174 29.20 19.26 28.42
CA ASN H 174 29.39 17.85 28.71
C ASN H 174 29.83 17.16 27.43
N THR H 175 31.09 16.75 27.37
CA THR H 175 31.62 16.08 26.19
C THR H 175 32.29 14.74 26.52
N HIS H 176 31.48 13.71 26.78
CA HIS H 176 32.02 12.40 27.07
C HIS H 176 32.76 11.84 25.85
N TYR H 189 36.43 14.44 34.81
CA TYR H 189 37.32 15.48 34.28
C TYR H 189 37.34 16.68 35.23
N THR H 190 37.67 17.85 34.70
CA THR H 190 37.67 19.08 35.49
C THR H 190 36.75 20.14 34.87
N THR H 191 36.00 20.85 35.72
CA THR H 191 35.03 21.82 35.23
C THR H 191 35.35 23.19 35.82
N GLY H 192 34.46 24.15 35.60
CA GLY H 192 34.64 25.48 36.16
C GLY H 192 34.57 25.46 37.66
N LEU H 193 35.21 26.42 38.30
CA LEU H 193 35.14 26.59 39.75
C LEU H 193 34.78 28.03 40.04
N VAL H 194 33.82 28.24 40.93
CA VAL H 194 33.55 29.59 41.41
C VAL H 194 33.95 29.67 42.88
N SER H 195 34.76 30.66 43.20
CA SER H 195 35.24 30.82 44.56
C SER H 195 34.81 32.18 45.10
N ILE H 196 34.31 32.19 46.32
CA ILE H 196 33.86 33.43 46.93
C ILE H 196 34.76 33.74 48.13
N TRP H 197 35.40 34.89 48.10
CA TRP H 197 36.42 35.25 49.07
C TRP H 197 36.03 36.46 49.90
N TYR H 198 36.48 36.48 51.15
CA TYR H 198 36.39 37.68 51.96
C TYR H 198 37.36 38.71 51.41
N GLN H 199 36.85 39.69 50.66
CA GLN H 199 37.73 40.79 50.31
C GLN H 199 38.03 41.53 51.60
N THR H 200 37.01 41.76 52.41
CA THR H 200 37.23 42.24 53.76
C THR H 200 36.21 41.70 54.76
N ASN H 201 36.51 41.90 56.04
CA ASN H 201 35.68 41.40 57.12
C ASN H 201 34.29 42.02 57.15
N TYR H 202 33.38 41.35 57.84
CA TYR H 202 32.01 41.82 57.94
C TYR H 202 31.92 42.84 59.06
N VAL H 203 31.99 44.12 58.73
CA VAL H 203 31.99 45.15 59.76
C VAL H 203 30.57 45.61 60.10
N VAL H 204 30.30 45.72 61.40
CA VAL H 204 28.99 46.13 61.88
C VAL H 204 29.11 47.03 63.10
N PRO H 205 28.15 47.96 63.27
CA PRO H 205 28.07 48.74 64.50
C PRO H 205 27.38 47.91 65.59
N ILE H 206 27.21 48.47 66.78
CA ILE H 206 26.53 47.75 67.84
C ILE H 206 25.06 47.63 67.47
N GLY H 207 24.43 46.53 67.86
CA GLY H 207 23.02 46.31 67.58
C GLY H 207 22.81 45.45 66.35
N ALA H 208 23.91 45.17 65.65
CA ALA H 208 23.85 44.28 64.50
C ALA H 208 24.39 42.92 64.87
N PRO H 209 23.73 41.85 64.40
CA PRO H 209 24.27 40.52 64.66
C PRO H 209 25.67 40.40 64.05
N ASN H 210 26.62 39.89 64.82
CA ASN H 210 27.99 39.74 64.32
C ASN H 210 28.10 38.68 63.22
N THR H 211 26.95 38.14 62.82
CA THR H 211 26.88 37.13 61.76
C THR H 211 25.69 37.36 60.84
N ALA H 212 25.91 37.19 59.53
CA ALA H 212 24.86 37.40 58.55
C ALA H 212 24.85 36.26 57.53
N TYR H 213 23.85 36.27 56.65
CA TYR H 213 23.61 35.13 55.77
C TYR H 213 23.46 35.50 54.29
N ILE H 214 23.86 34.60 53.40
CA ILE H 214 23.69 34.81 51.97
C ILE H 214 22.92 33.64 51.35
N ILE H 215 21.96 33.97 50.48
CA ILE H 215 21.23 32.96 49.71
C ILE H 215 21.62 33.07 48.24
N ALA H 216 22.00 31.94 47.64
CA ALA H 216 22.38 31.92 46.22
C ALA H 216 21.37 31.19 45.38
N LEU H 217 20.91 31.85 44.32
CA LEU H 217 19.98 31.22 43.39
C LEU H 217 20.47 31.38 41.94
N ALA H 218 20.35 30.33 41.14
CA ALA H 218 20.96 30.33 39.81
C ALA H 218 20.05 29.78 38.71
N ALA H 219 20.51 29.95 37.47
CA ALA H 219 19.78 29.46 36.30
C ALA H 219 20.68 29.52 35.07
N ALA H 220 20.13 29.21 33.90
CA ALA H 220 20.89 29.25 32.65
C ALA H 220 20.30 30.34 31.72
N GLN H 221 21.09 31.08 30.94
CA GLN H 221 20.47 32.09 30.04
C GLN H 221 20.04 31.40 28.77
N LYS H 222 19.84 32.22 27.75
CA LYS H 222 19.04 31.83 26.62
C LYS H 222 19.75 30.97 25.58
N ASN H 223 21.09 30.89 25.62
CA ASN H 223 21.79 30.09 24.63
C ASN H 223 21.90 28.64 25.07
N PHE H 224 21.36 28.36 26.25
CA PHE H 224 21.45 27.04 26.83
C PHE H 224 20.62 26.02 26.05
N THR H 225 21.28 24.93 25.68
CA THR H 225 20.64 23.86 24.94
C THR H 225 20.93 22.53 25.62
N MET H 226 20.12 21.51 25.35
CA MET H 226 20.28 20.20 25.98
C MET H 226 20.25 19.07 24.96
N GLN H 227 20.66 17.87 25.39
CA GLN H 227 20.80 16.76 24.46
C GLN H 227 19.59 15.83 24.42
N LEU H 228 19.90 14.54 24.24
CA LEU H 228 18.91 13.49 24.17
C LEU H 228 18.34 13.17 25.54
N CYS H 229 17.06 12.80 25.58
CA CYS H 229 16.40 12.46 26.82
C CYS H 229 16.97 11.18 27.42
N LYS H 230 17.13 11.15 28.74
CA LYS H 230 17.65 9.98 29.41
C LYS H 230 16.98 9.95 30.78
N ASP H 231 16.54 8.78 31.23
CA ASP H 231 15.77 8.69 32.46
C ASP H 231 16.50 7.99 33.60
N ALA H 232 16.42 8.61 34.77
CA ALA H 232 17.01 8.09 36.00
C ALA H 232 16.40 8.85 37.17
N SER H 233 15.52 8.18 37.91
CA SER H 233 14.73 8.81 38.96
C SER H 233 15.08 8.26 40.33
N ASP H 234 14.06 8.04 41.16
CA ASP H 234 14.29 7.73 42.56
C ASP H 234 13.42 6.56 43.02
N ILE H 235 12.22 6.47 42.46
CA ILE H 235 11.23 5.53 42.95
C ILE H 235 11.37 4.21 42.21
N LEU H 236 10.93 3.12 42.85
CA LEU H 236 11.08 1.79 42.29
C LEU H 236 9.92 0.89 42.69
N GLY I 1 7.52 -3.87 -6.33
CA GLY I 1 6.72 -2.68 -6.55
C GLY I 1 6.86 -1.65 -5.46
N PHE I 2 5.74 -1.02 -5.09
CA PHE I 2 5.73 0.06 -4.12
C PHE I 2 6.07 -0.47 -2.74
N PRO I 3 7.18 0.03 -2.16
CA PRO I 3 7.63 -0.45 -0.85
C PRO I 3 6.70 -0.03 0.29
N THR I 4 6.57 -0.88 1.30
CA THR I 4 5.68 -0.64 2.44
C THR I 4 6.14 -1.36 3.70
N GLU I 5 6.00 -0.70 4.85
CA GLU I 5 6.20 -1.38 6.12
C GLU I 5 4.87 -1.48 6.85
N LEU I 6 4.48 -2.70 7.17
CA LEU I 6 3.27 -2.93 7.95
C LEU I 6 3.51 -2.43 9.37
N LYS I 7 2.52 -1.74 9.93
CA LYS I 7 2.65 -1.23 11.29
C LYS I 7 1.65 -1.92 12.22
N PRO I 8 1.96 -1.95 13.53
CA PRO I 8 1.11 -2.53 14.56
C PRO I 8 -0.35 -2.12 14.41
N GLY I 9 -1.26 -2.99 14.82
CA GLY I 9 -2.67 -2.76 14.59
C GLY I 9 -3.07 -3.50 13.33
N THR I 10 -2.06 -4.03 12.66
CA THR I 10 -2.24 -4.85 11.47
C THR I 10 -3.11 -6.07 11.78
N ASN I 11 -4.00 -6.43 10.86
CA ASN I 11 -4.88 -7.58 11.02
C ASN I 11 -5.77 -7.50 12.25
N GLN I 12 -6.03 -6.28 12.72
CA GLN I 12 -6.83 -6.10 13.92
C GLN I 12 -8.27 -5.80 13.56
N PHE I 13 -9.19 -6.29 14.38
CA PHE I 13 -10.60 -5.97 14.22
C PHE I 13 -11.03 -5.07 15.37
N LEU I 14 -11.24 -3.80 15.05
CA LEU I 14 -11.67 -2.83 16.04
C LEU I 14 -13.15 -2.54 15.83
N THR I 15 -13.95 -2.67 16.88
CA THR I 15 -15.40 -2.52 16.79
C THR I 15 -15.83 -1.14 16.31
N THR I 16 -15.08 -0.11 16.68
CA THR I 16 -15.44 1.25 16.30
C THR I 16 -14.61 1.75 15.11
N ASP I 17 -13.99 0.83 14.38
CA ASP I 17 -13.21 1.21 13.23
C ASP I 17 -14.12 1.73 12.13
N ASP I 18 -13.77 2.87 11.56
CA ASP I 18 -14.57 3.45 10.50
C ASP I 18 -13.85 3.27 9.18
N GLY I 19 -14.13 2.14 8.52
CA GLY I 19 -13.57 1.90 7.21
C GLY I 19 -14.63 1.46 6.23
N VAL I 20 -14.31 1.51 4.95
CA VAL I 20 -15.19 1.01 3.90
C VAL I 20 -14.77 -0.41 3.54
N SER I 21 -15.71 -1.34 3.57
CA SER I 21 -15.38 -2.74 3.31
C SER I 21 -15.89 -3.17 1.94
N ALA I 22 -15.48 -4.37 1.51
CA ALA I 22 -15.85 -4.89 0.20
C ALA I 22 -17.36 -5.07 0.08
N PRO I 23 -17.94 -4.48 -0.97
CA PRO I 23 -19.38 -4.55 -1.23
C PRO I 23 -19.79 -5.94 -1.73
N ILE I 24 -20.87 -6.48 -1.18
CA ILE I 24 -21.25 -7.85 -1.53
C ILE I 24 -21.98 -7.92 -2.88
N LEU I 25 -22.74 -6.88 -3.22
CA LEU I 25 -23.49 -6.85 -4.47
C LEU I 25 -23.37 -5.49 -5.13
N PRO I 26 -22.31 -5.30 -5.93
CA PRO I 26 -21.94 -3.97 -6.46
C PRO I 26 -22.83 -3.49 -7.60
N ASN I 27 -23.52 -4.44 -8.22
CA ASN I 27 -24.36 -4.14 -9.36
C ASN I 27 -25.79 -3.86 -8.92
N PHE I 28 -26.03 -4.06 -7.63
CA PHE I 28 -27.38 -3.96 -7.08
C PHE I 28 -27.76 -2.51 -6.88
N HIS I 29 -28.91 -2.14 -7.40
CA HIS I 29 -29.46 -0.82 -7.17
C HIS I 29 -30.66 -0.89 -6.26
N PRO I 30 -30.47 -0.43 -5.02
CA PRO I 30 -31.54 -0.50 -4.03
C PRO I 30 -32.65 0.46 -4.40
N THR I 31 -33.86 0.18 -3.93
CA THR I 31 -34.98 1.09 -4.13
C THR I 31 -34.62 2.51 -3.71
N PRO I 32 -35.05 3.50 -4.51
CA PRO I 32 -34.67 4.91 -4.36
C PRO I 32 -35.16 5.53 -3.07
N CYS I 33 -34.47 6.57 -2.60
CA CYS I 33 -34.88 7.26 -1.39
C CYS I 33 -36.03 8.22 -1.71
N ILE I 34 -37.26 7.72 -1.63
CA ILE I 34 -38.41 8.58 -1.84
C ILE I 34 -38.60 9.39 -0.56
N HIS I 35 -39.25 10.53 -0.68
CA HIS I 35 -39.38 11.40 0.47
C HIS I 35 -40.51 11.01 1.40
N ILE I 36 -40.16 10.80 2.67
CA ILE I 36 -41.16 10.62 3.71
C ILE I 36 -40.99 11.80 4.66
N PRO I 37 -42.08 12.54 4.92
CA PRO I 37 -42.08 13.86 5.57
C PRO I 37 -41.25 13.98 6.83
N GLY I 38 -41.66 13.31 7.90
CA GLY I 38 -40.97 13.47 9.16
C GLY I 38 -39.66 12.71 9.18
N GLU I 39 -38.57 13.45 9.29
CA GLU I 39 -37.24 12.85 9.32
C GLU I 39 -36.42 13.50 10.43
N VAL I 40 -35.49 12.74 10.97
CA VAL I 40 -34.58 13.22 11.99
C VAL I 40 -33.16 12.91 11.57
N ARG I 41 -32.25 13.86 11.77
CA ARG I 41 -30.84 13.63 11.45
C ARG I 41 -29.98 13.82 12.67
N ASN I 42 -30.62 14.15 13.80
CA ASN I 42 -29.90 14.38 15.02
C ASN I 42 -30.79 14.20 16.24
N LEU I 43 -30.26 13.50 17.24
CA LEU I 43 -31.02 13.12 18.42
C LEU I 43 -31.35 14.30 19.32
N LEU I 44 -30.60 15.37 19.20
CA LEU I 44 -30.82 16.53 20.05
C LEU I 44 -32.20 17.15 19.81
N GLU I 45 -32.69 17.08 18.57
CA GLU I 45 -34.03 17.58 18.26
C GLU I 45 -35.10 16.89 19.12
N LEU I 46 -34.86 15.64 19.47
CA LEU I 46 -35.78 14.91 20.34
C LEU I 46 -35.65 15.45 21.76
N CYS I 47 -34.44 15.85 22.12
CA CYS I 47 -34.19 16.34 23.48
C CYS I 47 -34.92 17.67 23.73
N GLN I 48 -35.42 18.30 22.67
CA GLN I 48 -36.11 19.59 22.77
C GLN I 48 -37.64 19.49 22.64
N VAL I 49 -38.17 18.29 22.49
CA VAL I 49 -39.61 18.15 22.29
C VAL I 49 -40.35 18.08 23.62
N GLU I 50 -41.45 18.84 23.69
CA GLU I 50 -42.28 18.86 24.89
C GLU I 50 -42.71 17.44 25.22
N THR I 51 -42.32 16.93 26.38
CA THR I 51 -42.77 15.59 26.77
C THR I 51 -43.09 15.54 28.26
N ILE I 52 -44.02 14.66 28.63
CA ILE I 52 -44.56 14.62 29.99
C ILE I 52 -43.55 14.20 31.04
N LEU I 53 -43.54 14.93 32.16
CA LEU I 53 -42.66 14.66 33.29
C LEU I 53 -43.42 14.04 34.46
N GLU I 54 -43.16 12.76 34.74
CA GLU I 54 -43.83 12.07 35.84
C GLU I 54 -43.31 12.48 37.20
N VAL I 55 -43.65 13.71 37.59
CA VAL I 55 -43.32 14.18 38.92
C VAL I 55 -43.98 13.29 39.97
N ASN I 56 -45.24 12.95 39.72
CA ASN I 56 -46.01 12.12 40.62
C ASN I 56 -45.74 10.64 40.38
N ASN I 57 -44.49 10.25 40.55
CA ASN I 57 -44.09 8.86 40.36
C ASN I 57 -44.38 8.03 41.61
N VAL I 58 -45.66 8.03 42.00
CA VAL I 58 -46.10 7.47 43.28
C VAL I 58 -46.77 6.10 43.12
N PRO I 59 -47.74 5.95 42.19
CA PRO I 59 -48.41 4.65 42.19
C PRO I 59 -47.76 3.62 41.28
N THR I 60 -47.85 2.35 41.66
CA THR I 60 -47.21 1.28 40.90
C THR I 60 -48.20 0.23 40.36
N ASN I 61 -49.49 0.47 40.56
CA ASN I 61 -50.52 -0.44 40.06
C ASN I 61 -50.98 -0.04 38.67
N ALA I 62 -51.00 -1.00 37.74
CA ALA I 62 -51.31 -0.71 36.34
C ALA I 62 -52.67 -0.05 36.14
N THR I 63 -53.59 -0.27 37.09
CA THR I 63 -54.92 0.32 37.00
C THR I 63 -54.92 1.80 37.36
N SER I 64 -53.89 2.23 38.09
CA SER I 64 -53.76 3.60 38.55
C SER I 64 -52.42 4.17 38.11
N LEU I 65 -51.75 3.46 37.21
CA LEU I 65 -50.41 3.81 36.76
C LEU I 65 -50.44 5.04 35.88
N MET I 66 -51.64 5.40 35.41
CA MET I 66 -51.82 6.55 34.55
C MET I 66 -51.78 7.87 35.32
N GLU I 67 -51.86 7.77 36.64
CA GLU I 67 -51.96 8.95 37.49
C GLU I 67 -50.61 9.60 37.74
N ARG I 68 -49.56 9.09 37.08
CA ARG I 68 -48.20 9.57 37.29
C ARG I 68 -47.91 10.87 36.54
N LEU I 69 -48.46 10.97 35.34
CA LEU I 69 -48.33 12.14 34.48
C LEU I 69 -48.87 13.35 35.23
N ARG I 70 -49.95 13.06 35.95
CA ARG I 70 -50.77 14.02 36.67
C ARG I 70 -50.22 14.34 38.05
N PHE I 71 -50.37 15.59 38.52
CA PHE I 71 -50.13 15.85 39.93
C PHE I 71 -51.10 16.93 40.43
N PRO I 72 -51.71 16.68 41.60
CA PRO I 72 -52.91 17.32 42.13
C PRO I 72 -52.74 18.64 42.87
N VAL I 73 -53.81 19.42 42.90
CA VAL I 73 -53.94 20.52 43.86
C VAL I 73 -55.32 20.38 44.50
N SER I 74 -55.43 20.73 45.78
CA SER I 74 -56.70 20.58 46.49
C SER I 74 -56.94 21.72 47.45
N ALA I 75 -58.20 21.89 47.87
CA ALA I 75 -58.56 22.94 48.82
C ALA I 75 -58.19 22.53 50.24
N GLN I 76 -57.50 21.41 50.38
CA GLN I 76 -57.20 20.87 51.70
C GLN I 76 -56.02 21.59 52.34
N ALA I 77 -54.82 21.36 51.84
CA ALA I 77 -53.67 22.06 52.38
C ALA I 77 -53.75 23.50 51.88
N GLY I 78 -53.39 24.44 52.76
CA GLY I 78 -53.47 25.85 52.40
C GLY I 78 -52.13 26.48 52.67
N LYS I 79 -51.63 27.24 51.69
CA LYS I 79 -50.36 27.95 51.77
C LYS I 79 -49.19 27.06 52.17
N GLY I 80 -49.40 25.75 52.20
CA GLY I 80 -48.40 24.83 52.71
C GLY I 80 -47.43 24.36 51.65
N GLU I 81 -47.34 23.05 51.47
CA GLU I 81 -46.36 22.48 50.56
C GLU I 81 -47.03 21.53 49.59
N LEU I 82 -46.72 21.67 48.30
CA LEU I 82 -47.28 20.78 47.31
C LEU I 82 -46.27 19.76 46.84
N CYS I 83 -45.24 20.21 46.15
CA CYS I 83 -44.36 19.27 45.49
C CYS I 83 -43.01 19.82 45.06
N ALA I 84 -41.96 19.08 45.41
CA ALA I 84 -40.66 19.26 44.81
C ALA I 84 -40.61 18.36 43.60
N VAL I 85 -40.07 18.84 42.48
CA VAL I 85 -40.04 18.05 41.26
C VAL I 85 -38.97 16.95 41.42
N PHE I 86 -38.50 16.82 42.65
CA PHE I 86 -37.43 15.90 43.04
C PHE I 86 -36.18 16.43 42.40
N ARG I 87 -35.11 15.66 42.40
CA ARG I 87 -33.88 16.11 41.77
C ARG I 87 -34.16 16.46 40.31
N ALA I 88 -33.56 17.54 39.85
CA ALA I 88 -33.71 17.97 38.46
C ALA I 88 -32.55 17.48 37.60
N ASP I 89 -32.35 16.16 37.60
CA ASP I 89 -31.29 15.56 36.81
C ASP I 89 -31.89 14.39 36.06
N PRO I 90 -31.96 14.51 34.73
CA PRO I 90 -32.70 13.61 33.85
C PRO I 90 -32.15 12.19 33.81
N GLY I 91 -30.84 12.03 33.59
CA GLY I 91 -30.29 10.70 33.44
C GLY I 91 -30.38 9.91 34.73
N ARG I 92 -30.48 10.59 35.88
CA ARG I 92 -30.66 9.89 37.14
C ARG I 92 -32.07 9.29 37.17
N SER I 93 -32.16 8.03 37.62
CA SER I 93 -33.45 7.37 37.80
C SER I 93 -34.42 8.21 38.63
N GLY I 94 -35.61 8.45 38.08
CA GLY I 94 -36.58 9.29 38.74
C GLY I 94 -37.64 9.81 37.80
N PRO I 95 -38.29 10.93 38.17
CA PRO I 95 -39.42 11.49 37.43
C PRO I 95 -39.11 11.77 35.96
N TRP I 96 -37.87 12.14 35.66
CA TRP I 96 -37.49 12.48 34.31
C TRP I 96 -37.47 11.28 33.37
N GLN I 97 -37.39 10.08 33.94
CA GLN I 97 -37.31 8.86 33.14
C GLN I 97 -38.58 8.63 32.32
N SER I 98 -39.63 9.38 32.64
CA SER I 98 -40.85 9.30 31.86
C SER I 98 -40.66 10.07 30.56
N THR I 99 -39.88 11.14 30.64
CA THR I 99 -39.63 11.97 29.47
C THR I 99 -38.79 11.23 28.45
N LEU I 100 -38.91 11.61 27.19
CA LEU I 100 -38.06 11.08 26.14
C LEU I 100 -36.61 11.46 26.42
N LEU I 101 -36.41 12.69 26.87
CA LEU I 101 -35.07 13.20 27.20
C LEU I 101 -34.36 12.27 28.16
N GLY I 102 -35.01 11.96 29.28
CA GLY I 102 -34.42 11.13 30.31
C GLY I 102 -33.95 9.77 29.82
N GLN I 103 -34.57 9.27 28.77
CA GLN I 103 -34.21 7.97 28.23
C GLN I 103 -32.99 8.08 27.32
N LEU I 104 -32.97 9.14 26.51
CA LEU I 104 -31.85 9.35 25.58
C LEU I 104 -30.59 9.72 26.35
N CYS I 105 -30.77 10.24 27.57
CA CYS I 105 -29.64 10.55 28.42
C CYS I 105 -29.02 9.26 28.94
N GLY I 106 -29.83 8.21 29.01
CA GLY I 106 -29.36 6.91 29.44
C GLY I 106 -28.57 6.20 28.36
N TYR I 107 -28.72 6.67 27.13
CA TYR I 107 -27.99 6.09 26.01
C TYR I 107 -26.69 6.86 25.72
N TYR I 108 -26.34 7.76 26.62
CA TYR I 108 -25.07 8.47 26.54
C TYR I 108 -24.50 8.55 27.95
N THR I 109 -23.42 9.30 28.14
CA THR I 109 -22.69 9.25 29.40
C THR I 109 -22.88 10.49 30.28
N GLN I 110 -22.34 11.63 29.87
CA GLN I 110 -22.54 12.84 30.65
C GLN I 110 -22.98 14.01 29.77
N TRP I 111 -23.90 14.81 30.29
CA TRP I 111 -24.54 15.84 29.49
C TRP I 111 -24.42 17.21 30.13
N SER I 112 -24.73 18.24 29.35
CA SER I 112 -24.72 19.61 29.85
C SER I 112 -25.73 20.41 29.05
N GLY I 113 -26.51 21.24 29.74
CA GLY I 113 -27.52 22.03 29.04
C GLY I 113 -28.53 22.72 29.91
N SER I 114 -29.52 23.31 29.26
CA SER I 114 -30.60 24.00 29.94
C SER I 114 -31.91 23.31 29.59
N LEU I 115 -32.84 23.30 30.54
CA LEU I 115 -34.12 22.64 30.31
C LEU I 115 -35.24 23.64 30.56
N GLU I 116 -36.37 23.45 29.89
CA GLU I 116 -37.54 24.29 30.18
C GLU I 116 -38.74 23.41 30.52
N VAL I 117 -39.41 23.75 31.61
CA VAL I 117 -40.54 22.98 32.12
C VAL I 117 -41.84 23.75 32.10
N THR I 118 -42.71 23.45 31.15
CA THR I 118 -44.01 24.11 31.12
C THR I 118 -44.95 23.33 32.03
N PHE I 119 -45.66 24.03 32.91
CA PHE I 119 -46.64 23.37 33.75
C PHE I 119 -48.00 23.72 33.18
N MET I 120 -48.93 22.77 33.16
CA MET I 120 -50.22 23.03 32.55
C MET I 120 -51.35 22.69 33.49
N PHE I 121 -52.28 23.62 33.63
CA PHE I 121 -53.36 23.47 34.59
C PHE I 121 -54.64 23.00 33.91
N THR I 122 -55.28 21.99 34.51
CA THR I 122 -56.42 21.34 33.89
C THR I 122 -57.73 21.57 34.64
N GLY I 123 -57.70 22.40 35.67
CA GLY I 123 -58.87 22.63 36.49
C GLY I 123 -59.98 23.35 35.76
N SER I 124 -61.11 23.57 36.44
CA SER I 124 -62.24 24.21 35.80
C SER I 124 -61.91 25.65 35.45
N PHE I 125 -62.70 26.25 34.57
CA PHE I 125 -62.45 27.62 34.15
C PHE I 125 -62.67 28.59 35.29
N MET I 126 -63.62 28.26 36.15
CA MET I 126 -64.09 29.20 37.15
C MET I 126 -63.21 29.14 38.39
N ALA I 127 -62.35 28.13 38.46
CA ALA I 127 -61.41 28.00 39.55
C ALA I 127 -60.30 29.04 39.39
N THR I 128 -59.75 29.52 40.50
CA THR I 128 -58.75 30.57 40.45
C THR I 128 -57.82 30.38 41.65
N GLY I 129 -56.63 30.99 41.62
CA GLY I 129 -55.69 30.87 42.71
C GLY I 129 -54.27 31.22 42.29
N LYS I 130 -53.32 31.01 43.19
CA LYS I 130 -51.92 31.28 42.89
C LYS I 130 -51.01 30.14 43.35
N MET I 131 -49.90 29.99 42.63
CA MET I 131 -48.92 28.96 42.93
C MET I 131 -47.53 29.55 42.83
N LEU I 132 -46.64 29.09 43.70
CA LEU I 132 -45.25 29.50 43.59
C LEU I 132 -44.38 28.32 43.19
N ILE I 133 -43.66 28.49 42.11
CA ILE I 133 -42.70 27.52 41.64
C ILE I 133 -41.31 28.07 41.92
N ALA I 134 -40.45 27.28 42.55
CA ALA I 134 -39.14 27.79 42.94
C ALA I 134 -38.04 26.84 42.52
N TYR I 135 -37.09 27.34 41.74
CA TYR I 135 -35.92 26.55 41.40
C TYR I 135 -34.87 26.76 42.48
N THR I 136 -34.26 25.67 42.92
CA THR I 136 -33.16 25.75 43.86
C THR I 136 -31.89 25.21 43.24
N PRO I 137 -30.94 26.10 42.96
CA PRO I 137 -29.66 25.77 42.35
C PRO I 137 -28.89 24.75 43.20
N PRO I 138 -27.89 24.06 42.60
CA PRO I 138 -27.11 23.06 43.34
C PRO I 138 -26.46 23.63 44.59
N GLY I 139 -26.16 22.75 45.55
CA GLY I 139 -25.50 23.17 46.77
C GLY I 139 -26.50 23.52 47.86
N GLY I 140 -27.43 24.43 47.56
CA GLY I 140 -28.42 24.84 48.52
C GLY I 140 -29.47 23.77 48.77
N PRO I 141 -29.71 23.47 50.06
CA PRO I 141 -30.71 22.49 50.48
C PRO I 141 -32.13 22.96 50.19
N LEU I 142 -33.12 22.10 50.39
CA LEU I 142 -34.51 22.46 50.16
C LEU I 142 -34.95 23.62 51.05
N PRO I 143 -35.62 24.62 50.43
CA PRO I 143 -36.13 25.83 51.08
C PRO I 143 -37.08 25.54 52.24
N LYS I 144 -36.86 26.22 53.36
CA LYS I 144 -37.68 26.03 54.56
C LYS I 144 -39.18 26.17 54.30
N ASP I 145 -39.58 27.28 53.68
CA ASP I 145 -40.99 27.59 53.47
C ASP I 145 -41.24 28.34 52.18
N ARG I 146 -42.46 28.81 52.01
CA ARG I 146 -42.83 29.65 50.88
C ARG I 146 -42.00 30.92 50.90
N ALA I 147 -42.02 31.58 52.05
CA ALA I 147 -41.36 32.86 52.20
C ALA I 147 -39.85 32.74 51.97
N THR I 148 -39.29 31.58 52.30
CA THR I 148 -37.85 31.37 52.13
C THR I 148 -37.47 31.08 50.68
N ALA I 149 -38.37 30.41 49.96
CA ALA I 149 -38.12 30.07 48.56
C ALA I 149 -38.25 31.31 47.69
N MET I 150 -39.01 32.28 48.19
CA MET I 150 -39.26 33.52 47.46
C MET I 150 -37.95 34.29 47.35
N LEU I 151 -37.03 34.03 48.28
CA LEU I 151 -35.74 34.71 48.32
C LEU I 151 -34.80 34.19 47.25
N GLY I 152 -35.27 33.24 46.45
CA GLY I 152 -34.46 32.68 45.39
C GLY I 152 -35.11 32.83 44.03
N THR I 153 -34.69 32.02 43.08
CA THR I 153 -35.28 32.00 41.75
C THR I 153 -36.69 31.45 41.86
N HIS I 154 -37.68 32.23 41.40
CA HIS I 154 -39.07 31.83 41.57
C HIS I 154 -40.01 32.56 40.61
N VAL I 155 -41.15 31.92 40.33
CA VAL I 155 -42.15 32.52 39.46
C VAL I 155 -43.53 32.35 40.10
N ILE I 156 -44.19 33.47 40.36
CA ILE I 156 -45.53 33.41 40.94
C ILE I 156 -46.50 33.02 39.84
N TRP I 157 -47.09 31.83 39.97
CA TRP I 157 -48.03 31.34 38.99
C TRP I 157 -49.46 31.51 39.47
N ASP I 158 -50.23 32.33 38.75
CA ASP I 158 -51.65 32.49 39.03
C ASP I 158 -52.46 31.79 37.94
N PHE I 159 -53.69 31.41 38.26
CA PHE I 159 -54.55 30.77 37.28
C PHE I 159 -55.34 31.84 36.51
N GLY I 160 -54.91 33.08 36.63
CA GLY I 160 -55.37 34.16 35.77
C GLY I 160 -54.71 33.98 34.42
N LEU I 161 -53.41 33.69 34.45
CA LEU I 161 -52.70 33.27 33.24
C LEU I 161 -53.00 31.78 33.13
N GLN I 162 -54.21 31.53 32.67
CA GLN I 162 -54.83 30.21 32.60
C GLN I 162 -54.01 29.18 31.84
N SER I 163 -53.54 29.54 30.65
CA SER I 163 -52.96 28.58 29.72
C SER I 163 -51.86 27.70 30.32
N SER I 164 -50.73 28.31 30.65
CA SER I 164 -49.59 27.59 31.21
C SER I 164 -48.50 28.52 31.70
N VAL I 165 -47.41 27.93 32.18
CA VAL I 165 -46.25 28.68 32.68
C VAL I 165 -44.98 27.89 32.43
N THR I 166 -44.01 28.53 31.77
CA THR I 166 -42.78 27.85 31.40
C THR I 166 -41.64 28.27 32.30
N LEU I 167 -41.01 27.29 32.94
CA LEU I 167 -39.88 27.55 33.82
C LEU I 167 -38.61 27.02 33.17
N VAL I 168 -37.61 27.88 33.01
CA VAL I 168 -36.37 27.50 32.35
C VAL I 168 -35.28 27.32 33.40
N ILE I 169 -34.85 26.07 33.60
CA ILE I 169 -33.75 25.81 34.51
C ILE I 169 -32.45 26.00 33.72
N PRO I 170 -31.60 26.92 34.20
CA PRO I 170 -30.42 27.50 33.54
C PRO I 170 -29.37 26.50 33.07
N TRP I 171 -28.87 25.67 33.98
CA TRP I 171 -27.76 24.81 33.62
C TRP I 171 -27.72 23.58 34.52
N ILE I 172 -27.60 22.41 33.91
CA ILE I 172 -27.39 21.17 34.65
C ILE I 172 -26.33 20.37 33.94
N SER I 173 -25.50 19.67 34.70
CA SER I 173 -24.42 18.90 34.12
C SER I 173 -24.16 17.64 34.93
N ASN I 174 -23.55 16.65 34.28
CA ASN I 174 -23.14 15.45 34.97
C ASN I 174 -21.63 15.50 35.08
N THR I 175 -21.16 15.79 36.30
CA THR I 175 -19.74 15.88 36.60
C THR I 175 -19.40 14.99 37.80
N HIS I 176 -19.29 13.69 37.54
CA HIS I 176 -18.98 12.71 38.57
C HIS I 176 -17.61 12.96 39.20
N TYR I 189 -26.28 11.97 44.27
CA TYR I 189 -25.58 13.15 44.77
C TYR I 189 -26.59 14.26 45.01
N THR I 190 -26.15 15.51 44.98
CA THR I 190 -27.09 16.62 45.11
C THR I 190 -27.01 17.53 43.89
N THR I 191 -28.17 17.85 43.34
CA THR I 191 -28.32 18.68 42.14
C THR I 191 -29.36 19.76 42.39
N GLY I 192 -29.78 20.43 41.33
CA GLY I 192 -30.81 21.46 41.45
C GLY I 192 -32.15 20.89 41.89
N LEU I 193 -32.97 21.74 42.50
CA LEU I 193 -34.32 21.36 42.93
C LEU I 193 -35.37 22.36 42.43
N VAL I 194 -36.47 21.85 41.91
CA VAL I 194 -37.62 22.69 41.63
C VAL I 194 -38.72 22.33 42.60
N SER I 195 -39.22 23.31 43.33
CA SER I 195 -40.25 23.07 44.32
C SER I 195 -41.49 23.89 43.98
N ILE I 196 -42.67 23.28 44.10
CA ILE I 196 -43.90 23.96 43.77
C ILE I 196 -44.71 24.20 45.03
N TRP I 197 -45.02 25.47 45.28
CA TRP I 197 -45.64 25.86 46.54
C TRP I 197 -47.02 26.45 46.31
N TYR I 198 -47.90 26.21 47.28
CA TYR I 198 -49.17 26.89 47.34
C TYR I 198 -48.92 28.33 47.73
N GLN I 199 -48.96 29.25 46.78
CA GLN I 199 -48.93 30.64 47.17
C GLN I 199 -50.25 30.85 47.90
N THR I 200 -51.32 30.29 47.35
CA THR I 200 -52.57 30.23 48.08
C THR I 200 -53.41 28.98 47.82
N ASN I 201 -54.43 28.81 48.66
CA ASN I 201 -55.34 27.67 48.58
C ASN I 201 -56.18 27.68 47.30
N TYR I 202 -56.76 26.53 46.99
CA TYR I 202 -57.56 26.35 45.79
C TYR I 202 -59.01 26.82 45.97
N VAL I 203 -59.32 28.03 45.53
CA VAL I 203 -60.68 28.55 45.70
C VAL I 203 -61.58 28.17 44.53
N VAL I 204 -62.79 27.71 44.84
CA VAL I 204 -63.76 27.33 43.82
C VAL I 204 -65.18 27.73 44.19
N PRO I 205 -66.02 28.01 43.18
CA PRO I 205 -67.45 28.19 43.41
C PRO I 205 -68.11 26.82 43.51
N ILE I 206 -69.42 26.76 43.72
CA ILE I 206 -70.08 25.46 43.79
C ILE I 206 -70.11 24.82 42.39
N GLY I 207 -70.01 23.49 42.35
CA GLY I 207 -70.04 22.76 41.10
C GLY I 207 -68.67 22.44 40.57
N ALA I 208 -67.65 23.04 41.18
CA ALA I 208 -66.27 22.76 40.83
C ALA I 208 -65.67 21.86 41.90
N PRO I 209 -64.91 20.85 41.48
CA PRO I 209 -64.25 19.95 42.43
C PRO I 209 -63.28 20.69 43.35
N ASN I 210 -63.33 20.41 44.65
CA ASN I 210 -62.45 21.09 45.59
C ASN I 210 -60.99 20.66 45.42
N THR I 211 -60.75 19.80 44.45
CA THR I 211 -59.40 19.35 44.12
C THR I 211 -59.28 19.23 42.60
N ALA I 212 -58.15 19.69 42.07
CA ALA I 212 -57.92 19.71 40.63
C ALA I 212 -56.53 19.18 40.29
N TYR I 213 -56.23 19.07 39.01
CA TYR I 213 -55.02 18.40 38.56
C TYR I 213 -54.16 19.25 37.62
N ILE I 214 -52.84 19.05 37.70
CA ILE I 214 -51.88 19.75 36.87
C ILE I 214 -51.01 18.76 36.10
N ILE I 215 -50.75 19.04 34.82
CA ILE I 215 -49.80 18.25 34.05
C ILE I 215 -48.52 19.05 33.84
N ALA I 216 -47.39 18.47 34.19
CA ALA I 216 -46.11 19.12 33.97
C ALA I 216 -45.37 18.35 32.90
N LEU I 217 -44.99 19.05 31.83
CA LEU I 217 -44.21 18.43 30.77
C LEU I 217 -43.01 19.30 30.44
N ALA I 218 -41.86 18.66 30.19
CA ALA I 218 -40.61 19.38 30.06
C ALA I 218 -39.77 18.92 28.87
N ALA I 219 -38.70 19.67 28.63
CA ALA I 219 -37.75 19.37 27.56
C ALA I 219 -36.50 20.21 27.78
N ALA I 220 -35.55 20.11 26.84
CA ALA I 220 -34.31 20.86 26.94
C ALA I 220 -34.19 21.83 25.77
N GLN I 221 -33.59 22.99 25.99
CA GLN I 221 -33.44 23.92 24.87
C GLN I 221 -32.20 23.54 24.03
N LYS I 222 -31.78 24.44 23.15
CA LYS I 222 -30.86 24.07 22.07
C LYS I 222 -29.38 23.95 22.44
N ASN I 223 -28.99 24.42 23.63
CA ASN I 223 -27.60 24.34 24.02
C ASN I 223 -27.29 22.99 24.63
N PHE I 224 -28.30 22.14 24.72
CA PHE I 224 -28.14 20.82 25.30
C PHE I 224 -27.29 19.93 24.42
N THR I 225 -26.25 19.34 25.00
CA THR I 225 -25.34 18.46 24.28
C THR I 225 -25.13 17.18 25.07
N MET I 226 -24.67 16.12 24.41
CA MET I 226 -24.49 14.84 25.09
C MET I 226 -23.09 14.30 24.79
N GLN I 227 -22.63 13.35 25.58
CA GLN I 227 -21.25 12.87 25.45
C GLN I 227 -21.13 11.58 24.65
N LEU I 228 -20.20 10.73 25.08
CA LEU I 228 -19.94 9.47 24.39
C LEU I 228 -21.06 8.47 24.62
N CYS I 229 -21.28 7.60 23.63
CA CYS I 229 -22.35 6.62 23.67
C CYS I 229 -22.16 5.60 24.78
N LYS I 230 -23.29 5.24 25.40
CA LYS I 230 -23.33 4.31 26.52
C LYS I 230 -24.64 3.52 26.48
N ASP I 231 -24.55 2.21 26.64
CA ASP I 231 -25.76 1.37 26.56
C ASP I 231 -26.04 0.66 27.88
N ALA I 232 -27.30 0.72 28.30
CA ALA I 232 -27.76 0.06 29.51
C ALA I 232 -29.28 0.04 29.52
N SER I 233 -29.86 -1.12 29.24
CA SER I 233 -31.30 -1.20 29.06
C SER I 233 -32.01 -2.08 30.09
N ASP I 234 -33.01 -2.79 29.59
CA ASP I 234 -33.97 -3.51 30.40
C ASP I 234 -34.30 -4.86 29.78
N ILE I 235 -34.17 -4.92 28.46
CA ILE I 235 -34.77 -5.98 27.67
C ILE I 235 -33.91 -7.22 27.55
N LEU I 236 -34.55 -8.33 27.24
CA LEU I 236 -33.90 -9.63 27.17
C LEU I 236 -34.54 -10.48 26.08
N GLY J 1 9.30 3.17 5.08
CA GLY J 1 8.63 3.63 3.88
C GLY J 1 7.16 3.90 4.12
N PHE J 2 6.31 3.53 3.16
CA PHE J 2 4.88 3.81 3.25
C PHE J 2 4.26 2.97 4.36
N PRO J 3 3.71 3.65 5.39
CA PRO J 3 3.11 2.92 6.51
C PRO J 3 1.81 2.24 6.11
N THR J 4 1.52 1.08 6.70
CA THR J 4 0.29 0.35 6.35
C THR J 4 -0.21 -0.50 7.51
N GLU J 5 -1.53 -0.48 7.70
CA GLU J 5 -2.19 -1.40 8.62
C GLU J 5 -3.13 -2.26 7.80
N LEU J 6 -2.95 -3.58 7.85
CA LEU J 6 -3.85 -4.47 7.14
C LEU J 6 -5.20 -4.42 7.84
N LYS J 7 -6.27 -4.36 7.06
CA LYS J 7 -7.61 -4.31 7.62
C LYS J 7 -8.40 -5.57 7.25
N PRO J 8 -9.40 -5.92 8.08
CA PRO J 8 -10.29 -7.07 7.90
C PRO J 8 -10.77 -7.22 6.46
N GLY J 9 -11.00 -8.45 6.03
CA GLY J 9 -11.32 -8.70 4.64
C GLY J 9 -10.06 -9.09 3.90
N THR J 10 -8.94 -8.97 4.61
CA THR J 10 -7.64 -9.36 4.08
C THR J 10 -7.64 -10.83 3.68
N ASN J 11 -6.98 -11.12 2.56
CA ASN J 11 -6.83 -12.48 2.05
C ASN J 11 -8.16 -13.15 1.75
N GLN J 12 -9.22 -12.38 1.57
CA GLN J 12 -10.53 -12.97 1.35
C GLN J 12 -10.85 -13.01 -0.14
N PHE J 13 -11.55 -14.06 -0.54
CA PHE J 13 -12.02 -14.18 -1.92
C PHE J 13 -13.53 -14.03 -1.96
N LEU J 14 -13.97 -12.91 -2.52
CA LEU J 14 -15.40 -12.65 -2.65
C LEU J 14 -15.81 -12.93 -4.09
N THR J 15 -16.82 -13.78 -4.25
CA THR J 15 -17.26 -14.22 -5.57
C THR J 15 -17.70 -13.07 -6.47
N THR J 16 -18.31 -12.05 -5.87
CA THR J 16 -18.79 -10.92 -6.65
C THR J 16 -17.84 -9.73 -6.61
N ASP J 17 -16.60 -9.97 -6.19
CA ASP J 17 -15.61 -8.89 -6.13
C ASP J 17 -15.20 -8.51 -7.55
N ASP J 18 -15.25 -7.21 -7.85
CA ASP J 18 -14.85 -6.72 -9.16
C ASP J 18 -13.53 -5.96 -9.05
N GLY J 19 -12.42 -6.65 -9.26
CA GLY J 19 -11.14 -5.99 -9.25
C GLY J 19 -10.34 -6.37 -10.48
N VAL J 20 -9.24 -5.65 -10.72
CA VAL J 20 -8.35 -6.01 -11.79
C VAL J 20 -7.29 -6.92 -11.19
N SER J 21 -7.14 -8.11 -11.77
CA SER J 21 -6.21 -9.09 -11.24
C SER J 21 -5.02 -9.18 -12.18
N ALA J 22 -3.98 -9.89 -11.76
CA ALA J 22 -2.80 -10.01 -12.60
C ALA J 22 -3.18 -10.71 -13.89
N PRO J 23 -2.89 -10.06 -15.03
CA PRO J 23 -3.21 -10.57 -16.36
C PRO J 23 -2.28 -11.71 -16.77
N ILE J 24 -2.84 -12.76 -17.35
CA ILE J 24 -2.04 -13.94 -17.67
C ILE J 24 -1.15 -13.67 -18.89
N LEU J 25 -1.64 -12.84 -19.81
CA LEU J 25 -0.88 -12.51 -21.02
C LEU J 25 -0.96 -11.02 -21.35
N PRO J 26 -0.08 -10.21 -20.75
CA PRO J 26 -0.23 -8.75 -20.90
C PRO J 26 0.21 -8.28 -22.29
N ASN J 27 0.95 -9.13 -22.99
CA ASN J 27 1.44 -8.77 -24.32
C ASN J 27 0.49 -9.21 -25.41
N PHE J 28 -0.53 -10.02 -25.07
CA PHE J 28 -1.38 -10.58 -26.11
C PHE J 28 -2.41 -9.57 -26.54
N HIS J 29 -2.48 -9.36 -27.85
CA HIS J 29 -3.46 -8.46 -28.41
C HIS J 29 -4.49 -9.20 -29.25
N PRO J 30 -5.73 -9.30 -28.74
CA PRO J 30 -6.81 -10.08 -29.35
C PRO J 30 -7.33 -9.50 -30.67
N THR J 31 -7.91 -10.36 -31.49
CA THR J 31 -8.57 -9.97 -32.73
C THR J 31 -9.58 -8.84 -32.55
N PRO J 32 -9.60 -7.90 -33.51
CA PRO J 32 -10.38 -6.66 -33.43
C PRO J 32 -11.89 -6.87 -33.40
N CYS J 33 -12.59 -5.91 -32.79
CA CYS J 33 -14.04 -5.94 -32.69
C CYS J 33 -14.74 -5.43 -33.95
N ILE J 34 -15.02 -6.31 -34.90
CA ILE J 34 -15.77 -5.87 -36.07
C ILE J 34 -17.24 -5.81 -35.70
N HIS J 35 -18.01 -5.01 -36.43
CA HIS J 35 -19.41 -4.78 -36.10
C HIS J 35 -20.33 -5.88 -36.62
N ILE J 36 -21.11 -6.45 -35.71
CA ILE J 36 -22.17 -7.39 -36.08
C ILE J 36 -23.54 -6.78 -35.74
N PRO J 37 -24.46 -6.74 -36.73
CA PRO J 37 -25.73 -6.01 -36.68
C PRO J 37 -26.54 -6.21 -35.40
N GLY J 38 -27.06 -7.42 -35.20
CA GLY J 38 -27.91 -7.64 -34.04
C GLY J 38 -26.99 -7.75 -32.84
N GLU J 39 -27.13 -6.81 -31.92
CA GLU J 39 -26.31 -6.75 -30.72
C GLU J 39 -27.20 -6.41 -29.52
N VAL J 40 -26.79 -6.85 -28.34
CA VAL J 40 -27.55 -6.54 -27.13
C VAL J 40 -26.65 -5.88 -26.10
N ARG J 41 -27.17 -4.84 -25.45
CA ARG J 41 -26.40 -4.12 -24.44
C ARG J 41 -27.14 -4.15 -23.12
N ASN J 42 -28.37 -4.68 -23.19
CA ASN J 42 -29.25 -4.78 -22.03
C ASN J 42 -30.37 -5.77 -22.28
N LEU J 43 -30.70 -6.56 -21.26
CA LEU J 43 -31.72 -7.61 -21.38
C LEU J 43 -33.12 -7.04 -21.57
N LEU J 44 -33.32 -5.77 -21.23
CA LEU J 44 -34.63 -5.14 -21.37
C LEU J 44 -35.03 -5.13 -22.85
N GLU J 45 -34.04 -5.03 -23.72
CA GLU J 45 -34.25 -5.08 -25.17
C GLU J 45 -34.97 -6.37 -25.56
N LEU J 46 -34.62 -7.46 -24.89
CA LEU J 46 -35.27 -8.75 -25.13
C LEU J 46 -36.63 -8.78 -24.47
N CYS J 47 -36.73 -8.14 -23.31
CA CYS J 47 -37.98 -8.16 -22.54
C CYS J 47 -39.09 -7.42 -23.27
N GLN J 48 -38.75 -6.65 -24.29
CA GLN J 48 -39.74 -5.86 -25.02
C GLN J 48 -40.12 -6.44 -26.37
N VAL J 49 -39.55 -7.59 -26.75
CA VAL J 49 -39.91 -8.13 -28.05
C VAL J 49 -41.17 -8.94 -27.87
N GLU J 50 -42.15 -8.65 -28.69
CA GLU J 50 -43.43 -9.35 -28.66
C GLU J 50 -43.21 -10.83 -28.93
N THR J 51 -43.61 -11.67 -27.98
CA THR J 51 -43.42 -13.11 -28.12
C THR J 51 -44.64 -13.91 -27.70
N ILE J 52 -44.77 -15.10 -28.26
CA ILE J 52 -45.99 -15.89 -28.14
C ILE J 52 -46.25 -16.31 -26.69
N LEU J 53 -47.49 -16.12 -26.27
CA LEU J 53 -47.93 -16.51 -24.93
C LEU J 53 -48.81 -17.74 -25.01
N GLU J 54 -48.32 -18.86 -24.49
CA GLU J 54 -49.08 -20.10 -24.53
C GLU J 54 -50.25 -20.07 -23.55
N VAL J 55 -51.30 -19.35 -23.93
CA VAL J 55 -52.52 -19.30 -23.12
C VAL J 55 -53.09 -20.70 -22.91
N ASN J 56 -53.13 -21.47 -23.99
CA ASN J 56 -53.69 -22.82 -23.94
C ASN J 56 -52.66 -23.85 -23.49
N ASN J 57 -52.13 -23.70 -22.28
CA ASN J 57 -51.13 -24.62 -21.77
C ASN J 57 -51.78 -25.88 -21.19
N VAL J 58 -52.56 -26.58 -22.01
CA VAL J 58 -53.40 -27.66 -21.49
C VAL J 58 -52.89 -29.07 -21.79
N PRO J 59 -52.55 -29.39 -23.06
CA PRO J 59 -52.18 -30.79 -23.32
C PRO J 59 -50.66 -31.05 -23.19
N THR J 60 -50.28 -32.27 -22.84
CA THR J 60 -48.88 -32.58 -22.59
C THR J 60 -48.25 -33.59 -23.56
N ASN J 61 -49.00 -34.01 -24.58
CA ASN J 61 -48.46 -34.97 -25.54
C ASN J 61 -47.80 -34.28 -26.73
N ALA J 62 -46.57 -34.68 -27.02
CA ALA J 62 -45.73 -34.00 -28.02
C ALA J 62 -46.34 -33.92 -29.41
N THR J 63 -47.22 -34.85 -29.74
CA THR J 63 -47.88 -34.87 -31.05
C THR J 63 -48.98 -33.82 -31.10
N SER J 64 -49.40 -33.36 -29.93
CA SER J 64 -50.45 -32.37 -29.79
C SER J 64 -49.93 -31.16 -29.01
N LEU J 65 -48.62 -31.12 -28.83
CA LEU J 65 -47.96 -30.09 -28.04
C LEU J 65 -47.91 -28.72 -28.72
N MET J 66 -48.10 -28.71 -30.03
CA MET J 66 -48.04 -27.46 -30.78
C MET J 66 -49.33 -26.70 -30.59
N GLU J 67 -50.30 -27.39 -30.02
CA GLU J 67 -51.64 -26.87 -29.84
C GLU J 67 -51.71 -25.94 -28.63
N ARG J 68 -50.58 -25.73 -27.97
CA ARG J 68 -50.54 -24.91 -26.76
C ARG J 68 -50.49 -23.42 -27.04
N LEU J 69 -49.72 -23.03 -28.05
CA LEU J 69 -49.59 -21.62 -28.43
C LEU J 69 -50.98 -21.10 -28.78
N ARG J 70 -51.67 -21.97 -29.50
CA ARG J 70 -52.95 -21.72 -30.12
C ARG J 70 -54.10 -22.08 -29.18
N PHE J 71 -55.20 -21.32 -29.26
CA PHE J 71 -56.43 -21.72 -28.58
C PHE J 71 -57.67 -21.32 -29.37
N PRO J 72 -58.63 -22.26 -29.48
CA PRO J 72 -59.74 -22.20 -30.45
C PRO J 72 -60.96 -21.39 -30.01
N VAL J 73 -61.69 -20.88 -31.00
CA VAL J 73 -63.04 -20.37 -30.81
C VAL J 73 -63.94 -20.97 -31.88
N SER J 74 -65.20 -21.22 -31.53
CA SER J 74 -66.12 -21.87 -32.45
C SER J 74 -67.53 -21.28 -32.38
N ALA J 75 -68.33 -21.58 -33.41
CA ALA J 75 -69.70 -21.11 -33.50
C ALA J 75 -70.65 -21.86 -32.58
N GLN J 76 -70.08 -22.72 -31.74
CA GLN J 76 -70.88 -23.61 -30.92
C GLN J 76 -71.44 -22.85 -29.72
N ALA J 77 -70.57 -22.53 -28.78
CA ALA J 77 -71.01 -21.78 -27.60
C ALA J 77 -71.29 -20.34 -28.00
N GLY J 78 -72.33 -19.77 -27.40
CA GLY J 78 -72.75 -18.41 -27.73
C GLY J 78 -72.88 -17.52 -26.52
N LYS J 79 -72.35 -16.30 -26.63
CA LYS J 79 -72.44 -15.26 -25.60
C LYS J 79 -71.96 -15.69 -24.20
N GLY J 80 -71.35 -16.87 -24.11
CA GLY J 80 -70.97 -17.41 -22.82
C GLY J 80 -69.57 -17.01 -22.37
N GLU J 81 -68.74 -18.00 -22.11
CA GLU J 81 -67.41 -17.79 -21.58
C GLU J 81 -66.35 -18.54 -22.37
N LEU J 82 -65.26 -17.87 -22.73
CA LEU J 82 -64.19 -18.55 -23.45
C LEU J 82 -62.98 -18.84 -22.56
N CYS J 83 -62.25 -17.80 -22.16
CA CYS J 83 -60.97 -18.03 -21.50
C CYS J 83 -60.38 -16.82 -20.76
N ALA J 84 -59.95 -17.05 -19.53
CA ALA J 84 -59.09 -16.11 -18.83
C ALA J 84 -57.65 -16.47 -19.17
N VAL J 85 -56.83 -15.46 -19.45
CA VAL J 85 -55.44 -15.69 -19.87
C VAL J 85 -54.58 -16.16 -18.69
N PHE J 86 -55.27 -16.49 -17.60
CA PHE J 86 -54.70 -16.90 -16.31
C PHE J 86 -54.05 -15.67 -15.69
N ARG J 87 -53.30 -15.88 -14.61
CA ARG J 87 -52.62 -14.78 -13.93
C ARG J 87 -51.72 -13.99 -14.87
N ALA J 88 -51.69 -12.67 -14.68
CA ALA J 88 -50.82 -11.81 -15.45
C ALA J 88 -49.51 -11.55 -14.72
N ASP J 89 -48.80 -12.62 -14.39
CA ASP J 89 -47.53 -12.54 -13.70
C ASP J 89 -46.54 -13.46 -14.41
N PRO J 90 -45.50 -12.87 -15.03
CA PRO J 90 -44.58 -13.59 -15.93
C PRO J 90 -43.72 -14.64 -15.22
N GLY J 91 -43.05 -14.25 -14.14
CA GLY J 91 -42.16 -15.15 -13.44
C GLY J 91 -42.91 -16.30 -12.80
N ARG J 92 -44.21 -16.11 -12.64
CA ARG J 92 -45.09 -17.13 -12.08
C ARG J 92 -45.17 -18.36 -12.97
N SER J 93 -45.06 -19.54 -12.36
CA SER J 93 -45.27 -20.79 -13.09
C SER J 93 -46.61 -20.74 -13.80
N GLY J 94 -46.61 -20.89 -15.12
CA GLY J 94 -47.82 -20.80 -15.89
C GLY J 94 -47.57 -20.47 -17.35
N PRO J 95 -48.59 -19.93 -18.03
CA PRO J 95 -48.55 -19.66 -19.47
C PRO J 95 -47.41 -18.74 -19.86
N TRP J 96 -47.04 -17.81 -18.98
CA TRP J 96 -46.02 -16.82 -19.28
C TRP J 96 -44.63 -17.45 -19.39
N GLN J 97 -44.46 -18.63 -18.81
CA GLN J 97 -43.20 -19.34 -18.85
C GLN J 97 -42.84 -19.73 -20.27
N SER J 98 -43.83 -19.61 -21.16
CA SER J 98 -43.62 -19.86 -22.58
C SER J 98 -42.90 -18.68 -23.20
N THR J 99 -43.22 -17.48 -22.72
CA THR J 99 -42.62 -16.27 -23.26
C THR J 99 -41.15 -16.17 -22.91
N LEU J 100 -40.39 -15.45 -23.74
CA LEU J 100 -39.01 -15.14 -23.41
C LEU J 100 -39.03 -14.30 -22.15
N LEU J 101 -40.00 -13.38 -22.10
CA LEU J 101 -40.21 -12.52 -20.96
C LEU J 101 -40.31 -13.33 -19.67
N GLY J 102 -41.22 -14.30 -19.68
CA GLY J 102 -41.45 -15.16 -18.52
C GLY J 102 -40.25 -15.95 -18.04
N GLN J 103 -39.32 -16.24 -18.95
CA GLN J 103 -38.16 -17.04 -18.61
C GLN J 103 -37.09 -16.19 -17.95
N LEU J 104 -36.91 -14.98 -18.45
CA LEU J 104 -35.90 -14.07 -17.92
C LEU J 104 -36.30 -13.58 -16.53
N CYS J 105 -37.58 -13.67 -16.20
CA CYS J 105 -38.05 -13.32 -14.87
C CYS J 105 -37.59 -14.41 -13.90
N GLY J 106 -37.35 -15.60 -14.44
CA GLY J 106 -36.83 -16.70 -13.64
C GLY J 106 -35.36 -16.49 -13.37
N TYR J 107 -34.75 -15.60 -14.14
CA TYR J 107 -33.35 -15.25 -13.96
C TYR J 107 -33.18 -14.02 -13.07
N TYR J 108 -34.29 -13.57 -12.49
CA TYR J 108 -34.27 -12.51 -11.49
C TYR J 108 -35.24 -12.79 -10.36
N THR J 109 -35.40 -11.82 -9.47
CA THR J 109 -36.15 -12.04 -8.23
C THR J 109 -37.49 -11.33 -8.23
N GLN J 110 -37.46 -10.01 -8.19
CA GLN J 110 -38.70 -9.24 -8.21
C GLN J 110 -38.66 -8.10 -9.23
N TRP J 111 -39.78 -7.91 -9.94
CA TRP J 111 -39.83 -6.96 -11.03
C TRP J 111 -41.01 -6.00 -10.89
N SER J 112 -41.00 -4.95 -11.70
CA SER J 112 -42.09 -4.00 -11.73
C SER J 112 -42.16 -3.43 -13.14
N GLY J 113 -43.36 -3.32 -13.70
CA GLY J 113 -43.49 -2.81 -15.05
C GLY J 113 -44.86 -3.01 -15.67
N SER J 114 -44.97 -2.67 -16.95
CA SER J 114 -46.21 -2.81 -17.69
C SER J 114 -46.06 -3.76 -18.88
N LEU J 115 -47.13 -4.46 -19.21
CA LEU J 115 -47.11 -5.41 -20.31
C LEU J 115 -48.18 -5.08 -21.34
N GLU J 116 -47.94 -5.48 -22.58
CA GLU J 116 -48.94 -5.37 -23.63
C GLU J 116 -49.13 -6.74 -24.29
N VAL J 117 -50.37 -7.17 -24.43
CA VAL J 117 -50.67 -8.48 -25.00
C VAL J 117 -51.45 -8.34 -26.30
N THR J 118 -50.76 -8.52 -27.42
CA THR J 118 -51.44 -8.44 -28.71
C THR J 118 -52.02 -9.79 -29.08
N PHE J 119 -53.29 -9.80 -29.49
CA PHE J 119 -53.94 -11.03 -29.92
C PHE J 119 -54.12 -11.08 -31.43
N MET J 120 -53.97 -12.26 -32.02
CA MET J 120 -54.08 -12.38 -33.48
C MET J 120 -55.08 -13.45 -33.86
N PHE J 121 -55.98 -13.10 -34.76
CA PHE J 121 -57.05 -13.99 -35.18
C PHE J 121 -56.70 -14.66 -36.50
N THR J 122 -56.93 -15.97 -36.59
CA THR J 122 -56.48 -16.74 -37.75
C THR J 122 -57.61 -17.29 -38.62
N GLY J 123 -58.85 -16.94 -38.29
CA GLY J 123 -59.99 -17.45 -39.04
C GLY J 123 -60.03 -16.89 -40.46
N SER J 124 -61.01 -17.32 -41.24
CA SER J 124 -61.11 -16.89 -42.64
C SER J 124 -61.40 -15.40 -42.76
N PHE J 125 -61.24 -14.87 -43.97
CA PHE J 125 -61.44 -13.45 -44.22
C PHE J 125 -62.91 -13.09 -44.05
N MET J 126 -63.78 -14.02 -44.43
CA MET J 126 -65.22 -13.76 -44.47
C MET J 126 -65.90 -14.07 -43.15
N ALA J 127 -65.18 -14.71 -42.23
CA ALA J 127 -65.74 -14.99 -40.92
C ALA J 127 -65.77 -13.70 -40.11
N THR J 128 -66.77 -13.56 -39.24
CA THR J 128 -66.93 -12.32 -38.48
C THR J 128 -67.59 -12.54 -37.13
N GLY J 129 -67.50 -11.52 -36.27
CA GLY J 129 -68.08 -11.59 -34.93
C GLY J 129 -67.46 -10.55 -34.02
N LYS J 130 -67.79 -10.61 -32.74
CA LYS J 130 -67.25 -9.69 -31.74
C LYS J 130 -66.78 -10.46 -30.51
N MET J 131 -65.73 -9.93 -29.89
CA MET J 131 -65.17 -10.50 -28.68
C MET J 131 -64.82 -9.38 -27.73
N LEU J 132 -65.05 -9.56 -26.43
CA LEU J 132 -64.58 -8.56 -25.49
C LEU J 132 -63.48 -9.14 -24.61
N ILE J 133 -62.38 -8.41 -24.53
CA ILE J 133 -61.25 -8.78 -23.71
C ILE J 133 -61.29 -7.90 -22.47
N ALA J 134 -61.20 -8.49 -21.29
CA ALA J 134 -61.36 -7.71 -20.06
C ALA J 134 -60.26 -7.96 -19.06
N TYR J 135 -59.58 -6.89 -18.65
CA TYR J 135 -58.59 -6.97 -17.59
C TYR J 135 -59.25 -6.77 -16.24
N THR J 136 -58.90 -7.63 -15.28
CA THR J 136 -59.38 -7.50 -13.92
C THR J 136 -58.19 -7.27 -12.99
N PRO J 137 -58.09 -6.07 -12.42
CA PRO J 137 -57.02 -5.64 -11.51
C PRO J 137 -56.92 -6.56 -10.30
N PRO J 138 -55.78 -6.53 -9.58
CA PRO J 138 -55.59 -7.42 -8.42
C PRO J 138 -56.71 -7.31 -7.38
N GLY J 139 -56.91 -8.38 -6.62
CA GLY J 139 -57.88 -8.36 -5.55
C GLY J 139 -59.28 -8.81 -5.96
N GLY J 140 -59.84 -8.16 -6.97
CA GLY J 140 -61.18 -8.49 -7.42
C GLY J 140 -61.17 -9.85 -8.10
N PRO J 141 -62.10 -10.74 -7.72
CA PRO J 141 -62.13 -12.06 -8.33
C PRO J 141 -62.55 -11.97 -9.79
N LEU J 142 -62.42 -13.08 -10.52
CA LEU J 142 -62.85 -13.11 -11.91
C LEU J 142 -64.35 -12.83 -11.96
N PRO J 143 -64.76 -11.90 -12.83
CA PRO J 143 -66.17 -11.54 -12.96
C PRO J 143 -67.04 -12.75 -13.24
N LYS J 144 -68.13 -12.91 -12.49
CA LYS J 144 -69.01 -14.06 -12.65
C LYS J 144 -69.42 -14.21 -14.11
N ASP J 145 -69.76 -13.09 -14.74
CA ASP J 145 -70.25 -13.16 -16.10
C ASP J 145 -69.65 -12.06 -16.96
N ARG J 146 -70.07 -12.02 -18.21
CA ARG J 146 -69.63 -11.05 -19.18
C ARG J 146 -70.01 -9.63 -18.76
N ALA J 147 -71.29 -9.48 -18.43
CA ALA J 147 -71.86 -8.17 -18.11
C ALA J 147 -71.19 -7.49 -16.93
N THR J 148 -70.61 -8.28 -16.03
CA THR J 148 -69.92 -7.73 -14.86
C THR J 148 -68.55 -7.17 -15.22
N ALA J 149 -67.91 -7.78 -16.21
CA ALA J 149 -66.57 -7.36 -16.65
C ALA J 149 -66.61 -6.07 -17.45
N MET J 150 -67.77 -5.78 -18.05
CA MET J 150 -67.92 -4.62 -18.91
C MET J 150 -67.79 -3.32 -18.11
N LEU J 151 -68.06 -3.39 -16.81
CA LEU J 151 -68.03 -2.20 -15.98
C LEU J 151 -66.61 -1.79 -15.61
N GLY J 152 -65.62 -2.54 -16.10
CA GLY J 152 -64.24 -2.24 -15.81
C GLY J 152 -63.41 -2.06 -17.08
N THR J 153 -62.10 -2.19 -16.95
CA THR J 153 -61.21 -2.10 -18.11
C THR J 153 -61.42 -3.30 -19.02
N HIS J 154 -61.83 -3.02 -20.25
CA HIS J 154 -62.14 -4.08 -21.22
C HIS J 154 -62.19 -3.48 -22.63
N VAL J 155 -61.95 -4.31 -23.63
CA VAL J 155 -61.98 -3.84 -25.02
C VAL J 155 -62.78 -4.75 -25.94
N ILE J 156 -63.78 -4.16 -26.60
CA ILE J 156 -64.62 -4.91 -27.54
C ILE J 156 -63.85 -5.13 -28.85
N TRP J 157 -63.53 -6.39 -29.13
CA TRP J 157 -62.82 -6.74 -30.35
C TRP J 157 -63.78 -7.29 -31.40
N ASP J 158 -63.90 -6.58 -32.52
CA ASP J 158 -64.71 -7.04 -33.65
C ASP J 158 -63.76 -7.50 -34.76
N PHE J 159 -64.23 -8.40 -35.62
CA PHE J 159 -63.40 -8.86 -36.72
C PHE J 159 -63.57 -7.98 -37.96
N GLY J 160 -64.16 -6.81 -37.76
CA GLY J 160 -64.12 -5.75 -38.76
C GLY J 160 -62.71 -5.22 -38.65
N LEU J 161 -62.27 -5.04 -37.40
CA LEU J 161 -60.87 -4.78 -37.12
C LEU J 161 -60.23 -6.16 -37.10
N GLN J 162 -60.07 -6.71 -38.30
CA GLN J 162 -59.60 -8.07 -38.54
C GLN J 162 -58.23 -8.34 -37.94
N SER J 163 -57.29 -7.44 -38.22
CA SER J 163 -55.86 -7.68 -38.01
C SER J 163 -55.48 -8.17 -36.62
N SER J 164 -55.60 -7.29 -35.63
CA SER J 164 -55.24 -7.64 -34.25
C SER J 164 -55.66 -6.54 -33.29
N VAL J 165 -55.38 -6.78 -32.01
CA VAL J 165 -55.73 -5.83 -30.97
C VAL J 165 -54.68 -5.94 -29.89
N THR J 166 -54.11 -4.80 -29.52
CA THR J 166 -53.01 -4.79 -28.58
C THR J 166 -53.62 -4.39 -27.25
N LEU J 167 -53.44 -5.25 -26.25
CA LEU J 167 -54.01 -4.98 -24.94
C LEU J 167 -52.91 -4.62 -23.98
N VAL J 168 -53.02 -3.42 -23.41
CA VAL J 168 -51.99 -2.94 -22.51
C VAL J 168 -52.49 -3.00 -21.07
N ILE J 169 -51.92 -3.93 -20.31
CA ILE J 169 -52.22 -4.02 -18.89
C ILE J 169 -51.31 -3.04 -18.18
N PRO J 170 -51.90 -2.09 -17.44
CA PRO J 170 -51.21 -0.93 -16.87
C PRO J 170 -50.04 -1.32 -15.97
N TRP J 171 -50.27 -2.15 -14.97
CA TRP J 171 -49.19 -2.43 -14.03
C TRP J 171 -49.28 -3.75 -13.28
N ILE J 172 -48.17 -4.47 -13.26
CA ILE J 172 -48.01 -5.66 -12.42
C ILE J 172 -46.62 -5.61 -11.77
N SER J 173 -46.53 -6.07 -10.53
CA SER J 173 -45.26 -6.07 -9.83
C SER J 173 -45.17 -7.23 -8.84
N ASN J 174 -43.95 -7.65 -8.54
CA ASN J 174 -43.72 -8.66 -7.51
C ASN J 174 -43.06 -8.04 -6.29
N THR J 175 -43.80 -7.91 -5.20
CA THR J 175 -43.20 -7.43 -3.96
C THR J 175 -43.47 -8.44 -2.85
N HIS J 176 -42.87 -9.61 -2.98
CA HIS J 176 -42.97 -10.67 -1.99
C HIS J 176 -42.21 -10.32 -0.71
N TYR J 189 -50.38 -17.63 -5.26
CA TYR J 189 -51.00 -16.43 -4.69
C TYR J 189 -52.10 -15.96 -5.65
N THR J 190 -52.51 -14.69 -5.55
CA THR J 190 -53.44 -14.14 -6.53
C THR J 190 -52.92 -12.84 -7.16
N THR J 191 -53.03 -12.72 -8.48
CA THR J 191 -52.56 -11.54 -9.19
C THR J 191 -53.65 -11.03 -10.14
N GLY J 192 -53.31 -10.10 -11.03
CA GLY J 192 -54.26 -9.59 -12.01
C GLY J 192 -54.75 -10.64 -13.00
N LEU J 193 -55.93 -10.42 -13.56
CA LEU J 193 -56.49 -11.33 -14.57
C LEU J 193 -56.95 -10.65 -15.85
N VAL J 194 -56.65 -11.28 -16.98
CA VAL J 194 -57.20 -10.88 -18.27
C VAL J 194 -58.20 -11.95 -18.70
N SER J 195 -59.42 -11.54 -19.00
CA SER J 195 -60.46 -12.49 -19.38
C SER J 195 -61.00 -12.21 -20.77
N ILE J 196 -61.16 -13.26 -21.57
CA ILE J 196 -61.66 -13.14 -22.93
C ILE J 196 -63.01 -13.82 -23.08
N TRP J 197 -64.01 -13.04 -23.50
CA TRP J 197 -65.39 -13.51 -23.53
C TRP J 197 -65.96 -13.53 -24.93
N TYR J 198 -66.87 -14.46 -25.20
CA TYR J 198 -67.68 -14.40 -26.41
C TYR J 198 -68.64 -13.23 -26.27
N GLN J 199 -68.32 -12.11 -26.92
CA GLN J 199 -69.27 -11.01 -27.02
C GLN J 199 -70.43 -11.49 -27.87
N THR J 200 -70.10 -12.15 -28.96
CA THR J 200 -71.09 -12.87 -29.74
C THR J 200 -70.51 -14.11 -30.39
N ASN J 201 -71.41 -14.96 -30.90
CA ASN J 201 -70.99 -16.21 -31.52
C ASN J 201 -70.16 -15.99 -32.79
N TYR J 202 -69.45 -17.03 -33.19
CA TYR J 202 -68.62 -16.99 -34.38
C TYR J 202 -69.48 -17.27 -35.61
N VAL J 203 -69.95 -16.23 -36.29
CA VAL J 203 -70.85 -16.46 -37.42
C VAL J 203 -70.08 -16.66 -38.72
N VAL J 204 -70.49 -17.67 -39.49
CA VAL J 204 -69.84 -17.99 -40.75
C VAL J 204 -70.81 -18.39 -41.86
N PRO J 205 -70.46 -18.07 -43.12
CA PRO J 205 -71.18 -18.55 -44.31
C PRO J 205 -70.76 -19.98 -44.66
N ILE J 206 -71.34 -20.54 -45.71
CA ILE J 206 -70.97 -21.88 -46.14
C ILE J 206 -69.56 -21.89 -46.73
N GLY J 207 -68.83 -22.97 -46.50
CA GLY J 207 -67.48 -23.09 -47.04
C GLY J 207 -66.48 -22.64 -46.00
N ALA J 208 -66.99 -22.09 -44.91
CA ALA J 208 -66.15 -21.60 -43.83
C ALA J 208 -66.12 -22.59 -42.68
N PRO J 209 -64.92 -22.81 -42.11
CA PRO J 209 -64.69 -23.71 -40.98
C PRO J 209 -65.47 -23.31 -39.73
N ASN J 210 -66.16 -24.28 -39.13
CA ASN J 210 -66.93 -24.04 -37.91
C ASN J 210 -66.08 -23.79 -36.67
N THR J 211 -64.76 -23.81 -36.84
CA THR J 211 -63.84 -23.56 -35.73
C THR J 211 -62.63 -22.75 -36.20
N ALA J 212 -62.21 -21.79 -35.39
CA ALA J 212 -61.09 -20.94 -35.75
C ALA J 212 -60.11 -20.81 -34.58
N TYR J 213 -58.97 -20.20 -34.84
CA TYR J 213 -57.88 -20.20 -33.88
C TYR J 213 -57.33 -18.79 -33.63
N ILE J 214 -56.85 -18.56 -32.42
CA ILE J 214 -56.25 -17.27 -32.07
C ILE J 214 -54.84 -17.48 -31.54
N ILE J 215 -53.91 -16.63 -31.98
CA ILE J 215 -52.57 -16.64 -31.43
C ILE J 215 -52.42 -15.40 -30.57
N ALA J 216 -52.01 -15.59 -29.32
CA ALA J 216 -51.80 -14.45 -28.44
C ALA J 216 -50.32 -14.33 -28.14
N LEU J 217 -49.75 -13.18 -28.42
CA LEU J 217 -48.34 -12.95 -28.12
C LEU J 217 -48.17 -11.64 -27.37
N ALA J 218 -47.31 -11.65 -26.35
CA ALA J 218 -47.20 -10.52 -25.44
C ALA J 218 -45.76 -10.13 -25.16
N ALA J 219 -45.59 -9.00 -24.49
CA ALA J 219 -44.28 -8.49 -24.10
C ALA J 219 -44.45 -7.36 -23.10
N ALA J 220 -43.33 -6.73 -22.74
CA ALA J 220 -43.35 -5.64 -21.78
C ALA J 220 -42.89 -4.34 -22.43
N GLN J 221 -43.48 -3.22 -22.02
CA GLN J 221 -43.08 -1.92 -22.56
C GLN J 221 -41.86 -1.37 -21.81
N LYS J 222 -41.60 -0.08 -22.00
CA LYS J 222 -40.32 0.53 -21.63
C LYS J 222 -40.16 0.81 -20.14
N ASN J 223 -41.26 0.78 -19.39
CA ASN J 223 -41.18 1.07 -17.97
C ASN J 223 -40.85 -0.20 -17.20
N PHE J 224 -40.78 -1.31 -17.93
CA PHE J 224 -40.50 -2.60 -17.32
C PHE J 224 -39.04 -2.67 -16.90
N THR J 225 -38.82 -2.97 -15.62
CA THR J 225 -37.47 -3.11 -15.07
C THR J 225 -37.42 -4.35 -14.19
N MET J 226 -36.21 -4.84 -13.91
CA MET J 226 -36.06 -6.03 -13.06
C MET J 226 -35.05 -5.74 -11.95
N GLN J 227 -35.08 -6.54 -10.89
CA GLN J 227 -34.27 -6.26 -9.72
C GLN J 227 -32.96 -7.05 -9.67
N LEU J 228 -32.64 -7.54 -8.47
CA LEU J 228 -31.39 -8.27 -8.24
C LEU J 228 -31.39 -9.65 -8.90
N CYS J 229 -30.19 -10.08 -9.27
CA CYS J 229 -29.98 -11.36 -9.95
C CYS J 229 -30.30 -12.57 -9.09
N LYS J 230 -30.90 -13.58 -9.71
CA LYS J 230 -31.21 -14.84 -9.03
C LYS J 230 -31.14 -15.93 -10.09
N ASP J 231 -30.48 -17.04 -9.78
CA ASP J 231 -30.31 -18.09 -10.77
C ASP J 231 -31.02 -19.38 -10.36
N ALA J 232 -31.73 -19.98 -11.31
CA ALA J 232 -32.46 -21.23 -11.08
C ALA J 232 -32.86 -21.82 -12.43
N SER J 233 -32.19 -22.91 -12.81
CA SER J 233 -32.40 -23.49 -14.13
C SER J 233 -33.03 -24.87 -14.05
N ASP J 234 -32.60 -25.78 -14.91
CA ASP J 234 -33.35 -27.02 -15.08
C ASP J 234 -32.54 -28.32 -15.18
N ILE J 235 -31.36 -28.25 -15.77
CA ILE J 235 -30.65 -29.47 -16.16
C ILE J 235 -29.72 -29.98 -15.07
N LEU J 236 -29.42 -31.27 -15.11
CA LEU J 236 -28.56 -31.91 -14.12
C LEU J 236 -27.76 -33.03 -14.78
N GLY K 1 -10.20 -1.12 2.22
CA GLY K 1 -9.63 0.14 1.78
C GLY K 1 -9.01 0.02 0.40
N PHE K 2 -7.85 0.66 0.22
CA PHE K 2 -7.17 0.66 -1.06
C PHE K 2 -6.71 -0.77 -1.32
N PRO K 3 -7.19 -1.39 -2.41
CA PRO K 3 -6.82 -2.78 -2.64
C PRO K 3 -5.34 -2.93 -2.91
N THR K 4 -4.77 -4.05 -2.51
CA THR K 4 -3.34 -4.29 -2.65
C THR K 4 -3.07 -5.77 -2.82
N GLU K 5 -2.16 -6.07 -3.74
CA GLU K 5 -1.66 -7.41 -3.95
C GLU K 5 -0.18 -7.47 -3.64
N LEU K 6 0.22 -8.35 -2.72
CA LEU K 6 1.63 -8.51 -2.45
C LEU K 6 2.28 -9.19 -3.65
N LYS K 7 3.42 -8.66 -4.06
CA LYS K 7 4.17 -9.24 -5.17
C LYS K 7 5.52 -9.72 -4.63
N PRO K 8 6.13 -10.70 -5.32
CA PRO K 8 7.43 -11.28 -4.95
C PRO K 8 8.46 -10.23 -4.53
N GLY K 9 9.37 -10.61 -3.65
CA GLY K 9 10.31 -9.67 -3.07
C GLY K 9 9.78 -9.24 -1.72
N THR K 10 8.55 -9.66 -1.43
CA THR K 10 7.92 -9.41 -0.14
C THR K 10 8.74 -10.01 0.99
N ASN K 11 8.87 -9.29 2.10
CA ASN K 11 9.59 -9.76 3.28
C ASN K 11 11.03 -10.18 2.98
N GLN K 12 11.59 -9.67 1.89
CA GLN K 12 12.94 -10.08 1.55
C GLN K 12 13.90 -9.03 2.10
N PHE K 13 15.04 -9.49 2.58
CA PHE K 13 16.06 -8.58 3.05
C PHE K 13 17.25 -8.60 2.11
N LEU K 14 17.42 -7.49 1.41
CA LEU K 14 18.51 -7.32 0.47
C LEU K 14 19.57 -6.46 1.14
N THR K 15 20.80 -6.96 1.19
CA THR K 15 21.87 -6.26 1.89
C THR K 15 22.15 -4.88 1.31
N THR K 16 22.06 -4.76 -0.01
CA THR K 16 22.36 -3.48 -0.65
C THR K 16 21.15 -2.67 -1.08
N ASP K 17 19.96 -3.00 -0.57
CA ASP K 17 18.75 -2.24 -0.93
C ASP K 17 18.78 -0.87 -0.27
N ASP K 18 18.44 0.15 -1.05
CA ASP K 18 18.45 1.53 -0.56
C ASP K 18 17.05 2.05 -0.27
N GLY K 19 16.63 1.90 0.98
CA GLY K 19 15.33 2.37 1.43
C GLY K 19 15.42 3.21 2.68
N VAL K 20 14.32 3.85 3.05
CA VAL K 20 14.23 4.62 4.29
C VAL K 20 13.68 3.75 5.42
N SER K 21 14.40 3.69 6.53
CA SER K 21 14.01 2.83 7.65
C SER K 21 13.47 3.64 8.83
N ALA K 22 12.85 2.93 9.77
CA ALA K 22 12.31 3.57 10.96
C ALA K 22 13.42 4.19 11.78
N PRO K 23 13.28 5.50 12.09
CA PRO K 23 14.31 6.19 12.87
C PRO K 23 14.29 5.79 14.35
N ILE K 24 15.46 5.52 14.91
CA ILE K 24 15.55 5.03 16.29
C ILE K 24 15.35 6.16 17.29
N LEU K 25 15.74 7.38 16.92
CA LEU K 25 15.60 8.53 17.79
C LEU K 25 15.05 9.69 16.97
N PRO K 26 13.73 9.75 16.84
CA PRO K 26 13.07 10.70 15.94
C PRO K 26 13.10 12.12 16.49
N ASN K 27 13.36 12.22 17.79
CA ASN K 27 13.34 13.51 18.46
C ASN K 27 14.73 14.14 18.50
N PHE K 28 15.74 13.36 18.15
CA PHE K 28 17.13 13.78 18.31
C PHE K 28 17.66 14.66 17.17
N HIS K 29 18.24 15.80 17.56
CA HIS K 29 18.91 16.67 16.61
C HIS K 29 20.42 16.69 16.86
N PRO K 30 21.19 16.08 15.95
CA PRO K 30 22.63 15.94 16.09
C PRO K 30 23.38 17.26 16.00
N THR K 31 24.57 17.29 16.61
CA THR K 31 25.47 18.43 16.51
C THR K 31 25.69 18.87 15.06
N PRO K 32 25.73 20.19 14.84
CA PRO K 32 25.75 20.77 13.49
C PRO K 32 26.98 20.41 12.66
N CYS K 33 26.81 20.42 11.34
CA CYS K 33 27.90 20.13 10.43
C CYS K 33 28.75 21.37 10.23
N ILE K 34 29.75 21.57 11.08
CA ILE K 34 30.66 22.69 10.91
C ILE K 34 31.66 22.34 9.81
N HIS K 35 32.25 23.36 9.21
CA HIS K 35 33.10 23.14 8.04
C HIS K 35 34.48 22.70 8.52
N ILE K 36 34.92 21.56 8.00
CA ILE K 36 36.28 21.08 8.23
C ILE K 36 37.00 21.16 6.87
N PRO K 37 38.17 21.83 6.84
CA PRO K 37 38.83 22.27 5.59
C PRO K 37 38.94 21.23 4.48
N GLY K 38 39.77 20.21 4.68
CA GLY K 38 39.97 19.22 3.64
C GLY K 38 38.82 18.23 3.63
N GLU K 39 38.09 18.16 2.52
CA GLU K 39 36.94 17.25 2.41
C GLU K 39 37.02 16.50 1.09
N VAL K 40 36.45 15.30 1.07
CA VAL K 40 36.40 14.49 -0.12
C VAL K 40 34.96 14.06 -0.38
N ARG K 41 34.52 14.17 -1.63
CA ARG K 41 33.18 13.74 -2.02
C ARG K 41 33.27 12.69 -3.11
N ASN K 42 34.51 12.38 -3.50
CA ASN K 42 34.77 11.38 -4.52
C ASN K 42 36.17 10.83 -4.41
N LEU K 43 36.29 9.51 -4.52
CA LEU K 43 37.55 8.81 -4.37
C LEU K 43 38.48 9.08 -5.56
N LEU K 44 37.90 9.53 -6.66
CA LEU K 44 38.67 9.84 -7.86
C LEU K 44 39.65 10.97 -7.54
N GLU K 45 39.27 11.84 -6.61
CA GLU K 45 40.14 12.91 -6.11
C GLU K 45 41.45 12.33 -5.59
N LEU K 46 41.38 11.14 -4.99
CA LEU K 46 42.57 10.47 -4.49
C LEU K 46 43.36 9.86 -5.64
N CYS K 47 42.65 9.38 -6.66
CA CYS K 47 43.29 8.73 -7.80
C CYS K 47 44.15 9.72 -8.59
N GLN K 48 43.97 11.01 -8.34
CA GLN K 48 44.69 12.03 -9.09
C GLN K 48 45.87 12.65 -8.34
N VAL K 49 46.08 12.27 -7.08
CA VAL K 49 47.19 12.84 -6.35
C VAL K 49 48.42 11.96 -6.55
N GLU K 50 49.51 12.59 -6.96
CA GLU K 50 50.77 11.90 -7.21
C GLU K 50 51.35 11.24 -5.95
N THR K 51 51.58 9.93 -6.03
CA THR K 51 52.13 9.15 -4.93
C THR K 51 53.17 8.16 -5.44
N ILE K 52 54.08 7.74 -4.56
CA ILE K 52 55.28 6.99 -4.95
C ILE K 52 55.01 5.62 -5.59
N LEU K 53 55.73 5.35 -6.68
CA LEU K 53 55.67 4.07 -7.38
C LEU K 53 56.94 3.26 -7.11
N GLU K 54 56.80 2.18 -6.36
CA GLU K 54 57.95 1.33 -6.03
C GLU K 54 58.40 0.45 -7.18
N VAL K 55 59.07 1.05 -8.16
CA VAL K 55 59.65 0.26 -9.24
C VAL K 55 60.65 -0.74 -8.68
N ASN K 56 61.47 -0.28 -7.73
CA ASN K 56 62.48 -1.14 -7.11
C ASN K 56 61.89 -1.95 -5.97
N ASN K 57 60.90 -2.77 -6.28
CA ASN K 57 60.24 -3.58 -5.27
C ASN K 57 60.99 -4.86 -4.93
N VAL K 58 62.26 -4.75 -4.56
CA VAL K 58 63.12 -5.93 -4.45
C VAL K 58 63.46 -6.40 -3.02
N PRO K 59 63.90 -5.50 -2.13
CA PRO K 59 64.33 -6.07 -0.85
C PRO K 59 63.20 -6.14 0.18
N THR K 60 63.26 -7.11 1.09
CA THR K 60 62.16 -7.33 2.02
C THR K 60 62.53 -7.13 3.50
N ASN K 61 63.79 -6.79 3.76
CA ASN K 61 64.23 -6.53 5.12
C ASN K 61 64.16 -5.05 5.46
N ALA K 62 63.56 -4.73 6.61
CA ALA K 62 63.23 -3.36 7.01
C ALA K 62 64.43 -2.41 7.00
N THR K 63 65.63 -2.95 7.14
CA THR K 63 66.83 -2.12 7.13
C THR K 63 67.12 -1.65 5.71
N SER K 64 66.57 -2.37 4.74
CA SER K 64 66.75 -2.04 3.33
C SER K 64 65.41 -1.89 2.63
N LEU K 65 64.33 -1.84 3.40
CA LEU K 65 62.98 -1.78 2.83
C LEU K 65 62.69 -0.42 2.22
N MET K 66 63.49 0.56 2.60
CA MET K 66 63.31 1.93 2.12
C MET K 66 63.89 2.10 0.72
N GLU K 67 64.63 1.09 0.28
CA GLU K 67 65.35 1.15 -0.99
C GLU K 67 64.39 0.93 -2.16
N ARG K 68 63.11 0.77 -1.86
CA ARG K 68 62.10 0.48 -2.87
C ARG K 68 61.61 1.72 -3.63
N LEU K 69 61.39 2.80 -2.90
CA LEU K 69 60.97 4.07 -3.50
C LEU K 69 62.02 4.51 -4.48
N ARG K 70 63.26 4.32 -4.05
CA ARG K 70 64.46 4.79 -4.70
C ARG K 70 64.92 3.77 -5.74
N PHE K 71 65.46 4.24 -6.86
CA PHE K 71 66.18 3.34 -7.76
C PHE K 71 67.35 4.05 -8.44
N PRO K 72 68.51 3.38 -8.49
CA PRO K 72 69.82 3.97 -8.78
C PRO K 72 70.20 4.14 -10.25
N VAL K 73 71.10 5.09 -10.49
CA VAL K 73 71.85 5.16 -11.74
C VAL K 73 73.31 5.30 -11.37
N SER K 74 74.19 4.70 -12.16
CA SER K 74 75.61 4.73 -11.84
C SER K 74 76.47 4.87 -13.09
N ALA K 75 77.72 5.25 -12.90
CA ALA K 75 78.66 5.43 -14.00
C ALA K 75 79.19 4.08 -14.50
N GLN K 76 78.60 3.00 -14.00
CA GLN K 76 79.11 1.67 -14.30
C GLN K 76 78.68 1.26 -15.70
N ALA K 77 77.39 0.94 -15.85
CA ALA K 77 76.85 0.58 -17.15
C ALA K 77 76.71 1.83 -18.00
N GLY K 78 76.99 1.72 -19.29
CA GLY K 78 76.92 2.85 -20.20
C GLY K 78 76.05 2.54 -21.40
N LYS K 79 75.16 3.46 -21.73
CA LYS K 79 74.27 3.37 -22.90
C LYS K 79 73.47 2.06 -22.99
N GLY K 80 73.53 1.24 -21.94
CA GLY K 80 72.90 -0.07 -21.98
C GLY K 80 71.46 -0.06 -21.50
N GLU K 81 71.19 -0.87 -20.47
CA GLU K 81 69.83 -1.04 -19.98
C GLU K 81 69.78 -0.89 -18.47
N LEU K 82 68.84 -0.07 -17.98
CA LEU K 82 68.67 0.08 -16.54
C LEU K 82 67.43 -0.64 -16.03
N CYS K 83 66.25 -0.17 -16.42
CA CYS K 83 65.04 -0.67 -15.80
C CYS K 83 63.75 -0.37 -16.57
N ALA K 84 62.95 -1.41 -16.77
CA ALA K 84 61.56 -1.25 -17.17
C ALA K 84 60.72 -1.19 -15.91
N VAL K 85 59.75 -0.27 -15.85
CA VAL K 85 58.93 -0.11 -14.66
C VAL K 85 57.92 -1.26 -14.51
N PHE K 86 58.14 -2.31 -15.30
CA PHE K 86 57.29 -3.50 -15.34
C PHE K 86 55.98 -3.12 -16.04
N ARG K 87 54.99 -4.00 -15.96
CA ARG K 87 53.68 -3.75 -16.56
C ARG K 87 53.10 -2.41 -16.12
N ALA K 88 52.44 -1.73 -17.06
CA ALA K 88 51.77 -0.47 -16.76
C ALA K 88 50.29 -0.65 -16.45
N ASP K 89 50.01 -1.47 -15.44
CA ASP K 89 48.64 -1.73 -15.01
C ASP K 89 48.60 -1.65 -13.48
N PRO K 90 47.89 -0.64 -12.95
CA PRO K 90 47.93 -0.29 -11.53
C PRO K 90 47.35 -1.35 -10.60
N GLY K 91 46.14 -1.81 -10.87
CA GLY K 91 45.47 -2.75 -10.00
C GLY K 91 46.15 -4.10 -9.95
N ARG K 92 46.95 -4.37 -10.98
CA ARG K 92 47.71 -5.62 -11.03
C ARG K 92 48.75 -5.68 -9.93
N SER K 93 48.85 -6.84 -9.28
CA SER K 93 49.86 -7.08 -8.26
C SER K 93 51.24 -6.71 -8.79
N GLY K 94 51.92 -5.81 -8.10
CA GLY K 94 53.21 -5.34 -8.55
C GLY K 94 53.59 -4.00 -7.95
N PRO K 95 54.48 -3.27 -8.64
CA PRO K 95 55.04 -2.00 -8.15
C PRO K 95 53.97 -0.97 -7.81
N TRP K 96 52.86 -0.98 -8.52
CA TRP K 96 51.79 0.00 -8.31
C TRP K 96 51.11 -0.17 -6.97
N GLN K 97 51.25 -1.35 -6.38
CA GLN K 97 50.63 -1.65 -5.10
C GLN K 97 51.17 -0.75 -3.98
N SER K 98 52.26 -0.05 -4.26
CA SER K 98 52.80 0.92 -3.32
C SER K 98 51.99 2.21 -3.37
N THR K 99 51.49 2.53 -4.56
CA THR K 99 50.72 3.76 -4.75
C THR K 99 49.39 3.70 -4.03
N LEU K 100 48.84 4.86 -3.71
CA LEU K 100 47.49 4.93 -3.17
C LEU K 100 46.53 4.40 -4.22
N LEU K 101 46.79 4.79 -5.47
CA LEU K 101 46.00 4.36 -6.62
C LEU K 101 45.88 2.83 -6.69
N GLY K 102 47.03 2.15 -6.66
CA GLY K 102 47.06 0.71 -6.79
C GLY K 102 46.24 -0.05 -5.78
N GLN K 103 46.00 0.57 -4.63
CA GLN K 103 45.25 -0.06 -3.56
C GLN K 103 43.75 0.04 -3.80
N LEU K 104 43.31 1.19 -4.31
CA LEU K 104 41.89 1.42 -4.55
C LEU K 104 41.34 0.56 -5.69
N CYS K 105 42.23 0.09 -6.57
CA CYS K 105 41.82 -0.81 -7.64
C CYS K 105 41.48 -2.17 -7.07
N GLY K 106 42.03 -2.46 -5.90
CA GLY K 106 41.72 -3.70 -5.20
C GLY K 106 40.33 -3.57 -4.64
N TYR K 107 39.85 -2.33 -4.58
CA TYR K 107 38.50 -2.06 -4.12
C TYR K 107 37.50 -1.99 -5.28
N TYR K 108 37.97 -2.29 -6.50
CA TYR K 108 37.08 -2.33 -7.66
C TYR K 108 37.44 -3.45 -8.64
N THR K 109 36.78 -3.46 -9.81
CA THR K 109 36.93 -4.56 -10.76
C THR K 109 37.70 -4.17 -12.02
N GLN K 110 37.10 -3.34 -12.88
CA GLN K 110 37.82 -2.91 -14.08
C GLN K 110 37.76 -1.40 -14.27
N TRP K 111 38.87 -0.83 -14.72
CA TRP K 111 39.00 0.60 -14.81
C TRP K 111 39.42 1.03 -16.21
N SER K 112 39.31 2.33 -16.48
CA SER K 112 39.72 2.89 -17.77
C SER K 112 40.20 4.31 -17.59
N GLY K 113 41.32 4.65 -18.22
CA GLY K 113 41.84 5.99 -18.11
C GLY K 113 43.25 6.18 -18.62
N SER K 114 43.79 7.38 -18.39
CA SER K 114 45.14 7.72 -18.77
C SER K 114 45.92 8.06 -17.52
N LEU K 115 47.20 7.70 -17.48
CA LEU K 115 48.00 7.96 -16.30
C LEU K 115 49.25 8.76 -16.65
N GLU K 116 49.76 9.48 -15.67
CA GLU K 116 51.03 10.18 -15.83
C GLU K 116 52.00 9.76 -14.72
N VAL K 117 53.22 9.44 -15.12
CA VAL K 117 54.24 9.04 -14.16
C VAL K 117 55.34 10.08 -14.17
N THR K 118 55.35 10.94 -13.16
CA THR K 118 56.37 11.98 -13.07
C THR K 118 57.61 11.41 -12.40
N PHE K 119 58.76 11.65 -12.99
CA PHE K 119 60.02 11.17 -12.42
C PHE K 119 60.79 12.32 -11.79
N MET K 120 61.47 12.04 -10.69
CA MET K 120 62.19 13.08 -9.97
C MET K 120 63.64 12.68 -9.77
N PHE K 121 64.56 13.59 -10.08
CA PHE K 121 65.98 13.30 -10.00
C PHE K 121 66.59 13.84 -8.71
N THR K 122 67.38 13.02 -8.03
CA THR K 122 67.90 13.37 -6.71
C THR K 122 69.40 13.58 -6.67
N GLY K 123 70.07 13.46 -7.80
CA GLY K 123 71.52 13.60 -7.84
C GLY K 123 71.99 15.03 -7.64
N SER K 124 73.30 15.21 -7.59
CA SER K 124 73.88 16.53 -7.40
C SER K 124 73.66 17.45 -8.61
N PHE K 125 73.90 18.74 -8.43
CA PHE K 125 73.73 19.71 -9.50
C PHE K 125 74.74 19.53 -10.62
N MET K 126 75.94 19.09 -10.25
CA MET K 126 77.05 19.06 -11.19
C MET K 126 77.04 17.77 -12.01
N ALA K 127 76.20 16.83 -11.60
CA ALA K 127 76.06 15.58 -12.35
C ALA K 127 75.26 15.84 -13.60
N THR K 128 75.53 15.07 -14.65
CA THR K 128 74.87 15.30 -15.93
C THR K 128 74.75 13.97 -16.67
N GLY K 129 73.87 13.93 -17.66
CA GLY K 129 73.68 12.74 -18.47
C GLY K 129 72.35 12.82 -19.18
N LYS K 130 72.00 11.76 -19.90
CA LYS K 130 70.73 11.71 -20.60
C LYS K 130 70.08 10.35 -20.37
N MET K 131 68.76 10.32 -20.33
CA MET K 131 68.02 9.08 -20.16
C MET K 131 66.86 9.13 -21.13
N LEU K 132 66.58 8.01 -21.80
CA LEU K 132 65.37 7.97 -22.61
C LEU K 132 64.41 6.96 -22.01
N ILE K 133 63.18 7.41 -21.77
CA ILE K 133 62.13 6.55 -21.27
C ILE K 133 61.20 6.26 -22.43
N ALA K 134 60.89 4.99 -22.63
CA ALA K 134 60.08 4.60 -23.78
C ALA K 134 58.93 3.73 -23.35
N TYR K 135 57.71 4.14 -23.69
CA TYR K 135 56.53 3.34 -23.41
C TYR K 135 56.27 2.32 -24.50
N THR K 136 56.06 1.07 -24.08
CA THR K 136 55.69 0.01 -25.01
C THR K 136 54.32 -0.54 -24.69
N PRO K 137 53.35 -0.28 -25.58
CA PRO K 137 51.95 -0.71 -25.49
C PRO K 137 51.80 -2.23 -25.36
N PRO K 138 50.63 -2.71 -24.91
CA PRO K 138 50.41 -4.15 -24.72
C PRO K 138 50.66 -4.97 -25.98
N GLY K 139 50.98 -6.26 -25.79
CA GLY K 139 51.16 -7.16 -26.90
C GLY K 139 52.59 -7.16 -27.41
N GLY K 140 53.09 -5.97 -27.74
CA GLY K 140 54.43 -5.84 -28.28
C GLY K 140 55.44 -6.13 -27.19
N PRO K 141 56.42 -6.98 -27.49
CA PRO K 141 57.42 -7.33 -26.47
C PRO K 141 58.33 -6.16 -26.12
N LEU K 142 59.11 -6.32 -25.06
CA LEU K 142 60.07 -5.31 -24.68
C LEU K 142 61.08 -5.14 -25.81
N PRO K 143 61.32 -3.88 -26.23
CA PRO K 143 62.30 -3.65 -27.29
C PRO K 143 63.64 -4.22 -26.86
N LYS K 144 64.27 -5.02 -27.71
CA LYS K 144 65.51 -5.72 -27.36
C LYS K 144 66.58 -4.76 -26.82
N ASP K 145 66.73 -3.60 -27.45
CA ASP K 145 67.80 -2.68 -27.08
C ASP K 145 67.33 -1.22 -27.05
N ARG K 146 68.26 -0.30 -26.82
CA ARG K 146 67.97 1.13 -26.80
C ARG K 146 67.43 1.64 -28.12
N ALA K 147 68.16 1.35 -29.19
CA ALA K 147 67.84 1.87 -30.51
C ALA K 147 66.46 1.41 -30.95
N THR K 148 66.02 0.27 -30.43
CA THR K 148 64.72 -0.29 -30.77
C THR K 148 63.63 0.49 -30.05
N ALA K 149 63.95 0.98 -28.87
CA ALA K 149 62.99 1.75 -28.08
C ALA K 149 62.80 3.13 -28.69
N MET K 150 63.81 3.57 -29.44
CA MET K 150 63.79 4.88 -30.08
C MET K 150 62.73 4.98 -31.15
N LEU K 151 62.38 3.84 -31.76
CA LEU K 151 61.40 3.82 -32.84
C LEU K 151 59.96 3.95 -32.36
N GLY K 152 59.78 4.05 -31.05
CA GLY K 152 58.44 4.14 -30.49
C GLY K 152 58.19 5.37 -29.65
N THR K 153 57.18 5.29 -28.79
CA THR K 153 56.86 6.37 -27.88
C THR K 153 57.99 6.52 -26.87
N HIS K 154 58.62 7.68 -26.84
CA HIS K 154 59.79 7.90 -26.00
C HIS K 154 60.15 9.36 -25.79
N VAL K 155 60.79 9.65 -24.67
CA VAL K 155 61.24 11.01 -24.38
C VAL K 155 62.67 11.02 -23.84
N ILE K 156 63.56 11.73 -24.53
CA ILE K 156 64.94 11.84 -24.08
C ILE K 156 65.00 12.82 -22.91
N TRP K 157 65.34 12.30 -21.74
CA TRP K 157 65.42 13.08 -20.52
C TRP K 157 66.86 13.47 -20.20
N ASP K 158 67.13 14.77 -20.18
CA ASP K 158 68.43 15.27 -19.80
C ASP K 158 68.32 15.91 -18.42
N PHE K 159 69.44 15.97 -17.70
CA PHE K 159 69.45 16.57 -16.38
C PHE K 159 69.70 18.09 -16.47
N GLY K 160 69.52 18.63 -17.67
CA GLY K 160 69.43 20.06 -17.86
C GLY K 160 68.06 20.45 -17.33
N LEU K 161 67.09 19.60 -17.64
CA LEU K 161 65.75 19.69 -17.06
C LEU K 161 65.76 19.04 -15.68
N GLN K 162 66.30 19.78 -14.71
CA GLN K 162 66.53 19.30 -13.35
C GLN K 162 65.26 18.80 -12.67
N SER K 163 64.22 19.62 -12.73
CA SER K 163 63.03 19.49 -11.90
C SER K 163 62.40 18.10 -11.91
N SER K 164 61.86 17.72 -13.07
CA SER K 164 61.21 16.43 -13.24
C SER K 164 60.96 16.18 -14.71
N VAL K 165 60.32 15.05 -15.00
CA VAL K 165 59.97 14.69 -16.36
C VAL K 165 58.68 13.89 -16.28
N THR K 166 57.67 14.35 -16.99
CA THR K 166 56.35 13.73 -16.89
C THR K 166 56.02 12.89 -18.11
N LEU K 167 55.74 11.62 -17.88
CA LEU K 167 55.35 10.72 -18.95
C LEU K 167 53.90 10.34 -18.76
N VAL K 168 53.08 10.60 -19.77
CA VAL K 168 51.66 10.30 -19.69
C VAL K 168 51.37 9.06 -20.53
N ILE K 169 51.00 7.97 -19.87
CA ILE K 169 50.62 6.77 -20.60
C ILE K 169 49.17 6.94 -21.05
N PRO K 170 48.95 6.86 -22.38
CA PRO K 170 47.75 7.25 -23.11
C PRO K 170 46.47 6.59 -22.63
N TRP K 171 46.43 5.27 -22.64
CA TRP K 171 45.23 4.54 -22.27
C TRP K 171 45.61 3.14 -21.82
N ILE K 172 45.13 2.77 -20.65
CA ILE K 172 45.26 1.40 -20.16
C ILE K 172 43.93 1.02 -19.54
N SER K 173 43.55 -0.23 -19.71
CA SER K 173 42.27 -0.69 -19.20
C SER K 173 42.33 -2.14 -18.78
N ASN K 174 41.39 -2.51 -17.91
CA ASN K 174 41.24 -3.90 -17.50
C ASN K 174 39.98 -4.45 -18.15
N THR K 175 40.15 -5.37 -19.08
CA THR K 175 38.99 -5.99 -19.72
C THR K 175 39.13 -7.49 -19.49
N HIS K 176 38.90 -7.89 -18.25
CA HIS K 176 39.01 -9.29 -17.84
C HIS K 176 37.97 -10.16 -18.54
N TYR K 189 46.75 -10.52 -17.52
CA TYR K 189 46.87 -10.16 -18.92
C TYR K 189 48.24 -9.58 -19.25
N THR K 190 48.29 -8.88 -20.37
CA THR K 190 49.47 -8.13 -20.75
C THR K 190 48.99 -6.70 -21.04
N THR K 191 49.71 -5.72 -20.53
CA THR K 191 49.33 -4.33 -20.68
C THR K 191 50.51 -3.54 -21.21
N GLY K 192 50.42 -2.22 -21.19
CA GLY K 192 51.52 -1.39 -21.62
C GLY K 192 52.73 -1.59 -20.73
N LEU K 193 53.91 -1.29 -21.27
CA LEU K 193 55.14 -1.37 -20.50
C LEU K 193 55.89 -0.05 -20.63
N VAL K 194 56.43 0.43 -19.51
CA VAL K 194 57.32 1.58 -19.53
C VAL K 194 58.73 1.13 -19.25
N SER K 195 59.65 1.51 -20.14
CA SER K 195 61.05 1.13 -20.01
C SER K 195 61.90 2.38 -19.92
N ILE K 196 62.85 2.39 -18.99
CA ILE K 196 63.71 3.53 -18.77
C ILE K 196 65.16 3.17 -19.11
N TRP K 197 65.75 3.91 -20.04
CA TRP K 197 67.05 3.54 -20.59
C TRP K 197 68.16 4.55 -20.34
N TYR K 198 69.37 4.03 -20.21
CA TYR K 198 70.57 4.85 -20.22
C TYR K 198 70.80 5.38 -21.63
N GLN K 199 70.45 6.63 -21.89
CA GLN K 199 70.86 7.21 -23.16
C GLN K 199 72.37 7.34 -23.10
N THR K 200 72.86 7.77 -21.94
CA THR K 200 74.28 7.71 -21.67
C THR K 200 74.61 7.44 -20.22
N ASN K 201 75.88 7.17 -19.99
CA ASN K 201 76.38 6.87 -18.66
C ASN K 201 76.21 8.06 -17.71
N TYR K 202 76.28 7.78 -16.42
CA TYR K 202 76.15 8.82 -15.42
C TYR K 202 77.49 9.50 -15.21
N VAL K 203 77.70 10.62 -15.87
CA VAL K 203 78.98 11.31 -15.77
C VAL K 203 78.97 12.32 -14.63
N VAL K 204 80.05 12.31 -13.85
CA VAL K 204 80.20 13.20 -12.70
C VAL K 204 81.63 13.70 -12.59
N PRO K 205 81.81 14.93 -12.09
CA PRO K 205 83.16 15.40 -11.78
C PRO K 205 83.63 14.84 -10.45
N ILE K 206 84.85 15.17 -10.03
CA ILE K 206 85.34 14.72 -8.74
C ILE K 206 84.56 15.49 -7.67
N GLY K 207 84.29 14.84 -6.54
CA GLY K 207 83.56 15.47 -5.46
C GLY K 207 82.10 15.11 -5.56
N ALA K 208 81.76 14.48 -6.68
CA ALA K 208 80.41 14.00 -6.90
C ALA K 208 80.37 12.49 -6.71
N PRO K 209 79.33 11.99 -6.04
CA PRO K 209 79.17 10.54 -5.86
C PRO K 209 79.05 9.84 -7.20
N ASN K 210 79.82 8.76 -7.40
CA ASN K 210 79.80 8.03 -8.66
C ASN K 210 78.51 7.24 -8.90
N THR K 211 77.57 7.32 -7.95
CA THR K 211 76.28 6.66 -8.10
C THR K 211 75.17 7.54 -7.51
N ALA K 212 74.05 7.63 -8.21
CA ALA K 212 72.95 8.49 -7.80
C ALA K 212 71.62 7.76 -7.88
N TYR K 213 70.57 8.44 -7.41
CA TYR K 213 69.27 7.81 -7.21
C TYR K 213 68.11 8.57 -7.85
N ILE K 214 67.08 7.83 -8.26
CA ILE K 214 65.88 8.44 -8.84
C ILE K 214 64.64 8.00 -8.07
N ILE K 215 63.73 8.93 -7.82
CA ILE K 215 62.44 8.58 -7.24
C ILE K 215 61.34 8.75 -8.29
N ALA K 216 60.54 7.71 -8.47
CA ALA K 216 59.44 7.75 -9.42
C ALA K 216 58.13 7.73 -8.65
N LEU K 217 57.29 8.72 -8.89
CA LEU K 217 55.98 8.78 -8.25
C LEU K 217 54.92 9.03 -9.31
N ALA K 218 53.77 8.36 -9.17
CA ALA K 218 52.77 8.35 -10.23
C ALA K 218 51.35 8.60 -9.72
N ALA K 219 50.43 8.76 -10.68
CA ALA K 219 49.02 8.98 -10.41
C ALA K 219 48.18 8.75 -11.67
N ALA K 220 46.87 9.01 -11.54
CA ALA K 220 45.93 8.88 -12.67
C ALA K 220 45.34 10.23 -12.98
N GLN K 221 45.05 10.50 -14.25
CA GLN K 221 44.50 11.79 -14.61
C GLN K 221 42.99 11.70 -14.35
N LYS K 222 42.22 12.69 -14.84
CA LYS K 222 40.80 12.82 -14.48
C LYS K 222 39.85 11.91 -15.30
N ASN K 223 40.37 11.36 -16.39
CA ASN K 223 39.54 10.50 -17.24
C ASN K 223 39.56 9.07 -16.71
N PHE K 224 40.33 8.84 -15.66
CA PHE K 224 40.39 7.53 -15.05
C PHE K 224 39.07 7.27 -14.34
N THR K 225 38.46 6.13 -14.66
CA THR K 225 37.18 5.76 -14.08
C THR K 225 37.29 4.35 -13.55
N MET K 226 36.38 3.97 -12.65
CA MET K 226 36.43 2.66 -12.03
C MET K 226 35.08 1.95 -12.11
N GLN K 227 35.07 0.65 -11.84
CA GLN K 227 33.86 -0.15 -12.01
C GLN K 227 33.08 -0.33 -10.72
N LEU K 228 32.53 -1.54 -10.56
CA LEU K 228 31.73 -1.89 -9.41
C LEU K 228 32.60 -2.07 -8.16
N CYS K 229 32.02 -1.74 -7.01
CA CYS K 229 32.74 -1.86 -5.74
C CYS K 229 33.03 -3.32 -5.43
N LYS K 230 34.21 -3.56 -4.89
CA LYS K 230 34.67 -4.89 -4.56
C LYS K 230 35.57 -4.83 -3.35
N ASP K 231 35.39 -5.74 -2.40
CA ASP K 231 36.17 -5.68 -1.17
C ASP K 231 37.08 -6.90 -1.04
N ALA K 232 38.35 -6.65 -0.71
CA ALA K 232 39.35 -7.69 -0.53
C ALA K 232 40.56 -7.11 0.18
N SER K 233 40.74 -7.48 1.44
CA SER K 233 41.77 -6.86 2.26
C SER K 233 42.88 -7.81 2.71
N ASP K 234 43.33 -7.62 3.95
CA ASP K 234 44.56 -8.24 4.43
C ASP K 234 44.48 -8.80 5.84
N ILE K 235 43.66 -8.20 6.68
CA ILE K 235 43.75 -8.39 8.12
C ILE K 235 43.02 -9.62 8.63
N LEU K 236 43.41 -10.07 9.82
CA LEU K 236 42.89 -11.30 10.41
C LEU K 236 42.74 -11.14 11.92
N LEU L 85 -3.65 52.40 43.00
CA LEU L 85 -5.00 51.97 43.36
C LEU L 85 -5.65 52.89 44.39
N THR L 86 -6.52 53.77 43.92
CA THR L 86 -7.30 54.62 44.81
C THR L 86 -8.76 54.17 44.64
N ILE L 87 -8.97 52.87 44.76
CA ILE L 87 -10.29 52.25 44.59
C ILE L 87 -10.62 51.35 45.78
N GLY L 88 -11.49 51.81 46.66
CA GLY L 88 -11.84 51.03 47.83
C GLY L 88 -12.00 51.92 49.03
N ASN L 89 -11.83 51.34 50.22
CA ASN L 89 -11.98 52.08 51.46
C ASN L 89 -10.68 52.85 51.70
N SER L 90 -9.81 52.31 52.54
CA SER L 90 -8.55 53.00 52.80
C SER L 90 -7.42 52.29 52.07
N THR L 91 -6.53 53.07 51.48
CA THR L 91 -5.42 52.50 50.74
C THR L 91 -4.22 52.45 51.66
N ILE L 92 -3.06 52.05 51.14
CA ILE L 92 -1.82 52.19 51.88
C ILE L 92 -0.75 52.78 50.99
N THR L 93 -0.22 53.94 51.36
CA THR L 93 0.73 54.60 50.48
C THR L 93 2.05 53.87 50.62
N THR L 94 2.72 53.65 49.51
CA THR L 94 4.02 52.97 49.51
C THR L 94 4.88 53.81 48.58
N GLN L 95 6.19 53.68 48.66
CA GLN L 95 7.04 54.41 47.72
C GLN L 95 7.20 53.67 46.39
N GLU L 96 6.35 52.67 46.18
CA GLU L 96 6.29 51.91 44.93
C GLU L 96 7.67 51.44 44.44
N ALA L 97 8.39 50.75 45.31
CA ALA L 97 9.63 50.07 44.94
C ALA L 97 9.33 49.04 43.86
N ALA L 98 10.36 48.52 43.19
CA ALA L 98 10.13 47.62 42.06
C ALA L 98 9.55 46.29 42.53
N ASN L 99 8.44 46.38 43.24
CA ASN L 99 7.70 45.25 43.75
C ASN L 99 6.66 44.68 42.79
N ILE L 100 6.61 45.19 41.57
CA ILE L 100 5.56 44.77 40.66
C ILE L 100 5.89 43.43 40.00
N ILE L 101 4.95 42.49 40.09
CA ILE L 101 5.11 41.17 39.50
C ILE L 101 3.75 40.48 39.34
N VAL L 102 3.44 40.09 38.11
CA VAL L 102 2.13 39.52 37.81
C VAL L 102 2.20 38.00 37.70
N GLY L 103 1.14 37.34 38.14
CA GLY L 103 1.04 35.89 38.04
C GLY L 103 1.08 35.41 36.59
N TYR L 104 2.19 34.77 36.22
CA TYR L 104 2.31 34.08 34.93
C TYR L 104 2.20 34.98 33.70
N GLY L 105 2.06 36.28 33.90
CA GLY L 105 2.11 37.20 32.79
C GLY L 105 0.77 37.68 32.28
N GLU L 106 -0.31 37.30 32.96
CA GLU L 106 -1.63 37.76 32.53
C GLU L 106 -2.45 38.41 33.65
N TRP L 107 -3.04 39.55 33.33
CA TRP L 107 -3.97 40.21 34.24
C TRP L 107 -5.15 39.30 34.51
N PRO L 108 -5.79 39.45 35.69
CA PRO L 108 -7.02 38.71 35.97
C PRO L 108 -8.11 39.20 35.02
N SER L 109 -8.79 38.29 34.33
CA SER L 109 -9.81 38.70 33.39
C SER L 109 -11.20 38.40 33.95
N TYR L 110 -12.22 38.88 33.26
CA TYR L 110 -13.59 38.57 33.64
C TYR L 110 -14.07 37.33 32.91
N CYS L 111 -15.38 37.12 32.87
CA CYS L 111 -15.93 35.97 32.15
C CYS L 111 -16.47 36.36 30.78
N SER L 112 -16.05 35.61 29.76
CA SER L 112 -16.56 35.79 28.41
C SER L 112 -17.74 34.86 28.16
N ASP L 113 -18.96 35.39 28.23
CA ASP L 113 -20.12 34.52 28.08
C ASP L 113 -21.13 35.06 27.07
N SER L 114 -20.68 35.11 25.82
CA SER L 114 -21.56 35.26 24.67
C SER L 114 -21.25 34.05 23.81
N ASP L 115 -21.00 32.95 24.52
CA ASP L 115 -20.75 31.65 23.94
C ASP L 115 -21.84 30.77 24.51
N ALA L 116 -21.51 29.63 25.08
CA ALA L 116 -22.54 28.80 25.69
C ALA L 116 -22.11 28.21 27.03
N THR L 117 -21.64 29.04 27.94
CA THR L 117 -21.30 28.57 29.27
C THR L 117 -22.48 28.74 30.23
N ALA L 118 -23.20 29.85 30.07
CA ALA L 118 -24.39 30.11 30.88
C ALA L 118 -25.31 31.17 30.26
N VAL L 119 -26.58 30.82 30.05
CA VAL L 119 -27.56 31.78 29.54
C VAL L 119 -27.92 32.70 30.70
N ASP L 120 -27.73 32.19 31.91
CA ASP L 120 -27.85 32.97 33.14
C ASP L 120 -26.71 33.97 33.22
N LYS L 121 -27.02 35.14 33.74
CA LYS L 121 -26.07 36.25 33.81
C LYS L 121 -25.54 36.50 35.22
N PRO L 122 -24.26 36.16 35.44
CA PRO L 122 -23.63 36.52 36.71
C PRO L 122 -23.67 38.04 36.86
N THR L 123 -24.02 38.53 38.05
CA THR L 123 -24.16 39.97 38.24
C THR L 123 -23.26 40.48 39.35
N ARG L 124 -22.53 41.55 39.03
CA ARG L 124 -21.55 42.10 39.95
C ARG L 124 -21.21 43.54 39.61
N PRO L 125 -21.55 44.47 40.50
CA PRO L 125 -20.96 45.80 40.31
C PRO L 125 -19.46 45.72 40.58
N ASP L 126 -18.70 46.69 40.10
CA ASP L 126 -17.23 46.66 40.23
C ASP L 126 -16.81 47.13 41.61
N VAL L 127 -17.76 47.65 42.37
CA VAL L 127 -17.49 48.29 43.65
C VAL L 127 -18.20 47.57 44.78
N SER L 128 -18.92 46.52 44.44
CA SER L 128 -19.60 45.68 45.42
C SER L 128 -18.68 45.07 46.50
N VAL L 129 -17.66 44.32 46.08
CA VAL L 129 -16.88 43.50 47.02
C VAL L 129 -15.38 43.82 47.06
N ASN L 130 -14.91 44.81 46.31
CA ASN L 130 -13.46 45.05 46.25
C ASN L 130 -12.87 45.86 47.41
N ARG L 131 -13.27 45.51 48.63
CA ARG L 131 -12.66 46.07 49.85
C ARG L 131 -11.27 45.50 50.12
N PHE L 132 -10.41 46.28 50.78
CA PHE L 132 -9.08 45.84 51.20
C PHE L 132 -9.06 45.00 52.48
N TYR L 133 -9.07 43.67 52.32
CA TYR L 133 -9.04 42.76 53.47
C TYR L 133 -7.64 42.60 54.07
N THR L 134 -7.42 43.17 55.26
CA THR L 134 -6.16 42.95 55.95
C THR L 134 -6.39 41.98 57.10
N LEU L 135 -5.79 40.80 57.02
CA LEU L 135 -5.96 39.77 58.04
C LEU L 135 -5.25 40.17 59.33
N ASP L 136 -5.29 39.28 60.33
CA ASP L 136 -4.51 39.55 61.54
C ASP L 136 -3.04 39.40 61.20
N THR L 137 -2.22 40.20 61.86
CA THR L 137 -0.79 40.20 61.59
C THR L 137 -0.15 39.10 62.44
N LYS L 138 0.80 38.39 61.87
CA LYS L 138 1.37 37.26 62.58
C LYS L 138 2.81 37.51 62.97
N LEU L 139 3.29 36.73 63.94
CA LEU L 139 4.58 37.00 64.54
C LEU L 139 5.65 36.17 63.86
N TRP L 140 6.88 36.68 63.92
CA TRP L 140 8.01 36.00 63.31
C TRP L 140 9.21 36.05 64.24
N GLU L 141 9.42 34.95 64.97
CA GLU L 141 10.55 34.83 65.86
C GLU L 141 11.65 34.06 65.15
N LYS L 142 12.77 33.85 65.85
CA LYS L 142 13.89 33.13 65.27
C LYS L 142 13.51 31.68 64.98
N SER L 143 12.61 31.13 65.79
CA SER L 143 12.23 29.73 65.65
C SER L 143 11.03 29.56 64.72
N SER L 144 10.67 30.62 64.00
CA SER L 144 9.59 30.54 63.03
C SER L 144 10.09 29.78 61.81
N LYS L 145 9.23 29.01 61.18
CA LYS L 145 9.64 28.18 60.06
C LYS L 145 8.69 28.27 58.86
N GLY L 146 7.88 29.33 58.83
CA GLY L 146 7.04 29.58 57.67
C GLY L 146 5.58 29.23 57.81
N TRP L 147 4.76 29.91 57.02
CA TRP L 147 3.31 29.72 57.05
C TRP L 147 2.73 29.64 55.64
N TYR L 148 1.55 29.04 55.52
CA TYR L 148 0.88 28.92 54.22
C TYR L 148 -0.58 29.30 54.37
N TRP L 149 -1.22 29.70 53.27
CA TRP L 149 -2.66 29.95 53.29
C TRP L 149 -3.36 29.32 52.10
N LYS L 150 -4.67 29.13 52.22
CA LYS L 150 -5.51 28.79 51.07
C LYS L 150 -6.51 29.93 50.90
N PHE L 151 -6.81 30.33 49.66
CA PHE L 151 -7.50 31.60 49.45
C PHE L 151 -9.04 31.60 49.32
N PRO L 152 -9.62 30.65 48.56
CA PRO L 152 -11.09 30.74 48.53
C PRO L 152 -11.69 30.45 49.90
N ASP L 153 -11.05 29.54 50.63
CA ASP L 153 -11.50 29.21 51.97
C ASP L 153 -11.35 30.39 52.92
N VAL L 154 -10.15 30.97 52.95
CA VAL L 154 -9.76 31.91 54.01
C VAL L 154 -10.87 32.94 54.24
N LEU L 155 -11.69 33.15 53.22
CA LEU L 155 -12.90 33.94 53.32
C LEU L 155 -14.13 33.02 53.50
N THR L 156 -14.63 32.89 54.74
CA THR L 156 -15.83 32.10 55.04
C THR L 156 -16.76 32.83 56.00
N GLU L 157 -16.36 32.87 57.27
CA GLU L 157 -16.98 33.79 58.22
C GLU L 157 -16.07 35.01 58.19
N THR L 158 -15.24 35.06 57.15
CA THR L 158 -14.25 36.11 56.97
C THR L 158 -14.74 37.15 56.00
N GLY L 159 -15.02 38.33 56.51
CA GLY L 159 -15.48 39.44 55.70
C GLY L 159 -16.88 39.22 55.16
N VAL L 160 -17.44 40.24 54.53
CA VAL L 160 -18.75 40.10 53.92
C VAL L 160 -18.61 39.24 52.66
N PHE L 161 -17.37 39.00 52.24
CA PHE L 161 -17.07 38.10 51.13
C PHE L 161 -17.38 36.64 51.46
N GLY L 162 -16.97 36.19 52.64
CA GLY L 162 -17.19 34.81 53.01
C GLY L 162 -18.67 34.67 53.25
N GLN L 163 -19.27 35.77 53.69
CA GLN L 163 -20.71 35.85 53.88
C GLN L 163 -21.40 35.91 52.51
N ASN L 164 -20.59 36.07 51.46
CA ASN L 164 -21.09 36.22 50.10
C ASN L 164 -20.77 35.00 49.23
N ALA L 165 -19.58 34.45 49.39
CA ALA L 165 -19.14 33.34 48.55
C ALA L 165 -19.76 32.03 49.02
N GLN L 166 -20.22 32.03 50.27
CA GLN L 166 -20.82 30.86 50.90
C GLN L 166 -22.22 30.61 50.35
N PHE L 167 -22.92 31.69 49.96
CA PHE L 167 -24.27 31.57 49.45
C PHE L 167 -24.34 31.30 47.95
N HIS L 168 -23.28 31.65 47.22
CA HIS L 168 -23.27 31.48 45.77
C HIS L 168 -22.93 30.10 45.24
N TYR L 169 -23.53 29.78 44.10
CA TYR L 169 -23.35 28.50 43.40
C TYR L 169 -21.95 28.34 42.79
N LEU L 170 -21.42 29.41 42.20
CA LEU L 170 -20.15 29.33 41.51
C LEU L 170 -19.26 30.50 41.86
N TYR L 171 -17.96 30.27 41.75
CA TYR L 171 -16.97 31.25 42.18
C TYR L 171 -15.84 31.35 41.17
N ARG L 172 -15.32 32.56 41.01
CA ARG L 172 -14.15 32.81 40.19
C ARG L 172 -13.63 34.21 40.44
N SER L 173 -12.32 34.32 40.65
CA SER L 173 -11.71 35.61 40.89
C SER L 173 -10.20 35.49 40.85
N GLY L 174 -9.54 36.58 40.53
CA GLY L 174 -8.10 36.64 40.65
C GLY L 174 -7.86 37.42 41.93
N PHE L 175 -6.62 37.47 42.39
CA PHE L 175 -6.35 38.22 43.60
C PHE L 175 -5.12 39.10 43.42
N CYS L 176 -5.14 40.22 44.12
CA CYS L 176 -3.99 41.09 44.22
C CYS L 176 -3.70 41.23 45.70
N ILE L 177 -2.63 40.59 46.13
CA ILE L 177 -2.33 40.49 47.55
C ILE L 177 -1.08 41.27 47.90
N HIS L 178 -1.14 41.94 49.05
CA HIS L 178 -0.09 42.85 49.49
C HIS L 178 0.46 42.37 50.81
N VAL L 179 1.64 41.77 50.76
CA VAL L 179 2.33 41.31 51.96
C VAL L 179 3.30 42.35 52.47
N GLN L 180 3.05 42.87 53.67
CA GLN L 180 3.91 43.92 54.20
C GLN L 180 4.41 43.56 55.59
N CYS L 181 5.72 43.68 55.79
CA CYS L 181 6.30 43.45 57.10
C CYS L 181 7.06 44.68 57.56
N ASN L 182 6.84 45.07 58.81
CA ASN L 182 7.53 46.22 59.38
C ASN L 182 8.58 45.79 60.38
N ALA L 183 9.84 46.11 60.07
CA ALA L 183 10.93 45.75 60.95
C ALA L 183 11.96 46.87 60.96
N SER L 184 12.92 46.79 61.86
CA SER L 184 13.92 47.83 61.97
C SER L 184 15.03 47.62 60.95
N LYS L 185 15.85 48.65 60.76
CA LYS L 185 17.01 48.55 59.90
C LYS L 185 18.19 47.98 60.69
N PHE L 186 17.89 47.52 61.90
CA PHE L 186 18.87 46.82 62.72
C PHE L 186 18.53 45.34 62.72
N HIS L 187 17.34 45.02 62.23
CA HIS L 187 16.91 43.63 62.10
C HIS L 187 17.26 43.14 60.71
N GLN L 188 17.60 41.85 60.59
CA GLN L 188 17.93 41.29 59.28
C GLN L 188 17.31 39.91 59.08
N GLY L 189 16.92 39.62 57.85
CA GLY L 189 16.29 38.35 57.50
C GLY L 189 15.90 38.33 56.04
N ALA L 190 15.25 37.24 55.62
CA ALA L 190 14.85 37.10 54.22
C ALA L 190 13.60 36.25 54.05
N LEU L 191 12.56 36.82 53.45
CA LEU L 191 11.32 36.08 53.20
C LEU L 191 11.13 35.80 51.72
N LEU L 192 10.45 34.69 51.43
CA LEU L 192 10.07 34.35 50.07
C LEU L 192 8.55 34.17 50.01
N VAL L 193 7.86 35.22 49.62
CA VAL L 193 6.42 35.12 49.40
C VAL L 193 6.17 34.50 48.04
N ALA L 194 5.48 33.36 48.03
CA ALA L 194 5.23 32.65 46.79
C ALA L 194 3.81 32.10 46.78
N VAL L 195 3.28 31.89 45.59
CA VAL L 195 1.90 31.46 45.42
C VAL L 195 1.89 30.14 44.65
N LEU L 196 1.06 29.21 45.10
CA LEU L 196 1.03 27.88 44.51
C LEU L 196 -0.41 27.46 44.26
N PRO L 197 -0.72 27.14 43.00
CA PRO L 197 -2.06 26.76 42.52
C PRO L 197 -2.63 25.58 43.30
N GLU L 198 -2.39 24.36 42.83
CA GLU L 198 -3.05 23.23 43.45
C GLU L 198 -2.13 22.68 44.53
N TYR L 199 -2.48 22.95 45.78
CA TYR L 199 -1.63 22.66 46.94
C TYR L 199 -2.14 21.52 47.83
N VAL L 200 -1.70 20.30 47.56
CA VAL L 200 -2.09 19.15 48.38
C VAL L 200 -0.97 18.77 49.37
N ILE L 201 -1.18 19.13 50.63
CA ILE L 201 -0.09 19.14 51.63
C ILE L 201 0.06 17.89 52.51
N GLY L 202 -0.52 16.77 52.12
CA GLY L 202 -0.25 15.52 52.83
C GLY L 202 -1.44 14.95 53.58
N THR L 203 -1.22 14.45 54.79
CA THR L 203 0.10 14.39 55.42
C THR L 203 0.24 13.01 56.10
N VAL L 204 1.35 12.76 56.79
CA VAL L 204 1.58 11.47 57.45
C VAL L 204 1.81 11.62 58.95
N ALA L 205 1.82 10.50 59.67
CA ALA L 205 1.97 10.51 61.12
C ALA L 205 3.30 9.86 61.53
N GLY L 206 3.27 8.98 62.52
CA GLY L 206 4.47 8.28 62.93
C GLY L 206 4.86 7.15 61.98
N GLY L 207 4.30 5.97 62.23
CA GLY L 207 4.57 4.80 61.41
C GLY L 207 3.39 3.85 61.54
N THR L 208 3.65 2.65 62.06
CA THR L 208 2.57 1.71 62.29
C THR L 208 2.62 1.25 63.74
N GLY L 209 3.22 2.10 64.58
CA GLY L 209 3.34 1.83 66.00
C GLY L 209 2.07 2.13 66.78
N THR L 210 1.56 3.34 66.57
CA THR L 210 0.35 3.79 67.25
C THR L 210 -0.77 4.13 66.27
N GLU L 211 -0.46 4.93 65.26
CA GLU L 211 -1.43 5.22 64.22
C GLU L 211 -0.74 5.13 62.86
N ASP L 212 -1.49 4.73 61.83
CA ASP L 212 -0.91 4.52 60.51
C ASP L 212 -1.32 5.62 59.53
N SER L 213 -2.44 6.26 59.85
CA SER L 213 -3.02 7.30 59.00
C SER L 213 -3.40 8.53 59.79
N HIS L 214 -4.69 8.85 59.77
CA HIS L 214 -5.25 10.09 60.31
C HIS L 214 -4.88 11.25 59.39
N PRO L 215 -5.64 11.41 58.30
CA PRO L 215 -5.49 12.58 57.43
C PRO L 215 -6.08 13.81 58.10
N PRO L 216 -5.49 14.98 57.82
CA PRO L 216 -5.82 16.17 58.62
C PRO L 216 -7.15 16.85 58.31
N TYR L 217 -7.77 17.29 59.41
CA TYR L 217 -9.01 18.06 59.47
C TYR L 217 -8.93 19.50 58.99
N LYS L 218 -8.09 20.29 59.66
CA LYS L 218 -8.04 21.72 59.42
C LYS L 218 -7.02 22.00 58.34
N GLN L 219 -6.57 20.92 57.69
CA GLN L 219 -5.68 21.03 56.54
C GLN L 219 -6.28 21.91 55.46
N THR L 220 -7.50 21.58 55.07
CA THR L 220 -8.29 22.46 54.22
C THR L 220 -9.05 23.27 55.24
N GLN L 221 -9.82 24.26 54.81
CA GLN L 221 -10.41 25.23 55.73
C GLN L 221 -9.40 25.88 56.70
N PRO L 222 -8.27 26.40 56.17
CA PRO L 222 -7.43 27.15 57.10
C PRO L 222 -7.97 28.54 57.45
N GLY L 223 -8.13 28.81 58.74
CA GLY L 223 -8.59 30.12 59.18
C GLY L 223 -7.53 31.16 58.90
N ALA L 224 -7.86 32.43 59.11
CA ALA L 224 -6.91 33.51 58.91
C ALA L 224 -5.66 33.25 59.74
N ASP L 225 -5.87 32.72 60.94
CA ASP L 225 -4.81 32.39 61.89
C ASP L 225 -3.81 31.40 61.30
N GLY L 226 -4.32 30.35 60.67
CA GLY L 226 -3.47 29.31 60.14
C GLY L 226 -2.90 29.62 58.76
N PHE L 227 -1.86 28.89 58.37
CA PHE L 227 -1.29 27.82 59.19
C PHE L 227 0.22 27.76 59.18
N GLU L 228 0.76 27.23 60.27
CA GLU L 228 2.19 26.99 60.41
C GLU L 228 2.59 25.82 59.53
N LEU L 229 3.80 25.84 58.99
CA LEU L 229 4.30 24.67 58.30
C LEU L 229 4.75 23.65 59.32
N GLN L 230 5.26 22.51 58.86
CA GLN L 230 5.76 21.50 59.77
C GLN L 230 7.19 21.15 59.37
N HIS L 231 7.37 20.94 58.07
CA HIS L 231 8.69 20.72 57.49
C HIS L 231 8.79 21.55 56.22
N PRO L 232 9.24 22.81 56.37
CA PRO L 232 9.26 23.82 55.29
C PRO L 232 10.11 23.40 54.11
N TYR L 233 11.13 22.57 54.33
CA TYR L 233 12.02 22.20 53.24
C TYR L 233 11.24 21.45 52.17
N VAL L 234 10.18 20.77 52.58
CA VAL L 234 9.35 20.03 51.63
C VAL L 234 7.94 20.58 51.60
N LEU L 235 7.73 21.72 52.27
CA LEU L 235 6.43 22.40 52.30
C LEU L 235 5.34 21.50 52.86
N ASP L 236 5.77 20.56 53.71
CA ASP L 236 4.92 19.49 54.22
C ASP L 236 4.26 18.72 53.08
N ALA L 237 4.86 18.80 51.88
CA ALA L 237 4.25 18.22 50.69
C ALA L 237 5.24 17.37 49.91
N GLY L 238 6.43 17.17 50.45
CA GLY L 238 7.44 16.38 49.76
C GLY L 238 7.94 17.12 48.54
N ILE L 239 8.02 18.44 48.65
CA ILE L 239 8.37 19.28 47.51
C ILE L 239 9.29 20.40 47.96
N PRO L 240 10.48 20.52 47.36
CA PRO L 240 11.50 21.44 47.87
C PRO L 240 11.28 22.91 47.50
N ILE L 241 11.36 23.79 48.51
CA ILE L 241 11.41 25.23 48.27
C ILE L 241 12.57 25.64 47.37
N SER L 242 13.59 24.77 47.31
CA SER L 242 14.75 24.97 46.47
C SER L 242 14.39 25.40 45.04
N GLN L 243 13.20 25.00 44.59
CA GLN L 243 12.73 25.32 43.26
C GLN L 243 11.38 26.04 43.31
N LEU L 244 11.02 26.55 44.49
CA LEU L 244 9.74 27.24 44.67
C LEU L 244 9.67 28.47 43.78
N THR L 245 10.83 29.05 43.47
CA THR L 245 10.89 30.26 42.66
C THR L 245 10.36 30.02 41.25
N VAL L 246 10.14 28.76 40.88
CA VAL L 246 9.60 28.42 39.57
C VAL L 246 8.15 28.90 39.49
N CYS L 247 7.53 29.09 40.65
CA CYS L 247 6.20 29.66 40.74
C CYS L 247 6.33 31.16 40.93
N PRO L 248 5.26 31.92 40.62
CA PRO L 248 5.28 33.36 40.87
C PRO L 248 5.65 33.69 42.32
N HIS L 249 6.77 34.38 42.49
CA HIS L 249 7.29 34.68 43.81
C HIS L 249 7.75 36.12 43.90
N GLN L 250 8.14 36.54 45.09
CA GLN L 250 8.73 37.87 45.27
C GLN L 250 9.43 37.88 46.62
N TRP L 251 10.62 38.48 46.65
CA TRP L 251 11.47 38.44 47.83
C TRP L 251 11.29 39.65 48.72
N ILE L 252 11.38 39.43 50.03
CA ILE L 252 11.43 40.51 51.00
C ILE L 252 12.71 40.37 51.80
N ASN L 253 13.74 41.09 51.40
CA ASN L 253 14.99 41.10 52.13
C ASN L 253 15.13 42.41 52.87
N LEU L 254 15.28 42.33 54.19
CA LEU L 254 15.35 43.50 55.04
C LEU L 254 16.60 44.33 54.76
N ARG L 255 17.48 43.81 53.91
CA ARG L 255 18.56 44.61 53.37
C ARG L 255 18.00 45.68 52.45
N THR L 256 17.06 45.30 51.60
CA THR L 256 16.48 46.21 50.62
C THR L 256 14.98 46.42 50.82
N ASN L 257 14.17 45.52 50.27
CA ASN L 257 12.73 45.69 50.28
C ASN L 257 12.07 45.04 51.50
N ASN L 258 11.18 45.78 52.15
CA ASN L 258 10.39 45.22 53.23
C ASN L 258 8.96 44.90 52.80
N CYS L 259 8.63 45.29 51.58
CA CYS L 259 7.27 45.13 51.07
C CYS L 259 7.25 44.40 49.72
N ALA L 260 6.23 43.57 49.54
CA ALA L 260 6.05 42.85 48.28
C ALA L 260 4.57 42.74 47.92
N THR L 261 4.28 42.84 46.64
CA THR L 261 2.91 42.79 46.15
C THR L 261 2.87 41.86 44.95
N ILE L 262 1.99 40.87 44.99
CA ILE L 262 1.91 39.89 43.92
C ILE L 262 0.46 39.61 43.52
N ILE L 263 0.22 39.55 42.21
CA ILE L 263 -1.13 39.40 41.67
C ILE L 263 -1.33 38.04 41.02
N VAL L 264 -2.45 37.40 41.31
CA VAL L 264 -2.75 36.12 40.71
C VAL L 264 -4.08 36.21 39.97
N PRO L 265 -4.15 35.63 38.76
CA PRO L 265 -5.38 35.53 37.97
C PRO L 265 -6.14 34.26 38.36
N TYR L 266 -7.24 33.96 37.67
CA TYR L 266 -7.94 32.73 37.98
C TYR L 266 -7.22 31.58 37.29
N ILE L 267 -7.20 30.41 37.92
CA ILE L 267 -6.37 29.31 37.47
C ILE L 267 -7.00 27.95 37.74
N ASN L 268 -7.68 27.39 36.75
CA ASN L 268 -8.35 26.11 36.92
C ASN L 268 -8.73 25.45 35.60
N ALA L 269 -8.93 24.14 35.62
CA ALA L 269 -9.31 23.41 34.41
C ALA L 269 -10.68 23.87 33.95
N LEU L 270 -11.58 24.08 34.90
CA LEU L 270 -12.90 24.63 34.61
C LEU L 270 -12.89 26.13 34.90
N PRO L 271 -13.63 26.91 34.11
CA PRO L 271 -13.67 28.35 34.33
C PRO L 271 -14.47 28.71 35.57
N PHE L 272 -15.28 27.76 36.04
CA PHE L 272 -16.04 27.95 37.26
C PHE L 272 -16.08 26.65 38.05
N ASP L 273 -15.41 26.63 39.20
CA ASP L 273 -15.58 25.50 40.12
C ASP L 273 -16.28 26.06 41.34
N SER L 274 -16.54 25.23 42.34
CA SER L 274 -17.18 25.75 43.53
C SER L 274 -16.12 26.18 44.53
N ALA L 275 -16.53 26.94 45.53
CA ALA L 275 -15.60 27.61 46.44
C ALA L 275 -15.27 26.76 47.66
N LEU L 276 -16.21 26.73 48.61
CA LEU L 276 -15.99 26.14 49.93
C LEU L 276 -15.56 24.67 49.91
N ASN L 277 -15.87 23.97 48.82
CA ASN L 277 -15.46 22.58 48.72
C ASN L 277 -14.03 22.41 48.22
N HIS L 278 -13.59 23.33 47.36
CA HIS L 278 -12.25 23.23 46.80
C HIS L 278 -11.48 24.55 46.81
N CYS L 279 -10.39 24.56 47.57
CA CYS L 279 -9.50 25.72 47.62
C CYS L 279 -8.48 25.62 46.49
N ASN L 280 -8.80 26.25 45.37
CA ASN L 280 -8.00 26.14 44.15
C ASN L 280 -6.54 26.61 44.26
N PHE L 281 -6.16 27.18 45.39
CA PHE L 281 -5.00 28.05 45.40
C PHE L 281 -4.42 28.23 46.80
N GLY L 282 -3.09 28.33 46.85
CA GLY L 282 -2.38 28.44 48.12
C GLY L 282 -1.27 29.48 48.10
N LEU L 283 -1.12 30.20 49.20
CA LEU L 283 -0.10 31.23 49.34
C LEU L 283 0.91 30.85 50.43
N LEU L 284 2.20 30.98 50.14
CA LEU L 284 3.23 30.66 51.11
C LEU L 284 4.14 31.85 51.41
N VAL L 285 4.47 32.03 52.68
CA VAL L 285 5.42 33.05 53.10
C VAL L 285 6.50 32.40 53.98
N VAL L 286 7.61 32.01 53.36
CA VAL L 286 8.63 31.25 54.07
C VAL L 286 9.95 32.02 54.24
N PRO L 287 10.45 32.06 55.49
CA PRO L 287 11.77 32.63 55.79
C PRO L 287 12.87 31.66 55.40
N ILE L 288 13.97 32.17 54.85
CA ILE L 288 15.12 31.31 54.56
C ILE L 288 16.24 31.68 55.52
N SER L 289 16.52 32.98 55.64
CA SER L 289 17.40 33.46 56.69
C SER L 289 16.48 33.91 57.83
N PRO L 290 16.34 33.06 58.86
CA PRO L 290 15.26 33.08 59.85
C PRO L 290 15.30 34.25 60.83
N LEU L 291 15.80 35.40 60.39
CA LEU L 291 15.82 36.62 61.19
C LEU L 291 16.83 36.52 62.34
N ASP L 292 17.49 37.62 62.64
CA ASP L 292 18.42 37.67 63.75
C ASP L 292 18.52 39.09 64.27
N TYR L 293 18.38 39.23 65.59
CA TYR L 293 18.54 40.51 66.25
C TYR L 293 19.76 40.43 67.16
N ASP L 294 20.10 41.54 67.81
CA ASP L 294 21.29 41.58 68.64
C ASP L 294 20.93 41.74 70.10
N GLN L 295 19.70 41.39 70.43
CA GLN L 295 19.19 41.36 71.80
C GLN L 295 19.03 42.78 72.33
N GLY L 296 17.93 43.04 73.04
CA GLY L 296 17.64 44.39 73.45
C GLY L 296 16.75 45.03 72.40
N ALA L 297 16.49 44.28 71.34
CA ALA L 297 15.59 44.72 70.29
C ALA L 297 14.40 43.78 70.23
N THR L 298 13.22 44.35 69.99
CA THR L 298 11.98 43.58 69.98
C THR L 298 12.06 42.40 69.02
N PRO L 299 12.00 41.18 69.58
CA PRO L 299 12.23 39.90 68.89
C PRO L 299 11.10 39.44 67.98
N VAL L 300 9.97 40.13 68.01
CA VAL L 300 8.84 39.75 67.17
C VAL L 300 8.77 40.66 65.96
N ILE L 301 8.74 40.06 64.78
CA ILE L 301 8.60 40.83 63.55
C ILE L 301 7.31 40.46 62.83
N PRO L 302 6.46 41.47 62.61
CA PRO L 302 5.12 41.40 62.00
C PRO L 302 5.13 41.12 60.52
N ILE L 303 4.40 40.09 60.08
CA ILE L 303 4.17 39.90 58.65
C ILE L 303 2.70 40.14 58.37
N THR L 304 2.36 41.39 58.04
CA THR L 304 0.98 41.79 57.83
C THR L 304 0.49 41.43 56.43
N ILE L 305 -0.62 40.71 56.35
CA ILE L 305 -1.18 40.31 55.05
C ILE L 305 -2.38 41.19 54.70
N THR L 306 -2.44 41.64 53.45
CA THR L 306 -3.54 42.47 52.97
C THR L 306 -4.03 41.92 51.64
N LEU L 307 -5.33 41.67 51.53
CA LEU L 307 -5.88 41.05 50.33
C LEU L 307 -6.83 41.98 49.57
N ALA L 308 -6.80 41.85 48.25
CA ALA L 308 -7.69 42.62 47.38
C ALA L 308 -8.02 41.77 46.16
N PRO L 309 -9.21 41.15 46.18
CA PRO L 309 -9.69 40.24 45.13
C PRO L 309 -10.20 40.97 43.88
N MET L 310 -9.56 40.73 42.75
CA MET L 310 -10.06 41.29 41.49
C MET L 310 -10.91 40.29 40.74
N CYS L 311 -11.74 40.82 39.85
CA CYS L 311 -12.55 40.01 38.93
C CYS L 311 -13.37 38.90 39.57
N SER L 312 -14.12 39.20 40.63
CA SER L 312 -15.01 38.18 41.20
C SER L 312 -16.15 37.90 40.22
N GLU L 313 -16.98 36.90 40.51
CA GLU L 313 -18.10 36.56 39.63
C GLU L 313 -19.26 35.85 40.31
N PHE L 314 -20.37 36.56 40.50
CA PHE L 314 -21.53 35.99 41.17
C PHE L 314 -22.81 36.60 40.59
N ALA L 315 -23.96 36.30 41.18
CA ALA L 315 -25.24 36.81 40.68
C ALA L 315 -26.31 36.89 41.76
N GLY L 316 -26.48 35.80 42.49
CA GLY L 316 -27.44 35.77 43.58
C GLY L 316 -28.23 34.48 43.74
N LEU L 317 -28.59 34.20 44.99
CA LEU L 317 -29.32 32.98 45.35
C LEU L 317 -30.25 33.29 46.53
N ARG L 318 -30.29 32.38 47.49
CA ARG L 318 -31.23 32.46 48.60
C ARG L 318 -30.63 32.78 49.96
N GLN L 319 -31.47 32.66 50.99
CA GLN L 319 -31.14 33.04 52.34
C GLN L 319 -32.24 32.56 53.29
N LEU M 85 -60.28 27.31 5.13
CA LEU M 85 -60.89 26.10 4.55
C LEU M 85 -62.23 26.37 3.87
N THR M 86 -62.20 26.42 2.55
CA THR M 86 -63.41 26.57 1.77
C THR M 86 -63.63 25.26 1.01
N ILE M 87 -63.57 24.16 1.74
CA ILE M 87 -63.71 22.83 1.18
C ILE M 87 -64.73 21.95 1.91
N GLY M 88 -65.94 21.81 1.36
CA GLY M 88 -66.91 20.92 1.96
C GLY M 88 -68.35 21.37 2.07
N ASN M 89 -69.10 20.67 2.93
CA ASN M 89 -70.51 20.97 3.17
C ASN M 89 -70.69 22.00 4.27
N SER M 90 -71.03 21.52 5.47
CA SER M 90 -71.26 22.42 6.60
C SER M 90 -70.14 22.33 7.62
N THR M 91 -69.73 23.49 8.13
CA THR M 91 -68.64 23.55 9.09
C THR M 91 -69.18 23.68 10.51
N ILE M 92 -68.25 23.88 11.43
CA ILE M 92 -68.54 24.31 12.78
C ILE M 92 -67.57 25.45 13.03
N THR M 93 -68.07 26.64 13.35
CA THR M 93 -67.18 27.78 13.39
C THR M 93 -66.32 27.63 14.64
N THR M 94 -65.05 28.00 14.51
CA THR M 94 -64.07 27.84 15.59
C THR M 94 -63.93 29.19 16.28
N GLN M 95 -63.31 29.21 17.46
CA GLN M 95 -63.00 30.48 18.11
C GLN M 95 -61.73 31.06 17.48
N GLU M 96 -61.35 30.45 16.37
CA GLU M 96 -60.20 30.81 15.55
C GLU M 96 -58.98 31.05 16.43
N ALA M 97 -58.76 30.13 17.36
CA ALA M 97 -57.53 30.06 18.13
C ALA M 97 -56.37 29.67 17.23
N ALA M 98 -55.15 29.87 17.72
CA ALA M 98 -53.96 29.52 16.95
C ALA M 98 -53.88 28.00 16.93
N ASN M 99 -54.92 27.38 16.40
CA ASN M 99 -55.06 25.94 16.35
C ASN M 99 -54.30 25.35 15.17
N ILE M 100 -53.48 26.18 14.53
CA ILE M 100 -52.76 25.70 13.36
C ILE M 100 -51.57 24.86 13.81
N ILE M 101 -51.53 23.63 13.29
CA ILE M 101 -50.43 22.72 13.55
C ILE M 101 -50.48 21.64 12.48
N VAL M 102 -49.42 21.56 11.70
CA VAL M 102 -49.38 20.64 10.58
C VAL M 102 -48.55 19.42 10.93
N GLY M 103 -48.94 18.27 10.40
CA GLY M 103 -48.19 17.05 10.61
C GLY M 103 -46.78 17.19 10.07
N TYR M 104 -45.82 17.26 11.00
CA TYR M 104 -44.39 17.23 10.67
C TYR M 104 -43.91 18.40 9.83
N GLY M 105 -44.81 19.33 9.52
CA GLY M 105 -44.42 20.55 8.86
C GLY M 105 -44.70 20.60 7.37
N GLU M 106 -45.32 19.56 6.83
CA GLU M 106 -45.66 19.58 5.42
C GLU M 106 -47.11 19.24 5.13
N TRP M 107 -47.75 20.11 4.36
CA TRP M 107 -49.13 19.92 3.91
C TRP M 107 -49.24 18.69 3.01
N PRO M 108 -50.44 18.09 2.94
CA PRO M 108 -50.65 16.96 2.03
C PRO M 108 -50.52 17.36 0.57
N SER M 109 -49.68 16.64 -0.17
CA SER M 109 -49.47 16.90 -1.58
C SER M 109 -50.05 15.76 -2.41
N TYR M 110 -50.01 15.91 -3.73
CA TYR M 110 -50.38 14.81 -4.62
C TYR M 110 -49.13 13.98 -4.86
N CYS M 111 -49.15 13.17 -5.90
CA CYS M 111 -47.99 12.36 -6.23
C CYS M 111 -47.19 13.04 -7.32
N SER M 112 -45.88 13.07 -7.16
CA SER M 112 -45.03 13.64 -8.19
C SER M 112 -44.74 12.55 -9.20
N ASP M 113 -45.49 12.58 -10.30
CA ASP M 113 -45.40 11.55 -11.32
C ASP M 113 -45.28 12.21 -12.68
N SER M 114 -44.13 12.82 -12.91
CA SER M 114 -43.73 13.26 -14.23
C SER M 114 -42.43 12.56 -14.55
N ASP M 115 -42.34 11.32 -14.09
CA ASP M 115 -41.22 10.42 -14.37
C ASP M 115 -41.77 9.15 -14.99
N ALA M 116 -41.42 8.00 -14.42
CA ALA M 116 -41.91 6.73 -14.91
C ALA M 116 -42.36 5.82 -13.77
N THR M 117 -43.23 6.36 -12.91
CA THR M 117 -43.80 5.58 -11.82
C THR M 117 -45.14 4.93 -12.17
N ALA M 118 -45.94 5.62 -12.98
CA ALA M 118 -47.24 5.06 -13.39
C ALA M 118 -47.82 5.65 -14.68
N VAL M 119 -48.12 4.76 -15.62
CA VAL M 119 -48.76 5.14 -16.88
C VAL M 119 -50.26 5.38 -16.66
N ASP M 120 -50.81 4.75 -15.64
CA ASP M 120 -52.18 5.00 -15.25
C ASP M 120 -52.37 6.38 -14.64
N LYS M 121 -53.46 7.03 -15.02
CA LYS M 121 -53.76 8.36 -14.54
C LYS M 121 -54.99 8.34 -13.64
N PRO M 122 -54.77 8.32 -12.32
CA PRO M 122 -55.92 8.49 -11.43
C PRO M 122 -56.50 9.89 -11.60
N THR M 123 -57.83 10.00 -11.69
CA THR M 123 -58.45 11.29 -11.92
C THR M 123 -59.48 11.58 -10.83
N ARG M 124 -59.42 12.79 -10.28
CA ARG M 124 -60.24 13.14 -9.13
C ARG M 124 -60.39 14.65 -9.02
N PRO M 125 -61.63 15.14 -9.16
CA PRO M 125 -61.99 16.54 -8.85
C PRO M 125 -61.88 16.75 -7.34
N ASP M 126 -61.91 17.99 -6.87
CA ASP M 126 -61.61 18.24 -5.46
C ASP M 126 -62.69 18.04 -4.38
N VAL M 127 -63.97 17.98 -4.73
CA VAL M 127 -64.98 17.99 -3.66
C VAL M 127 -66.04 16.85 -3.66
N SER M 128 -65.98 15.93 -4.61
CA SER M 128 -66.90 14.78 -4.63
C SER M 128 -66.92 13.98 -3.32
N VAL M 129 -65.74 13.54 -2.88
CA VAL M 129 -65.60 12.61 -1.77
C VAL M 129 -64.84 13.27 -0.63
N ASN M 130 -64.38 14.49 -0.85
CA ASN M 130 -63.66 15.23 0.18
C ASN M 130 -64.68 15.98 1.04
N ARG M 131 -65.76 15.28 1.37
CA ARG M 131 -66.83 15.76 2.23
C ARG M 131 -66.39 15.81 3.70
N PHE M 132 -67.03 16.67 4.49
CA PHE M 132 -66.77 16.71 5.92
C PHE M 132 -67.47 15.55 6.62
N TYR M 133 -66.79 14.42 6.73
CA TYR M 133 -67.32 13.25 7.40
C TYR M 133 -67.22 13.37 8.92
N THR M 134 -68.35 13.56 9.58
CA THR M 134 -68.39 13.66 11.03
C THR M 134 -68.88 12.35 11.63
N LEU M 135 -68.02 11.68 12.40
CA LEU M 135 -68.33 10.38 12.97
C LEU M 135 -69.40 10.40 14.05
N ASP M 136 -69.66 9.22 14.62
CA ASP M 136 -70.59 9.09 15.72
C ASP M 136 -69.97 9.74 16.95
N THR M 137 -70.81 10.32 17.80
CA THR M 137 -70.29 11.03 18.97
C THR M 137 -70.09 10.05 20.09
N LYS M 138 -68.96 10.16 20.79
CA LYS M 138 -68.69 9.21 21.84
C LYS M 138 -68.67 9.86 23.21
N LEU M 139 -68.90 9.04 24.22
CA LEU M 139 -69.06 9.53 25.57
C LEU M 139 -67.78 9.38 26.37
N TRP M 140 -67.65 10.21 27.41
CA TRP M 140 -66.44 10.25 28.24
C TRP M 140 -66.80 10.34 29.72
N GLU M 141 -66.73 9.21 30.42
CA GLU M 141 -66.98 9.22 31.85
C GLU M 141 -65.65 9.31 32.60
N LYS M 142 -65.71 9.36 33.93
CA LYS M 142 -64.49 9.46 34.73
C LYS M 142 -63.62 8.21 34.62
N SER M 143 -64.27 7.07 34.42
CA SER M 143 -63.57 5.80 34.39
C SER M 143 -63.15 5.45 32.96
N SER M 144 -63.22 6.44 32.08
CA SER M 144 -62.79 6.26 30.70
C SER M 144 -61.27 6.22 30.66
N LYS M 145 -60.73 5.46 29.70
CA LYS M 145 -59.30 5.23 29.66
C LYS M 145 -58.67 5.44 28.28
N GLY M 146 -59.35 6.16 27.39
CA GLY M 146 -58.76 6.53 26.13
C GLY M 146 -59.18 5.68 24.95
N TRP M 147 -59.12 6.26 23.76
CA TRP M 147 -59.55 5.53 22.57
C TRP M 147 -58.59 5.69 21.42
N TYR M 148 -58.66 4.76 20.48
CA TYR M 148 -57.79 4.76 19.31
C TYR M 148 -58.59 4.49 18.06
N TRP M 149 -58.08 4.95 16.92
CA TRP M 149 -58.66 4.60 15.64
C TRP M 149 -57.59 4.21 14.64
N LYS M 150 -58.00 3.48 13.60
CA LYS M 150 -57.15 3.23 12.44
C LYS M 150 -57.85 3.89 11.27
N PHE M 151 -57.12 4.50 10.34
CA PHE M 151 -57.77 5.39 9.39
C PHE M 151 -58.18 4.84 8.01
N PRO M 152 -57.35 4.02 7.35
CA PRO M 152 -57.88 3.56 6.05
C PRO M 152 -59.12 2.70 6.21
N ASP M 153 -59.14 1.88 7.25
CA ASP M 153 -60.29 1.04 7.55
C ASP M 153 -61.49 1.87 7.99
N VAL M 154 -61.31 2.79 8.94
CA VAL M 154 -62.43 3.44 9.64
C VAL M 154 -63.51 3.91 8.65
N LEU M 155 -63.08 4.19 7.42
CA LEU M 155 -63.99 4.45 6.33
C LEU M 155 -64.12 3.18 5.45
N THR M 156 -65.25 2.48 5.59
CA THR M 156 -65.54 1.27 4.81
C THR M 156 -66.95 1.27 4.26
N GLU M 157 -67.94 1.11 5.15
CA GLU M 157 -69.31 1.37 4.76
C GLU M 157 -69.59 2.84 5.09
N THR M 158 -68.51 3.59 5.26
CA THR M 158 -68.60 4.99 5.62
C THR M 158 -68.43 5.88 4.39
N GLY M 159 -69.52 6.50 3.94
CA GLY M 159 -69.44 7.45 2.85
C GLY M 159 -69.10 6.86 1.49
N VAL M 160 -69.10 7.73 0.48
CA VAL M 160 -68.71 7.37 -0.86
C VAL M 160 -67.19 7.09 -0.89
N PHE M 161 -66.53 7.36 0.24
CA PHE M 161 -65.14 6.99 0.43
C PHE M 161 -65.03 5.47 0.37
N GLY M 162 -65.91 4.80 1.11
CA GLY M 162 -65.89 3.36 1.16
C GLY M 162 -66.46 2.82 -0.14
N GLN M 163 -67.34 3.60 -0.75
CA GLN M 163 -67.89 3.24 -2.05
C GLN M 163 -66.80 3.40 -3.11
N ASN M 164 -65.70 4.03 -2.71
CA ASN M 164 -64.59 4.24 -3.62
C ASN M 164 -63.37 3.44 -3.16
N ALA M 165 -63.11 3.41 -1.86
CA ALA M 165 -61.90 2.76 -1.35
C ALA M 165 -62.01 1.24 -1.29
N GLN M 166 -63.23 0.73 -1.19
CA GLN M 166 -63.45 -0.71 -1.12
C GLN M 166 -63.29 -1.36 -2.49
N PHE M 167 -63.72 -0.63 -3.51
CA PHE M 167 -63.70 -1.15 -4.87
C PHE M 167 -62.38 -0.81 -5.57
N HIS M 168 -61.69 0.21 -5.07
CA HIS M 168 -60.46 0.69 -5.69
C HIS M 168 -59.23 -0.13 -5.30
N TYR M 169 -58.29 -0.23 -6.24
CA TYR M 169 -57.05 -0.97 -6.02
C TYR M 169 -56.07 -0.30 -5.05
N LEU M 170 -55.87 1.00 -5.19
CA LEU M 170 -54.87 1.71 -4.40
C LEU M 170 -55.35 3.07 -3.90
N TYR M 171 -54.74 3.52 -2.81
CA TYR M 171 -55.21 4.71 -2.09
C TYR M 171 -54.09 5.65 -1.64
N ARG M 172 -54.39 6.94 -1.58
CA ARG M 172 -53.51 7.92 -0.96
C ARG M 172 -54.24 9.24 -0.73
N SER M 173 -54.10 9.77 0.49
CA SER M 173 -54.74 11.02 0.85
C SER M 173 -54.19 11.53 2.19
N GLY M 174 -54.31 12.83 2.41
CA GLY M 174 -53.99 13.40 3.70
C GLY M 174 -55.31 13.65 4.40
N PHE M 175 -55.26 14.02 5.66
CA PHE M 175 -56.48 14.27 6.41
C PHE M 175 -56.43 15.56 7.19
N CYS M 176 -57.61 16.13 7.39
CA CYS M 176 -57.78 17.24 8.30
C CYS M 176 -58.82 16.77 9.29
N ILE M 177 -58.38 16.44 10.50
CA ILE M 177 -59.28 15.83 11.47
C ILE M 177 -59.47 16.81 12.63
N HIS M 178 -60.71 16.92 13.11
CA HIS M 178 -61.04 17.92 14.13
C HIS M 178 -61.50 17.16 15.33
N VAL M 179 -60.74 17.13 16.41
CA VAL M 179 -61.34 16.50 17.58
C VAL M 179 -61.99 17.58 18.44
N GLN M 180 -63.31 17.49 18.60
CA GLN M 180 -64.05 18.53 19.30
C GLN M 180 -64.89 18.01 20.47
N CYS M 181 -64.74 18.65 21.62
CA CYS M 181 -65.56 18.30 22.78
C CYS M 181 -66.35 19.51 23.27
N ASN M 182 -67.62 19.28 23.58
CA ASN M 182 -68.48 20.34 24.06
C ASN M 182 -68.76 20.19 25.55
N ALA M 183 -68.30 21.14 26.35
CA ALA M 183 -68.55 21.07 27.78
C ALA M 183 -68.76 22.44 28.38
N SER M 184 -69.21 22.45 29.63
CA SER M 184 -69.42 23.69 30.34
C SER M 184 -68.07 24.11 30.91
N LYS M 185 -67.98 25.33 31.40
CA LYS M 185 -66.75 25.78 32.04
C LYS M 185 -66.74 25.29 33.49
N PHE M 186 -67.67 24.41 33.81
CA PHE M 186 -67.75 23.80 35.12
C PHE M 186 -67.19 22.39 35.11
N HIS M 187 -66.99 21.84 33.92
CA HIS M 187 -66.35 20.54 33.82
C HIS M 187 -64.86 20.80 33.64
N GLN M 188 -64.04 19.92 34.19
CA GLN M 188 -62.60 20.06 34.05
C GLN M 188 -61.96 18.71 33.76
N GLY M 189 -60.91 18.71 32.94
CA GLY M 189 -60.26 17.48 32.54
C GLY M 189 -59.15 17.79 31.56
N ALA M 190 -58.51 16.75 31.03
CA ALA M 190 -57.38 16.95 30.12
C ALA M 190 -57.28 15.84 29.10
N LEU M 191 -57.36 16.22 27.82
CA LEU M 191 -57.26 15.27 26.72
C LEU M 191 -55.96 15.47 25.95
N LEU M 192 -55.45 14.38 25.38
CA LEU M 192 -54.31 14.46 24.48
C LEU M 192 -54.67 13.83 23.16
N VAL M 193 -55.10 14.63 22.20
CA VAL M 193 -55.31 14.11 20.87
C VAL M 193 -53.96 14.03 20.20
N ALA M 194 -53.57 12.82 19.83
CA ALA M 194 -52.27 12.63 19.23
C ALA M 194 -52.41 11.63 18.11
N VAL M 195 -51.50 11.72 17.15
CA VAL M 195 -51.56 10.90 15.97
C VAL M 195 -50.27 10.13 15.84
N LEU M 196 -50.38 8.83 15.56
CA LEU M 196 -49.22 7.97 15.46
C LEU M 196 -49.37 7.12 14.22
N PRO M 197 -48.38 7.19 13.32
CA PRO M 197 -48.34 6.49 12.03
C PRO M 197 -48.70 5.02 12.15
N GLU M 198 -47.72 4.19 12.46
CA GLU M 198 -47.96 2.75 12.45
C GLU M 198 -48.34 2.27 13.85
N TYR M 199 -49.62 1.91 14.02
CA TYR M 199 -50.15 1.58 15.33
C TYR M 199 -50.40 0.10 15.53
N VAL M 200 -49.41 -0.59 16.11
CA VAL M 200 -49.54 -2.02 16.40
C VAL M 200 -49.91 -2.22 17.87
N ILE M 201 -51.18 -2.55 18.13
CA ILE M 201 -51.71 -2.45 19.48
C ILE M 201 -51.62 -3.73 20.29
N GLY M 202 -50.79 -4.67 19.85
CA GLY M 202 -50.52 -5.83 20.67
C GLY M 202 -51.12 -7.10 20.08
N THR M 203 -51.73 -7.92 20.92
CA THR M 203 -51.77 -7.71 22.37
C THR M 203 -51.60 -9.05 23.06
N VAL M 204 -51.68 -9.10 24.39
CA VAL M 204 -51.55 -10.36 25.10
C VAL M 204 -52.78 -10.61 25.97
N ALA M 205 -52.91 -11.84 26.48
CA ALA M 205 -54.04 -12.22 27.30
C ALA M 205 -53.54 -12.56 28.71
N GLY M 206 -54.03 -13.67 29.26
CA GLY M 206 -53.58 -14.12 30.57
C GLY M 206 -52.23 -14.82 30.64
N GLY M 207 -52.23 -16.13 30.47
CA GLY M 207 -51.02 -16.92 30.59
C GLY M 207 -51.03 -18.23 29.83
N THR M 208 -50.94 -19.34 30.56
CA THR M 208 -50.93 -20.66 29.93
C THR M 208 -51.99 -21.63 30.48
N GLY M 209 -53.10 -21.11 30.99
CA GLY M 209 -54.14 -21.96 31.53
C GLY M 209 -54.99 -22.62 30.46
N THR M 210 -55.53 -21.81 29.56
CA THR M 210 -56.37 -22.31 28.46
C THR M 210 -55.79 -21.94 27.09
N GLU M 211 -55.40 -20.67 26.97
CA GLU M 211 -54.79 -20.14 25.76
C GLU M 211 -53.54 -19.35 26.11
N ASP M 212 -52.64 -19.21 25.15
CA ASP M 212 -51.35 -18.59 25.40
C ASP M 212 -51.35 -17.15 24.91
N SER M 213 -52.23 -16.82 23.97
CA SER M 213 -52.35 -15.44 23.50
C SER M 213 -53.83 -15.06 23.43
N HIS M 214 -54.22 -14.44 22.30
CA HIS M 214 -55.54 -13.84 22.05
C HIS M 214 -55.42 -12.63 21.12
N PRO M 215 -55.11 -12.84 19.83
CA PRO M 215 -55.20 -11.69 18.93
C PRO M 215 -56.62 -11.46 18.38
N PRO M 216 -57.04 -10.19 18.27
CA PRO M 216 -58.39 -9.87 17.80
C PRO M 216 -58.49 -9.78 16.26
N TYR M 217 -59.59 -10.29 15.70
CA TYR M 217 -59.88 -10.13 14.28
C TYR M 217 -60.33 -8.70 13.99
N LYS M 218 -61.08 -8.15 14.94
CA LYS M 218 -61.73 -6.85 14.78
C LYS M 218 -60.80 -5.74 15.25
N GLN M 219 -59.54 -6.09 15.50
CA GLN M 219 -58.51 -5.12 15.82
C GLN M 219 -58.38 -4.13 14.68
N THR M 220 -58.26 -4.66 13.47
CA THR M 220 -58.29 -3.83 12.29
C THR M 220 -59.76 -3.74 11.93
N GLN M 221 -60.09 -2.91 10.95
CA GLN M 221 -61.47 -2.55 10.69
C GLN M 221 -62.21 -2.08 11.94
N PRO M 222 -61.61 -1.18 12.75
CA PRO M 222 -62.50 -0.66 13.79
C PRO M 222 -63.47 0.33 13.19
N GLY M 223 -64.76 0.15 13.43
CA GLY M 223 -65.74 1.08 12.92
C GLY M 223 -65.54 2.42 13.59
N ALA M 224 -66.27 3.44 13.12
CA ALA M 224 -66.15 4.77 13.69
C ALA M 224 -66.37 4.76 15.19
N ASP M 225 -67.31 3.92 15.63
CA ASP M 225 -67.63 3.80 17.04
C ASP M 225 -66.43 3.35 17.88
N GLY M 226 -65.77 2.28 17.44
CA GLY M 226 -64.66 1.70 18.16
C GLY M 226 -63.32 2.33 17.83
N PHE M 227 -62.31 2.11 18.68
CA PHE M 227 -62.42 1.29 19.88
C PHE M 227 -61.70 1.84 21.11
N GLU M 228 -62.17 1.40 22.27
CA GLU M 228 -61.61 1.71 23.59
C GLU M 228 -60.28 1.03 23.83
N LEU M 229 -59.41 1.66 24.62
CA LEU M 229 -58.18 1.02 25.07
C LEU M 229 -58.48 0.05 26.22
N GLN M 230 -57.43 -0.59 26.73
CA GLN M 230 -57.55 -1.49 27.87
C GLN M 230 -56.55 -1.09 28.95
N HIS M 231 -55.33 -0.85 28.52
CA HIS M 231 -54.27 -0.37 29.40
C HIS M 231 -53.59 0.80 28.70
N PRO M 232 -54.13 2.01 28.93
CA PRO M 232 -53.79 3.27 28.26
C PRO M 232 -52.36 3.72 28.43
N TYR M 233 -51.71 3.33 29.52
CA TYR M 233 -50.38 3.83 29.81
C TYR M 233 -49.36 3.45 28.74
N VAL M 234 -49.59 2.33 28.07
CA VAL M 234 -48.64 1.86 27.06
C VAL M 234 -49.23 1.81 25.64
N LEU M 235 -50.42 2.37 25.45
CA LEU M 235 -51.11 2.37 24.16
C LEU M 235 -51.36 0.94 23.71
N ASP M 236 -51.43 0.04 24.67
CA ASP M 236 -51.52 -1.40 24.44
C ASP M 236 -50.39 -1.91 23.53
N ALA M 237 -49.29 -1.17 23.47
CA ALA M 237 -48.21 -1.49 22.55
C ALA M 237 -46.86 -1.53 23.26
N GLY M 238 -46.89 -1.41 24.58
CA GLY M 238 -45.68 -1.43 25.38
C GLY M 238 -44.88 -0.16 25.18
N ILE M 239 -45.59 0.94 25.00
CA ILE M 239 -44.95 2.23 24.71
C ILE M 239 -45.67 3.36 25.45
N PRO M 240 -44.93 4.15 26.25
CA PRO M 240 -45.56 5.12 27.16
C PRO M 240 -46.06 6.39 26.47
N ILE M 241 -47.30 6.78 26.77
CA ILE M 241 -47.83 8.08 26.35
C ILE M 241 -46.97 9.25 26.82
N SER M 242 -46.23 9.01 27.90
CA SER M 242 -45.32 10.01 28.46
C SER M 242 -44.45 10.70 27.40
N GLN M 243 -44.23 10.00 26.29
CA GLN M 243 -43.40 10.51 25.20
C GLN M 243 -44.19 10.56 23.90
N LEU M 244 -45.52 10.43 23.97
CA LEU M 244 -46.35 10.43 22.77
C LEU M 244 -46.30 11.77 22.04
N THR M 245 -46.04 12.84 22.78
CA THR M 245 -46.01 14.18 22.19
C THR M 245 -44.93 14.33 21.13
N VAL M 246 -44.04 13.34 21.02
CA VAL M 246 -42.99 13.37 20.01
C VAL M 246 -43.62 13.24 18.62
N CYS M 247 -44.83 12.68 18.59
CA CYS M 247 -45.63 12.63 17.37
C CYS M 247 -46.55 13.84 17.37
N PRO M 248 -47.09 14.20 16.19
CA PRO M 248 -48.04 15.31 16.12
C PRO M 248 -49.20 15.17 17.10
N HIS M 249 -49.30 16.12 18.02
CA HIS M 249 -50.31 16.06 19.07
C HIS M 249 -50.98 17.43 19.19
N GLN M 250 -51.98 17.51 20.06
CA GLN M 250 -52.62 18.78 20.34
C GLN M 250 -53.41 18.57 21.62
N TRP M 251 -53.37 19.55 22.53
CA TRP M 251 -54.01 19.38 23.83
C TRP M 251 -55.42 19.90 23.85
N ILE M 252 -56.28 19.25 24.63
CA ILE M 252 -57.60 19.78 24.90
C ILE M 252 -57.74 19.94 26.42
N ASN M 253 -57.50 21.15 26.89
CA ASN M 253 -57.66 21.45 28.29
C ASN M 253 -58.93 22.27 28.42
N LEU M 254 -59.90 21.76 29.18
CA LEU M 254 -61.20 22.42 29.28
C LEU M 254 -61.08 23.74 30.02
N ARG M 255 -59.89 23.99 30.58
CA ARG M 255 -59.53 25.31 31.08
C ARG M 255 -59.39 26.27 29.90
N THR M 256 -58.80 25.76 28.82
CA THR M 256 -58.48 26.57 27.66
C THR M 256 -59.29 26.17 26.44
N ASN M 257 -58.81 25.18 25.70
CA ASN M 257 -59.43 24.82 24.43
C ASN M 257 -60.49 23.71 24.55
N ASN M 258 -61.63 23.93 23.91
CA ASN M 258 -62.65 22.89 23.80
C ASN M 258 -62.60 22.25 22.42
N CYS M 259 -61.77 22.80 21.55
CA CYS M 259 -61.65 22.34 20.17
C CYS M 259 -60.19 22.09 19.84
N ALA M 260 -59.92 21.05 19.06
CA ALA M 260 -58.57 20.78 18.58
C ALA M 260 -58.62 20.24 17.17
N THR M 261 -57.68 20.68 16.34
CA THR M 261 -57.64 20.30 14.94
C THR M 261 -56.23 19.97 14.50
N ILE M 262 -56.04 18.80 13.92
CA ILE M 262 -54.71 18.39 13.48
C ILE M 262 -54.76 17.78 12.08
N ILE M 263 -53.80 18.17 11.24
CA ILE M 263 -53.77 17.73 9.86
C ILE M 263 -52.56 16.84 9.61
N VAL M 264 -52.79 15.69 8.97
CA VAL M 264 -51.74 14.74 8.67
C VAL M 264 -51.67 14.38 7.20
N PRO M 265 -50.46 14.28 6.64
CA PRO M 265 -50.28 13.83 5.26
C PRO M 265 -50.16 12.31 5.16
N TYR M 266 -49.89 11.82 3.96
CA TYR M 266 -49.68 10.39 3.76
C TYR M 266 -48.25 10.07 4.18
N ILE M 267 -48.05 8.89 4.76
CA ILE M 267 -46.76 8.54 5.37
C ILE M 267 -46.46 7.06 5.20
N ASN M 268 -45.69 6.72 4.18
CA ASN M 268 -45.39 5.32 3.91
C ASN M 268 -44.16 5.16 3.01
N ALA M 269 -43.54 3.99 3.07
CA ALA M 269 -42.38 3.70 2.25
C ALA M 269 -42.79 3.67 0.78
N LEU M 270 -43.98 3.13 0.53
CA LEU M 270 -44.53 3.09 -0.81
C LEU M 270 -45.46 4.28 -1.02
N PRO M 271 -45.46 4.85 -2.22
CA PRO M 271 -46.33 5.99 -2.55
C PRO M 271 -47.80 5.58 -2.70
N PHE M 272 -48.02 4.28 -2.90
CA PHE M 272 -49.37 3.74 -3.01
C PHE M 272 -49.47 2.39 -2.32
N ASP M 273 -50.24 2.33 -1.24
CA ASP M 273 -50.53 1.06 -0.60
C ASP M 273 -52.01 0.75 -0.75
N SER M 274 -52.45 -0.37 -0.20
CA SER M 274 -53.87 -0.72 -0.25
C SER M 274 -54.53 -0.17 1.02
N ALA M 275 -55.85 -0.11 1.01
CA ALA M 275 -56.57 0.52 2.10
C ALA M 275 -56.90 -0.55 3.13
N LEU M 276 -57.94 -1.33 2.83
CA LEU M 276 -58.46 -2.33 3.74
C LEU M 276 -57.41 -3.39 4.08
N ASN M 277 -56.39 -3.52 3.24
CA ASN M 277 -55.34 -4.50 3.46
C ASN M 277 -54.28 -4.04 4.46
N HIS M 278 -54.00 -2.75 4.47
CA HIS M 278 -53.02 -2.19 5.41
C HIS M 278 -53.56 -0.90 6.02
N CYS M 279 -53.75 -0.89 7.34
CA CYS M 279 -54.21 0.32 8.01
C CYS M 279 -52.99 1.18 8.26
N ASN M 280 -52.70 2.07 7.30
CA ASN M 280 -51.47 2.84 7.28
C ASN M 280 -51.22 3.78 8.47
N PHE M 281 -52.23 3.98 9.32
CA PHE M 281 -52.20 5.18 10.15
C PHE M 281 -53.14 5.11 11.36
N GLY M 282 -52.73 5.71 12.48
CA GLY M 282 -53.50 5.65 13.71
C GLY M 282 -53.68 6.94 14.49
N LEU M 283 -54.88 7.13 15.04
CA LEU M 283 -55.23 8.30 15.84
C LEU M 283 -55.58 7.94 17.30
N LEU M 284 -55.04 8.67 18.26
CA LEU M 284 -55.36 8.43 19.67
C LEU M 284 -55.98 9.64 20.37
N VAL M 285 -56.96 9.36 21.22
CA VAL M 285 -57.60 10.36 22.07
C VAL M 285 -57.54 9.90 23.52
N VAL M 286 -56.51 10.36 24.24
CA VAL M 286 -56.27 9.89 25.59
C VAL M 286 -56.53 10.98 26.61
N PRO M 287 -57.35 10.67 27.63
CA PRO M 287 -57.55 11.59 28.75
C PRO M 287 -56.34 11.50 29.68
N ILE M 288 -55.87 12.63 30.20
CA ILE M 288 -54.79 12.58 31.19
C ILE M 288 -55.32 12.97 32.56
N SER M 289 -56.03 14.09 32.64
CA SER M 289 -56.77 14.42 33.85
C SER M 289 -58.21 13.96 33.60
N PRO M 290 -58.59 12.83 34.21
CA PRO M 290 -59.74 12.00 33.82
C PRO M 290 -61.11 12.64 34.06
N LEU M 291 -61.19 13.97 33.97
CA LEU M 291 -62.45 14.72 34.08
C LEU M 291 -62.98 14.69 35.50
N ASP M 292 -63.55 15.80 35.95
CA ASP M 292 -64.17 15.82 37.27
C ASP M 292 -65.28 16.86 37.38
N TYR M 293 -66.44 16.41 37.82
CA TYR M 293 -67.57 17.26 38.13
C TYR M 293 -67.89 17.09 39.61
N ASP M 294 -68.85 17.85 40.12
CA ASP M 294 -69.22 17.76 41.53
C ASP M 294 -70.65 17.26 41.71
N GLN M 295 -71.14 16.55 40.69
CA GLN M 295 -72.48 15.94 40.71
C GLN M 295 -73.51 17.06 40.54
N GLY M 296 -74.55 16.80 39.76
CA GLY M 296 -75.48 17.85 39.39
C GLY M 296 -75.05 18.41 38.05
N ALA M 297 -73.94 17.86 37.55
CA ALA M 297 -73.44 18.21 36.23
C ALA M 297 -73.45 16.94 35.39
N THR M 298 -73.81 17.08 34.12
CA THR M 298 -73.93 15.93 33.23
C THR M 298 -72.63 15.12 33.22
N PRO M 299 -72.72 13.86 33.68
CA PRO M 299 -71.52 13.05 33.91
C PRO M 299 -70.86 12.55 32.62
N VAL M 300 -71.56 12.72 31.51
CA VAL M 300 -71.04 12.32 30.22
C VAL M 300 -70.60 13.55 29.42
N ILE M 301 -69.36 13.55 28.94
CA ILE M 301 -68.89 14.64 28.08
C ILE M 301 -68.50 14.13 26.71
N PRO M 302 -69.16 14.68 25.68
CA PRO M 302 -69.05 14.33 24.26
C PRO M 302 -67.74 14.81 23.65
N ILE M 303 -66.99 13.90 23.03
CA ILE M 303 -65.88 14.32 22.20
C ILE M 303 -66.22 13.98 20.75
N THR M 304 -66.83 14.93 20.06
CA THR M 304 -67.28 14.69 18.68
C THR M 304 -66.12 14.84 17.72
N ILE M 305 -65.88 13.81 16.91
CA ILE M 305 -64.79 13.80 15.96
C ILE M 305 -65.26 14.12 14.54
N THR M 306 -64.49 14.95 13.84
CA THR M 306 -64.80 15.34 12.47
C THR M 306 -63.57 15.20 11.60
N LEU M 307 -63.72 14.52 10.47
CA LEU M 307 -62.60 14.22 9.58
C LEU M 307 -62.79 14.90 8.23
N ALA M 308 -61.68 15.30 7.61
CA ALA M 308 -61.72 15.92 6.29
C ALA M 308 -60.48 15.54 5.50
N PRO M 309 -60.63 14.54 4.62
CA PRO M 309 -59.50 14.06 3.81
C PRO M 309 -59.20 14.98 2.62
N MET M 310 -58.02 15.58 2.63
CA MET M 310 -57.58 16.43 1.53
C MET M 310 -56.65 15.68 0.59
N CYS M 311 -56.54 16.18 -0.63
CA CYS M 311 -55.62 15.65 -1.62
C CYS M 311 -55.74 14.14 -1.77
N SER M 312 -56.95 13.67 -2.02
CA SER M 312 -57.17 12.25 -2.26
C SER M 312 -56.46 11.82 -3.53
N GLU M 313 -56.50 10.53 -3.84
CA GLU M 313 -55.88 10.06 -5.05
C GLU M 313 -56.61 8.82 -5.53
N PHE M 314 -57.49 9.00 -6.52
CA PHE M 314 -58.28 7.88 -7.03
C PHE M 314 -58.65 8.01 -8.50
N ALA M 315 -59.44 7.05 -8.97
CA ALA M 315 -59.90 7.03 -10.35
C ALA M 315 -61.18 6.20 -10.52
N GLY M 316 -61.14 4.95 -10.05
CA GLY M 316 -62.30 4.09 -10.20
C GLY M 316 -61.95 2.68 -10.62
N LEU M 317 -62.83 1.73 -10.32
CA LEU M 317 -62.61 0.35 -10.73
C LEU M 317 -63.99 -0.20 -11.11
N ARG M 318 -64.30 -1.46 -10.82
CA ARG M 318 -65.55 -2.02 -11.32
C ARG M 318 -66.56 -2.34 -10.21
N GLN M 319 -67.66 -2.98 -10.58
CA GLN M 319 -68.77 -3.21 -9.66
C GLN M 319 -69.79 -4.17 -10.27
N LEU N 85 -37.87 -1.35 -56.44
CA LEU N 85 -36.85 -2.34 -56.75
C LEU N 85 -36.81 -2.64 -58.24
N THR N 86 -35.82 -2.06 -58.93
CA THR N 86 -35.63 -2.36 -60.34
C THR N 86 -34.33 -3.14 -60.47
N ILE N 87 -34.21 -4.16 -59.61
CA ILE N 87 -33.02 -4.99 -59.59
C ILE N 87 -33.45 -6.45 -59.67
N GLY N 88 -33.41 -7.00 -60.87
CA GLY N 88 -33.74 -8.39 -61.08
C GLY N 88 -34.59 -8.61 -62.33
N ASN N 89 -35.20 -9.78 -62.42
CA ASN N 89 -36.05 -10.11 -63.56
C ASN N 89 -37.51 -9.75 -63.34
N SER N 90 -38.31 -10.75 -63.00
CA SER N 90 -39.74 -10.56 -62.83
C SER N 90 -40.18 -10.58 -61.39
N THR N 91 -41.09 -9.67 -61.07
CA THR N 91 -41.61 -9.53 -59.72
C THR N 91 -42.95 -10.25 -59.60
N ILE N 92 -43.62 -9.98 -58.49
CA ILE N 92 -45.01 -10.38 -58.29
C ILE N 92 -45.70 -9.10 -57.85
N THR N 93 -46.75 -8.71 -58.58
CA THR N 93 -47.28 -7.38 -58.39
C THR N 93 -48.02 -7.23 -57.06
N THR N 94 -47.77 -6.08 -56.46
CA THR N 94 -48.34 -5.75 -55.19
C THR N 94 -48.70 -4.30 -55.29
N GLN N 95 -49.55 -3.89 -54.36
CA GLN N 95 -49.95 -2.51 -54.15
C GLN N 95 -48.89 -1.92 -53.22
N GLU N 96 -47.84 -2.74 -53.08
CA GLU N 96 -46.66 -2.53 -52.24
C GLU N 96 -47.03 -2.18 -50.82
N ALA N 97 -47.82 -3.03 -50.18
CA ALA N 97 -48.06 -2.85 -48.75
C ALA N 97 -46.75 -3.00 -47.96
N ALA N 98 -46.72 -2.39 -46.77
CA ALA N 98 -45.52 -2.37 -45.94
C ALA N 98 -45.24 -3.65 -45.17
N ASN N 99 -45.14 -4.78 -45.86
CA ASN N 99 -44.82 -6.03 -45.18
C ASN N 99 -43.31 -6.19 -45.01
N ILE N 100 -42.59 -5.12 -45.34
CA ILE N 100 -41.14 -5.10 -45.31
C ILE N 100 -40.66 -4.86 -43.87
N ILE N 101 -39.67 -5.64 -43.44
CA ILE N 101 -39.14 -5.57 -42.09
C ILE N 101 -37.71 -6.06 -42.13
N VAL N 102 -36.79 -5.22 -41.65
CA VAL N 102 -35.37 -5.47 -41.81
C VAL N 102 -34.73 -6.12 -40.59
N GLY N 103 -33.74 -6.96 -40.85
CA GLY N 103 -32.99 -7.62 -39.79
C GLY N 103 -32.27 -6.64 -38.89
N TYR N 104 -32.76 -6.51 -37.66
CA TYR N 104 -32.07 -5.78 -36.59
C TYR N 104 -31.91 -4.28 -36.84
N GLY N 105 -32.45 -3.80 -37.96
CA GLY N 105 -32.53 -2.37 -38.19
C GLY N 105 -31.45 -1.82 -39.11
N GLU N 106 -30.60 -2.69 -39.65
CA GLU N 106 -29.57 -2.22 -40.56
C GLU N 106 -29.54 -3.02 -41.87
N TRP N 107 -29.52 -2.27 -42.96
CA TRP N 107 -29.44 -2.80 -44.32
C TRP N 107 -28.18 -3.62 -44.58
N PRO N 108 -28.25 -4.55 -45.54
CA PRO N 108 -27.05 -5.30 -45.94
C PRO N 108 -26.01 -4.35 -46.52
N SER N 109 -24.79 -4.38 -46.00
CA SER N 109 -23.76 -3.47 -46.48
C SER N 109 -22.66 -4.13 -47.30
N TYR N 110 -21.80 -3.29 -47.86
CA TYR N 110 -20.62 -3.76 -48.57
C TYR N 110 -19.42 -3.85 -47.64
N CYS N 111 -18.23 -3.93 -48.23
CA CYS N 111 -16.99 -4.00 -47.47
C CYS N 111 -16.28 -2.64 -47.40
N SER N 112 -15.80 -2.30 -46.21
CA SER N 112 -15.03 -1.07 -45.99
C SER N 112 -13.55 -1.37 -46.25
N ASP N 113 -13.03 -0.89 -47.37
CA ASP N 113 -11.68 -1.26 -47.79
C ASP N 113 -10.78 -0.07 -48.12
N SER N 114 -10.39 0.67 -47.08
CA SER N 114 -9.27 1.59 -47.19
C SER N 114 -8.27 1.19 -46.11
N ASP N 115 -8.20 -0.11 -45.86
CA ASP N 115 -7.24 -0.67 -44.91
C ASP N 115 -6.43 -1.78 -45.58
N ALA N 116 -6.36 -2.95 -44.95
CA ALA N 116 -5.65 -4.10 -45.48
C ALA N 116 -6.44 -5.40 -45.30
N THR N 117 -7.68 -5.41 -45.80
CA THR N 117 -8.52 -6.60 -45.71
C THR N 117 -8.33 -7.53 -46.91
N ALA N 118 -8.03 -6.94 -48.07
CA ALA N 118 -7.77 -7.70 -49.28
C ALA N 118 -6.95 -6.88 -50.26
N VAL N 119 -5.84 -7.44 -50.72
CA VAL N 119 -4.98 -6.73 -51.66
C VAL N 119 -5.67 -6.72 -53.03
N ASP N 120 -6.49 -7.74 -53.28
CA ASP N 120 -7.37 -7.70 -54.43
C ASP N 120 -8.51 -6.74 -54.14
N LYS N 121 -8.87 -5.92 -55.12
CA LYS N 121 -9.93 -4.94 -54.93
C LYS N 121 -11.13 -5.32 -55.78
N PRO N 122 -12.21 -5.78 -55.14
CA PRO N 122 -13.48 -6.17 -55.76
C PRO N 122 -14.20 -5.07 -56.55
N THR N 123 -14.71 -5.44 -57.73
CA THR N 123 -15.40 -4.50 -58.62
C THR N 123 -16.80 -5.06 -58.93
N ARG N 124 -17.85 -4.25 -58.77
CA ARG N 124 -19.22 -4.77 -58.89
C ARG N 124 -20.36 -3.77 -59.15
N PRO N 125 -21.07 -3.94 -60.28
CA PRO N 125 -22.34 -3.30 -60.62
C PRO N 125 -23.54 -3.73 -59.76
N ASP N 126 -24.64 -2.96 -59.82
CA ASP N 126 -25.82 -3.19 -58.98
C ASP N 126 -26.82 -4.24 -59.48
N VAL N 127 -26.73 -4.64 -60.75
CA VAL N 127 -27.77 -5.47 -61.36
C VAL N 127 -27.21 -6.78 -61.98
N SER N 128 -25.91 -6.99 -61.83
CA SER N 128 -25.25 -8.18 -62.37
C SER N 128 -25.85 -9.56 -62.04
N VAL N 129 -25.98 -9.89 -60.76
CA VAL N 129 -26.31 -11.26 -60.36
C VAL N 129 -27.62 -11.35 -59.57
N ASN N 130 -28.31 -10.22 -59.41
CA ASN N 130 -29.51 -10.18 -58.60
C ASN N 130 -30.81 -10.63 -59.30
N ARG N 131 -30.75 -11.77 -59.99
CA ARG N 131 -31.96 -12.34 -60.57
C ARG N 131 -32.87 -12.85 -59.45
N PHE N 132 -34.18 -12.84 -59.69
CA PHE N 132 -35.14 -13.37 -58.73
C PHE N 132 -35.23 -14.89 -58.75
N TYR N 133 -34.44 -15.54 -57.89
CA TYR N 133 -34.45 -16.99 -57.81
C TYR N 133 -35.67 -17.47 -57.03
N THR N 134 -36.64 -18.06 -57.72
CA THR N 134 -37.81 -18.62 -57.05
C THR N 134 -37.67 -20.13 -56.98
N LEU N 135 -37.57 -20.66 -55.77
CA LEU N 135 -37.40 -22.10 -55.56
C LEU N 135 -38.67 -22.84 -55.93
N ASP N 136 -38.68 -24.16 -55.75
CA ASP N 136 -39.90 -24.91 -56.03
C ASP N 136 -40.95 -24.58 -54.96
N THR N 137 -42.20 -24.55 -55.36
CA THR N 137 -43.28 -24.22 -54.45
C THR N 137 -43.71 -25.51 -53.77
N LYS N 138 -43.94 -25.47 -52.46
CA LYS N 138 -44.28 -26.70 -51.76
C LYS N 138 -45.70 -26.66 -51.21
N LEU N 139 -46.22 -27.83 -50.88
CA LEU N 139 -47.62 -27.97 -50.54
C LEU N 139 -47.83 -27.86 -49.03
N TRP N 140 -49.04 -27.48 -48.63
CA TRP N 140 -49.36 -27.27 -47.23
C TRP N 140 -50.71 -27.88 -46.87
N GLU N 141 -50.68 -29.05 -46.23
CA GLU N 141 -51.89 -29.73 -45.79
C GLU N 141 -52.17 -29.48 -44.30
N LYS N 142 -53.26 -30.04 -43.80
CA LYS N 142 -53.66 -29.88 -42.40
C LYS N 142 -52.64 -30.52 -41.45
N SER N 143 -52.02 -31.59 -41.91
CA SER N 143 -51.08 -32.33 -41.09
C SER N 143 -49.68 -31.79 -41.27
N SER N 144 -49.57 -30.62 -41.88
CA SER N 144 -48.27 -30.00 -42.07
C SER N 144 -47.76 -29.49 -40.73
N LYS N 145 -46.45 -29.55 -40.55
CA LYS N 145 -45.83 -29.22 -39.30
C LYS N 145 -44.61 -28.32 -39.49
N GLY N 146 -44.51 -27.72 -40.67
CA GLY N 146 -43.49 -26.70 -40.92
C GLY N 146 -42.27 -27.16 -41.68
N TRP N 147 -41.61 -26.23 -42.37
CA TRP N 147 -40.41 -26.54 -43.12
C TRP N 147 -39.35 -25.47 -42.92
N TYR N 148 -38.08 -25.83 -43.15
CA TYR N 148 -36.96 -24.92 -42.97
C TYR N 148 -35.96 -24.97 -44.12
N TRP N 149 -35.20 -23.90 -44.29
CA TRP N 149 -34.09 -23.88 -45.26
C TRP N 149 -32.81 -23.31 -44.68
N LYS N 150 -31.68 -23.62 -45.32
CA LYS N 150 -30.43 -22.93 -45.03
C LYS N 150 -29.99 -22.22 -46.29
N PHE N 151 -29.47 -21.00 -46.13
CA PHE N 151 -29.28 -20.10 -47.27
C PHE N 151 -27.91 -20.02 -47.97
N PRO N 152 -26.81 -20.03 -47.20
CA PRO N 152 -25.55 -19.93 -47.95
C PRO N 152 -25.40 -21.11 -48.89
N ASP N 153 -25.91 -22.26 -48.47
CA ASP N 153 -25.93 -23.44 -49.31
C ASP N 153 -26.84 -23.44 -50.54
N VAL N 154 -28.13 -23.16 -50.32
CA VAL N 154 -29.20 -23.56 -51.24
C VAL N 154 -28.89 -23.35 -52.73
N LEU N 155 -28.04 -22.38 -53.03
CA LEU N 155 -27.52 -22.23 -54.38
C LEU N 155 -26.12 -22.85 -54.47
N THR N 156 -26.04 -24.00 -55.14
CA THR N 156 -24.78 -24.71 -55.34
C THR N 156 -24.64 -25.06 -56.80
N GLU N 157 -25.42 -26.04 -57.24
CA GLU N 157 -25.62 -26.26 -58.67
C GLU N 157 -26.90 -25.55 -59.10
N THR N 158 -27.38 -24.67 -58.22
CA THR N 158 -28.64 -23.94 -58.43
C THR N 158 -28.39 -22.51 -58.88
N GLY N 159 -28.72 -22.21 -60.14
CA GLY N 159 -28.60 -20.86 -60.67
C GLY N 159 -27.14 -20.45 -60.85
N VAL N 160 -26.91 -19.33 -61.51
CA VAL N 160 -25.55 -18.83 -61.72
C VAL N 160 -24.92 -18.31 -60.43
N PHE N 161 -25.74 -18.14 -59.40
CA PHE N 161 -25.22 -17.75 -58.09
C PHE N 161 -24.40 -18.87 -57.46
N GLY N 162 -24.93 -20.08 -57.50
CA GLY N 162 -24.27 -21.21 -56.88
C GLY N 162 -23.05 -21.67 -57.65
N GLN N 163 -23.07 -21.48 -58.97
CA GLN N 163 -21.93 -21.83 -59.80
C GLN N 163 -20.77 -20.87 -59.58
N ASN N 164 -21.02 -19.84 -58.78
CA ASN N 164 -20.04 -18.80 -58.55
C ASN N 164 -19.48 -18.89 -57.13
N ALA N 165 -20.34 -19.20 -56.16
CA ALA N 165 -19.90 -19.26 -54.78
C ALA N 165 -19.18 -20.59 -54.56
N GLN N 166 -19.51 -21.56 -55.40
CA GLN N 166 -18.91 -22.89 -55.34
C GLN N 166 -17.50 -22.85 -55.90
N PHE N 167 -17.29 -22.00 -56.90
CA PHE N 167 -15.98 -21.91 -57.53
C PHE N 167 -15.10 -20.91 -56.79
N HIS N 168 -15.72 -19.98 -56.09
CA HIS N 168 -14.98 -19.00 -55.32
C HIS N 168 -14.58 -19.59 -53.98
N TYR N 169 -13.42 -19.21 -53.49
CA TYR N 169 -12.91 -19.69 -52.21
C TYR N 169 -13.72 -19.13 -51.03
N LEU N 170 -14.07 -17.86 -51.08
CA LEU N 170 -14.74 -17.22 -49.95
C LEU N 170 -15.95 -16.39 -50.38
N TYR N 171 -16.87 -16.22 -49.43
CA TYR N 171 -18.20 -15.67 -49.69
C TYR N 171 -18.71 -14.62 -48.69
N ARG N 172 -19.55 -13.71 -49.19
CA ARG N 172 -20.30 -12.76 -48.37
C ARG N 172 -21.42 -12.12 -49.17
N SER N 173 -22.60 -12.04 -48.57
CA SER N 173 -23.78 -11.45 -49.23
C SER N 173 -24.93 -11.23 -48.25
N GLY N 174 -25.80 -10.27 -48.58
CA GLY N 174 -27.04 -10.09 -47.84
C GLY N 174 -28.16 -10.68 -48.67
N PHE N 175 -29.36 -10.80 -48.10
CA PHE N 175 -30.46 -11.37 -48.85
C PHE N 175 -31.76 -10.59 -48.66
N CYS N 176 -32.61 -10.61 -49.67
CA CYS N 176 -33.97 -10.10 -49.57
C CYS N 176 -34.94 -11.19 -50.01
N ILE N 177 -35.65 -11.78 -49.06
CA ILE N 177 -36.50 -12.90 -49.41
C ILE N 177 -37.97 -12.58 -49.18
N HIS N 178 -38.78 -13.02 -50.15
CA HIS N 178 -40.20 -12.71 -50.17
C HIS N 178 -40.96 -14.02 -50.20
N VAL N 179 -41.53 -14.39 -49.05
CA VAL N 179 -42.32 -15.60 -48.98
C VAL N 179 -43.78 -15.27 -49.22
N GLN N 180 -44.33 -15.82 -50.30
CA GLN N 180 -45.69 -15.51 -50.71
C GLN N 180 -46.48 -16.80 -50.86
N CYS N 181 -47.66 -16.83 -50.27
CA CYS N 181 -48.53 -18.00 -50.35
C CYS N 181 -49.84 -17.64 -51.03
N ASN N 182 -50.33 -18.53 -51.88
CA ASN N 182 -51.56 -18.30 -52.62
C ASN N 182 -52.70 -19.10 -52.02
N ALA N 183 -53.71 -18.42 -51.52
CA ALA N 183 -54.85 -19.10 -50.93
C ALA N 183 -56.16 -18.39 -51.22
N SER N 184 -57.27 -19.04 -50.87
CA SER N 184 -58.58 -18.47 -51.11
C SER N 184 -58.92 -17.49 -50.00
N LYS N 185 -59.95 -16.69 -50.21
CA LYS N 185 -60.40 -15.77 -49.16
C LYS N 185 -61.34 -16.53 -48.23
N PHE N 186 -61.45 -17.83 -48.47
CA PHE N 186 -62.23 -18.75 -47.64
C PHE N 186 -61.34 -19.67 -46.80
N HIS N 187 -60.04 -19.64 -47.05
CA HIS N 187 -59.11 -20.45 -46.27
C HIS N 187 -58.61 -19.70 -45.04
N GLN N 188 -58.30 -20.45 -43.99
CA GLN N 188 -57.78 -19.86 -42.77
C GLN N 188 -56.57 -20.64 -42.27
N GLY N 189 -55.61 -19.92 -41.69
CA GLY N 189 -54.40 -20.53 -41.16
C GLY N 189 -53.48 -19.44 -40.65
N ALA N 190 -52.30 -19.82 -40.20
CA ALA N 190 -51.34 -18.84 -39.70
C ALA N 190 -49.91 -19.33 -39.87
N LEU N 191 -49.13 -18.57 -40.63
CA LEU N 191 -47.73 -18.92 -40.83
C LEU N 191 -46.81 -17.91 -40.14
N LEU N 192 -45.64 -18.39 -39.72
CA LEU N 192 -44.63 -17.52 -39.18
C LEU N 192 -43.32 -17.70 -39.93
N VAL N 193 -43.06 -16.83 -40.89
CA VAL N 193 -41.76 -16.84 -41.57
C VAL N 193 -40.79 -16.13 -40.65
N ALA N 194 -39.74 -16.86 -40.26
CA ALA N 194 -38.77 -16.32 -39.33
C ALA N 194 -37.39 -16.72 -39.79
N VAL N 195 -36.40 -15.93 -39.38
CA VAL N 195 -35.05 -16.11 -39.84
C VAL N 195 -34.12 -16.32 -38.64
N LEU N 196 -33.25 -17.32 -38.74
CA LEU N 196 -32.37 -17.63 -37.62
C LEU N 196 -30.96 -17.87 -38.11
N PRO N 197 -30.00 -17.11 -37.56
CA PRO N 197 -28.57 -17.13 -37.91
C PRO N 197 -27.98 -18.52 -37.81
N GLU N 198 -27.51 -18.91 -36.62
CA GLU N 198 -26.81 -20.18 -36.51
C GLU N 198 -27.78 -21.29 -36.14
N TYR N 199 -28.12 -22.11 -37.12
CA TYR N 199 -29.12 -23.14 -36.94
C TYR N 199 -28.53 -24.55 -36.94
N VAL N 200 -28.13 -25.03 -35.77
CA VAL N 200 -27.58 -26.37 -35.63
C VAL N 200 -28.72 -27.25 -35.13
N ILE N 201 -29.30 -28.02 -36.04
CA ILE N 201 -30.63 -28.60 -35.83
C ILE N 201 -30.72 -30.00 -35.23
N GLY N 202 -29.64 -30.50 -34.62
CA GLY N 202 -29.76 -31.73 -33.87
C GLY N 202 -29.01 -32.89 -34.49
N THR N 203 -29.62 -34.07 -34.49
CA THR N 203 -30.93 -34.32 -33.88
C THR N 203 -30.80 -35.70 -33.21
N VAL N 204 -31.89 -36.26 -32.70
CA VAL N 204 -31.79 -37.58 -32.09
C VAL N 204 -32.70 -38.57 -32.84
N ALA N 205 -32.45 -39.85 -32.65
CA ALA N 205 -33.16 -40.91 -33.37
C ALA N 205 -33.93 -41.81 -32.42
N GLY N 206 -33.78 -43.12 -32.61
CA GLY N 206 -34.35 -44.10 -31.71
C GLY N 206 -33.47 -44.05 -30.48
N GLY N 207 -32.39 -44.82 -30.48
CA GLY N 207 -31.47 -44.78 -29.36
C GLY N 207 -30.05 -45.22 -29.64
N THR N 208 -29.60 -46.21 -28.88
CA THR N 208 -28.25 -46.76 -29.02
C THR N 208 -28.32 -48.28 -29.14
N GLY N 209 -29.40 -48.78 -29.72
CA GLY N 209 -29.62 -50.20 -29.84
C GLY N 209 -28.69 -50.83 -30.86
N THR N 210 -28.58 -50.18 -32.02
CA THR N 210 -27.71 -50.67 -33.08
C THR N 210 -26.63 -49.62 -33.35
N GLU N 211 -27.01 -48.35 -33.41
CA GLU N 211 -26.03 -47.28 -33.59
C GLU N 211 -26.22 -46.12 -32.61
N ASP N 212 -25.13 -45.41 -32.38
CA ASP N 212 -25.03 -44.35 -31.37
C ASP N 212 -25.13 -42.95 -31.98
N SER N 213 -24.84 -42.84 -33.29
CA SER N 213 -24.83 -41.54 -33.95
C SER N 213 -25.63 -41.52 -35.26
N HIS N 214 -24.93 -41.17 -36.34
CA HIS N 214 -25.50 -40.91 -37.66
C HIS N 214 -26.32 -39.63 -37.77
N PRO N 215 -25.63 -38.47 -37.76
CA PRO N 215 -26.27 -37.22 -38.17
C PRO N 215 -26.27 -37.14 -39.69
N PRO N 216 -27.29 -36.53 -40.30
CA PRO N 216 -27.26 -36.65 -41.75
C PRO N 216 -26.26 -35.70 -42.42
N TYR N 217 -25.59 -36.19 -43.45
CA TYR N 217 -24.71 -35.38 -44.28
C TYR N 217 -25.58 -34.44 -45.10
N LYS N 218 -26.76 -34.95 -45.45
CA LYS N 218 -27.66 -34.25 -46.34
C LYS N 218 -28.53 -33.29 -45.54
N GLN N 219 -28.26 -33.19 -44.24
CA GLN N 219 -28.87 -32.15 -43.42
C GLN N 219 -28.45 -30.81 -43.96
N THR N 220 -27.14 -30.68 -44.15
CA THR N 220 -26.61 -29.51 -44.80
C THR N 220 -26.62 -29.78 -46.29
N GLN N 221 -26.27 -28.75 -47.05
CA GLN N 221 -26.54 -28.72 -48.48
C GLN N 221 -28.01 -29.12 -48.75
N PRO N 222 -28.96 -28.48 -48.03
CA PRO N 222 -30.35 -28.79 -48.40
C PRO N 222 -30.75 -28.15 -49.72
N GLY N 223 -31.26 -28.97 -50.63
CA GLY N 223 -31.72 -28.47 -51.91
C GLY N 223 -32.95 -27.61 -51.69
N ALA N 224 -33.42 -26.97 -52.75
CA ALA N 224 -34.61 -26.13 -52.70
C ALA N 224 -35.79 -26.91 -52.11
N ASP N 225 -35.83 -28.19 -52.41
CA ASP N 225 -36.89 -29.10 -51.98
C ASP N 225 -37.05 -29.22 -50.45
N GLY N 226 -35.95 -29.44 -49.75
CA GLY N 226 -35.99 -29.68 -48.31
C GLY N 226 -36.05 -28.41 -47.48
N PHE N 227 -36.39 -28.50 -46.19
CA PHE N 227 -36.64 -29.77 -45.48
C PHE N 227 -37.90 -29.73 -44.63
N GLU N 228 -38.47 -30.91 -44.39
CA GLU N 228 -39.58 -31.07 -43.47
C GLU N 228 -39.04 -30.94 -42.05
N LEU N 229 -39.82 -30.39 -41.12
CA LEU N 229 -39.39 -30.44 -39.72
C LEU N 229 -39.69 -31.80 -39.12
N GLN N 230 -39.36 -31.97 -37.85
CA GLN N 230 -39.60 -33.21 -37.13
C GLN N 230 -40.40 -32.95 -35.86
N HIS N 231 -39.91 -31.96 -35.11
CA HIS N 231 -40.58 -31.53 -33.88
C HIS N 231 -40.61 -30.01 -33.85
N PRO N 232 -41.67 -29.42 -34.40
CA PRO N 232 -41.77 -27.97 -34.59
C PRO N 232 -41.74 -27.20 -33.27
N TYR N 233 -42.20 -27.82 -32.18
CA TYR N 233 -42.22 -27.13 -30.90
C TYR N 233 -40.82 -26.80 -30.40
N VAL N 234 -39.84 -27.63 -30.78
CA VAL N 234 -38.47 -27.39 -30.34
C VAL N 234 -37.55 -27.11 -31.51
N LEU N 235 -38.13 -26.99 -32.71
CA LEU N 235 -37.38 -26.68 -33.92
C LEU N 235 -36.29 -27.73 -34.13
N ASP N 236 -36.52 -28.91 -33.58
CA ASP N 236 -35.51 -29.97 -33.52
C ASP N 236 -34.20 -29.50 -32.88
N ALA N 237 -34.27 -28.45 -32.07
CA ALA N 237 -33.06 -27.85 -31.52
C ALA N 237 -33.16 -27.66 -30.01
N GLY N 238 -34.23 -28.14 -29.41
CA GLY N 238 -34.42 -28.00 -27.97
C GLY N 238 -34.66 -26.54 -27.65
N ILE N 239 -35.32 -25.85 -28.58
CA ILE N 239 -35.52 -24.42 -28.49
C ILE N 239 -36.93 -24.09 -28.97
N PRO N 240 -37.72 -23.40 -28.13
CA PRO N 240 -39.15 -23.18 -28.39
C PRO N 240 -39.46 -22.08 -29.40
N ILE N 241 -40.33 -22.37 -30.38
CA ILE N 241 -40.89 -21.32 -31.23
C ILE N 241 -41.58 -20.26 -30.40
N SER N 242 -41.97 -20.66 -29.19
CA SER N 242 -42.63 -19.80 -28.22
C SER N 242 -41.93 -18.45 -28.09
N GLN N 243 -40.63 -18.44 -28.37
CA GLN N 243 -39.81 -17.24 -28.32
C GLN N 243 -39.11 -16.96 -29.64
N LEU N 244 -39.54 -17.62 -30.71
CA LEU N 244 -38.89 -17.46 -32.01
C LEU N 244 -38.97 -16.03 -32.54
N THR N 245 -40.02 -15.30 -32.16
CA THR N 245 -40.22 -13.95 -32.66
C THR N 245 -39.10 -12.99 -32.22
N VAL N 246 -38.24 -13.45 -31.32
CA VAL N 246 -37.10 -12.66 -30.88
C VAL N 246 -36.11 -12.52 -32.03
N CYS N 247 -36.23 -13.43 -33.00
CA CYS N 247 -35.44 -13.40 -34.23
C CYS N 247 -36.21 -12.63 -35.29
N PRO N 248 -35.52 -12.18 -36.35
CA PRO N 248 -36.20 -11.51 -37.46
C PRO N 248 -37.37 -12.34 -37.99
N HIS N 249 -38.58 -11.81 -37.89
CA HIS N 249 -39.77 -12.55 -38.25
C HIS N 249 -40.74 -11.74 -39.09
N GLN N 250 -41.79 -12.41 -39.55
CA GLN N 250 -42.91 -11.78 -40.23
C GLN N 250 -44.08 -12.74 -40.28
N TRP N 251 -45.29 -12.23 -40.05
CA TRP N 251 -46.46 -13.08 -39.97
C TRP N 251 -47.20 -13.16 -41.31
N ILE N 252 -47.77 -14.33 -41.58
CA ILE N 252 -48.65 -14.51 -42.72
C ILE N 252 -50.00 -14.96 -42.20
N ASN N 253 -50.91 -14.02 -42.02
CA ASN N 253 -52.26 -14.36 -41.63
C ASN N 253 -53.20 -14.18 -42.80
N LEU N 254 -53.87 -15.26 -43.18
CA LEU N 254 -54.74 -15.27 -44.35
C LEU N 254 -55.96 -14.37 -44.14
N ARG N 255 -56.11 -13.85 -42.93
CA ARG N 255 -57.09 -12.82 -42.67
C ARG N 255 -56.65 -11.57 -43.41
N THR N 256 -55.34 -11.32 -43.39
CA THR N 256 -54.76 -10.13 -44.01
C THR N 256 -53.82 -10.50 -45.14
N ASN N 257 -52.58 -10.83 -44.79
CA ASN N 257 -51.53 -11.03 -45.78
C ASN N 257 -51.38 -12.47 -46.27
N ASN N 258 -51.28 -12.63 -47.58
CA ASN N 258 -50.91 -13.90 -48.18
C ASN N 258 -49.45 -13.83 -48.56
N CYS N 259 -48.86 -12.65 -48.33
CA CYS N 259 -47.48 -12.36 -48.70
C CYS N 259 -46.69 -11.85 -47.49
N ALA N 260 -45.43 -12.24 -47.42
CA ALA N 260 -44.54 -11.76 -46.37
C ALA N 260 -43.13 -11.54 -46.92
N THR N 261 -42.48 -10.47 -46.44
CA THR N 261 -41.17 -10.11 -46.94
C THR N 261 -40.21 -9.74 -45.81
N ILE N 262 -39.05 -10.38 -45.78
CA ILE N 262 -38.05 -10.13 -44.74
C ILE N 262 -36.66 -10.01 -45.35
N ILE N 263 -35.89 -9.04 -44.88
CA ILE N 263 -34.56 -8.76 -45.42
C ILE N 263 -33.49 -9.11 -44.40
N VAL N 264 -32.46 -9.83 -44.83
CA VAL N 264 -31.38 -10.21 -43.94
C VAL N 264 -30.02 -9.76 -44.47
N PRO N 265 -29.18 -9.21 -43.58
CA PRO N 265 -27.80 -8.86 -43.88
C PRO N 265 -26.83 -10.01 -43.62
N TYR N 266 -25.53 -9.76 -43.77
CA TYR N 266 -24.52 -10.77 -43.49
C TYR N 266 -24.25 -10.79 -41.98
N ILE N 267 -23.99 -11.97 -41.43
CA ILE N 267 -23.89 -12.16 -39.99
C ILE N 267 -22.88 -13.24 -39.61
N ASN N 268 -21.67 -12.85 -39.22
CA ASN N 268 -20.65 -13.84 -38.89
C ASN N 268 -19.51 -13.29 -38.05
N ALA N 269 -18.83 -14.18 -37.33
CA ALA N 269 -17.70 -13.79 -36.50
C ALA N 269 -16.54 -13.35 -37.38
N LEU N 270 -16.35 -14.07 -38.48
CA LEU N 270 -15.35 -13.70 -39.47
C LEU N 270 -16.05 -12.95 -40.60
N PRO N 271 -15.38 -11.95 -41.19
CA PRO N 271 -16.03 -11.21 -42.27
C PRO N 271 -16.15 -12.02 -43.55
N PHE N 272 -15.35 -13.07 -43.70
CA PHE N 272 -15.45 -13.92 -44.88
C PHE N 272 -15.22 -15.39 -44.56
N ASP N 273 -16.27 -16.20 -44.69
CA ASP N 273 -16.13 -17.64 -44.56
C ASP N 273 -16.43 -18.32 -45.89
N SER N 274 -16.34 -19.65 -45.92
CA SER N 274 -16.65 -20.41 -47.12
C SER N 274 -18.13 -20.79 -47.10
N ALA N 275 -18.65 -21.23 -48.24
CA ALA N 275 -20.09 -21.44 -48.39
C ALA N 275 -20.55 -22.85 -48.02
N LEU N 276 -20.33 -23.79 -48.93
CA LEU N 276 -20.88 -25.15 -48.81
C LEU N 276 -20.49 -25.89 -47.53
N ASN N 277 -19.40 -25.49 -46.90
CA ASN N 277 -18.95 -26.17 -45.68
C ASN N 277 -19.72 -25.67 -44.45
N HIS N 278 -20.12 -24.40 -44.51
CA HIS N 278 -20.82 -23.78 -43.39
C HIS N 278 -22.07 -23.00 -43.79
N CYS N 279 -23.21 -23.47 -43.33
CA CYS N 279 -24.47 -22.78 -43.56
C CYS N 279 -24.67 -21.73 -42.48
N ASN N 280 -24.23 -20.51 -42.79
CA ASN N 280 -24.23 -19.40 -41.85
C ASN N 280 -25.62 -19.02 -41.35
N PHE N 281 -26.65 -19.59 -41.95
CA PHE N 281 -27.94 -18.94 -41.88
C PHE N 281 -29.10 -19.89 -42.22
N GLY N 282 -30.23 -19.70 -41.54
CA GLY N 282 -31.38 -20.57 -41.71
C GLY N 282 -32.72 -19.86 -41.81
N LEU N 283 -33.58 -20.39 -42.67
CA LEU N 283 -34.92 -19.81 -42.86
C LEU N 283 -35.99 -20.79 -42.39
N LEU N 284 -36.96 -20.29 -41.64
CA LEU N 284 -38.03 -21.11 -41.12
C LEU N 284 -39.41 -20.68 -41.62
N VAL N 285 -40.25 -21.65 -41.94
CA VAL N 285 -41.65 -21.40 -42.28
C VAL N 285 -42.51 -22.29 -41.41
N VAL N 286 -42.93 -21.78 -40.25
CA VAL N 286 -43.66 -22.59 -39.29
C VAL N 286 -45.09 -22.10 -39.14
N PRO N 287 -46.06 -23.01 -39.30
CA PRO N 287 -47.49 -22.77 -39.07
C PRO N 287 -47.87 -22.79 -37.60
N ILE N 288 -48.76 -21.89 -37.18
CA ILE N 288 -49.29 -21.95 -35.83
C ILE N 288 -50.77 -22.33 -35.86
N SER N 289 -51.53 -21.67 -36.73
CA SER N 289 -52.90 -22.11 -37.01
C SER N 289 -52.84 -23.00 -38.24
N PRO N 290 -52.92 -24.32 -38.02
CA PRO N 290 -52.54 -25.40 -38.94
C PRO N 290 -53.44 -25.55 -40.15
N LEU N 291 -54.08 -24.47 -40.59
CA LEU N 291 -54.90 -24.46 -41.80
C LEU N 291 -56.18 -25.28 -41.60
N ASP N 292 -57.29 -24.79 -42.13
CA ASP N 292 -58.51 -25.57 -42.10
C ASP N 292 -59.45 -25.14 -43.23
N TYR N 293 -59.89 -26.13 -44.00
CA TYR N 293 -60.87 -25.91 -45.05
C TYR N 293 -62.09 -26.76 -44.69
N ASP N 294 -63.15 -26.66 -45.48
CA ASP N 294 -64.34 -27.45 -45.16
C ASP N 294 -64.59 -28.46 -46.28
N GLN N 295 -63.55 -28.70 -47.06
CA GLN N 295 -63.51 -29.75 -48.10
C GLN N 295 -64.42 -29.45 -49.29
N GLY N 296 -63.96 -29.83 -50.48
CA GLY N 296 -64.60 -29.44 -51.73
C GLY N 296 -63.86 -28.25 -52.27
N ALA N 297 -62.90 -27.80 -51.48
CA ALA N 297 -61.98 -26.73 -51.84
C ALA N 297 -60.58 -27.35 -51.83
N THR N 298 -59.72 -26.93 -52.75
CA THR N 298 -58.39 -27.52 -52.86
C THR N 298 -57.64 -27.52 -51.53
N PRO N 299 -57.39 -28.73 -50.99
CA PRO N 299 -56.82 -28.99 -49.67
C PRO N 299 -55.31 -28.76 -49.59
N VAL N 300 -54.71 -28.53 -50.75
CA VAL N 300 -53.27 -28.30 -50.84
C VAL N 300 -53.02 -26.80 -50.97
N ILE N 301 -52.15 -26.27 -50.12
CA ILE N 301 -51.85 -24.84 -50.16
C ILE N 301 -50.41 -24.53 -50.55
N PRO N 302 -50.25 -23.76 -51.65
CA PRO N 302 -48.98 -23.34 -52.24
C PRO N 302 -48.28 -22.26 -51.44
N ILE N 303 -47.05 -22.51 -51.03
CA ILE N 303 -46.22 -21.45 -50.47
C ILE N 303 -45.02 -21.20 -51.38
N THR N 304 -45.16 -20.26 -52.32
CA THR N 304 -44.09 -20.00 -53.29
C THR N 304 -43.01 -19.12 -52.66
N ILE N 305 -41.78 -19.60 -52.71
CA ILE N 305 -40.66 -18.87 -52.13
C ILE N 305 -39.86 -18.15 -53.22
N THR N 306 -39.52 -16.90 -52.97
CA THR N 306 -38.74 -16.11 -53.93
C THR N 306 -37.59 -15.39 -53.24
N LEU N 307 -36.38 -15.56 -53.76
CA LEU N 307 -35.17 -15.02 -53.12
C LEU N 307 -34.46 -13.98 -54.00
N ALA N 308 -33.84 -13.01 -53.33
CA ALA N 308 -33.06 -11.97 -54.00
C ALA N 308 -31.88 -11.56 -53.13
N PRO N 309 -30.68 -12.09 -53.46
CA PRO N 309 -29.43 -11.87 -52.72
C PRO N 309 -28.78 -10.51 -52.98
N MET N 310 -28.69 -9.67 -51.94
CA MET N 310 -28.02 -8.38 -52.07
C MET N 310 -26.58 -8.36 -51.53
N CYS N 311 -25.82 -7.38 -52.01
CA CYS N 311 -24.45 -7.13 -51.57
C CYS N 311 -23.58 -8.37 -51.54
N SER N 312 -23.57 -9.12 -52.64
CA SER N 312 -22.71 -10.30 -52.75
C SER N 312 -21.25 -9.91 -52.75
N GLU N 313 -20.38 -10.92 -52.78
CA GLU N 313 -18.94 -10.66 -52.80
C GLU N 313 -18.17 -11.75 -53.51
N PHE N 314 -17.77 -11.46 -54.74
CA PHE N 314 -17.00 -12.40 -55.56
C PHE N 314 -16.08 -11.65 -56.52
N ALA N 315 -15.39 -12.40 -57.37
CA ALA N 315 -14.49 -11.80 -58.35
C ALA N 315 -14.25 -12.75 -59.52
N GLY N 316 -13.87 -13.97 -59.21
CA GLY N 316 -13.63 -14.98 -60.22
C GLY N 316 -12.40 -15.82 -59.93
N LEU N 317 -12.42 -17.06 -60.40
CA LEU N 317 -11.32 -18.00 -60.21
C LEU N 317 -11.17 -18.92 -61.41
N ARG N 318 -10.91 -20.19 -61.13
CA ARG N 318 -10.59 -21.17 -62.16
C ARG N 318 -11.74 -22.14 -62.37
N GLN N 319 -11.49 -23.18 -63.15
CA GLN N 319 -12.55 -24.10 -63.57
C GLN N 319 -11.96 -25.35 -64.21
N LEU O 85 55.47 38.17 2.92
CA LEU O 85 55.06 38.19 4.32
C LEU O 85 56.06 39.02 5.13
N THR O 86 55.71 40.27 5.40
CA THR O 86 56.57 41.16 6.19
C THR O 86 55.89 41.49 7.53
N ILE O 87 55.53 40.45 8.27
CA ILE O 87 54.86 40.60 9.55
C ILE O 87 55.61 39.83 10.64
N GLY O 88 56.33 40.57 11.48
CA GLY O 88 57.11 39.98 12.56
C GLY O 88 58.43 40.71 12.73
N ASN O 89 59.40 40.04 13.36
CA ASN O 89 60.68 40.68 13.62
C ASN O 89 61.58 40.54 12.39
N SER O 90 62.48 39.57 12.41
CA SER O 90 63.37 39.38 11.28
C SER O 90 62.95 38.16 10.48
N THR O 91 62.99 38.29 9.16
CA THR O 91 62.58 37.21 8.27
C THR O 91 63.82 36.46 7.81
N ILE O 92 63.61 35.52 6.89
CA ILE O 92 64.73 34.95 6.16
C ILE O 92 64.35 34.96 4.69
N THR O 93 65.11 35.72 3.91
CA THR O 93 64.75 35.99 2.53
C THR O 93 65.10 34.83 1.61
N THR O 94 64.25 34.59 0.62
CA THR O 94 64.45 33.52 -0.35
C THR O 94 64.16 34.16 -1.71
N GLN O 95 64.54 33.49 -2.81
CA GLN O 95 64.21 33.98 -4.14
C GLN O 95 62.76 33.61 -4.48
N GLU O 96 62.06 33.11 -3.46
CA GLU O 96 60.63 32.82 -3.50
C GLU O 96 60.17 32.13 -4.78
N ALA O 97 60.84 31.05 -5.15
CA ALA O 97 60.31 30.20 -6.22
C ALA O 97 58.97 29.68 -5.70
N ALA O 98 58.12 29.18 -6.57
CA ALA O 98 56.80 28.78 -6.12
C ALA O 98 56.84 27.47 -5.32
N ASN O 99 57.63 27.43 -4.26
CA ASN O 99 57.59 26.25 -3.46
C ASN O 99 56.46 26.38 -2.44
N ILE O 100 55.67 27.42 -2.62
CA ILE O 100 54.59 27.72 -1.70
C ILE O 100 53.39 26.82 -2.02
N ILE O 101 52.78 26.30 -0.97
CA ILE O 101 51.67 25.36 -1.09
C ILE O 101 50.77 25.44 0.14
N VAL O 102 49.50 25.66 -0.09
CA VAL O 102 48.55 25.89 0.99
C VAL O 102 47.86 24.57 1.36
N GLY O 103 47.57 24.42 2.64
CA GLY O 103 46.90 23.24 3.15
C GLY O 103 45.54 23.04 2.51
N TYR O 104 45.45 22.01 1.66
CA TYR O 104 44.18 21.55 1.09
C TYR O 104 43.51 22.60 0.19
N GLY O 105 44.16 23.74 0.01
CA GLY O 105 43.71 24.73 -0.95
C GLY O 105 42.94 25.92 -0.39
N GLU O 106 42.75 25.96 0.92
CA GLU O 106 42.09 27.11 1.53
C GLU O 106 42.90 27.64 2.72
N TRP O 107 43.10 28.95 2.74
CA TRP O 107 43.88 29.63 3.77
C TRP O 107 43.39 29.44 5.20
N PRO O 108 44.32 29.55 6.17
CA PRO O 108 43.93 29.53 7.58
C PRO O 108 43.09 30.76 7.88
N SER O 109 41.92 30.53 8.46
CA SER O 109 40.99 31.61 8.77
C SER O 109 40.94 31.86 10.27
N TYR O 110 40.17 32.85 10.67
CA TYR O 110 39.94 33.09 12.09
C TYR O 110 38.79 32.20 12.49
N CYS O 111 38.20 32.46 13.64
CA CYS O 111 37.03 31.71 14.05
C CYS O 111 35.85 32.60 13.70
N SER O 112 34.84 32.04 13.03
CA SER O 112 33.68 32.85 12.73
C SER O 112 32.72 32.75 13.91
N ASP O 113 32.80 33.75 14.78
CA ASP O 113 32.03 33.75 16.01
C ASP O 113 31.36 35.09 16.28
N SER O 114 30.33 35.40 15.50
CA SER O 114 29.46 36.51 15.83
C SER O 114 28.09 35.88 16.04
N ASP O 115 28.14 34.70 16.64
CA ASP O 115 26.95 33.95 17.04
C ASP O 115 27.06 33.68 18.55
N ALA O 116 26.95 32.42 18.96
CA ALA O 116 27.02 32.08 20.37
C ALA O 116 27.87 30.86 20.74
N THR O 117 29.14 30.86 20.33
CA THR O 117 30.03 29.77 20.71
C THR O 117 30.71 30.13 22.04
N ALA O 118 30.94 31.42 22.25
CA ALA O 118 31.50 31.93 23.49
C ALA O 118 31.16 33.41 23.65
N VAL O 119 30.52 33.77 24.76
CA VAL O 119 30.14 35.15 25.03
C VAL O 119 31.34 36.00 25.44
N ASP O 120 32.34 35.36 26.04
CA ASP O 120 33.63 36.01 26.28
C ASP O 120 34.35 36.13 24.94
N LYS O 121 35.07 37.23 24.73
CA LYS O 121 35.70 37.45 23.43
C LYS O 121 37.21 37.28 23.45
N PRO O 122 37.71 36.15 22.93
CA PRO O 122 39.15 36.03 22.75
C PRO O 122 39.62 37.10 21.76
N THR O 123 40.73 37.78 22.09
CA THR O 123 41.23 38.87 21.26
C THR O 123 42.68 38.59 20.88
N ARG O 124 43.02 38.81 19.63
CA ARG O 124 44.34 38.41 19.14
C ARG O 124 44.83 39.26 17.97
N PRO O 125 45.89 40.04 18.23
CA PRO O 125 46.67 40.75 17.21
C PRO O 125 47.56 39.84 16.39
N ASP O 126 47.99 40.30 15.23
CA ASP O 126 48.72 39.46 14.28
C ASP O 126 50.21 39.34 14.58
N VAL O 127 50.76 40.21 15.44
CA VAL O 127 52.21 40.20 15.60
C VAL O 127 52.71 40.03 17.05
N SER O 128 51.80 39.96 18.02
CA SER O 128 52.20 39.69 19.41
C SER O 128 53.00 38.40 19.54
N VAL O 129 52.43 37.30 19.06
CA VAL O 129 53.02 35.98 19.28
C VAL O 129 53.36 35.34 17.94
N ASN O 130 53.06 36.03 16.85
CA ASN O 130 53.40 35.49 15.54
C ASN O 130 54.83 35.87 15.17
N ARG O 131 55.72 35.75 16.14
CA ARG O 131 57.14 35.94 15.94
C ARG O 131 57.65 34.73 15.17
N PHE O 132 58.72 34.89 14.40
CA PHE O 132 59.27 33.74 13.70
C PHE O 132 60.09 32.90 14.68
N TYR O 133 59.42 31.94 15.33
CA TYR O 133 60.12 31.07 16.25
C TYR O 133 60.84 29.99 15.46
N THR O 134 62.16 30.09 15.44
CA THR O 134 62.99 29.13 14.73
C THR O 134 63.60 28.12 15.69
N LEU O 135 63.22 26.87 15.49
CA LEU O 135 63.63 25.76 16.34
C LEU O 135 65.12 25.46 16.20
N ASP O 136 65.58 24.44 16.92
CA ASP O 136 66.97 24.01 16.77
C ASP O 136 67.15 23.34 15.42
N THR O 137 68.31 23.52 14.82
CA THR O 137 68.57 22.93 13.50
C THR O 137 69.14 21.54 13.72
N LYS O 138 68.73 20.61 12.87
CA LYS O 138 69.14 19.22 13.06
C LYS O 138 70.03 18.66 11.96
N LEU O 139 70.69 17.55 12.28
CA LEU O 139 71.70 16.97 11.41
C LEU O 139 71.08 15.89 10.54
N TRP O 140 71.72 15.60 9.41
CA TRP O 140 71.23 14.60 8.48
C TRP O 140 72.40 13.73 8.04
N GLU O 141 72.49 12.53 8.62
CA GLU O 141 73.55 11.60 8.28
C GLU O 141 73.02 10.67 7.20
N LYS O 142 73.88 9.77 6.70
CA LYS O 142 73.42 8.80 5.71
C LYS O 142 72.44 7.85 6.37
N SER O 143 72.69 7.58 7.65
CA SER O 143 71.91 6.60 8.40
C SER O 143 70.73 7.25 9.10
N SER O 144 70.45 8.51 8.76
CA SER O 144 69.28 9.18 9.30
C SER O 144 68.07 8.58 8.61
N LYS O 145 66.95 8.48 9.32
CA LYS O 145 65.78 7.80 8.79
C LYS O 145 64.49 8.58 8.96
N GLY O 146 64.61 9.89 9.14
CA GLY O 146 63.43 10.76 9.16
C GLY O 146 63.04 11.16 10.56
N TRP O 147 62.38 12.30 10.67
CA TRP O 147 61.97 12.82 11.96
C TRP O 147 60.56 13.40 11.95
N TYR O 148 59.95 13.49 13.13
CA TYR O 148 58.60 13.99 13.27
C TYR O 148 58.43 14.97 14.43
N TRP O 149 57.43 15.84 14.34
CA TRP O 149 57.07 16.72 15.46
C TRP O 149 55.56 16.75 15.67
N LYS O 150 55.12 17.20 16.85
CA LYS O 150 53.71 17.52 17.07
C LYS O 150 53.62 19.02 17.37
N PHE O 151 52.61 19.69 16.85
CA PHE O 151 52.63 21.16 16.82
C PHE O 151 51.93 21.94 17.93
N PRO O 152 50.73 21.52 18.35
CA PRO O 152 50.17 22.29 19.47
C PRO O 152 51.09 22.12 20.68
N ASP O 153 51.67 20.94 20.75
CA ASP O 153 52.64 20.60 21.77
C ASP O 153 53.95 21.39 21.72
N VAL O 154 54.60 21.39 20.55
CA VAL O 154 56.00 21.82 20.41
C VAL O 154 56.24 23.17 21.10
N LEU O 155 55.18 23.96 21.20
CA LEU O 155 55.22 25.19 21.98
C LEU O 155 54.57 24.95 23.34
N THR O 156 55.40 24.79 24.36
CA THR O 156 54.94 24.60 25.73
C THR O 156 55.78 25.46 26.66
N GLU O 157 57.03 25.05 26.85
CA GLU O 157 58.03 25.93 27.44
C GLU O 157 58.80 26.61 26.30
N THR O 158 58.20 26.56 25.11
CA THR O 158 58.80 27.12 23.90
C THR O 158 58.15 28.47 23.54
N GLY O 159 58.91 29.56 23.70
CA GLY O 159 58.43 30.87 23.30
C GLY O 159 57.29 31.40 24.15
N VAL O 160 56.91 32.67 23.91
CA VAL O 160 55.80 33.28 24.63
C VAL O 160 54.48 32.65 24.18
N PHE O 161 54.54 31.84 23.13
CA PHE O 161 53.38 31.08 22.67
C PHE O 161 53.03 30.05 23.74
N GLY O 162 54.05 29.35 24.23
CA GLY O 162 53.84 28.31 25.22
C GLY O 162 53.53 28.83 26.61
N GLN O 163 54.04 30.03 26.93
CA GLN O 163 53.80 30.63 28.23
C GLN O 163 52.37 31.14 28.45
N ASN O 164 51.57 31.20 27.38
CA ASN O 164 50.20 31.69 27.50
C ASN O 164 49.16 30.62 27.21
N ALA O 165 49.48 29.73 26.27
CA ALA O 165 48.53 28.73 25.80
C ALA O 165 48.36 27.63 26.83
N GLN O 166 49.35 27.51 27.72
CA GLN O 166 49.28 26.53 28.79
C GLN O 166 48.29 27.04 29.81
N PHE O 167 48.23 28.35 29.97
CA PHE O 167 47.32 28.97 30.90
C PHE O 167 45.96 29.27 30.27
N HIS O 168 45.90 29.37 28.95
CA HIS O 168 44.61 29.62 28.34
C HIS O 168 43.83 28.31 28.26
N TYR O 169 42.51 28.44 28.38
CA TYR O 169 41.61 27.30 28.33
C TYR O 169 41.48 26.66 26.93
N LEU O 170 41.41 27.47 25.88
CA LEU O 170 41.22 26.89 24.55
C LEU O 170 42.08 27.53 23.46
N TYR O 171 42.35 26.76 22.41
CA TYR O 171 43.30 27.15 21.36
C TYR O 171 42.79 26.84 19.95
N ARG O 172 43.22 27.64 18.99
CA ARG O 172 42.98 27.39 17.57
C ARG O 172 43.88 28.30 16.73
N SER O 173 44.53 27.75 15.71
CA SER O 173 45.46 28.53 14.90
C SER O 173 45.91 27.85 13.62
N GLY O 174 46.34 28.66 12.66
CA GLY O 174 46.97 28.15 11.45
C GLY O 174 48.47 28.32 11.57
N PHE O 175 49.22 27.73 10.64
CA PHE O 175 50.67 27.82 10.68
C PHE O 175 51.31 28.12 9.32
N CYS O 176 52.46 28.76 9.38
CA CYS O 176 53.33 28.88 8.21
C CYS O 176 54.65 28.34 8.66
N ILE O 177 54.98 27.13 8.21
CA ILE O 177 56.17 26.47 8.72
C ILE O 177 57.18 26.34 7.59
N HIS O 178 58.43 26.61 7.94
CA HIS O 178 59.48 26.66 6.94
C HIS O 178 60.60 25.70 7.29
N VAL O 179 60.64 24.59 6.57
CA VAL O 179 61.73 23.64 6.72
C VAL O 179 62.77 24.03 5.69
N GLN O 180 63.94 24.44 6.16
CA GLN O 180 64.97 24.96 5.29
C GLN O 180 66.25 24.16 5.51
N CYS O 181 66.87 23.71 4.42
CA CYS O 181 68.11 22.98 4.57
C CYS O 181 69.23 23.69 3.83
N ASN O 182 70.39 23.75 4.47
CA ASN O 182 71.56 24.40 3.89
C ASN O 182 72.55 23.34 3.45
N ALA O 183 72.82 23.27 2.16
CA ALA O 183 73.75 22.26 1.67
C ALA O 183 74.62 22.77 0.53
N SER O 184 75.63 21.96 0.21
CA SER O 184 76.57 22.29 -0.85
C SER O 184 76.03 21.85 -2.21
N LYS O 185 76.67 22.32 -3.27
CA LYS O 185 76.29 21.92 -4.62
C LYS O 185 76.97 20.61 -5.02
N PHE O 186 77.65 19.97 -4.06
CA PHE O 186 78.27 18.67 -4.29
C PHE O 186 77.49 17.55 -3.61
N HIS O 187 76.51 17.93 -2.80
CA HIS O 187 75.71 16.97 -2.08
C HIS O 187 74.49 16.55 -2.89
N GLN O 188 74.03 15.31 -2.67
CA GLN O 188 72.84 14.82 -3.32
C GLN O 188 71.94 14.17 -2.29
N GLY O 189 70.64 14.32 -2.45
CA GLY O 189 69.70 13.73 -1.51
C GLY O 189 68.27 14.13 -1.84
N ALA O 190 67.34 13.68 -1.01
CA ALA O 190 65.93 13.97 -1.22
C ALA O 190 65.18 13.99 0.10
N LEU O 191 64.58 15.12 0.43
CA LEU O 191 63.76 15.21 1.63
C LEU O 191 62.30 15.33 1.22
N LEU O 192 61.41 14.81 2.04
CA LEU O 192 59.98 14.95 1.79
C LEU O 192 59.30 15.57 2.99
N VAL O 193 59.09 16.88 2.95
CA VAL O 193 58.31 17.55 3.98
C VAL O 193 56.84 17.30 3.73
N ALA O 194 56.19 16.70 4.72
CA ALA O 194 54.79 16.35 4.59
C ALA O 194 54.09 16.68 5.90
N VAL O 195 52.79 16.89 5.79
CA VAL O 195 52.01 17.37 6.91
C VAL O 195 50.87 16.40 7.22
N LEU O 196 50.70 16.02 8.49
CA LEU O 196 49.67 15.06 8.83
C LEU O 196 48.94 15.47 10.11
N PRO O 197 47.61 15.60 10.01
CA PRO O 197 46.71 16.02 11.09
C PRO O 197 46.79 15.15 12.32
N GLU O 198 46.01 14.08 12.37
CA GLU O 198 45.96 13.31 13.60
C GLU O 198 47.04 12.26 13.51
N TYR O 199 48.12 12.47 14.26
CA TYR O 199 49.29 11.62 14.14
C TYR O 199 49.43 10.70 15.34
N VAL O 200 48.89 9.50 15.21
CA VAL O 200 48.97 8.50 16.26
C VAL O 200 50.14 7.58 15.90
N ILE O 201 51.26 7.78 16.60
CA ILE O 201 52.54 7.26 16.15
C ILE O 201 52.88 5.88 16.70
N GLY O 202 51.88 5.17 17.21
CA GLY O 202 52.09 3.78 17.59
C GLY O 202 51.98 3.62 19.10
N THR O 203 52.89 2.84 19.68
CA THR O 203 53.90 2.11 18.94
C THR O 203 54.00 0.73 19.60
N VAL O 204 54.92 -0.12 19.16
CA VAL O 204 55.05 -1.44 19.76
C VAL O 204 56.46 -1.62 20.34
N ALA O 205 56.64 -2.68 21.11
CA ALA O 205 57.90 -2.96 21.78
C ALA O 205 58.48 -4.23 21.15
N GLY O 206 58.91 -5.17 21.98
CA GLY O 206 59.37 -6.44 21.44
C GLY O 206 58.20 -7.27 20.97
N GLY O 207 57.62 -8.05 21.88
CA GLY O 207 56.51 -8.90 21.55
C GLY O 207 55.68 -9.26 22.76
N THR O 208 55.64 -10.55 23.07
CA THR O 208 54.91 -11.07 24.21
C THR O 208 55.88 -11.88 25.07
N GLY O 209 57.15 -11.48 25.04
CA GLY O 209 58.17 -12.17 25.79
C GLY O 209 57.99 -11.89 27.26
N THR O 210 57.86 -10.61 27.60
CA THR O 210 57.63 -10.23 29.00
C THR O 210 56.32 -9.45 29.14
N GLU O 211 56.15 -8.42 28.32
CA GLU O 211 54.91 -7.64 28.30
C GLU O 211 54.49 -7.32 26.85
N ASP O 212 53.22 -6.96 26.67
CA ASP O 212 52.63 -6.81 25.34
C ASP O 212 52.56 -5.38 24.81
N SER O 213 52.62 -4.39 25.70
CA SER O 213 52.49 -3.01 25.29
C SER O 213 53.58 -2.10 25.84
N HIS O 214 53.17 -1.09 26.60
CA HIS O 214 54.01 0.01 27.08
C HIS O 214 54.42 0.97 25.97
N PRO O 215 53.48 1.83 25.56
CA PRO O 215 53.81 2.97 24.70
C PRO O 215 54.42 4.07 25.57
N PRO O 216 55.34 4.87 25.02
CA PRO O 216 56.10 5.78 25.89
C PRO O 216 55.31 7.00 26.38
N TYR O 217 55.61 7.41 27.60
CA TYR O 217 55.05 8.61 28.20
C TYR O 217 55.57 9.86 27.49
N LYS O 218 56.82 9.80 27.05
CA LYS O 218 57.49 10.95 26.46
C LYS O 218 57.20 10.99 24.97
N GLN O 219 56.22 10.19 24.56
CA GLN O 219 55.71 10.18 23.19
C GLN O 219 55.27 11.57 22.75
N THR O 220 54.53 12.28 23.62
CA THR O 220 54.24 13.69 23.33
C THR O 220 55.41 14.52 23.85
N GLN O 221 55.34 15.82 23.61
CA GLN O 221 56.48 16.72 23.81
C GLN O 221 57.76 16.26 23.13
N PRO O 222 57.71 15.93 21.83
CA PRO O 222 59.04 15.74 21.25
C PRO O 222 59.66 17.13 21.08
N GLY O 223 60.87 17.32 21.62
CA GLY O 223 61.52 18.60 21.53
C GLY O 223 61.87 18.96 20.10
N ALA O 224 62.35 20.17 19.89
CA ALA O 224 62.71 20.60 18.53
C ALA O 224 63.70 19.61 17.94
N ASP O 225 64.65 19.18 18.75
CA ASP O 225 65.62 18.16 18.34
C ASP O 225 64.94 16.83 18.04
N GLY O 226 64.06 16.39 18.92
CA GLY O 226 63.47 15.08 18.76
C GLY O 226 62.28 15.00 17.82
N PHE O 227 61.96 13.79 17.38
CA PHE O 227 62.68 12.57 17.75
C PHE O 227 62.86 11.69 16.52
N GLU O 228 63.87 10.83 16.54
CA GLU O 228 64.09 9.90 15.43
C GLU O 228 63.01 8.84 15.39
N LEU O 229 62.70 8.37 14.18
CA LEU O 229 61.77 7.28 13.98
C LEU O 229 62.37 5.93 14.31
N GLN O 230 61.57 4.88 14.10
CA GLN O 230 62.01 3.51 14.34
C GLN O 230 61.81 2.73 13.05
N HIS O 231 60.64 2.90 12.45
CA HIS O 231 60.34 2.29 11.16
C HIS O 231 59.68 3.33 10.26
N PRO O 232 60.51 4.10 9.53
CA PRO O 232 60.05 5.23 8.70
C PRO O 232 59.14 4.79 7.58
N TYR O 233 59.31 3.57 7.10
CA TYR O 233 58.52 3.07 5.97
C TYR O 233 57.04 3.04 6.34
N VAL O 234 56.75 2.84 7.63
CA VAL O 234 55.39 2.80 8.11
C VAL O 234 55.09 3.91 9.13
N LEU O 235 56.05 4.83 9.29
CA LEU O 235 55.90 5.99 10.20
C LEU O 235 55.64 5.60 11.64
N ASP O 236 56.09 4.40 12.03
CA ASP O 236 55.78 3.81 13.32
C ASP O 236 54.28 3.75 13.58
N ALA O 237 53.48 3.82 12.53
CA ALA O 237 52.02 3.89 12.65
C ALA O 237 51.33 2.88 11.75
N GLY O 238 52.10 2.03 11.09
CA GLY O 238 51.53 1.04 10.19
C GLY O 238 50.93 1.70 8.97
N ILE O 239 51.56 2.79 8.54
CA ILE O 239 51.04 3.60 7.44
C ILE O 239 52.20 4.06 6.55
N PRO O 240 52.11 3.75 5.25
CA PRO O 240 53.23 3.92 4.31
C PRO O 240 53.50 5.34 3.83
N ILE O 241 54.76 5.77 3.90
CA ILE O 241 55.20 7.00 3.25
C ILE O 241 54.95 6.96 1.76
N SER O 242 54.87 5.74 1.21
CA SER O 242 54.58 5.52 -0.20
C SER O 242 53.39 6.34 -0.68
N GLN O 243 52.48 6.62 0.25
CA GLN O 243 51.28 7.39 0.00
C GLN O 243 51.20 8.60 0.92
N LEU O 244 52.32 8.95 1.54
CA LEU O 244 52.35 10.08 2.47
C LEU O 244 51.98 11.36 1.76
N THR O 245 52.28 11.42 0.47
CA THR O 245 52.00 12.60 -0.35
C THR O 245 50.51 12.88 -0.49
N VAL O 246 49.67 11.95 -0.04
CA VAL O 246 48.22 12.14 -0.09
C VAL O 246 47.81 13.27 0.85
N CYS O 247 48.67 13.55 1.82
CA CYS O 247 48.51 14.68 2.71
C CYS O 247 49.28 15.84 2.12
N PRO O 248 48.97 17.08 2.54
CA PRO O 248 49.74 18.23 2.07
C PRO O 248 51.23 18.03 2.32
N HIS O 249 52.01 18.01 1.23
CA HIS O 249 53.41 17.69 1.32
C HIS O 249 54.22 18.69 0.51
N GLN O 250 55.54 18.58 0.58
CA GLN O 250 56.41 19.42 -0.22
C GLN O 250 57.81 18.84 -0.30
N TRP O 251 58.40 18.90 -1.48
CA TRP O 251 59.69 18.28 -1.75
C TRP O 251 60.87 19.21 -1.57
N ILE O 252 61.96 18.65 -1.08
CA ILE O 252 63.24 19.33 -1.03
C ILE O 252 64.27 18.49 -1.76
N ASN O 253 64.51 18.82 -3.03
CA ASN O 253 65.51 18.12 -3.81
C ASN O 253 66.73 19.02 -3.93
N LEU O 254 67.88 18.53 -3.45
CA LEU O 254 69.11 19.30 -3.45
C LEU O 254 69.60 19.55 -4.87
N ARG O 255 68.96 18.90 -5.82
CA ARG O 255 69.14 19.23 -7.24
C ARG O 255 68.54 20.60 -7.52
N THR O 256 67.37 20.84 -6.95
CA THR O 256 66.62 22.06 -7.19
C THR O 256 66.45 22.88 -5.92
N ASN O 257 65.44 22.54 -5.13
CA ASN O 257 65.05 23.35 -3.98
C ASN O 257 65.74 22.94 -2.68
N ASN O 258 66.30 23.92 -1.97
CA ASN O 258 66.81 23.69 -0.63
C ASN O 258 65.84 24.22 0.41
N CYS O 259 64.80 24.89 -0.07
CA CYS O 259 63.82 25.54 0.79
C CYS O 259 62.41 25.10 0.43
N ALA O 260 61.56 24.94 1.44
CA ALA O 260 60.16 24.61 1.21
C ALA O 260 59.28 25.29 2.24
N THR O 261 58.11 25.75 1.82
CA THR O 261 57.20 26.46 2.72
C THR O 261 55.79 25.93 2.53
N ILE O 262 55.16 25.51 3.62
CA ILE O 262 53.83 24.93 3.56
C ILE O 262 52.96 25.48 4.69
N ILE O 263 51.72 25.84 4.36
CA ILE O 263 50.79 26.45 5.29
C ILE O 263 49.63 25.53 5.64
N VAL O 264 49.33 25.40 6.92
CA VAL O 264 48.22 24.57 7.35
C VAL O 264 47.25 25.38 8.20
N PRO O 265 45.95 25.19 7.98
CA PRO O 265 44.90 25.83 8.79
C PRO O 265 44.61 24.98 10.02
N TYR O 266 43.60 25.35 10.79
CA TYR O 266 43.25 24.53 11.94
C TYR O 266 42.42 23.36 11.43
N ILE O 267 42.55 22.22 12.09
CA ILE O 267 41.96 20.99 11.61
C ILE O 267 41.48 20.11 12.76
N ASN O 268 40.19 20.21 13.06
CA ASN O 268 39.61 19.47 14.17
C ASN O 268 38.10 19.40 14.07
N ALA O 269 37.50 18.40 14.72
CA ALA O 269 36.05 18.23 14.72
C ALA O 269 35.37 19.37 15.46
N LEU O 270 35.97 19.78 16.57
CA LEU O 270 35.47 20.91 17.34
C LEU O 270 36.25 22.16 16.94
N PRO O 271 35.60 23.32 16.94
CA PRO O 271 36.33 24.54 16.59
C PRO O 271 37.29 24.92 17.72
N PHE O 272 37.05 24.38 18.91
CA PHE O 272 37.93 24.61 20.04
C PHE O 272 38.12 23.38 20.91
N ASP O 273 39.33 22.82 20.89
CA ASP O 273 39.70 21.79 21.85
C ASP O 273 40.81 22.39 22.70
N SER O 274 41.36 21.62 23.63
CA SER O 274 42.46 22.13 24.42
C SER O 274 43.76 21.78 23.68
N ALA O 275 44.86 22.40 24.08
CA ALA O 275 46.10 22.32 23.31
C ALA O 275 47.00 21.16 23.71
N LEU O 276 47.72 21.32 24.81
CA LEU O 276 48.76 20.39 25.22
C LEU O 276 48.30 18.95 25.42
N ASN O 277 47.00 18.76 25.67
CA ASN O 277 46.46 17.43 25.87
C ASN O 277 46.16 16.72 24.55
N HIS O 278 45.84 17.50 23.52
CA HIS O 278 45.56 16.91 22.21
C HIS O 278 46.35 17.67 21.15
N CYS O 279 47.29 16.96 20.55
CA CYS O 279 48.11 17.51 19.48
C CYS O 279 47.40 17.34 18.14
N ASN O 280 46.73 18.41 17.71
CA ASN O 280 45.88 18.38 16.52
C ASN O 280 46.63 17.97 15.26
N PHE O 281 47.95 17.90 15.34
CA PHE O 281 48.73 18.00 14.12
C PHE O 281 50.17 17.52 14.26
N GLY O 282 50.69 16.92 13.19
CA GLY O 282 52.05 16.38 13.17
C GLY O 282 52.79 16.74 11.89
N LEU O 283 54.08 17.03 12.03
CA LEU O 283 54.93 17.38 10.88
C LEU O 283 56.03 16.34 10.66
N LEU O 284 56.21 15.91 9.40
CA LEU O 284 57.27 14.95 9.10
C LEU O 284 58.26 15.49 8.07
N VAL O 285 59.55 15.24 8.33
CA VAL O 285 60.62 15.55 7.39
C VAL O 285 61.47 14.29 7.21
N VAL O 286 61.12 13.49 6.21
CA VAL O 286 61.79 12.21 6.00
C VAL O 286 62.54 12.16 4.67
N PRO O 287 63.81 11.74 4.70
CA PRO O 287 64.59 11.52 3.48
C PRO O 287 64.17 10.24 2.76
N ILE O 288 64.15 10.28 1.44
CA ILE O 288 63.85 9.09 0.64
C ILE O 288 65.12 8.60 -0.08
N SER O 289 65.84 9.52 -0.71
CA SER O 289 67.16 9.21 -1.23
C SER O 289 68.18 9.62 -0.17
N PRO O 290 68.73 8.62 0.54
CA PRO O 290 69.40 8.80 1.83
C PRO O 290 70.75 9.54 1.83
N LEU O 291 70.97 10.45 0.88
CA LEU O 291 72.14 11.34 0.90
C LEU O 291 73.48 10.63 0.65
N ASP O 292 74.38 11.29 -0.07
CA ASP O 292 75.73 10.77 -0.25
C ASP O 292 76.75 11.86 -0.55
N TYR O 293 77.85 11.83 0.19
CA TYR O 293 78.98 12.73 -0.06
C TYR O 293 80.16 11.86 -0.45
N ASP O 294 81.30 12.47 -0.80
CA ASP O 294 82.45 11.68 -1.23
C ASP O 294 83.63 11.81 -0.27
N GLN O 295 83.35 12.26 0.96
CA GLN O 295 84.33 12.33 2.06
C GLN O 295 85.37 13.42 1.82
N GLY O 296 85.73 14.13 2.88
CA GLY O 296 86.58 15.30 2.76
C GLY O 296 85.68 16.50 2.65
N ALA O 297 84.38 16.20 2.62
CA ALA O 297 83.33 17.20 2.60
C ALA O 297 82.46 17.04 3.84
N THR O 298 81.98 18.16 4.39
CA THR O 298 81.18 18.12 5.62
C THR O 298 80.01 17.15 5.47
N PRO O 299 80.04 16.07 6.24
CA PRO O 299 79.12 14.93 6.17
C PRO O 299 77.74 15.18 6.79
N VAL O 300 77.60 16.31 7.46
CA VAL O 300 76.35 16.67 8.13
C VAL O 300 75.54 17.69 7.36
N ILE O 301 74.24 17.41 7.20
CA ILE O 301 73.35 18.36 6.55
C ILE O 301 72.31 18.92 7.49
N PRO O 302 72.31 20.25 7.65
CA PRO O 302 71.40 21.01 8.52
C PRO O 302 70.00 21.06 7.95
N ILE O 303 69.01 20.63 8.71
CA ILE O 303 67.62 20.83 8.32
C ILE O 303 66.94 21.78 9.30
N THR O 304 67.01 23.07 8.99
CA THR O 304 66.47 24.10 9.88
C THR O 304 64.98 24.28 9.68
N ILE O 305 64.23 24.19 10.77
CA ILE O 305 62.79 24.38 10.70
C ILE O 305 62.49 25.79 11.20
N THR O 306 61.61 26.50 10.51
CA THR O 306 61.26 27.87 10.90
C THR O 306 59.75 27.98 10.94
N LEU O 307 59.20 28.44 12.06
CA LEU O 307 57.75 28.46 12.24
C LEU O 307 57.15 29.84 12.43
N ALA O 308 55.94 29.99 11.92
CA ALA O 308 55.17 31.22 12.06
C ALA O 308 53.68 30.91 12.13
N PRO O 309 53.13 30.85 13.36
CA PRO O 309 51.72 30.52 13.55
C PRO O 309 50.78 31.68 13.24
N MET O 310 49.93 31.53 12.23
CA MET O 310 48.95 32.56 11.90
C MET O 310 47.56 32.25 12.44
N CYS O 311 46.74 33.30 12.55
CA CYS O 311 45.35 33.18 12.97
C CYS O 311 45.17 32.37 14.26
N SER O 312 45.96 32.71 15.27
CA SER O 312 45.85 32.10 16.59
C SER O 312 44.56 32.50 17.29
N GLU O 313 44.34 31.99 18.50
CA GLU O 313 43.15 32.35 19.23
C GLU O 313 43.37 32.31 20.75
N PHE O 314 43.56 33.48 21.34
CA PHE O 314 43.76 33.61 22.78
C PHE O 314 43.23 34.93 23.34
N ALA O 315 43.45 35.14 24.64
CA ALA O 315 43.03 36.37 25.31
C ALA O 315 43.80 36.62 26.62
N GLY O 316 43.82 35.63 27.50
CA GLY O 316 44.55 35.75 28.76
C GLY O 316 43.85 35.21 30.00
N LEU O 317 44.62 34.80 31.00
CA LEU O 317 44.06 34.28 32.25
C LEU O 317 45.00 34.63 33.42
N ARG O 318 45.20 33.71 34.36
CA ARG O 318 45.94 34.00 35.60
C ARG O 318 47.29 33.30 35.67
N GLN O 319 47.90 33.41 36.85
CA GLN O 319 49.23 32.85 37.14
C GLN O 319 49.53 32.97 38.64
#